data_2LMD
#
_entry.id   2LMD
#
_entity_poly.entity_id   1
_entity_poly.type   'polypeptide(L)'
_entity_poly.pdbx_seq_one_letter_code
;MGHHHHHHSHMAMQEGLSPNHLKKAKLMFFYTRYPSSNMLKTYFSDVKFNRCITSQLIKWFSNFREFYYIQMEKYARQAI
NDGVTSTEELSITRDCELYRALNMHYNKANDFEVPERFLEVAQITLREFFNAIIAGKDVDPSWKKAIYKVICKLDSEVPE
IFKSPNCLQELLHE
;
_entity_poly.pdbx_strand_id   A
#
# COMPACT_ATOMS: atom_id res chain seq x y z
N MET A 1 5.55 9.80 15.94
CA MET A 1 4.25 9.72 15.23
C MET A 1 3.40 10.95 15.56
N GLY A 2 2.89 11.62 14.50
CA GLY A 2 1.96 12.74 14.63
C GLY A 2 0.75 12.54 13.75
N HIS A 3 -0.46 12.80 14.29
CA HIS A 3 -1.74 12.56 13.59
C HIS A 3 -1.95 13.56 12.42
N HIS A 4 -1.32 13.26 11.27
CA HIS A 4 -1.44 14.09 10.06
C HIS A 4 -2.53 13.50 9.16
N HIS A 5 -3.73 14.11 9.23
CA HIS A 5 -4.90 13.65 8.48
C HIS A 5 -5.47 14.81 7.65
N HIS A 6 -5.37 14.68 6.32
CA HIS A 6 -5.96 15.63 5.38
C HIS A 6 -7.16 14.95 4.71
N HIS A 7 -8.36 15.53 4.91
CA HIS A 7 -9.59 15.06 4.25
C HIS A 7 -9.70 15.74 2.88
N HIS A 8 -8.79 15.36 1.98
CA HIS A 8 -8.64 15.95 0.64
C HIS A 8 -8.16 14.86 -0.33
N SER A 9 -7.70 15.28 -1.54
CA SER A 9 -7.02 14.43 -2.53
C SER A 9 -7.98 13.55 -3.35
N HIS A 10 -9.05 13.02 -2.73
CA HIS A 10 -10.02 12.11 -3.39
C HIS A 10 -10.65 12.76 -4.64
N MET A 11 -10.86 14.10 -4.57
CA MET A 11 -11.44 14.91 -5.68
C MET A 11 -10.42 15.95 -6.19
N ALA A 12 -9.12 15.72 -5.94
CA ALA A 12 -8.03 16.63 -6.37
C ALA A 12 -7.45 16.16 -7.70
N MET A 13 -8.19 16.43 -8.78
CA MET A 13 -7.84 15.99 -10.14
C MET A 13 -6.82 16.96 -10.75
N GLN A 14 -5.61 16.91 -10.21
CA GLN A 14 -4.48 17.75 -10.63
C GLN A 14 -3.51 16.89 -11.47
N GLU A 15 -2.72 17.54 -12.34
CA GLU A 15 -1.76 16.85 -13.22
C GLU A 15 -0.52 17.73 -13.44
N GLY A 16 0.63 17.05 -13.54
CA GLY A 16 1.92 17.69 -13.80
C GLY A 16 3.04 16.65 -13.79
N LEU A 17 2.83 15.60 -12.98
CA LEU A 17 3.67 14.40 -12.96
C LEU A 17 3.19 13.46 -14.07
N SER A 18 4.14 12.77 -14.72
CA SER A 18 3.83 11.83 -15.84
C SER A 18 3.25 10.50 -15.30
N PRO A 19 2.52 9.68 -16.16
CA PRO A 19 1.94 8.36 -15.73
C PRO A 19 3.00 7.35 -15.22
N ASN A 20 4.27 7.56 -15.63
CA ASN A 20 5.41 6.79 -15.09
C ASN A 20 5.55 7.01 -13.58
N HIS A 21 5.33 8.27 -13.14
CA HIS A 21 5.36 8.63 -11.71
C HIS A 21 4.23 7.94 -10.95
N LEU A 22 3.05 7.76 -11.56
CA LEU A 22 1.90 7.07 -10.89
C LEU A 22 2.29 5.61 -10.57
N LYS A 23 2.73 4.89 -11.62
CA LYS A 23 3.18 3.50 -11.49
C LYS A 23 4.29 3.39 -10.42
N LYS A 24 5.36 4.17 -10.63
CA LYS A 24 6.58 4.15 -9.81
C LYS A 24 6.26 4.48 -8.33
N ALA A 25 5.48 5.56 -8.11
CA ALA A 25 5.14 6.07 -6.76
C ALA A 25 4.28 5.07 -5.98
N LYS A 26 3.25 4.52 -6.65
CA LYS A 26 2.34 3.54 -6.04
C LYS A 26 3.10 2.26 -5.64
N LEU A 27 3.97 1.78 -6.56
CA LEU A 27 4.82 0.60 -6.33
C LEU A 27 5.76 0.84 -5.13
N MET A 28 6.27 2.07 -5.01
CA MET A 28 7.11 2.48 -3.86
C MET A 28 6.25 2.71 -2.60
N PHE A 29 4.96 3.02 -2.79
CA PHE A 29 4.02 3.24 -1.67
C PHE A 29 3.60 1.91 -1.01
N PHE A 30 3.65 0.81 -1.81
CA PHE A 30 3.39 -0.56 -1.32
C PHE A 30 4.18 -0.90 -0.01
N TYR A 31 3.51 -0.62 1.13
CA TYR A 31 3.82 -1.18 2.47
C TYR A 31 5.18 -0.71 3.04
N THR A 32 5.51 0.57 2.82
CA THR A 32 6.74 1.18 3.38
C THR A 32 6.60 1.41 4.89
N ARG A 33 5.99 2.55 5.29
CA ARG A 33 5.99 2.97 6.69
C ARG A 33 4.80 3.88 7.01
N TYR A 34 4.15 3.61 8.17
CA TYR A 34 3.12 4.50 8.79
C TYR A 34 3.44 6.02 8.64
N PRO A 35 4.70 6.52 8.98
CA PRO A 35 5.11 7.90 8.63
C PRO A 35 5.36 8.06 7.10
N SER A 36 4.28 7.92 6.31
CA SER A 36 4.30 8.01 4.84
C SER A 36 4.84 9.35 4.33
N SER A 37 4.69 10.42 5.14
CA SER A 37 5.19 11.77 4.81
C SER A 37 6.73 11.77 4.66
N ASN A 38 7.41 10.99 5.53
CA ASN A 38 8.88 10.80 5.46
C ASN A 38 9.24 10.10 4.14
N MET A 39 8.71 8.89 3.95
CA MET A 39 8.87 8.09 2.70
C MET A 39 8.62 8.94 1.43
N LEU A 40 7.56 9.74 1.47
CA LEU A 40 7.08 10.52 0.31
C LEU A 40 8.12 11.60 -0.02
N LYS A 41 8.30 12.53 0.93
CA LYS A 41 9.13 13.73 0.74
C LYS A 41 10.64 13.38 0.56
N THR A 42 11.07 12.25 1.17
CA THR A 42 12.48 11.79 1.08
C THR A 42 12.75 11.08 -0.25
N TYR A 43 11.91 10.10 -0.61
CA TYR A 43 12.13 9.23 -1.79
C TYR A 43 11.83 9.96 -3.10
N PHE A 44 10.98 11.01 -3.05
CA PHE A 44 10.70 11.85 -4.22
C PHE A 44 11.46 13.19 -4.12
N SER A 45 12.77 13.09 -3.83
CA SER A 45 13.72 14.23 -3.79
C SER A 45 13.66 15.11 -5.05
N ASP A 46 13.48 14.46 -6.21
CA ASP A 46 13.44 15.14 -7.52
C ASP A 46 12.14 15.94 -7.69
N VAL A 47 11.03 15.40 -7.17
CA VAL A 47 9.71 16.05 -7.23
C VAL A 47 9.74 17.32 -6.35
N LYS A 48 9.37 18.46 -6.95
CA LYS A 48 9.52 19.80 -6.34
C LYS A 48 8.46 20.05 -5.26
N PHE A 49 7.25 19.48 -5.50
CA PHE A 49 6.11 19.45 -4.55
C PHE A 49 5.32 20.78 -4.60
N ASN A 50 5.07 21.25 -5.84
CA ASN A 50 4.05 22.28 -6.13
C ASN A 50 2.66 21.72 -5.71
N ARG A 51 1.79 22.56 -5.13
CA ARG A 51 0.47 22.15 -4.57
C ARG A 51 -0.32 21.24 -5.53
N CYS A 52 -0.23 21.54 -6.83
CA CYS A 52 -0.91 20.79 -7.88
C CYS A 52 -0.40 19.32 -7.92
N ILE A 53 0.92 19.17 -8.20
CA ILE A 53 1.55 17.83 -8.34
C ILE A 53 1.58 17.07 -7.00
N THR A 54 1.51 17.83 -5.89
CA THR A 54 1.46 17.26 -4.53
C THR A 54 0.07 16.64 -4.28
N SER A 55 -0.99 17.38 -4.64
CA SER A 55 -2.39 16.89 -4.51
C SER A 55 -2.63 15.70 -5.44
N GLN A 56 -1.96 15.71 -6.60
CA GLN A 56 -1.95 14.59 -7.56
C GLN A 56 -1.27 13.33 -6.95
N LEU A 57 -0.05 13.53 -6.42
CA LEU A 57 0.80 12.46 -5.84
C LEU A 57 0.07 11.81 -4.64
N ILE A 58 -0.45 12.68 -3.76
CA ILE A 58 -1.21 12.27 -2.58
C ILE A 58 -2.58 11.72 -2.99
N LYS A 59 -3.14 12.14 -4.15
CA LYS A 59 -4.37 11.50 -4.69
C LYS A 59 -4.10 10.03 -5.03
N TRP A 60 -2.94 9.75 -5.65
CA TRP A 60 -2.51 8.37 -5.92
C TRP A 60 -2.38 7.56 -4.63
N PHE A 61 -1.66 8.17 -3.67
CA PHE A 61 -1.44 7.60 -2.33
C PHE A 61 -2.75 7.42 -1.56
N SER A 62 -3.71 8.33 -1.75
CA SER A 62 -5.02 8.29 -1.07
C SER A 62 -5.99 7.37 -1.83
N ASN A 63 -5.73 7.15 -3.14
CA ASN A 63 -6.53 6.21 -3.95
C ASN A 63 -6.22 4.80 -3.49
N PHE A 64 -4.90 4.47 -3.44
CA PHE A 64 -4.46 3.16 -2.97
C PHE A 64 -4.77 3.00 -1.47
N ARG A 65 -4.58 4.08 -0.67
CA ARG A 65 -4.84 4.04 0.77
C ARG A 65 -6.32 3.73 1.06
N GLU A 66 -7.22 4.54 0.50
CA GLU A 66 -8.67 4.41 0.71
C GLU A 66 -9.20 3.08 0.17
N PHE A 67 -8.81 2.71 -1.07
CA PHE A 67 -9.28 1.46 -1.72
C PHE A 67 -8.81 0.22 -0.96
N TYR A 68 -7.50 0.16 -0.61
CA TYR A 68 -6.90 -0.98 0.13
C TYR A 68 -7.46 -1.07 1.56
N TYR A 69 -7.67 0.10 2.18
CA TYR A 69 -8.27 0.21 3.52
C TYR A 69 -9.69 -0.39 3.50
N ILE A 70 -10.54 0.16 2.62
CA ILE A 70 -11.94 -0.29 2.42
C ILE A 70 -11.99 -1.77 1.98
N GLN A 71 -10.95 -2.22 1.24
CA GLN A 71 -10.86 -3.61 0.74
C GLN A 71 -10.73 -4.59 1.92
N MET A 72 -9.70 -4.36 2.74
CA MET A 72 -9.36 -5.23 3.89
C MET A 72 -10.40 -5.09 5.02
N GLU A 73 -10.87 -3.85 5.22
CA GLU A 73 -11.96 -3.53 6.15
C GLU A 73 -13.22 -4.31 5.76
N LYS A 74 -13.52 -4.33 4.43
CA LYS A 74 -14.68 -5.09 3.87
C LYS A 74 -14.54 -6.58 4.15
N TYR A 75 -13.37 -7.13 3.80
CA TYR A 75 -13.07 -8.57 3.91
C TYR A 75 -13.18 -9.06 5.37
N ALA A 76 -12.57 -8.29 6.29
CA ALA A 76 -12.56 -8.61 7.72
C ALA A 76 -13.96 -8.48 8.34
N ARG A 77 -14.66 -7.40 7.97
CA ARG A 77 -16.02 -7.11 8.48
C ARG A 77 -17.00 -8.19 7.99
N GLN A 78 -16.81 -8.63 6.74
CA GLN A 78 -17.59 -9.72 6.10
C GLN A 78 -17.29 -11.06 6.80
N ALA A 79 -16.00 -11.26 7.15
CA ALA A 79 -15.54 -12.47 7.86
C ALA A 79 -16.21 -12.59 9.25
N ILE A 80 -16.21 -11.48 10.02
CA ILE A 80 -16.83 -11.44 11.35
C ILE A 80 -18.37 -11.60 11.23
N ASN A 81 -18.98 -10.85 10.29
CA ASN A 81 -20.44 -10.88 10.05
C ASN A 81 -20.95 -12.28 9.71
N ASP A 82 -20.22 -12.97 8.81
CA ASP A 82 -20.59 -14.32 8.35
C ASP A 82 -20.16 -15.38 9.39
N GLY A 83 -19.13 -15.06 10.18
CA GLY A 83 -18.56 -16.00 11.15
C GLY A 83 -17.54 -16.93 10.53
N VAL A 84 -16.91 -16.44 9.45
CA VAL A 84 -15.81 -17.12 8.75
C VAL A 84 -14.63 -17.36 9.73
N THR A 85 -14.33 -18.63 9.95
CA THR A 85 -13.35 -19.09 10.94
C THR A 85 -11.93 -19.11 10.34
N SER A 86 -11.83 -18.94 9.01
CA SER A 86 -10.55 -19.01 8.28
C SER A 86 -10.41 -17.81 7.34
N THR A 87 -9.48 -16.89 7.67
CA THR A 87 -9.09 -15.76 6.79
C THR A 87 -8.49 -16.27 5.47
N GLU A 88 -8.01 -17.53 5.49
CA GLU A 88 -7.31 -18.20 4.37
C GLU A 88 -8.23 -18.48 3.14
N GLU A 89 -9.50 -18.06 3.23
CA GLU A 89 -10.49 -18.21 2.15
C GLU A 89 -10.55 -16.91 1.30
N LEU A 90 -10.07 -15.79 1.89
CA LEU A 90 -10.13 -14.45 1.29
C LEU A 90 -8.69 -13.92 1.02
N SER A 91 -8.24 -12.85 1.71
CA SER A 91 -6.98 -12.14 1.36
C SER A 91 -5.79 -12.59 2.23
N ILE A 92 -5.35 -13.83 2.01
CA ILE A 92 -4.11 -14.40 2.59
C ILE A 92 -3.26 -14.87 1.39
N THR A 93 -2.10 -15.53 1.61
CA THR A 93 -1.42 -16.32 0.57
C THR A 93 -2.41 -17.32 -0.06
N ARG A 94 -3.14 -16.82 -1.06
CA ARG A 94 -4.21 -17.55 -1.73
C ARG A 94 -4.04 -17.34 -3.23
N ASP A 95 -3.19 -18.18 -3.81
CA ASP A 95 -2.93 -18.26 -5.26
C ASP A 95 -4.25 -18.36 -6.07
N CYS A 96 -4.26 -17.68 -7.24
CA CYS A 96 -5.40 -17.56 -8.16
C CYS A 96 -6.47 -16.58 -7.63
N GLU A 97 -7.10 -16.93 -6.50
CA GLU A 97 -8.21 -16.15 -5.91
C GLU A 97 -7.83 -14.69 -5.59
N LEU A 98 -6.81 -14.50 -4.74
CA LEU A 98 -6.41 -13.14 -4.31
C LEU A 98 -5.74 -12.37 -5.46
N TYR A 99 -5.10 -13.13 -6.37
CA TYR A 99 -4.45 -12.55 -7.56
C TYR A 99 -5.51 -11.93 -8.48
N ARG A 100 -6.59 -12.71 -8.72
CA ARG A 100 -7.76 -12.30 -9.51
C ARG A 100 -8.46 -11.11 -8.87
N ALA A 101 -8.57 -11.15 -7.52
CA ALA A 101 -9.26 -10.10 -6.74
C ALA A 101 -8.54 -8.75 -6.89
N LEU A 102 -7.26 -8.70 -6.49
CA LEU A 102 -6.46 -7.47 -6.52
C LEU A 102 -6.21 -6.97 -7.96
N ASN A 103 -6.16 -7.92 -8.92
CA ASN A 103 -6.04 -7.58 -10.35
C ASN A 103 -7.31 -6.81 -10.80
N MET A 104 -8.46 -7.49 -10.75
CA MET A 104 -9.75 -6.97 -11.24
C MET A 104 -10.12 -5.63 -10.55
N HIS A 105 -9.84 -5.55 -9.24
CA HIS A 105 -10.12 -4.34 -8.44
C HIS A 105 -9.16 -3.18 -8.82
N TYR A 106 -7.83 -3.43 -8.76
CA TYR A 106 -6.83 -2.35 -8.90
C TYR A 106 -6.30 -2.16 -10.34
N ASN A 107 -5.70 -3.21 -10.93
CA ASN A 107 -4.83 -3.06 -12.14
C ASN A 107 -4.47 -4.45 -12.72
N LYS A 108 -3.98 -4.48 -13.97
CA LYS A 108 -3.69 -5.73 -14.71
C LYS A 108 -2.35 -6.34 -14.23
N ALA A 109 -2.41 -6.99 -13.05
CA ALA A 109 -1.33 -7.78 -12.40
C ALA A 109 0.10 -7.15 -12.48
N ASN A 110 0.20 -5.81 -12.65
CA ASN A 110 1.49 -5.11 -12.81
C ASN A 110 1.99 -4.56 -11.45
N ASP A 111 1.28 -4.92 -10.38
CA ASP A 111 1.59 -4.49 -9.01
C ASP A 111 2.58 -5.50 -8.42
N PHE A 112 3.79 -5.45 -9.00
CA PHE A 112 4.91 -6.40 -8.74
C PHE A 112 4.59 -7.83 -9.27
N GLU A 113 3.35 -8.04 -9.78
CA GLU A 113 2.77 -9.38 -10.07
C GLU A 113 2.65 -10.19 -8.74
N VAL A 114 2.46 -9.41 -7.64
CA VAL A 114 2.41 -9.85 -6.23
C VAL A 114 3.24 -11.15 -5.91
N PRO A 115 4.60 -10.99 -5.67
CA PRO A 115 5.43 -12.04 -5.02
C PRO A 115 4.94 -12.36 -3.60
N GLU A 116 5.49 -13.44 -3.01
CA GLU A 116 5.09 -13.96 -1.70
C GLU A 116 5.14 -12.88 -0.58
N ARG A 117 6.05 -11.90 -0.71
CA ARG A 117 6.15 -10.72 0.18
C ARG A 117 4.79 -9.99 0.36
N PHE A 118 4.04 -9.89 -0.73
CA PHE A 118 2.74 -9.18 -0.79
C PHE A 118 1.60 -10.06 -0.30
N LEU A 119 1.77 -11.38 -0.48
CA LEU A 119 0.88 -12.40 0.09
C LEU A 119 1.11 -12.51 1.61
N GLU A 120 2.35 -12.20 2.03
CA GLU A 120 2.77 -12.21 3.43
C GLU A 120 2.22 -10.97 4.15
N VAL A 121 2.31 -9.80 3.49
CA VAL A 121 1.68 -8.58 4.00
C VAL A 121 0.15 -8.77 4.04
N ALA A 122 -0.44 -9.29 2.95
CA ALA A 122 -1.88 -9.60 2.89
C ALA A 122 -2.30 -10.52 4.05
N GLN A 123 -1.46 -11.53 4.31
CA GLN A 123 -1.65 -12.51 5.40
C GLN A 123 -1.75 -11.76 6.74
N ILE A 124 -0.70 -11.02 7.07
CA ILE A 124 -0.54 -10.36 8.38
C ILE A 124 -1.54 -9.19 8.55
N THR A 125 -1.81 -8.44 7.46
CA THR A 125 -2.68 -7.26 7.51
C THR A 125 -4.13 -7.70 7.74
N LEU A 126 -4.60 -8.70 6.97
CA LEU A 126 -5.97 -9.22 7.10
C LEU A 126 -6.14 -10.00 8.41
N ARG A 127 -5.07 -10.67 8.84
CA ARG A 127 -5.02 -11.35 10.14
C ARG A 127 -5.27 -10.34 11.28
N GLU A 128 -4.62 -9.16 11.17
CA GLU A 128 -4.76 -8.07 12.16
C GLU A 128 -6.08 -7.30 12.01
N PHE A 129 -6.60 -7.17 10.78
CA PHE A 129 -7.92 -6.56 10.51
C PHE A 129 -9.02 -7.43 11.13
N PHE A 130 -8.94 -8.74 10.85
CA PHE A 130 -9.83 -9.76 11.42
C PHE A 130 -9.79 -9.67 12.94
N ASN A 131 -8.55 -9.75 13.48
CA ASN A 131 -8.23 -9.63 14.93
C ASN A 131 -8.86 -8.36 15.54
N ALA A 132 -8.80 -7.26 14.76
CA ALA A 132 -9.31 -5.95 15.17
C ALA A 132 -10.84 -5.97 15.34
N ILE A 133 -11.58 -6.29 14.27
CA ILE A 133 -13.06 -6.22 14.32
C ILE A 133 -13.60 -7.29 15.31
N ILE A 134 -13.01 -8.50 15.31
CA ILE A 134 -13.46 -9.61 16.17
C ILE A 134 -13.24 -9.28 17.68
N ALA A 135 -12.09 -8.66 18.02
CA ALA A 135 -11.80 -8.29 19.42
C ALA A 135 -12.44 -6.92 19.80
N GLY A 136 -12.89 -6.16 18.80
CA GLY A 136 -13.55 -4.86 19.05
C GLY A 136 -12.55 -3.72 19.15
N LYS A 137 -11.40 -3.95 18.51
CA LYS A 137 -10.28 -3.00 18.44
C LYS A 137 -10.50 -2.01 17.29
N ASP A 138 -11.35 -2.39 16.33
CA ASP A 138 -11.65 -1.60 15.13
C ASP A 138 -12.26 -0.21 15.47
N VAL A 139 -13.06 -0.16 16.54
CA VAL A 139 -13.71 1.08 17.00
C VAL A 139 -12.74 1.97 17.81
N ASP A 140 -11.56 1.40 18.13
CA ASP A 140 -10.47 2.11 18.81
C ASP A 140 -9.58 2.76 17.72
N PRO A 141 -9.22 4.10 17.85
CA PRO A 141 -8.42 4.84 16.83
C PRO A 141 -7.09 4.15 16.44
N SER A 142 -6.49 3.45 17.41
CA SER A 142 -5.14 2.87 17.31
C SER A 142 -5.06 1.60 16.42
N TRP A 143 -6.21 1.03 16.02
CA TRP A 143 -6.24 -0.22 15.21
C TRP A 143 -5.46 -0.05 13.88
N LYS A 144 -5.66 1.10 13.21
CA LYS A 144 -5.02 1.41 11.91
C LYS A 144 -3.53 1.68 12.11
N LYS A 145 -3.19 2.41 13.20
CA LYS A 145 -1.78 2.57 13.67
C LYS A 145 -1.09 1.20 13.75
N ALA A 146 -1.82 0.24 14.37
CA ALA A 146 -1.36 -1.13 14.60
C ALA A 146 -1.16 -1.89 13.26
N ILE A 147 -2.13 -1.75 12.33
CA ILE A 147 -2.07 -2.39 11.00
C ILE A 147 -0.80 -1.91 10.25
N TYR A 148 -0.74 -0.59 10.06
CA TYR A 148 0.31 0.09 9.31
C TYR A 148 1.68 -0.20 9.93
N LYS A 149 1.70 -0.32 11.27
CA LYS A 149 2.90 -0.71 12.02
C LYS A 149 3.37 -2.13 11.64
N VAL A 150 2.47 -3.14 11.74
CA VAL A 150 2.85 -4.57 11.54
C VAL A 150 3.36 -4.81 10.10
N ILE A 151 2.71 -4.15 9.12
CA ILE A 151 3.06 -4.33 7.69
C ILE A 151 4.28 -3.47 7.28
N CYS A 152 4.48 -2.34 8.01
CA CYS A 152 5.71 -1.53 7.88
C CYS A 152 6.93 -2.25 8.47
N LYS A 153 6.69 -2.97 9.58
CA LYS A 153 7.75 -3.61 10.38
C LYS A 153 8.40 -4.77 9.62
N LEU A 154 7.72 -5.23 8.55
CA LEU A 154 8.24 -6.25 7.62
C LEU A 154 9.30 -5.61 6.70
N ASP A 155 8.89 -4.55 5.98
CA ASP A 155 9.76 -3.82 5.02
C ASP A 155 9.48 -2.30 5.12
N SER A 156 10.17 -1.61 6.04
CA SER A 156 10.06 -0.14 6.23
C SER A 156 10.62 0.65 5.03
N GLU A 157 11.53 0.00 4.30
CA GLU A 157 12.26 0.59 3.17
C GLU A 157 12.05 -0.29 1.93
N VAL A 158 11.84 0.35 0.74
CA VAL A 158 11.75 -0.39 -0.53
C VAL A 158 13.16 -0.93 -0.92
N PRO A 159 13.35 -2.29 -1.00
CA PRO A 159 14.64 -2.89 -1.39
C PRO A 159 14.76 -3.15 -2.90
N GLU A 160 13.78 -2.67 -3.67
CA GLU A 160 13.61 -3.01 -5.08
C GLU A 160 13.64 -1.75 -5.96
N ILE A 161 14.62 -1.67 -6.86
CA ILE A 161 14.73 -0.62 -7.88
C ILE A 161 13.99 -1.09 -9.15
N PHE A 162 13.14 -0.22 -9.70
CA PHE A 162 12.23 -0.58 -10.82
C PHE A 162 12.88 -0.35 -12.20
N LYS A 163 13.84 0.59 -12.26
CA LYS A 163 14.61 0.91 -13.48
C LYS A 163 15.26 -0.35 -14.11
N SER A 164 15.92 -1.13 -13.26
CA SER A 164 16.54 -2.42 -13.60
C SER A 164 16.90 -3.11 -12.27
N PRO A 165 16.47 -4.39 -12.02
CA PRO A 165 16.78 -5.14 -10.76
C PRO A 165 18.24 -4.96 -10.26
N ASN A 166 19.21 -5.26 -11.14
CA ASN A 166 20.66 -5.20 -10.82
C ASN A 166 21.30 -3.81 -11.10
N CYS A 167 20.54 -2.73 -10.86
CA CYS A 167 20.99 -1.34 -11.13
C CYS A 167 21.15 -0.53 -9.84
N LEU A 168 20.71 -1.11 -8.72
CA LEU A 168 20.74 -0.46 -7.41
C LEU A 168 22.21 -0.38 -6.92
N GLN A 169 23.02 -1.37 -7.31
CA GLN A 169 24.49 -1.38 -7.10
C GLN A 169 25.10 -0.09 -7.68
N GLU A 170 24.57 0.34 -8.84
CA GLU A 170 25.05 1.54 -9.57
C GLU A 170 24.67 2.84 -8.86
N LEU A 171 23.70 2.78 -7.92
CA LEU A 171 23.34 3.94 -7.08
C LEU A 171 24.50 4.21 -6.08
N LEU A 172 25.17 3.13 -5.64
CA LEU A 172 26.38 3.21 -4.81
C LEU A 172 27.59 3.50 -5.72
N HIS A 173 27.95 4.79 -5.84
CA HIS A 173 29.07 5.25 -6.69
C HIS A 173 29.67 6.55 -6.12
N GLU A 174 30.91 6.87 -6.53
CA GLU A 174 31.63 8.06 -6.06
C GLU A 174 32.15 8.87 -7.28
N MET A 1 9.78 8.11 9.21
CA MET A 1 10.41 8.70 10.42
C MET A 1 9.67 9.98 10.80
N GLY A 2 9.01 9.95 11.98
CA GLY A 2 8.18 11.08 12.43
C GLY A 2 6.71 10.90 12.05
N HIS A 3 5.83 11.54 12.83
CA HIS A 3 4.37 11.43 12.65
C HIS A 3 3.77 12.85 12.52
N HIS A 4 3.30 13.18 11.30
CA HIS A 4 2.68 14.48 10.99
C HIS A 4 1.54 14.27 10.00
N HIS A 5 0.43 15.01 10.20
CA HIS A 5 -0.72 15.02 9.28
C HIS A 5 -0.30 15.69 7.97
N HIS A 6 -0.44 14.95 6.86
CA HIS A 6 0.03 15.40 5.54
C HIS A 6 -0.97 16.41 4.96
N HIS A 7 -0.76 17.69 5.33
CA HIS A 7 -1.56 18.82 4.86
C HIS A 7 -0.58 19.92 4.43
N HIS A 8 -0.70 20.35 3.18
CA HIS A 8 0.11 21.46 2.63
C HIS A 8 -0.72 22.74 2.70
N SER A 9 -1.94 22.64 2.15
CA SER A 9 -2.89 23.75 2.01
C SER A 9 -4.24 23.21 1.48
N HIS A 10 -5.12 24.10 0.98
CA HIS A 10 -6.40 23.72 0.35
C HIS A 10 -6.32 23.79 -1.18
N MET A 11 -5.11 23.92 -1.75
CA MET A 11 -4.90 23.87 -3.20
C MET A 11 -4.73 22.40 -3.66
N ALA A 12 -5.72 21.56 -3.30
CA ALA A 12 -5.78 20.16 -3.73
C ALA A 12 -6.16 20.09 -5.23
N MET A 13 -5.17 20.34 -6.08
CA MET A 13 -5.34 20.42 -7.54
C MET A 13 -4.87 19.12 -8.18
N GLN A 14 -5.75 18.52 -9.00
CA GLN A 14 -5.47 17.23 -9.68
C GLN A 14 -4.62 17.44 -10.95
N GLU A 15 -3.36 17.84 -10.72
CA GLU A 15 -2.38 18.11 -11.76
C GLU A 15 -1.79 16.80 -12.27
N GLY A 16 -1.20 16.03 -11.34
CA GLY A 16 -0.51 14.82 -11.67
C GLY A 16 0.92 15.10 -12.08
N LEU A 17 1.83 14.26 -11.58
CA LEU A 17 3.26 14.35 -11.91
C LEU A 17 3.46 13.78 -13.31
N SER A 18 3.14 12.49 -13.43
CA SER A 18 3.12 11.75 -14.70
C SER A 18 2.27 10.48 -14.47
N PRO A 19 1.26 10.18 -15.36
CA PRO A 19 0.48 8.91 -15.29
C PRO A 19 1.38 7.66 -15.25
N ASN A 20 2.48 7.70 -16.01
CA ASN A 20 3.45 6.59 -16.08
C ASN A 20 4.27 6.48 -14.76
N HIS A 21 4.47 7.62 -14.07
CA HIS A 21 5.17 7.64 -12.77
C HIS A 21 4.21 7.26 -11.63
N LEU A 22 2.89 7.40 -11.87
CA LEU A 22 1.84 6.90 -10.96
C LEU A 22 1.76 5.36 -11.09
N LYS A 23 1.88 4.87 -12.34
CA LYS A 23 1.95 3.43 -12.65
C LYS A 23 3.16 2.85 -11.91
N LYS A 24 4.34 3.49 -12.10
CA LYS A 24 5.59 3.12 -11.45
C LYS A 24 5.47 3.25 -9.92
N ALA A 25 4.77 4.31 -9.46
CA ALA A 25 4.55 4.57 -8.01
C ALA A 25 3.87 3.38 -7.35
N LYS A 26 2.69 3.00 -7.88
CA LYS A 26 1.86 1.93 -7.31
C LYS A 26 2.49 0.54 -7.50
N LEU A 27 3.18 0.35 -8.64
CA LEU A 27 3.95 -0.88 -8.93
C LEU A 27 5.07 -1.07 -7.89
N MET A 28 5.70 0.06 -7.49
CA MET A 28 6.79 0.06 -6.49
C MET A 28 6.21 0.25 -5.05
N PHE A 29 4.93 0.64 -4.97
CA PHE A 29 4.19 0.78 -3.68
C PHE A 29 3.57 -0.58 -3.27
N PHE A 30 3.53 -1.51 -4.25
CA PHE A 30 3.45 -2.96 -3.98
C PHE A 30 4.73 -3.37 -3.20
N TYR A 31 4.56 -4.34 -2.27
CA TYR A 31 5.68 -5.04 -1.57
C TYR A 31 6.35 -4.17 -0.47
N THR A 32 6.15 -2.84 -0.56
CA THR A 32 6.79 -1.85 0.30
C THR A 32 5.92 -0.59 0.30
N ARG A 33 5.59 -0.09 1.49
CA ARG A 33 4.57 0.96 1.66
C ARG A 33 4.98 1.93 2.78
N TYR A 34 5.40 1.38 3.95
CA TYR A 34 5.79 2.21 5.13
C TYR A 34 4.65 3.18 5.57
N PRO A 35 4.88 4.19 6.48
CA PRO A 35 4.10 5.44 6.47
C PRO A 35 4.37 6.24 5.17
N SER A 36 3.30 6.86 4.60
CA SER A 36 3.33 7.57 3.30
C SER A 36 4.59 8.44 3.10
N SER A 37 4.78 9.43 3.99
CA SER A 37 5.85 10.43 3.88
C SER A 37 7.27 9.81 3.87
N ASN A 38 7.45 8.68 4.60
CA ASN A 38 8.74 7.97 4.67
C ASN A 38 9.11 7.39 3.30
N MET A 39 8.28 6.43 2.83
CA MET A 39 8.44 5.75 1.52
C MET A 39 8.57 6.77 0.38
N LEU A 40 7.71 7.80 0.46
CA LEU A 40 7.59 8.86 -0.53
C LEU A 40 8.91 9.64 -0.68
N LYS A 41 9.41 10.18 0.44
CA LYS A 41 10.62 11.03 0.44
C LYS A 41 11.89 10.20 0.17
N THR A 42 11.93 8.96 0.67
CA THR A 42 13.10 8.07 0.56
C THR A 42 13.30 7.61 -0.89
N TYR A 43 12.19 7.25 -1.58
CA TYR A 43 12.27 6.71 -2.95
C TYR A 43 12.10 7.81 -4.02
N PHE A 44 11.10 8.69 -3.85
CA PHE A 44 10.87 9.79 -4.80
C PHE A 44 11.66 11.03 -4.36
N SER A 45 12.99 10.92 -4.52
CA SER A 45 13.96 11.98 -4.20
C SER A 45 14.18 12.87 -5.44
N ASP A 46 13.87 12.28 -6.61
CA ASP A 46 13.79 12.99 -7.91
C ASP A 46 12.69 14.05 -7.88
N VAL A 47 11.63 13.79 -7.08
CA VAL A 47 10.52 14.71 -6.87
C VAL A 47 10.92 15.62 -5.70
N LYS A 48 11.28 16.89 -6.01
CA LYS A 48 11.64 17.90 -4.98
C LYS A 48 10.41 18.35 -4.17
N PHE A 49 9.20 18.05 -4.71
CA PHE A 49 7.89 18.20 -4.03
C PHE A 49 7.38 19.66 -4.10
N ASN A 50 6.13 19.81 -4.58
CA ASN A 50 5.43 21.09 -4.75
C ASN A 50 3.98 20.91 -4.25
N ARG A 51 3.36 22.00 -3.72
CA ARG A 51 2.08 21.94 -2.96
C ARG A 51 1.01 21.07 -3.68
N CYS A 52 0.66 21.48 -4.90
CA CYS A 52 -0.42 20.87 -5.71
C CYS A 52 -0.15 19.39 -6.04
N ILE A 53 1.03 19.11 -6.63
CA ILE A 53 1.38 17.77 -7.12
C ILE A 53 1.70 16.79 -5.98
N THR A 54 2.18 17.31 -4.83
CA THR A 54 2.51 16.46 -3.67
C THR A 54 1.24 16.17 -2.85
N SER A 55 0.28 17.12 -2.83
CA SER A 55 -1.08 16.85 -2.30
C SER A 55 -1.76 15.78 -3.17
N GLN A 56 -1.54 15.89 -4.50
CA GLN A 56 -2.03 14.92 -5.51
C GLN A 56 -1.36 13.53 -5.33
N LEU A 57 -0.04 13.54 -5.04
CA LEU A 57 0.76 12.31 -4.87
C LEU A 57 0.35 11.58 -3.57
N ILE A 58 0.17 12.37 -2.50
CA ILE A 58 -0.28 11.86 -1.20
C ILE A 58 -1.76 11.45 -1.27
N LYS A 59 -2.53 12.09 -2.18
CA LYS A 59 -3.92 11.68 -2.48
C LYS A 59 -3.93 10.34 -3.22
N TRP A 60 -2.91 10.10 -4.09
CA TRP A 60 -2.72 8.78 -4.73
C TRP A 60 -2.48 7.70 -3.64
N PHE A 61 -1.51 7.98 -2.76
CA PHE A 61 -1.16 7.11 -1.61
C PHE A 61 -2.34 6.98 -0.63
N SER A 62 -3.15 8.06 -0.48
CA SER A 62 -4.26 8.10 0.49
C SER A 62 -5.36 7.19 0.00
N ASN A 63 -5.81 7.46 -1.26
CA ASN A 63 -6.83 6.66 -1.95
C ASN A 63 -6.47 5.17 -1.93
N PHE A 64 -5.21 4.85 -2.31
CA PHE A 64 -4.67 3.47 -2.32
C PHE A 64 -4.86 2.82 -0.94
N ARG A 65 -4.28 3.46 0.09
CA ARG A 65 -4.31 2.98 1.49
C ARG A 65 -5.74 2.92 2.07
N GLU A 66 -6.62 3.83 1.62
CA GLU A 66 -7.98 3.95 2.16
C GLU A 66 -8.91 2.89 1.57
N PHE A 67 -8.79 2.55 0.26
CA PHE A 67 -9.63 1.45 -0.31
C PHE A 67 -9.01 0.08 -0.02
N TYR A 68 -7.68 0.05 0.22
CA TYR A 68 -6.97 -1.11 0.81
C TYR A 68 -7.55 -1.40 2.20
N TYR A 69 -7.61 -0.33 3.02
CA TYR A 69 -8.16 -0.34 4.38
C TYR A 69 -9.60 -0.84 4.33
N ILE A 70 -10.45 -0.13 3.56
CA ILE A 70 -11.90 -0.44 3.44
C ILE A 70 -12.12 -1.81 2.73
N GLN A 71 -11.16 -2.27 1.90
CA GLN A 71 -11.26 -3.61 1.26
C GLN A 71 -11.21 -4.69 2.32
N MET A 72 -10.12 -4.71 3.12
CA MET A 72 -9.95 -5.70 4.20
C MET A 72 -10.92 -5.46 5.38
N GLU A 73 -11.28 -4.19 5.59
CA GLU A 73 -12.24 -3.76 6.64
C GLU A 73 -13.62 -4.39 6.37
N LYS A 74 -14.13 -4.17 5.16
CA LYS A 74 -15.43 -4.71 4.73
C LYS A 74 -15.39 -6.23 4.56
N TYR A 75 -14.25 -6.77 4.09
CA TYR A 75 -14.02 -8.24 3.99
C TYR A 75 -14.20 -8.88 5.38
N ALA A 76 -13.54 -8.28 6.38
CA ALA A 76 -13.57 -8.75 7.76
C ALA A 76 -14.96 -8.56 8.40
N ARG A 77 -15.61 -7.38 8.18
CA ARG A 77 -16.95 -7.10 8.75
C ARG A 77 -17.97 -8.10 8.23
N GLN A 78 -17.93 -8.37 6.91
CA GLN A 78 -18.84 -9.31 6.26
C GLN A 78 -18.51 -10.76 6.66
N ALA A 79 -17.23 -11.04 6.98
CA ALA A 79 -16.81 -12.35 7.53
C ALA A 79 -17.52 -12.62 8.88
N ILE A 80 -17.36 -11.69 9.84
CA ILE A 80 -17.97 -11.81 11.19
C ILE A 80 -19.52 -11.84 11.09
N ASN A 81 -20.07 -10.95 10.24
CA ASN A 81 -21.53 -10.80 10.01
C ASN A 81 -22.16 -12.09 9.45
N ASP A 82 -21.47 -12.72 8.49
CA ASP A 82 -21.98 -13.94 7.81
C ASP A 82 -21.70 -15.20 8.65
N GLY A 83 -20.64 -15.14 9.49
CA GLY A 83 -20.23 -16.27 10.34
C GLY A 83 -19.02 -17.00 9.81
N VAL A 84 -18.34 -16.38 8.84
CA VAL A 84 -17.02 -16.82 8.36
C VAL A 84 -15.97 -16.54 9.45
N THR A 85 -15.21 -17.58 9.82
CA THR A 85 -14.28 -17.54 10.97
C THR A 85 -12.86 -17.95 10.54
N SER A 86 -12.61 -17.94 9.21
CA SER A 86 -11.28 -18.25 8.64
C SER A 86 -10.98 -17.20 7.56
N THR A 87 -9.86 -16.46 7.70
CA THR A 87 -9.43 -15.45 6.71
C THR A 87 -9.09 -16.09 5.35
N GLU A 88 -8.77 -17.40 5.38
CA GLU A 88 -8.36 -18.20 4.20
C GLU A 88 -9.52 -18.49 3.21
N GLU A 89 -10.71 -17.95 3.49
CA GLU A 89 -11.92 -18.15 2.65
C GLU A 89 -12.18 -16.92 1.76
N LEU A 90 -11.69 -15.75 2.20
CA LEU A 90 -11.95 -14.45 1.54
C LEU A 90 -10.65 -13.83 0.97
N SER A 91 -9.52 -14.06 1.66
CA SER A 91 -8.22 -13.42 1.32
C SER A 91 -7.11 -13.95 2.26
N ILE A 92 -6.13 -14.72 1.73
CA ILE A 92 -4.90 -15.08 2.48
C ILE A 92 -3.82 -15.64 1.51
N THR A 93 -2.57 -15.74 2.02
CA THR A 93 -1.40 -16.26 1.29
C THR A 93 -1.63 -17.70 0.77
N ARG A 94 -1.96 -17.80 -0.55
CA ARG A 94 -1.97 -19.06 -1.36
C ARG A 94 -2.83 -18.86 -2.63
N ASP A 95 -3.96 -18.14 -2.48
CA ASP A 95 -5.04 -18.10 -3.48
C ASP A 95 -4.63 -17.32 -4.74
N CYS A 96 -4.30 -18.06 -5.81
CA CYS A 96 -3.84 -17.50 -7.11
C CYS A 96 -4.82 -16.45 -7.66
N GLU A 97 -6.13 -16.68 -7.44
CA GLU A 97 -7.19 -15.76 -7.85
C GLU A 97 -7.04 -14.42 -7.10
N LEU A 98 -6.74 -14.51 -5.79
CA LEU A 98 -6.51 -13.34 -4.92
C LEU A 98 -5.27 -12.56 -5.34
N TYR A 99 -4.21 -13.29 -5.73
CA TYR A 99 -2.97 -12.70 -6.27
C TYR A 99 -3.33 -11.80 -7.49
N ARG A 100 -4.05 -12.43 -8.44
CA ARG A 100 -4.48 -11.77 -9.69
C ARG A 100 -5.58 -10.71 -9.44
N ALA A 101 -6.36 -10.88 -8.35
CA ALA A 101 -7.45 -9.97 -8.00
C ALA A 101 -6.90 -8.68 -7.43
N LEU A 102 -6.07 -8.80 -6.37
CA LEU A 102 -5.36 -7.66 -5.75
C LEU A 102 -4.53 -6.89 -6.80
N ASN A 103 -3.79 -7.63 -7.66
CA ASN A 103 -3.07 -7.01 -8.80
C ASN A 103 -4.04 -6.18 -9.66
N MET A 104 -5.15 -6.81 -10.10
CA MET A 104 -6.18 -6.16 -10.93
C MET A 104 -6.76 -4.89 -10.26
N HIS A 105 -6.89 -4.93 -8.92
CA HIS A 105 -7.49 -3.84 -8.11
C HIS A 105 -6.54 -2.63 -8.01
N TYR A 106 -5.26 -2.90 -7.73
CA TYR A 106 -4.26 -1.84 -7.50
C TYR A 106 -3.63 -1.40 -8.84
N ASN A 107 -2.94 -2.33 -9.52
CA ASN A 107 -2.24 -2.04 -10.81
C ASN A 107 -2.47 -3.20 -11.77
N LYS A 108 -3.33 -2.97 -12.78
CA LYS A 108 -3.77 -3.99 -13.76
C LYS A 108 -2.59 -4.57 -14.54
N ALA A 109 -1.53 -3.74 -14.71
CA ALA A 109 -0.28 -4.13 -15.37
C ALA A 109 0.85 -4.32 -14.35
N ASN A 110 0.54 -4.98 -13.19
CA ASN A 110 1.58 -5.48 -12.26
C ASN A 110 2.43 -6.53 -13.00
N ASP A 111 3.60 -6.08 -13.45
CA ASP A 111 4.52 -6.86 -14.29
C ASP A 111 5.12 -8.06 -13.53
N PHE A 112 5.14 -7.96 -12.19
CA PHE A 112 5.85 -8.92 -11.33
C PHE A 112 4.92 -9.95 -10.70
N GLU A 113 5.48 -11.14 -10.48
CA GLU A 113 4.86 -12.19 -9.70
C GLU A 113 5.03 -11.80 -8.24
N VAL A 114 3.97 -11.19 -7.69
CA VAL A 114 3.88 -10.75 -6.28
C VAL A 114 4.57 -11.74 -5.28
N PRO A 115 5.80 -11.39 -4.75
CA PRO A 115 6.51 -12.22 -3.76
C PRO A 115 5.63 -12.55 -2.54
N GLU A 116 5.96 -13.65 -1.85
CA GLU A 116 5.28 -14.10 -0.64
C GLU A 116 5.13 -12.94 0.37
N ARG A 117 6.17 -12.09 0.42
CA ARG A 117 6.23 -10.86 1.25
C ARG A 117 4.95 -9.98 1.20
N PHE A 118 4.43 -9.74 -0.03
CA PHE A 118 3.19 -8.95 -0.25
C PHE A 118 1.98 -9.61 0.45
N LEU A 119 1.91 -10.94 0.31
CA LEU A 119 0.86 -11.77 0.90
C LEU A 119 1.09 -11.99 2.41
N GLU A 120 2.36 -11.89 2.88
CA GLU A 120 2.67 -11.95 4.32
C GLU A 120 2.09 -10.74 5.01
N VAL A 121 2.34 -9.57 4.38
CA VAL A 121 1.72 -8.30 4.77
C VAL A 121 0.19 -8.44 4.75
N ALA A 122 -0.39 -8.87 3.61
CA ALA A 122 -1.84 -9.09 3.45
C ALA A 122 -2.43 -10.05 4.50
N GLN A 123 -1.62 -11.04 4.92
CA GLN A 123 -2.03 -12.04 5.92
C GLN A 123 -2.17 -11.36 7.28
N ILE A 124 -1.09 -10.68 7.71
CA ILE A 124 -1.02 -9.97 9.00
C ILE A 124 -1.98 -8.77 9.03
N THR A 125 -2.27 -8.24 7.82
CA THR A 125 -3.22 -7.15 7.59
C THR A 125 -4.64 -7.64 7.91
N LEU A 126 -5.15 -8.63 7.15
CA LEU A 126 -6.51 -9.16 7.36
C LEU A 126 -6.62 -9.93 8.69
N ARG A 127 -5.48 -10.43 9.19
CA ARG A 127 -5.37 -10.96 10.57
C ARG A 127 -5.75 -9.88 11.58
N GLU A 128 -5.13 -8.68 11.45
CA GLU A 128 -5.40 -7.56 12.35
C GLU A 128 -6.87 -7.09 12.22
N PHE A 129 -7.30 -6.82 10.96
CA PHE A 129 -8.68 -6.40 10.63
C PHE A 129 -9.73 -7.36 11.26
N PHE A 130 -9.65 -8.64 10.84
CA PHE A 130 -10.58 -9.71 11.27
C PHE A 130 -10.59 -9.84 12.79
N ASN A 131 -9.39 -10.14 13.38
CA ASN A 131 -9.23 -10.40 14.83
C ASN A 131 -9.77 -9.24 15.68
N ALA A 132 -9.53 -8.02 15.20
CA ALA A 132 -9.94 -6.81 15.89
C ALA A 132 -11.47 -6.66 15.89
N ILE A 133 -12.10 -6.79 14.70
CA ILE A 133 -13.56 -6.57 14.57
C ILE A 133 -14.34 -7.66 15.34
N ILE A 134 -13.86 -8.92 15.28
CA ILE A 134 -14.47 -10.04 16.04
C ILE A 134 -14.22 -9.87 17.57
N ALA A 135 -13.07 -9.26 17.95
CA ALA A 135 -12.80 -8.91 19.37
C ALA A 135 -13.62 -7.69 19.86
N GLY A 136 -14.04 -6.84 18.90
CA GLY A 136 -14.80 -5.61 19.20
C GLY A 136 -13.90 -4.39 19.38
N LYS A 137 -12.72 -4.48 18.75
CA LYS A 137 -11.69 -3.43 18.76
C LYS A 137 -11.87 -2.46 17.56
N ASP A 138 -12.78 -2.82 16.62
CA ASP A 138 -13.10 -1.99 15.42
C ASP A 138 -13.58 -0.58 15.76
N VAL A 139 -14.13 -0.44 16.96
CA VAL A 139 -14.68 0.82 17.49
C VAL A 139 -13.59 1.74 18.10
N ASP A 140 -12.32 1.30 18.03
CA ASP A 140 -11.15 2.08 18.51
C ASP A 140 -10.66 3.04 17.40
N PRO A 141 -10.44 4.36 17.71
CA PRO A 141 -10.02 5.38 16.69
C PRO A 141 -8.57 5.25 16.13
N SER A 142 -7.69 4.49 16.81
CA SER A 142 -6.25 4.34 16.40
C SER A 142 -6.04 3.61 15.05
N TRP A 143 -7.13 3.02 14.52
CA TRP A 143 -7.13 1.93 13.54
C TRP A 143 -6.15 2.07 12.37
N LYS A 144 -6.21 3.18 11.58
CA LYS A 144 -5.33 3.30 10.38
C LYS A 144 -3.84 3.20 10.78
N LYS A 145 -3.45 3.97 11.81
CA LYS A 145 -2.08 3.98 12.36
C LYS A 145 -1.70 2.62 12.99
N ALA A 146 -2.69 1.96 13.62
CA ALA A 146 -2.51 0.65 14.26
C ALA A 146 -2.19 -0.46 13.23
N ILE A 147 -2.99 -0.54 12.15
CA ILE A 147 -2.76 -1.48 11.06
C ILE A 147 -1.37 -1.19 10.45
N TYR A 148 -1.12 0.13 10.18
CA TYR A 148 0.15 0.62 9.61
C TYR A 148 1.34 0.09 10.40
N LYS A 149 1.36 0.25 11.74
CA LYS A 149 2.51 -0.16 12.56
C LYS A 149 2.66 -1.70 12.62
N VAL A 150 1.53 -2.47 12.70
CA VAL A 150 1.63 -3.96 12.77
C VAL A 150 2.17 -4.55 11.44
N ILE A 151 1.95 -3.86 10.32
CA ILE A 151 2.48 -4.30 9.01
C ILE A 151 3.79 -3.55 8.62
N CYS A 152 4.07 -2.39 9.26
CA CYS A 152 5.28 -1.58 8.98
C CYS A 152 6.46 -2.01 9.86
N LYS A 153 6.18 -2.74 10.96
CA LYS A 153 7.24 -3.33 11.80
C LYS A 153 7.96 -4.46 11.04
N LEU A 154 7.31 -4.96 9.98
CA LEU A 154 7.83 -6.05 9.13
C LEU A 154 7.70 -5.70 7.63
N ASP A 155 7.44 -4.40 7.33
CA ASP A 155 7.46 -3.88 5.95
C ASP A 155 8.93 -3.80 5.50
N SER A 156 9.19 -4.09 4.23
CA SER A 156 10.56 -4.25 3.71
C SER A 156 10.92 -3.04 2.84
N GLU A 157 12.09 -3.10 2.20
CA GLU A 157 12.52 -2.08 1.21
C GLU A 157 12.34 -2.67 -0.19
N VAL A 158 12.06 -1.81 -1.19
CA VAL A 158 12.00 -2.23 -2.60
C VAL A 158 13.42 -2.58 -3.11
N PRO A 159 13.54 -3.48 -4.13
CA PRO A 159 14.71 -3.51 -5.03
C PRO A 159 15.02 -2.08 -5.50
N GLU A 160 16.26 -1.61 -5.19
CA GLU A 160 16.65 -0.18 -5.27
C GLU A 160 16.33 0.44 -6.64
N ILE A 161 16.37 -0.42 -7.67
CA ILE A 161 15.93 -0.08 -9.02
C ILE A 161 15.51 -1.39 -9.73
N PHE A 162 14.20 -1.50 -10.02
CA PHE A 162 13.63 -2.63 -10.77
C PHE A 162 14.15 -2.66 -12.22
N LYS A 163 14.45 -1.47 -12.76
CA LYS A 163 14.83 -1.27 -14.17
C LYS A 163 16.11 -2.03 -14.56
N SER A 164 17.10 -2.03 -13.65
CA SER A 164 18.42 -2.64 -13.87
C SER A 164 19.18 -2.71 -12.53
N PRO A 165 19.39 -3.94 -11.93
CA PRO A 165 19.92 -4.15 -10.54
C PRO A 165 21.13 -3.25 -10.16
N ASN A 166 20.86 -2.27 -9.27
CA ASN A 166 21.88 -1.35 -8.67
C ASN A 166 22.64 -0.50 -9.70
N CYS A 167 22.11 -0.40 -10.94
CA CYS A 167 22.73 0.39 -12.01
C CYS A 167 22.38 1.89 -11.88
N LEU A 168 21.37 2.21 -11.04
CA LEU A 168 21.01 3.61 -10.72
C LEU A 168 22.12 4.30 -9.89
N GLN A 169 23.11 3.52 -9.38
CA GLN A 169 24.27 4.05 -8.63
C GLN A 169 25.08 5.04 -9.51
N GLU A 170 24.95 4.89 -10.83
CA GLU A 170 25.51 5.80 -11.85
C GLU A 170 24.93 7.24 -11.70
N LEU A 171 23.63 7.31 -11.33
CA LEU A 171 22.89 8.59 -11.24
C LEU A 171 23.46 9.46 -10.11
N LEU A 172 23.86 8.81 -8.99
CA LEU A 172 24.45 9.49 -7.82
C LEU A 172 25.92 9.83 -8.13
N HIS A 173 26.12 10.91 -8.89
CA HIS A 173 27.43 11.31 -9.38
C HIS A 173 27.35 12.79 -9.81
N GLU A 174 27.74 13.67 -8.88
CA GLU A 174 27.70 15.13 -9.06
C GLU A 174 29.14 15.67 -9.27
N MET A 1 4.97 12.03 11.87
CA MET A 1 4.39 12.73 10.70
C MET A 1 3.33 13.73 11.18
N GLY A 2 2.44 13.26 12.08
CA GLY A 2 1.37 14.08 12.64
C GLY A 2 0.01 13.80 12.03
N HIS A 3 -1.02 14.51 12.51
CA HIS A 3 -2.42 14.32 12.06
C HIS A 3 -2.73 15.14 10.78
N HIS A 4 -1.69 15.57 10.04
CA HIS A 4 -1.86 16.32 8.80
C HIS A 4 -2.52 15.43 7.72
N HIS A 5 -3.83 15.63 7.56
CA HIS A 5 -4.63 15.00 6.50
C HIS A 5 -5.13 16.09 5.56
N HIS A 6 -4.35 17.18 5.45
CA HIS A 6 -4.62 18.30 4.54
C HIS A 6 -4.43 17.84 3.08
N HIS A 7 -5.47 17.18 2.57
CA HIS A 7 -5.51 16.63 1.23
C HIS A 7 -6.46 17.48 0.39
N HIS A 8 -5.96 18.02 -0.71
CA HIS A 8 -6.76 18.81 -1.65
C HIS A 8 -6.34 18.40 -3.05
N SER A 9 -7.29 17.82 -3.80
CA SER A 9 -7.04 17.29 -5.15
C SER A 9 -6.97 18.44 -6.17
N HIS A 10 -5.82 19.12 -6.19
CA HIS A 10 -5.48 20.14 -7.19
C HIS A 10 -5.14 19.40 -8.49
N MET A 11 -5.81 19.80 -9.59
CA MET A 11 -5.68 19.16 -10.92
C MET A 11 -4.25 19.31 -11.50
N ALA A 12 -4.02 18.63 -12.63
CA ALA A 12 -2.71 18.57 -13.28
C ALA A 12 -2.55 19.72 -14.28
N MET A 13 -1.37 20.38 -14.28
CA MET A 13 -1.04 21.48 -15.23
C MET A 13 0.44 21.34 -15.65
N GLN A 14 1.32 21.33 -14.64
CA GLN A 14 2.79 21.34 -14.82
C GLN A 14 3.38 20.07 -14.19
N GLU A 15 3.43 18.98 -14.98
CA GLU A 15 3.73 17.62 -14.48
C GLU A 15 5.16 17.18 -14.83
N GLY A 16 5.99 16.96 -13.79
CA GLY A 16 7.34 16.40 -13.95
C GLY A 16 7.39 14.91 -13.60
N LEU A 17 6.22 14.32 -13.26
CA LEU A 17 6.09 12.91 -12.89
C LEU A 17 5.77 12.02 -14.12
N SER A 18 6.25 12.45 -15.30
CA SER A 18 5.98 11.75 -16.57
C SER A 18 6.90 10.51 -16.79
N PRO A 19 8.28 10.56 -16.55
CA PRO A 19 9.15 9.37 -16.76
C PRO A 19 9.07 8.35 -15.59
N ASN A 20 8.19 7.33 -15.76
CA ASN A 20 8.12 6.11 -14.92
C ASN A 20 7.48 6.35 -13.52
N HIS A 21 7.28 7.62 -13.12
CA HIS A 21 6.94 7.98 -11.71
C HIS A 21 5.60 7.39 -11.22
N LEU A 22 4.61 7.23 -12.13
CA LEU A 22 3.31 6.59 -11.79
C LEU A 22 3.60 5.16 -11.28
N LYS A 23 4.31 4.41 -12.14
CA LYS A 23 4.67 3.00 -11.93
C LYS A 23 5.51 2.86 -10.66
N LYS A 24 6.58 3.68 -10.58
CA LYS A 24 7.53 3.69 -9.46
C LYS A 24 6.81 3.90 -8.13
N ALA A 25 6.09 5.04 -8.04
CA ALA A 25 5.40 5.47 -6.81
C ALA A 25 4.39 4.42 -6.33
N LYS A 26 3.56 3.96 -7.27
CA LYS A 26 2.50 2.97 -7.01
C LYS A 26 3.06 1.62 -6.51
N LEU A 27 4.12 1.12 -7.18
CA LEU A 27 4.74 -0.18 -6.83
C LEU A 27 5.43 -0.10 -5.47
N MET A 28 6.30 0.92 -5.30
CA MET A 28 7.08 1.13 -4.05
C MET A 28 6.14 1.39 -2.86
N PHE A 29 4.94 1.96 -3.14
CA PHE A 29 3.90 2.13 -2.13
C PHE A 29 3.29 0.77 -1.75
N PHE A 30 3.04 -0.09 -2.77
CA PHE A 30 2.54 -1.48 -2.55
C PHE A 30 3.59 -2.33 -1.77
N TYR A 31 4.86 -1.90 -1.78
CA TYR A 31 5.92 -2.50 -0.95
C TYR A 31 5.85 -1.96 0.49
N THR A 32 5.87 -0.62 0.62
CA THR A 32 6.12 0.03 1.93
C THR A 32 4.84 0.36 2.70
N ARG A 33 4.99 0.41 4.02
CA ARG A 33 3.94 0.80 4.99
C ARG A 33 4.42 2.02 5.81
N TYR A 34 5.71 2.44 5.58
CA TYR A 34 6.22 3.73 6.06
C TYR A 34 5.26 4.88 5.67
N PRO A 35 4.69 5.64 6.67
CA PRO A 35 3.71 6.72 6.42
C PRO A 35 4.17 7.68 5.32
N SER A 36 3.21 8.11 4.48
CA SER A 36 3.43 8.83 3.22
C SER A 36 4.55 9.88 3.29
N SER A 37 4.53 10.75 4.31
CA SER A 37 5.53 11.83 4.52
C SER A 37 7.00 11.32 4.45
N ASN A 38 7.28 10.25 5.22
CA ASN A 38 8.61 9.64 5.36
C ASN A 38 9.09 9.13 4.00
N MET A 39 8.34 8.15 3.45
CA MET A 39 8.70 7.50 2.17
C MET A 39 8.77 8.52 0.99
N LEU A 40 7.96 9.59 1.12
CA LEU A 40 7.84 10.65 0.10
C LEU A 40 9.17 11.40 0.01
N LYS A 41 9.56 12.01 1.15
CA LYS A 41 10.75 12.88 1.22
C LYS A 41 12.07 12.09 1.15
N THR A 42 12.06 10.84 1.67
CA THR A 42 13.24 9.98 1.68
C THR A 42 13.53 9.44 0.27
N TYR A 43 12.54 8.78 -0.34
CA TYR A 43 12.74 8.06 -1.61
C TYR A 43 12.71 9.02 -2.81
N PHE A 44 11.72 9.93 -2.86
CA PHE A 44 11.59 10.89 -3.98
C PHE A 44 12.53 12.10 -3.76
N SER A 45 13.77 11.94 -4.24
CA SER A 45 14.83 12.96 -4.11
C SER A 45 14.80 13.92 -5.32
N ASP A 46 14.49 13.36 -6.51
CA ASP A 46 14.37 14.11 -7.78
C ASP A 46 13.17 15.06 -7.74
N VAL A 47 12.08 14.58 -7.14
CA VAL A 47 10.79 15.26 -7.15
C VAL A 47 10.87 16.44 -6.19
N LYS A 48 10.95 17.68 -6.74
CA LYS A 48 11.04 18.92 -5.94
C LYS A 48 9.74 19.16 -5.13
N PHE A 49 8.63 18.60 -5.66
CA PHE A 49 7.30 18.60 -5.02
C PHE A 49 6.55 19.90 -5.32
N ASN A 50 6.28 20.12 -6.62
CA ASN A 50 5.37 21.18 -7.08
C ASN A 50 3.92 20.78 -6.71
N ARG A 51 3.09 21.75 -6.27
CA ARG A 51 1.77 21.47 -5.63
C ARG A 51 0.85 20.56 -6.47
N CYS A 52 0.89 20.72 -7.81
CA CYS A 52 0.09 19.89 -8.74
C CYS A 52 0.56 18.43 -8.69
N ILE A 53 1.88 18.21 -8.93
CA ILE A 53 2.45 16.85 -8.98
C ILE A 53 2.41 16.17 -7.60
N THR A 54 2.45 16.99 -6.53
CA THR A 54 2.40 16.51 -5.14
C THR A 54 0.98 16.10 -4.78
N SER A 55 -0.01 16.87 -5.28
CA SER A 55 -1.44 16.55 -5.13
C SER A 55 -1.76 15.22 -5.83
N GLN A 56 -1.20 15.04 -7.05
CA GLN A 56 -1.39 13.82 -7.85
C GLN A 56 -0.69 12.61 -7.20
N LEU A 57 0.54 12.82 -6.70
CA LEU A 57 1.37 11.76 -6.07
C LEU A 57 0.67 11.25 -4.78
N ILE A 58 0.29 12.21 -3.91
CA ILE A 58 -0.47 11.95 -2.68
C ILE A 58 -1.85 11.37 -3.03
N LYS A 59 -2.44 11.77 -4.19
CA LYS A 59 -3.71 11.19 -4.68
C LYS A 59 -3.57 9.67 -4.90
N TRP A 60 -2.55 9.23 -5.67
CA TRP A 60 -2.30 7.79 -5.91
C TRP A 60 -2.15 7.06 -4.55
N PHE A 61 -1.24 7.62 -3.71
CA PHE A 61 -0.91 7.07 -2.37
C PHE A 61 -2.16 6.95 -1.46
N SER A 62 -3.01 7.98 -1.47
CA SER A 62 -4.16 8.06 -0.55
C SER A 62 -5.31 7.19 -1.06
N ASN A 63 -5.38 7.02 -2.39
CA ASN A 63 -6.35 6.16 -3.08
C ASN A 63 -6.02 4.68 -2.76
N PHE A 64 -4.71 4.35 -2.67
CA PHE A 64 -4.26 2.99 -2.32
C PHE A 64 -4.23 2.77 -0.80
N ARG A 65 -4.16 3.87 0.00
CA ARG A 65 -4.39 3.82 1.47
C ARG A 65 -5.84 3.40 1.72
N GLU A 66 -6.75 4.06 0.96
CA GLU A 66 -8.19 3.81 1.00
C GLU A 66 -8.50 2.38 0.54
N PHE A 67 -8.00 2.01 -0.65
CA PHE A 67 -8.18 0.66 -1.23
C PHE A 67 -7.68 -0.43 -0.26
N TYR A 68 -6.46 -0.26 0.26
CA TYR A 68 -5.85 -1.19 1.21
C TYR A 68 -6.73 -1.36 2.48
N TYR A 69 -6.96 -0.24 3.19
CA TYR A 69 -7.60 -0.28 4.53
C TYR A 69 -9.04 -0.76 4.41
N ILE A 70 -9.79 -0.16 3.47
CA ILE A 70 -11.20 -0.48 3.24
C ILE A 70 -11.37 -1.93 2.77
N GLN A 71 -10.53 -2.43 1.82
CA GLN A 71 -10.69 -3.83 1.30
C GLN A 71 -10.33 -4.88 2.36
N MET A 72 -9.20 -4.68 3.08
CA MET A 72 -8.77 -5.62 4.15
C MET A 72 -9.82 -5.69 5.28
N GLU A 73 -10.26 -4.49 5.77
CA GLU A 73 -11.29 -4.36 6.79
C GLU A 73 -12.66 -4.83 6.25
N LYS A 74 -12.88 -4.69 4.91
CA LYS A 74 -14.12 -5.15 4.27
C LYS A 74 -14.22 -6.66 4.37
N TYR A 75 -13.15 -7.34 3.96
CA TYR A 75 -13.10 -8.80 3.91
C TYR A 75 -13.26 -9.39 5.32
N ALA A 76 -12.50 -8.83 6.29
CA ALA A 76 -12.51 -9.31 7.69
C ALA A 76 -13.86 -9.04 8.39
N ARG A 77 -14.39 -7.82 8.23
CA ARG A 77 -15.63 -7.38 8.90
C ARG A 77 -16.87 -8.04 8.25
N GLN A 78 -16.76 -8.32 6.94
CA GLN A 78 -17.77 -9.08 6.17
C GLN A 78 -17.73 -10.54 6.59
N ALA A 79 -16.52 -11.06 6.90
CA ALA A 79 -16.36 -12.42 7.43
C ALA A 79 -17.09 -12.55 8.76
N ILE A 80 -16.86 -11.60 9.68
CA ILE A 80 -17.48 -11.60 11.02
C ILE A 80 -19.02 -11.42 10.92
N ASN A 81 -19.45 -10.47 10.07
CA ASN A 81 -20.89 -10.15 9.88
C ASN A 81 -21.67 -11.33 9.24
N ASP A 82 -21.10 -11.89 8.18
CA ASP A 82 -21.74 -12.96 7.38
C ASP A 82 -21.61 -14.33 8.08
N GLY A 83 -20.55 -14.47 8.90
CA GLY A 83 -20.33 -15.69 9.70
C GLY A 83 -19.12 -16.51 9.24
N VAL A 84 -18.44 -16.05 8.17
CA VAL A 84 -17.22 -16.70 7.66
C VAL A 84 -16.11 -16.63 8.73
N THR A 85 -15.62 -17.80 9.15
CA THR A 85 -14.59 -17.93 10.18
C THR A 85 -13.23 -18.32 9.56
N SER A 86 -13.16 -18.30 8.22
CA SER A 86 -11.94 -18.65 7.46
C SER A 86 -11.44 -17.42 6.69
N THR A 87 -10.31 -16.86 7.14
CA THR A 87 -9.60 -15.78 6.44
C THR A 87 -8.95 -16.29 5.13
N GLU A 88 -8.79 -17.62 5.04
CA GLU A 88 -8.24 -18.32 3.85
C GLU A 88 -9.18 -18.28 2.63
N GLU A 89 -10.32 -17.59 2.77
CA GLU A 89 -11.32 -17.48 1.72
C GLU A 89 -11.40 -16.02 1.23
N LEU A 90 -10.81 -15.09 2.02
CA LEU A 90 -10.97 -13.64 1.83
C LEU A 90 -9.79 -13.06 1.01
N SER A 91 -8.54 -13.25 1.54
CA SER A 91 -7.33 -12.59 0.99
C SER A 91 -6.03 -13.05 1.70
N ILE A 92 -5.37 -14.10 1.16
CA ILE A 92 -4.12 -14.68 1.73
C ILE A 92 -3.03 -14.83 0.61
N THR A 93 -1.75 -14.94 1.02
CA THR A 93 -0.60 -15.24 0.14
C THR A 93 -0.84 -16.53 -0.71
N ARG A 94 -0.12 -16.61 -1.88
CA ARG A 94 -0.11 -17.74 -2.85
C ARG A 94 -1.48 -18.06 -3.51
N ASP A 95 -2.55 -17.31 -3.13
CA ASP A 95 -3.84 -17.39 -3.81
C ASP A 95 -3.76 -16.66 -5.15
N CYS A 96 -3.46 -17.41 -6.22
CA CYS A 96 -3.28 -16.86 -7.58
C CYS A 96 -4.54 -16.09 -8.06
N GLU A 97 -5.72 -16.50 -7.53
CA GLU A 97 -6.99 -15.79 -7.73
C GLU A 97 -6.94 -14.39 -7.10
N LEU A 98 -6.41 -14.31 -5.87
CA LEU A 98 -6.23 -13.03 -5.15
C LEU A 98 -5.17 -12.15 -5.84
N TYR A 99 -4.11 -12.78 -6.40
CA TYR A 99 -3.09 -12.08 -7.20
C TYR A 99 -3.77 -11.40 -8.40
N ARG A 100 -4.64 -12.16 -9.10
CA ARG A 100 -5.44 -11.67 -10.24
C ARG A 100 -6.50 -10.64 -9.78
N ALA A 101 -7.02 -10.80 -8.55
CA ALA A 101 -8.09 -9.94 -8.03
C ALA A 101 -7.54 -8.56 -7.68
N LEU A 102 -6.54 -8.53 -6.76
CA LEU A 102 -5.81 -7.32 -6.35
C LEU A 102 -5.16 -6.60 -7.55
N ASN A 103 -4.64 -7.37 -8.54
CA ASN A 103 -4.15 -6.79 -9.82
C ASN A 103 -5.31 -6.02 -10.48
N MET A 104 -6.35 -6.77 -10.86
CA MET A 104 -7.48 -6.27 -11.67
C MET A 104 -8.30 -5.18 -10.93
N HIS A 105 -8.18 -5.14 -9.58
CA HIS A 105 -8.90 -4.17 -8.74
C HIS A 105 -8.09 -2.87 -8.59
N TYR A 106 -6.77 -2.98 -8.32
CA TYR A 106 -5.89 -1.81 -8.15
C TYR A 106 -5.52 -1.22 -9.52
N ASN A 107 -4.85 -2.03 -10.37
CA ASN A 107 -4.46 -1.65 -11.75
C ASN A 107 -3.79 -2.85 -12.47
N LYS A 108 -3.63 -2.72 -13.77
CA LYS A 108 -3.10 -3.79 -14.63
C LYS A 108 -1.71 -3.38 -15.18
N ALA A 109 -1.32 -2.11 -14.94
CA ALA A 109 -0.01 -1.57 -15.33
C ALA A 109 1.15 -2.21 -14.54
N ASN A 110 0.85 -2.70 -13.32
CA ASN A 110 1.85 -3.44 -12.52
C ASN A 110 2.18 -4.79 -13.18
N ASP A 111 3.45 -4.92 -13.61
CA ASP A 111 4.04 -6.16 -14.18
C ASP A 111 3.76 -7.37 -13.27
N PHE A 112 4.37 -7.37 -12.07
CA PHE A 112 4.04 -8.34 -11.02
C PHE A 112 2.70 -7.94 -10.40
N GLU A 113 1.89 -8.96 -10.04
CA GLU A 113 0.48 -8.77 -9.56
C GLU A 113 0.44 -7.86 -8.32
N VAL A 114 1.16 -8.30 -7.28
CA VAL A 114 1.28 -7.61 -5.99
C VAL A 114 2.60 -8.07 -5.31
N PRO A 115 3.36 -7.15 -4.64
CA PRO A 115 4.62 -7.47 -3.92
C PRO A 115 4.43 -8.55 -2.82
N GLU A 116 5.50 -9.32 -2.53
CA GLU A 116 5.52 -10.35 -1.46
C GLU A 116 5.10 -9.74 -0.11
N ARG A 117 5.61 -8.52 0.16
CA ARG A 117 5.21 -7.73 1.33
C ARG A 117 3.69 -7.53 1.37
N PHE A 118 3.09 -7.18 0.21
CA PHE A 118 1.64 -6.90 0.11
C PHE A 118 0.81 -8.18 0.44
N LEU A 119 1.32 -9.38 0.07
CA LEU A 119 0.66 -10.68 0.38
C LEU A 119 0.78 -11.07 1.86
N GLU A 120 2.01 -11.00 2.41
CA GLU A 120 2.28 -11.37 3.82
C GLU A 120 1.54 -10.41 4.75
N VAL A 121 1.61 -9.13 4.40
CA VAL A 121 0.86 -8.08 5.06
C VAL A 121 -0.65 -8.31 4.89
N ALA A 122 -1.11 -8.74 3.68
CA ALA A 122 -2.55 -9.04 3.44
C ALA A 122 -3.06 -10.09 4.43
N GLN A 123 -2.37 -11.24 4.51
CA GLN A 123 -2.80 -12.37 5.33
C GLN A 123 -2.76 -12.03 6.83
N ILE A 124 -1.68 -11.34 7.28
CA ILE A 124 -1.51 -11.02 8.71
C ILE A 124 -2.43 -9.85 9.13
N THR A 125 -2.55 -8.78 8.32
CA THR A 125 -3.44 -7.64 8.64
C THR A 125 -4.91 -8.11 8.66
N LEU A 126 -5.26 -9.02 7.74
CA LEU A 126 -6.58 -9.66 7.68
C LEU A 126 -6.82 -10.48 8.96
N ARG A 127 -5.78 -11.23 9.36
CA ARG A 127 -5.74 -11.99 10.63
C ARG A 127 -5.96 -11.07 11.85
N GLU A 128 -5.34 -9.87 11.85
CA GLU A 128 -5.42 -8.95 13.01
C GLU A 128 -6.81 -8.28 13.08
N PHE A 129 -7.26 -7.73 11.92
CA PHE A 129 -8.62 -7.16 11.75
C PHE A 129 -9.67 -8.17 12.27
N PHE A 130 -9.66 -9.37 11.64
CA PHE A 130 -10.56 -10.49 11.96
C PHE A 130 -10.55 -10.83 13.46
N ASN A 131 -9.33 -11.14 13.98
CA ASN A 131 -9.11 -11.61 15.38
C ASN A 131 -9.62 -10.58 16.40
N ALA A 132 -9.41 -9.30 16.09
CA ALA A 132 -9.78 -8.18 16.97
C ALA A 132 -11.29 -7.96 16.99
N ILE A 133 -11.92 -8.03 15.79
CA ILE A 133 -13.38 -7.83 15.63
C ILE A 133 -14.15 -8.97 16.33
N ILE A 134 -13.72 -10.23 16.09
CA ILE A 134 -14.31 -11.42 16.76
C ILE A 134 -13.99 -11.41 18.27
N ALA A 135 -12.81 -10.84 18.66
CA ALA A 135 -12.46 -10.64 20.09
C ALA A 135 -13.47 -9.68 20.76
N GLY A 136 -13.94 -8.69 19.99
CA GLY A 136 -15.05 -7.83 20.46
C GLY A 136 -15.13 -6.47 19.76
N LYS A 137 -14.12 -6.18 18.88
CA LYS A 137 -14.00 -4.92 18.11
C LYS A 137 -13.48 -3.76 18.99
N ASP A 138 -13.49 -3.98 20.32
CA ASP A 138 -13.07 -2.98 21.29
C ASP A 138 -11.53 -2.93 21.34
N VAL A 139 -11.02 -2.11 20.42
CA VAL A 139 -9.57 -1.79 20.27
C VAL A 139 -9.40 -0.25 20.35
N ASP A 140 -10.57 0.47 20.43
CA ASP A 140 -10.67 1.96 20.47
C ASP A 140 -10.35 2.57 19.06
N PRO A 141 -10.48 3.94 18.83
CA PRO A 141 -9.94 4.61 17.59
C PRO A 141 -8.42 4.34 17.34
N SER A 142 -7.77 3.66 18.30
CA SER A 142 -6.43 3.08 18.15
C SER A 142 -6.34 2.05 17.01
N TRP A 143 -7.50 1.59 16.43
CA TRP A 143 -7.56 0.58 15.33
C TRP A 143 -6.54 0.88 14.25
N LYS A 144 -6.64 2.09 13.67
CA LYS A 144 -5.78 2.54 12.57
C LYS A 144 -4.29 2.40 12.95
N LYS A 145 -3.94 2.92 14.14
CA LYS A 145 -2.55 2.97 14.65
C LYS A 145 -2.00 1.55 14.92
N ALA A 146 -2.88 0.67 15.43
CA ALA A 146 -2.54 -0.70 15.81
C ALA A 146 -2.27 -1.55 14.57
N ILE A 147 -3.14 -1.38 13.54
CA ILE A 147 -3.00 -2.09 12.26
C ILE A 147 -1.71 -1.59 11.55
N TYR A 148 -1.49 -0.26 11.57
CA TYR A 148 -0.26 0.36 11.00
C TYR A 148 0.99 -0.21 11.67
N LYS A 149 0.91 -0.47 12.99
CA LYS A 149 1.97 -1.16 13.74
C LYS A 149 2.21 -2.57 13.17
N VAL A 150 1.14 -3.42 13.16
CA VAL A 150 1.26 -4.87 12.81
C VAL A 150 1.87 -5.03 11.40
N ILE A 151 1.51 -4.11 10.48
CA ILE A 151 1.94 -4.18 9.07
C ILE A 151 3.28 -3.47 8.82
N CYS A 152 3.63 -2.44 9.64
CA CYS A 152 4.93 -1.74 9.52
C CYS A 152 6.06 -2.62 10.09
N LYS A 153 5.69 -3.56 10.99
CA LYS A 153 6.62 -4.55 11.54
C LYS A 153 7.02 -5.58 10.46
N LEU A 154 6.05 -5.93 9.59
CA LEU A 154 6.26 -6.89 8.48
C LEU A 154 7.03 -6.22 7.34
N ASP A 155 6.75 -4.91 7.18
CA ASP A 155 7.32 -4.06 6.13
C ASP A 155 8.88 -4.00 6.15
N SER A 156 9.46 -3.61 5.00
CA SER A 156 10.90 -3.41 4.82
C SER A 156 11.10 -2.21 3.86
N GLU A 157 12.31 -2.02 3.33
CA GLU A 157 12.60 -0.94 2.36
C GLU A 157 12.22 -1.39 0.93
N VAL A 158 12.15 -0.42 0.01
CA VAL A 158 11.62 -0.65 -1.35
C VAL A 158 12.76 -0.84 -2.39
N PRO A 159 12.50 -1.57 -3.52
CA PRO A 159 13.37 -1.50 -4.72
C PRO A 159 13.35 -0.08 -5.30
N GLU A 160 14.53 0.54 -5.41
CA GLU A 160 14.67 1.92 -5.87
C GLU A 160 14.51 1.98 -7.40
N ILE A 161 14.66 0.82 -8.08
CA ILE A 161 14.41 0.68 -9.52
C ILE A 161 13.66 -0.64 -9.81
N PHE A 162 12.52 -0.53 -10.48
CA PHE A 162 11.65 -1.68 -10.84
C PHE A 162 11.99 -2.23 -12.22
N LYS A 163 12.78 -1.46 -13.01
CA LYS A 163 13.23 -1.88 -14.35
C LYS A 163 14.16 -3.10 -14.22
N SER A 164 15.12 -3.01 -13.28
CA SER A 164 16.02 -4.11 -12.89
C SER A 164 16.72 -3.68 -11.57
N PRO A 165 16.28 -4.20 -10.37
CA PRO A 165 16.84 -3.82 -9.03
C PRO A 165 18.36 -4.09 -8.86
N ASN A 166 19.16 -3.19 -9.44
CA ASN A 166 20.64 -3.12 -9.32
C ASN A 166 21.15 -1.98 -10.21
N CYS A 167 20.59 -1.90 -11.43
CA CYS A 167 21.02 -1.02 -12.53
C CYS A 167 21.18 0.45 -12.13
N LEU A 168 20.26 0.93 -11.27
CA LEU A 168 20.18 2.37 -10.89
C LEU A 168 21.42 2.88 -10.11
N GLN A 169 22.31 1.93 -9.70
CA GLN A 169 23.61 2.23 -9.04
C GLN A 169 24.41 3.28 -9.85
N GLU A 170 24.28 3.19 -11.19
CA GLU A 170 24.95 4.08 -12.14
C GLU A 170 24.20 5.42 -12.34
N LEU A 171 22.96 5.55 -11.81
CA LEU A 171 22.28 6.87 -11.75
C LEU A 171 23.03 7.79 -10.78
N LEU A 172 23.50 7.21 -9.65
CA LEU A 172 24.34 7.94 -8.68
C LEU A 172 25.78 8.00 -9.21
N HIS A 173 26.00 8.82 -10.26
CA HIS A 173 27.27 8.85 -11.00
C HIS A 173 27.59 10.29 -11.40
N GLU A 174 28.28 10.98 -10.49
CA GLU A 174 28.79 12.35 -10.69
C GLU A 174 29.92 12.60 -9.66
N MET A 1 18.77 -12.65 -0.43
CA MET A 1 20.02 -12.50 0.36
C MET A 1 21.18 -12.15 -0.58
N GLY A 2 22.16 -11.39 -0.07
CA GLY A 2 23.30 -10.97 -0.86
C GLY A 2 24.15 -9.99 -0.09
N HIS A 3 25.21 -10.51 0.56
CA HIS A 3 26.17 -9.70 1.33
C HIS A 3 26.91 -8.72 0.40
N HIS A 4 26.37 -7.50 0.30
CA HIS A 4 26.97 -6.40 -0.47
C HIS A 4 26.49 -5.07 0.12
N HIS A 5 26.85 -3.96 -0.55
CA HIS A 5 26.36 -2.62 -0.18
C HIS A 5 24.89 -2.47 -0.61
N HIS A 6 23.97 -2.88 0.30
CA HIS A 6 22.51 -2.78 0.11
C HIS A 6 22.08 -1.31 0.07
N HIS A 7 22.78 -0.47 0.85
CA HIS A 7 22.50 0.97 0.94
C HIS A 7 22.76 1.66 -0.41
N HIS A 8 21.69 1.82 -1.19
CA HIS A 8 21.67 2.63 -2.40
C HIS A 8 20.82 3.88 -2.14
N SER A 9 20.87 4.83 -3.06
CA SER A 9 20.15 6.11 -2.96
C SER A 9 18.67 5.95 -3.37
N HIS A 10 18.37 4.88 -4.17
CA HIS A 10 17.02 4.55 -4.70
C HIS A 10 16.52 5.60 -5.70
N MET A 11 17.47 6.38 -6.26
CA MET A 11 17.17 7.50 -7.15
C MET A 11 17.02 7.06 -8.62
N ALA A 12 16.14 7.77 -9.31
CA ALA A 12 15.96 7.68 -10.77
C ALA A 12 15.97 9.11 -11.33
N MET A 13 15.38 9.31 -12.53
CA MET A 13 14.99 10.66 -13.01
C MET A 13 14.07 11.35 -11.99
N GLN A 14 13.36 10.51 -11.20
CA GLN A 14 12.77 10.84 -9.90
C GLN A 14 11.45 11.57 -10.03
N GLU A 15 11.51 12.76 -10.63
CA GLU A 15 10.33 13.57 -10.96
C GLU A 15 9.73 13.15 -12.31
N GLY A 16 8.74 13.92 -12.80
CA GLY A 16 8.02 13.59 -14.02
C GLY A 16 7.01 12.49 -13.75
N LEU A 17 5.72 12.85 -13.62
CA LEU A 17 4.68 11.92 -13.17
C LEU A 17 3.31 12.24 -13.80
N SER A 18 2.89 11.37 -14.74
CA SER A 18 1.53 11.33 -15.27
C SER A 18 1.21 9.95 -15.96
N PRO A 19 2.04 9.44 -16.95
CA PRO A 19 1.79 8.10 -17.55
C PRO A 19 2.34 6.90 -16.71
N ASN A 20 3.68 6.74 -16.65
CA ASN A 20 4.32 5.47 -16.19
C ASN A 20 4.93 5.60 -14.78
N HIS A 21 5.09 6.83 -14.27
CA HIS A 21 5.61 7.05 -12.90
C HIS A 21 4.51 6.74 -11.87
N LEU A 22 3.22 6.81 -12.29
CA LEU A 22 2.10 6.33 -11.46
C LEU A 22 2.11 4.79 -11.39
N LYS A 23 2.47 4.15 -12.51
CA LYS A 23 2.64 2.68 -12.57
C LYS A 23 3.71 2.25 -11.55
N LYS A 24 4.93 2.84 -11.70
CA LYS A 24 6.08 2.54 -10.82
C LYS A 24 5.80 2.90 -9.34
N ALA A 25 5.18 4.09 -9.13
CA ALA A 25 4.88 4.59 -7.77
C ALA A 25 3.91 3.64 -7.05
N LYS A 26 2.86 3.17 -7.77
CA LYS A 26 1.88 2.21 -7.22
C LYS A 26 2.54 0.84 -6.90
N LEU A 27 3.38 0.37 -7.85
CA LEU A 27 4.17 -0.87 -7.70
C LEU A 27 5.05 -0.80 -6.44
N MET A 28 5.50 0.43 -6.13
CA MET A 28 6.20 0.74 -4.88
C MET A 28 5.20 0.77 -3.70
N PHE A 29 4.00 1.39 -3.89
CA PHE A 29 3.00 1.60 -2.80
C PHE A 29 2.48 0.27 -2.22
N PHE A 30 2.52 -0.81 -3.03
CA PHE A 30 2.21 -2.20 -2.54
C PHE A 30 3.01 -2.56 -1.25
N TYR A 31 4.21 -1.95 -1.10
CA TYR A 31 5.06 -2.12 0.11
C TYR A 31 5.85 -0.81 0.34
N THR A 32 5.50 -0.03 1.38
CA THR A 32 6.04 1.33 1.61
C THR A 32 6.08 1.66 3.11
N ARG A 33 6.62 2.86 3.44
CA ARG A 33 6.74 3.32 4.84
C ARG A 33 5.39 3.74 5.42
N TYR A 34 5.06 3.18 6.61
CA TYR A 34 3.95 3.67 7.45
C TYR A 34 3.93 5.23 7.59
N PRO A 35 5.08 5.94 7.92
CA PRO A 35 5.14 7.41 7.82
C PRO A 35 5.24 7.86 6.35
N SER A 36 4.06 7.98 5.70
CA SER A 36 3.91 8.45 4.31
C SER A 36 4.71 9.75 4.00
N SER A 37 4.64 10.74 4.90
CA SER A 37 5.33 12.03 4.73
C SER A 37 6.85 11.83 4.55
N ASN A 38 7.41 10.92 5.39
CA ASN A 38 8.85 10.59 5.38
C ASN A 38 9.25 10.02 4.02
N MET A 39 8.63 8.88 3.63
CA MET A 39 8.93 8.20 2.35
C MET A 39 8.67 9.09 1.12
N LEU A 40 7.71 10.04 1.26
CA LEU A 40 7.39 11.04 0.22
C LEU A 40 8.65 11.90 -0.02
N LYS A 41 9.05 12.60 1.06
CA LYS A 41 10.20 13.54 1.04
C LYS A 41 11.55 12.83 0.83
N THR A 42 11.65 11.56 1.25
CA THR A 42 12.91 10.79 1.25
C THR A 42 13.16 10.11 -0.12
N TYR A 43 12.17 9.32 -0.58
CA TYR A 43 12.31 8.57 -1.84
C TYR A 43 12.17 9.52 -3.03
N PHE A 44 11.31 10.57 -2.90
CA PHE A 44 11.15 11.59 -3.94
C PHE A 44 11.89 12.90 -3.53
N SER A 45 13.11 12.76 -2.97
CA SER A 45 13.94 13.90 -2.51
C SER A 45 14.31 14.87 -3.67
N ASP A 46 14.57 14.32 -4.86
CA ASP A 46 14.95 15.13 -6.05
C ASP A 46 13.72 15.63 -6.84
N VAL A 47 12.52 15.20 -6.42
CA VAL A 47 11.25 15.75 -6.96
C VAL A 47 11.04 17.13 -6.33
N LYS A 48 11.25 18.19 -7.12
CA LYS A 48 10.93 19.58 -6.70
C LYS A 48 9.41 19.75 -6.77
N PHE A 49 8.75 19.34 -5.66
CA PHE A 49 7.29 19.26 -5.50
C PHE A 49 6.54 20.55 -5.92
N ASN A 50 6.01 20.53 -7.15
CA ASN A 50 5.15 21.61 -7.68
C ASN A 50 3.68 21.27 -7.34
N ARG A 51 2.85 22.31 -7.12
CA ARG A 51 1.47 22.21 -6.56
C ARG A 51 0.62 21.07 -7.19
N CYS A 52 0.53 21.06 -8.54
CA CYS A 52 -0.33 20.10 -9.26
C CYS A 52 0.18 18.66 -9.13
N ILE A 53 1.48 18.44 -9.41
CA ILE A 53 2.08 17.09 -9.37
C ILE A 53 2.10 16.53 -7.94
N THR A 54 2.21 17.44 -6.94
CA THR A 54 2.24 17.06 -5.52
C THR A 54 0.83 16.70 -5.02
N SER A 55 -0.19 17.45 -5.52
CA SER A 55 -1.60 17.16 -5.21
C SER A 55 -1.96 15.77 -5.76
N GLN A 56 -1.51 15.48 -7.00
CA GLN A 56 -1.69 14.18 -7.66
C GLN A 56 -0.90 13.07 -6.94
N LEU A 57 0.34 13.39 -6.51
CA LEU A 57 1.25 12.41 -5.87
C LEU A 57 0.67 11.95 -4.52
N ILE A 58 0.22 12.93 -3.71
CA ILE A 58 -0.44 12.70 -2.42
C ILE A 58 -1.80 12.01 -2.64
N LYS A 59 -2.49 12.34 -3.75
CA LYS A 59 -3.74 11.67 -4.15
C LYS A 59 -3.47 10.18 -4.47
N TRP A 60 -2.30 9.85 -5.05
CA TRP A 60 -1.90 8.45 -5.32
C TRP A 60 -1.63 7.70 -3.99
N PHE A 61 -0.83 8.35 -3.10
CA PHE A 61 -0.60 7.89 -1.70
C PHE A 61 -1.94 7.57 -1.02
N SER A 62 -2.84 8.56 -1.06
CA SER A 62 -4.08 8.56 -0.29
C SER A 62 -5.05 7.52 -0.87
N ASN A 63 -5.15 7.50 -2.22
CA ASN A 63 -6.08 6.63 -2.95
C ASN A 63 -5.70 5.16 -2.72
N PHE A 64 -4.41 4.83 -2.96
CA PHE A 64 -3.92 3.45 -2.83
C PHE A 64 -4.05 2.95 -1.39
N ARG A 65 -3.49 3.73 -0.44
CA ARG A 65 -3.41 3.32 0.98
C ARG A 65 -4.81 3.17 1.60
N GLU A 66 -5.72 4.12 1.31
CA GLU A 66 -7.11 4.07 1.81
C GLU A 66 -7.95 3.03 1.04
N PHE A 67 -7.61 2.75 -0.24
CA PHE A 67 -8.31 1.70 -1.03
C PHE A 67 -8.01 0.31 -0.42
N TYR A 68 -6.70 0.06 -0.21
CA TYR A 68 -6.18 -1.17 0.44
C TYR A 68 -6.76 -1.33 1.85
N TYR A 69 -6.82 -0.19 2.58
CA TYR A 69 -7.43 -0.13 3.92
C TYR A 69 -8.91 -0.59 3.85
N ILE A 70 -9.68 0.00 2.90
CA ILE A 70 -11.10 -0.35 2.66
C ILE A 70 -11.24 -1.84 2.26
N GLN A 71 -10.28 -2.37 1.45
CA GLN A 71 -10.34 -3.77 0.98
C GLN A 71 -10.25 -4.73 2.18
N MET A 72 -9.15 -4.59 2.96
CA MET A 72 -8.87 -5.50 4.09
C MET A 72 -9.98 -5.37 5.17
N GLU A 73 -10.35 -4.11 5.47
CA GLU A 73 -11.44 -3.76 6.41
C GLU A 73 -12.75 -4.44 6.00
N LYS A 74 -13.12 -4.32 4.70
CA LYS A 74 -14.41 -4.78 4.16
C LYS A 74 -14.48 -6.31 4.15
N TYR A 75 -13.35 -6.97 3.84
CA TYR A 75 -13.28 -8.43 3.81
C TYR A 75 -13.42 -9.02 5.23
N ALA A 76 -12.70 -8.41 6.20
CA ALA A 76 -12.79 -8.79 7.63
C ALA A 76 -14.21 -8.48 8.20
N ARG A 77 -14.76 -7.35 7.74
CA ARG A 77 -16.10 -6.86 8.14
C ARG A 77 -17.17 -7.84 7.68
N GLN A 78 -17.03 -8.32 6.43
CA GLN A 78 -17.95 -9.30 5.83
C GLN A 78 -17.73 -10.68 6.46
N ALA A 79 -16.49 -10.97 6.88
CA ALA A 79 -16.17 -12.22 7.58
C ALA A 79 -16.97 -12.34 8.88
N ILE A 80 -16.89 -11.30 9.74
CA ILE A 80 -17.63 -11.28 11.02
C ILE A 80 -19.16 -11.17 10.77
N ASN A 81 -19.59 -10.27 9.88
CA ASN A 81 -21.03 -9.98 9.62
C ASN A 81 -21.77 -11.21 9.05
N ASP A 82 -21.15 -11.84 8.04
CA ASP A 82 -21.74 -13.00 7.33
C ASP A 82 -21.47 -14.30 8.11
N GLY A 83 -20.35 -14.33 8.86
CA GLY A 83 -20.00 -15.51 9.68
C GLY A 83 -18.88 -16.35 9.10
N VAL A 84 -18.21 -15.84 8.04
CA VAL A 84 -17.02 -16.50 7.48
C VAL A 84 -15.90 -16.53 8.54
N THR A 85 -15.41 -17.73 8.84
CA THR A 85 -14.43 -17.98 9.93
C THR A 85 -13.01 -18.18 9.37
N SER A 86 -12.90 -18.23 8.03
CA SER A 86 -11.63 -18.46 7.33
C SER A 86 -11.24 -17.19 6.54
N THR A 87 -10.18 -16.51 7.00
CA THR A 87 -9.60 -15.36 6.28
C THR A 87 -8.93 -15.81 4.97
N GLU A 88 -8.52 -17.10 4.92
CA GLU A 88 -7.83 -17.71 3.76
C GLU A 88 -8.75 -17.80 2.51
N GLU A 89 -10.02 -17.39 2.67
CA GLU A 89 -11.04 -17.44 1.63
C GLU A 89 -11.23 -16.01 1.05
N LEU A 90 -10.81 -14.99 1.84
CA LEU A 90 -11.10 -13.57 1.54
C LEU A 90 -9.95 -12.94 0.72
N SER A 91 -8.74 -12.91 1.33
CA SER A 91 -7.65 -12.02 0.87
C SER A 91 -6.30 -12.33 1.59
N ILE A 92 -6.16 -13.58 2.04
CA ILE A 92 -4.88 -14.10 2.57
C ILE A 92 -4.10 -14.74 1.39
N THR A 93 -2.80 -14.99 1.59
CA THR A 93 -1.93 -15.74 0.66
C THR A 93 -2.67 -16.94 0.00
N ARG A 94 -3.21 -16.69 -1.19
CA ARG A 94 -4.11 -17.62 -1.91
C ARG A 94 -3.70 -17.76 -3.40
N ASP A 95 -2.84 -16.82 -3.86
CA ASP A 95 -2.39 -16.70 -5.25
C ASP A 95 -3.55 -16.37 -6.20
N CYS A 96 -4.29 -17.39 -6.68
CA CYS A 96 -5.26 -17.21 -7.79
C CYS A 96 -6.37 -16.19 -7.43
N GLU A 97 -7.13 -16.46 -6.33
CA GLU A 97 -8.25 -15.58 -5.89
C GLU A 97 -7.77 -14.15 -5.57
N LEU A 98 -6.70 -14.07 -4.74
CA LEU A 98 -6.19 -12.80 -4.21
C LEU A 98 -5.60 -11.91 -5.32
N TYR A 99 -4.78 -12.51 -6.19
CA TYR A 99 -4.15 -11.78 -7.32
C TYR A 99 -5.23 -11.33 -8.30
N ARG A 100 -6.22 -12.22 -8.58
CA ARG A 100 -7.37 -11.90 -9.46
C ARG A 100 -8.10 -10.63 -8.96
N ALA A 101 -8.41 -10.62 -7.64
CA ALA A 101 -9.17 -9.53 -7.01
C ALA A 101 -8.39 -8.21 -7.08
N LEU A 102 -7.16 -8.22 -6.49
CA LEU A 102 -6.30 -7.02 -6.42
C LEU A 102 -5.89 -6.51 -7.82
N ASN A 103 -5.79 -7.43 -8.81
CA ASN A 103 -5.51 -7.05 -10.20
C ASN A 103 -6.68 -6.24 -10.77
N MET A 104 -7.88 -6.84 -10.75
CA MET A 104 -9.09 -6.22 -11.34
C MET A 104 -9.53 -4.95 -10.59
N HIS A 105 -9.18 -4.85 -9.29
CA HIS A 105 -9.58 -3.70 -8.44
C HIS A 105 -8.56 -2.54 -8.55
N TYR A 106 -7.25 -2.86 -8.44
CA TYR A 106 -6.18 -1.84 -8.48
C TYR A 106 -5.67 -1.63 -9.91
N ASN A 107 -5.13 -2.72 -10.49
CA ASN A 107 -4.27 -2.72 -11.71
C ASN A 107 -3.58 -4.10 -11.78
N LYS A 108 -2.96 -4.43 -12.93
CA LYS A 108 -2.51 -5.82 -13.21
C LYS A 108 -1.24 -6.15 -12.40
N ALA A 109 -0.56 -5.09 -11.90
CA ALA A 109 0.73 -5.20 -11.18
C ALA A 109 1.82 -5.84 -12.06
N ASN A 110 1.63 -5.69 -13.39
CA ASN A 110 2.44 -6.36 -14.43
C ASN A 110 3.88 -5.84 -14.47
N ASP A 111 4.72 -6.45 -13.60
CA ASP A 111 6.11 -6.04 -13.33
C ASP A 111 6.58 -6.79 -12.07
N PHE A 112 5.74 -6.73 -11.02
CA PHE A 112 5.94 -7.49 -9.77
C PHE A 112 4.85 -8.56 -9.65
N GLU A 113 5.29 -9.81 -9.44
CA GLU A 113 4.40 -10.95 -9.17
C GLU A 113 3.94 -10.97 -7.68
N VAL A 114 4.17 -9.83 -6.97
CA VAL A 114 4.08 -9.67 -5.51
C VAL A 114 4.66 -10.90 -4.75
N PRO A 115 5.96 -10.81 -4.27
CA PRO A 115 6.63 -11.93 -3.56
C PRO A 115 6.01 -12.18 -2.17
N GLU A 116 6.53 -13.22 -1.49
CA GLU A 116 6.04 -13.72 -0.19
C GLU A 116 5.84 -12.59 0.84
N ARG A 117 6.76 -11.61 0.79
CA ARG A 117 6.77 -10.41 1.66
C ARG A 117 5.45 -9.60 1.61
N PHE A 118 4.92 -9.36 0.39
CA PHE A 118 3.63 -8.64 0.21
C PHE A 118 2.49 -9.48 0.78
N LEU A 119 2.51 -10.79 0.49
CA LEU A 119 1.50 -11.73 0.99
C LEU A 119 1.61 -11.90 2.50
N GLU A 120 2.80 -11.63 3.06
CA GLU A 120 3.07 -11.67 4.50
C GLU A 120 2.36 -10.48 5.17
N VAL A 121 2.55 -9.27 4.58
CA VAL A 121 1.85 -8.05 5.01
C VAL A 121 0.32 -8.23 4.90
N ALA A 122 -0.16 -8.71 3.74
CA ALA A 122 -1.59 -8.97 3.48
C ALA A 122 -2.17 -10.00 4.47
N GLN A 123 -1.37 -11.06 4.77
CA GLN A 123 -1.81 -12.17 5.61
C GLN A 123 -2.03 -11.69 7.05
N ILE A 124 -0.96 -11.09 7.62
CA ILE A 124 -0.98 -10.59 8.99
C ILE A 124 -2.01 -9.47 9.14
N THR A 125 -2.08 -8.55 8.15
CA THR A 125 -2.97 -7.38 8.22
C THR A 125 -4.44 -7.83 8.24
N LEU A 126 -4.87 -8.70 7.27
CA LEU A 126 -6.27 -9.13 7.17
C LEU A 126 -6.68 -9.98 8.38
N ARG A 127 -5.80 -10.92 8.79
CA ARG A 127 -6.08 -11.76 9.97
C ARG A 127 -6.14 -10.91 11.26
N GLU A 128 -5.38 -9.80 11.30
CA GLU A 128 -5.43 -8.86 12.43
C GLU A 128 -6.67 -7.96 12.36
N PHE A 129 -7.12 -7.62 11.13
CA PHE A 129 -8.40 -6.93 10.91
C PHE A 129 -9.55 -7.80 11.46
N PHE A 130 -9.54 -9.10 11.07
CA PHE A 130 -10.50 -10.10 11.56
C PHE A 130 -10.48 -10.14 13.09
N ASN A 131 -9.25 -10.31 13.63
CA ASN A 131 -8.97 -10.40 15.08
C ASN A 131 -9.47 -9.14 15.83
N ALA A 132 -9.32 -7.98 15.17
CA ALA A 132 -9.68 -6.67 15.72
C ALA A 132 -11.20 -6.52 15.83
N ILE A 133 -11.91 -6.75 14.72
CA ILE A 133 -13.37 -6.59 14.66
C ILE A 133 -14.04 -7.60 15.64
N ILE A 134 -13.58 -8.87 15.60
CA ILE A 134 -14.15 -9.96 16.44
C ILE A 134 -13.86 -9.69 17.94
N ALA A 135 -12.68 -9.10 18.26
CA ALA A 135 -12.36 -8.64 19.64
C ALA A 135 -13.23 -7.43 20.04
N GLY A 136 -13.63 -6.63 19.05
CA GLY A 136 -14.47 -5.43 19.28
C GLY A 136 -13.63 -4.18 19.42
N LYS A 137 -12.47 -4.21 18.79
CA LYS A 137 -11.50 -3.11 18.78
C LYS A 137 -11.73 -2.19 17.57
N ASP A 138 -12.60 -2.63 16.64
CA ASP A 138 -12.95 -1.91 15.39
C ASP A 138 -13.57 -0.51 15.63
N VAL A 139 -13.94 -0.27 16.88
CA VAL A 139 -14.52 1.00 17.38
C VAL A 139 -13.79 2.26 16.84
N ASP A 140 -12.42 2.23 16.87
CA ASP A 140 -11.53 3.31 16.34
C ASP A 140 -10.08 3.20 16.88
N PRO A 141 -9.83 3.40 18.21
CA PRO A 141 -8.48 3.78 18.71
C PRO A 141 -7.46 2.63 18.75
N SER A 142 -7.97 1.40 18.77
CA SER A 142 -7.17 0.22 19.04
C SER A 142 -6.71 -0.41 17.73
N TRP A 143 -7.70 -0.65 16.86
CA TRP A 143 -7.57 -1.63 15.77
C TRP A 143 -6.71 -1.12 14.63
N LYS A 144 -6.95 0.11 14.17
CA LYS A 144 -6.30 0.65 12.97
C LYS A 144 -4.80 0.79 13.23
N LYS A 145 -4.46 1.35 14.42
CA LYS A 145 -3.07 1.50 14.87
C LYS A 145 -2.42 0.14 15.20
N ALA A 146 -3.23 -0.83 15.68
CA ALA A 146 -2.77 -2.22 15.90
C ALA A 146 -2.25 -2.82 14.59
N ILE A 147 -3.10 -2.79 13.56
CA ILE A 147 -2.77 -3.25 12.20
C ILE A 147 -1.54 -2.50 11.65
N TYR A 148 -1.53 -1.16 11.81
CA TYR A 148 -0.40 -0.31 11.39
C TYR A 148 0.93 -0.80 11.99
N LYS A 149 0.87 -1.20 13.28
CA LYS A 149 2.03 -1.76 13.99
C LYS A 149 2.42 -3.15 13.45
N VAL A 150 1.42 -4.04 13.21
CA VAL A 150 1.69 -5.44 12.80
C VAL A 150 2.38 -5.49 11.42
N ILE A 151 2.01 -4.55 10.54
CA ILE A 151 2.61 -4.43 9.20
C ILE A 151 3.89 -3.57 9.25
N CYS A 152 4.00 -2.64 10.23
CA CYS A 152 5.23 -1.85 10.41
C CYS A 152 6.33 -2.68 11.12
N LYS A 153 5.96 -3.85 11.70
CA LYS A 153 6.95 -4.86 12.14
C LYS A 153 7.77 -5.33 10.92
N LEU A 154 7.05 -5.52 9.81
CA LEU A 154 7.61 -6.05 8.56
C LEU A 154 8.30 -4.93 7.76
N ASP A 155 7.71 -3.71 7.86
CA ASP A 155 8.16 -2.48 7.17
C ASP A 155 9.69 -2.33 7.03
N SER A 156 10.12 -2.03 5.80
CA SER A 156 11.52 -1.80 5.43
C SER A 156 11.55 -0.75 4.31
N GLU A 157 12.72 -0.55 3.68
CA GLU A 157 12.84 0.38 2.55
C GLU A 157 12.55 -0.37 1.23
N VAL A 158 11.98 0.38 0.28
CA VAL A 158 11.48 -0.14 -1.01
C VAL A 158 12.64 -0.65 -1.91
N PRO A 159 12.37 -1.45 -3.02
CA PRO A 159 13.44 -1.94 -3.96
C PRO A 159 14.37 -0.81 -4.46
N GLU A 160 15.64 -1.18 -4.73
CA GLU A 160 16.71 -0.25 -5.16
C GLU A 160 16.29 0.55 -6.41
N ILE A 161 15.77 -0.19 -7.40
CA ILE A 161 15.21 0.37 -8.63
C ILE A 161 14.40 -0.72 -9.37
N PHE A 162 13.31 -0.29 -10.03
CA PHE A 162 12.33 -1.19 -10.68
C PHE A 162 12.90 -1.85 -11.96
N LYS A 163 13.96 -1.25 -12.52
CA LYS A 163 14.56 -1.70 -13.79
C LYS A 163 15.34 -3.02 -13.61
N SER A 164 16.18 -3.05 -12.57
CA SER A 164 17.06 -4.17 -12.25
C SER A 164 17.83 -3.82 -10.96
N PRO A 165 17.91 -4.73 -9.95
CA PRO A 165 18.62 -4.48 -8.66
C PRO A 165 20.03 -3.86 -8.85
N ASN A 166 20.31 -2.76 -8.10
CA ASN A 166 21.63 -2.06 -8.09
C ASN A 166 21.96 -1.32 -9.42
N CYS A 167 21.09 -1.40 -10.45
CA CYS A 167 21.36 -0.78 -11.78
C CYS A 167 21.43 0.76 -11.68
N LEU A 168 20.63 1.33 -10.74
CA LEU A 168 20.59 2.78 -10.49
C LEU A 168 21.95 3.34 -9.97
N GLN A 169 22.89 2.44 -9.56
CA GLN A 169 24.24 2.81 -9.09
C GLN A 169 25.00 3.62 -10.17
N GLU A 170 24.67 3.34 -11.45
CA GLU A 170 25.19 4.06 -12.62
C GLU A 170 24.80 5.56 -12.56
N LEU A 171 23.59 5.86 -12.04
CA LEU A 171 23.02 7.22 -12.04
C LEU A 171 23.82 8.14 -11.10
N LEU A 172 24.35 7.56 -10.00
CA LEU A 172 25.18 8.33 -9.05
C LEU A 172 26.61 8.40 -9.57
N HIS A 173 26.92 9.45 -10.34
CA HIS A 173 28.27 9.66 -10.87
C HIS A 173 29.13 10.35 -9.79
N GLU A 174 29.63 9.53 -8.84
CA GLU A 174 30.44 9.99 -7.70
C GLU A 174 31.79 9.22 -7.71
N MET A 1 -17.37 11.73 15.18
CA MET A 1 -16.92 12.80 14.26
C MET A 1 -15.88 12.23 13.29
N GLY A 2 -16.36 11.86 12.09
CA GLY A 2 -15.52 11.26 11.07
C GLY A 2 -16.36 10.74 9.93
N HIS A 3 -16.77 11.65 9.02
CA HIS A 3 -17.47 11.30 7.77
C HIS A 3 -16.47 11.31 6.61
N HIS A 4 -15.40 10.52 6.78
CA HIS A 4 -14.29 10.48 5.83
C HIS A 4 -14.66 9.60 4.61
N HIS A 5 -15.12 10.28 3.55
CA HIS A 5 -15.37 9.67 2.23
C HIS A 5 -15.11 10.74 1.15
N HIS A 6 -13.81 11.01 0.90
CA HIS A 6 -13.36 12.12 0.04
C HIS A 6 -13.51 11.77 -1.46
N HIS A 7 -14.25 12.63 -2.18
CA HIS A 7 -14.44 12.53 -3.65
C HIS A 7 -15.24 13.76 -4.16
N HIS A 8 -15.06 14.90 -3.46
CA HIS A 8 -15.65 16.21 -3.85
C HIS A 8 -14.58 17.02 -4.61
N SER A 9 -13.81 16.32 -5.46
CA SER A 9 -12.73 16.89 -6.27
C SER A 9 -13.04 16.68 -7.76
N HIS A 10 -12.11 17.08 -8.62
CA HIS A 10 -12.17 16.82 -10.07
C HIS A 10 -10.86 16.12 -10.49
N MET A 11 -10.78 15.70 -11.76
CA MET A 11 -9.51 15.24 -12.36
C MET A 11 -8.68 16.46 -12.78
N ALA A 12 -7.36 16.34 -12.70
CA ALA A 12 -6.40 17.34 -13.18
C ALA A 12 -5.46 16.67 -14.17
N MET A 13 -5.29 17.31 -15.34
CA MET A 13 -4.41 16.82 -16.42
C MET A 13 -3.01 16.56 -15.87
N GLN A 14 -2.70 15.27 -15.62
CA GLN A 14 -1.40 14.85 -15.10
C GLN A 14 -0.32 15.10 -16.16
N GLU A 15 0.44 16.18 -15.94
CA GLU A 15 1.57 16.56 -16.78
C GLU A 15 2.70 17.08 -15.87
N GLY A 16 3.66 16.18 -15.56
CA GLY A 16 4.82 16.51 -14.76
C GLY A 16 5.52 15.27 -14.25
N LEU A 17 4.78 14.48 -13.46
CA LEU A 17 5.29 13.27 -12.81
C LEU A 17 5.40 12.08 -13.79
N SER A 18 4.52 12.08 -14.81
CA SER A 18 4.36 11.01 -15.86
C SER A 18 3.38 9.90 -15.37
N PRO A 19 2.58 9.26 -16.30
CA PRO A 19 1.59 8.19 -15.95
C PRO A 19 2.18 6.99 -15.18
N ASN A 20 3.44 6.63 -15.48
CA ASN A 20 4.13 5.49 -14.83
C ASN A 20 4.48 5.83 -13.36
N HIS A 21 4.50 7.14 -13.02
CA HIS A 21 4.74 7.60 -11.64
C HIS A 21 3.58 7.17 -10.73
N LEU A 22 2.36 7.02 -11.29
CA LEU A 22 1.21 6.46 -10.55
C LEU A 22 1.47 4.98 -10.21
N LYS A 23 1.98 4.21 -11.18
CA LYS A 23 2.37 2.80 -10.97
C LYS A 23 3.39 2.68 -9.80
N LYS A 24 4.42 3.53 -9.92
CA LYS A 24 5.52 3.62 -8.95
C LYS A 24 5.07 4.25 -7.61
N ALA A 25 3.99 5.06 -7.64
CA ALA A 25 3.42 5.65 -6.41
C ALA A 25 2.72 4.56 -5.59
N LYS A 26 1.83 3.81 -6.26
CA LYS A 26 1.08 2.69 -5.64
C LYS A 26 2.06 1.67 -5.00
N LEU A 27 3.10 1.27 -5.79
CA LEU A 27 4.09 0.25 -5.34
C LEU A 27 5.04 0.80 -4.25
N MET A 28 5.72 1.94 -4.53
CA MET A 28 6.81 2.45 -3.63
C MET A 28 6.26 3.03 -2.33
N PHE A 29 5.03 3.56 -2.37
CA PHE A 29 4.32 3.94 -1.13
C PHE A 29 3.91 2.66 -0.42
N PHE A 30 2.99 1.89 -1.07
CA PHE A 30 2.38 0.67 -0.49
C PHE A 30 1.88 0.95 0.96
N TYR A 31 2.77 0.69 1.94
CA TYR A 31 2.69 1.19 3.31
C TYR A 31 3.97 0.75 4.03
N THR A 32 5.11 1.26 3.52
CA THR A 32 6.46 0.92 4.01
C THR A 32 6.78 1.65 5.34
N ARG A 33 7.93 1.31 5.96
CA ARG A 33 8.33 1.81 7.30
C ARG A 33 8.45 3.34 7.33
N TYR A 34 8.93 3.89 6.21
CA TYR A 34 9.02 5.34 6.00
C TYR A 34 7.59 5.91 5.82
N PRO A 35 7.07 6.74 6.79
CA PRO A 35 5.70 7.32 6.71
C PRO A 35 5.62 8.39 5.61
N SER A 36 4.38 8.72 5.20
CA SER A 36 4.07 9.47 3.96
C SER A 36 5.05 10.61 3.59
N SER A 37 5.29 11.59 4.49
CA SER A 37 6.15 12.76 4.18
C SER A 37 7.62 12.35 3.93
N ASN A 38 8.16 11.51 4.86
CA ASN A 38 9.54 10.97 4.77
C ASN A 38 9.71 10.16 3.47
N MET A 39 8.79 9.20 3.26
CA MET A 39 8.73 8.36 2.05
C MET A 39 8.65 9.23 0.77
N LEU A 40 7.85 10.29 0.83
CA LEU A 40 7.56 11.16 -0.32
C LEU A 40 8.86 11.83 -0.79
N LYS A 41 9.52 12.56 0.13
CA LYS A 41 10.71 13.34 -0.19
C LYS A 41 11.96 12.44 -0.42
N THR A 42 12.07 11.34 0.35
CA THR A 42 13.23 10.41 0.26
C THR A 42 13.20 9.64 -1.07
N TYR A 43 12.03 9.05 -1.39
CA TYR A 43 11.89 8.15 -2.55
C TYR A 43 11.75 8.94 -3.86
N PHE A 44 11.11 10.14 -3.79
CA PHE A 44 10.97 11.04 -4.97
C PHE A 44 11.92 12.25 -4.84
N SER A 45 13.18 11.94 -4.44
CA SER A 45 14.29 12.92 -4.27
C SER A 45 14.57 13.80 -5.50
N ASP A 46 14.18 13.35 -6.70
CA ASP A 46 14.48 14.07 -7.97
C ASP A 46 13.24 14.83 -8.49
N VAL A 47 12.17 14.85 -7.68
CA VAL A 47 10.93 15.60 -7.98
C VAL A 47 10.93 16.92 -7.17
N LYS A 48 10.77 18.05 -7.87
CA LYS A 48 10.77 19.42 -7.27
C LYS A 48 9.64 19.58 -6.22
N PHE A 49 8.48 19.00 -6.59
CA PHE A 49 7.24 18.98 -5.79
C PHE A 49 6.48 20.30 -6.03
N ASN A 50 5.84 20.39 -7.21
CA ASN A 50 4.97 21.51 -7.59
C ASN A 50 3.55 21.22 -7.10
N ARG A 51 2.86 22.27 -6.59
CA ARG A 51 1.58 22.14 -5.83
C ARG A 51 0.54 21.23 -6.51
N CYS A 52 0.33 21.41 -7.83
CA CYS A 52 -0.68 20.66 -8.58
C CYS A 52 -0.36 19.15 -8.64
N ILE A 53 0.82 18.82 -9.19
CA ILE A 53 1.23 17.41 -9.39
C ILE A 53 1.46 16.69 -8.04
N THR A 54 1.91 17.44 -7.01
CA THR A 54 2.15 16.90 -5.66
C THR A 54 0.82 16.68 -4.92
N SER A 55 -0.18 17.53 -5.18
CA SER A 55 -1.54 17.33 -4.66
C SER A 55 -2.14 16.05 -5.27
N GLN A 56 -1.92 15.85 -6.59
CA GLN A 56 -2.33 14.63 -7.29
C GLN A 56 -1.53 13.42 -6.82
N LEU A 57 -0.26 13.64 -6.43
CA LEU A 57 0.63 12.59 -5.89
C LEU A 57 0.08 12.11 -4.52
N ILE A 58 -0.38 13.08 -3.70
CA ILE A 58 -1.08 12.79 -2.42
C ILE A 58 -2.40 12.04 -2.71
N LYS A 59 -3.10 12.41 -3.81
CA LYS A 59 -4.32 11.70 -4.25
C LYS A 59 -4.01 10.22 -4.60
N TRP A 60 -2.86 9.96 -5.24
CA TRP A 60 -2.39 8.60 -5.59
C TRP A 60 -2.09 7.77 -4.32
N PHE A 61 -1.34 8.38 -3.38
CA PHE A 61 -1.01 7.79 -2.07
C PHE A 61 -2.29 7.47 -1.28
N SER A 62 -3.21 8.43 -1.31
CA SER A 62 -4.45 8.36 -0.54
C SER A 62 -5.37 7.32 -1.18
N ASN A 63 -5.31 7.21 -2.52
CA ASN A 63 -6.08 6.24 -3.31
C ASN A 63 -5.66 4.80 -2.98
N PHE A 64 -4.32 4.56 -2.96
CA PHE A 64 -3.78 3.21 -2.69
C PHE A 64 -4.11 2.80 -1.25
N ARG A 65 -3.83 3.69 -0.27
CA ARG A 65 -4.10 3.39 1.14
C ARG A 65 -5.62 3.36 1.41
N GLU A 66 -6.41 4.06 0.55
CA GLU A 66 -7.88 4.03 0.63
C GLU A 66 -8.38 2.64 0.36
N PHE A 67 -8.09 2.14 -0.86
CA PHE A 67 -8.49 0.80 -1.30
C PHE A 67 -7.89 -0.27 -0.38
N TYR A 68 -6.60 -0.13 -0.03
CA TYR A 68 -5.89 -1.06 0.88
C TYR A 68 -6.66 -1.22 2.21
N TYR A 69 -6.84 -0.09 2.92
CA TYR A 69 -7.51 -0.06 4.23
C TYR A 69 -8.93 -0.59 4.12
N ILE A 70 -9.75 0.05 3.26
CA ILE A 70 -11.19 -0.22 3.15
C ILE A 70 -11.49 -1.66 2.67
N GLN A 71 -10.60 -2.22 1.84
CA GLN A 71 -10.79 -3.56 1.22
C GLN A 71 -10.37 -4.68 2.18
N MET A 72 -9.18 -4.55 2.81
CA MET A 72 -8.72 -5.52 3.82
C MET A 72 -9.69 -5.52 5.03
N GLU A 73 -10.15 -4.28 5.40
CA GLU A 73 -11.25 -4.06 6.34
C GLU A 73 -12.47 -4.88 5.91
N LYS A 74 -12.99 -4.57 4.69
CA LYS A 74 -14.27 -5.10 4.18
C LYS A 74 -14.26 -6.63 4.12
N TYR A 75 -13.07 -7.20 3.84
CA TYR A 75 -12.84 -8.64 3.78
C TYR A 75 -12.93 -9.28 5.17
N ALA A 76 -12.15 -8.77 6.14
CA ALA A 76 -12.15 -9.32 7.53
C ALA A 76 -13.51 -9.08 8.23
N ARG A 77 -14.10 -7.94 7.90
CA ARG A 77 -15.43 -7.50 8.34
C ARG A 77 -16.48 -8.50 7.83
N GLN A 78 -16.38 -8.83 6.53
CA GLN A 78 -17.22 -9.85 5.88
C GLN A 78 -16.97 -11.24 6.49
N ALA A 79 -15.70 -11.50 6.85
CA ALA A 79 -15.28 -12.79 7.40
C ALA A 79 -16.03 -13.09 8.70
N ILE A 80 -15.90 -12.19 9.68
CA ILE A 80 -16.58 -12.33 10.98
C ILE A 80 -18.12 -12.28 10.80
N ASN A 81 -18.60 -11.32 9.98
CA ASN A 81 -20.06 -11.10 9.74
C ASN A 81 -20.74 -12.36 9.15
N ASP A 82 -20.02 -13.06 8.26
CA ASP A 82 -20.52 -14.26 7.55
C ASP A 82 -20.24 -15.53 8.37
N GLY A 83 -19.19 -15.48 9.21
CA GLY A 83 -18.80 -16.63 10.05
C GLY A 83 -17.60 -17.38 9.49
N VAL A 84 -16.92 -16.77 8.50
CA VAL A 84 -15.67 -17.28 7.92
C VAL A 84 -14.56 -17.35 8.99
N THR A 85 -13.93 -18.53 9.11
CA THR A 85 -13.05 -18.87 10.25
C THR A 85 -11.55 -18.66 9.93
N SER A 86 -11.20 -18.60 8.64
CA SER A 86 -9.81 -18.57 8.18
C SER A 86 -9.60 -17.49 7.10
N THR A 87 -8.46 -16.79 7.16
CA THR A 87 -8.12 -15.68 6.23
C THR A 87 -7.94 -16.17 4.77
N GLU A 88 -7.60 -17.46 4.63
CA GLU A 88 -7.30 -18.11 3.34
C GLU A 88 -8.58 -18.45 2.54
N GLU A 89 -9.74 -18.05 3.07
CA GLU A 89 -11.05 -18.29 2.44
C GLU A 89 -11.52 -17.03 1.67
N LEU A 90 -10.98 -15.85 2.08
CA LEU A 90 -11.36 -14.53 1.52
C LEU A 90 -10.18 -13.87 0.76
N SER A 91 -8.93 -14.08 1.23
CA SER A 91 -7.75 -13.33 0.75
C SER A 91 -6.46 -13.92 1.36
N ILE A 92 -5.59 -14.49 0.51
CA ILE A 92 -4.29 -15.05 0.92
C ILE A 92 -3.39 -15.21 -0.32
N THR A 93 -2.13 -15.68 -0.13
CA THR A 93 -1.28 -16.12 -1.24
C THR A 93 -2.03 -17.20 -2.08
N ARG A 94 -2.70 -16.73 -3.14
CA ARG A 94 -3.73 -17.53 -3.87
C ARG A 94 -3.44 -17.54 -5.38
N ASP A 95 -2.14 -17.46 -5.72
CA ASP A 95 -1.57 -17.67 -7.07
C ASP A 95 -2.08 -16.67 -8.13
N CYS A 96 -3.31 -16.87 -8.63
CA CYS A 96 -3.87 -16.05 -9.71
C CYS A 96 -5.08 -15.26 -9.23
N GLU A 97 -5.85 -15.86 -8.29
CA GLU A 97 -7.14 -15.31 -7.84
C GLU A 97 -6.98 -13.98 -7.09
N LEU A 98 -6.18 -13.97 -5.99
CA LEU A 98 -5.99 -12.75 -5.19
C LEU A 98 -5.15 -11.70 -5.97
N TYR A 99 -4.26 -12.19 -6.84
CA TYR A 99 -3.43 -11.32 -7.71
C TYR A 99 -4.35 -10.51 -8.63
N ARG A 100 -5.25 -11.23 -9.32
CA ARG A 100 -6.26 -10.65 -10.23
C ARG A 100 -7.19 -9.71 -9.46
N ALA A 101 -7.61 -10.13 -8.25
CA ALA A 101 -8.58 -9.40 -7.44
C ALA A 101 -7.98 -8.07 -6.98
N LEU A 102 -6.90 -8.14 -6.16
CA LEU A 102 -6.18 -6.96 -5.63
C LEU A 102 -5.84 -5.97 -6.75
N ASN A 103 -5.15 -6.47 -7.81
CA ASN A 103 -4.70 -5.62 -8.91
C ASN A 103 -5.85 -4.87 -9.57
N MET A 104 -6.89 -5.61 -10.01
CA MET A 104 -8.04 -5.01 -10.72
C MET A 104 -8.81 -4.02 -9.79
N HIS A 105 -8.80 -4.31 -8.47
CA HIS A 105 -9.53 -3.50 -7.46
C HIS A 105 -8.76 -2.23 -7.05
N TYR A 106 -7.43 -2.25 -7.13
CA TYR A 106 -6.61 -1.05 -6.85
C TYR A 106 -6.63 -0.11 -8.06
N ASN A 107 -6.19 -0.65 -9.24
CA ASN A 107 -6.10 0.09 -10.53
C ASN A 107 -5.35 -0.80 -11.55
N LYS A 108 -5.15 -0.29 -12.79
CA LYS A 108 -4.36 -1.00 -13.82
C LYS A 108 -2.92 -0.44 -13.88
N ALA A 109 -2.67 0.62 -13.09
CA ALA A 109 -1.31 1.15 -12.82
C ALA A 109 -0.46 0.06 -12.15
N ASN A 110 -1.04 -0.55 -11.11
CA ASN A 110 -0.45 -1.69 -10.41
C ASN A 110 -0.68 -2.99 -11.23
N ASP A 111 0.00 -3.03 -12.39
CA ASP A 111 -0.01 -4.17 -13.33
C ASP A 111 0.93 -5.29 -12.84
N PHE A 112 1.77 -4.91 -11.85
CA PHE A 112 2.83 -5.74 -11.29
C PHE A 112 2.30 -7.05 -10.70
N GLU A 113 3.19 -8.05 -10.63
CA GLU A 113 2.84 -9.43 -10.23
C GLU A 113 2.72 -9.59 -8.69
N VAL A 114 2.68 -8.44 -7.96
CA VAL A 114 2.63 -8.36 -6.47
C VAL A 114 3.67 -9.28 -5.79
N PRO A 115 4.86 -8.72 -5.36
CA PRO A 115 5.97 -9.52 -4.75
C PRO A 115 5.55 -10.23 -3.44
N GLU A 116 6.46 -11.09 -2.93
CA GLU A 116 6.24 -11.85 -1.67
C GLU A 116 5.89 -10.90 -0.51
N ARG A 117 6.55 -9.71 -0.46
CA ARG A 117 6.24 -8.64 0.52
C ARG A 117 4.75 -8.26 0.53
N PHE A 118 4.14 -8.21 -0.66
CA PHE A 118 2.74 -7.78 -0.84
C PHE A 118 1.79 -8.86 -0.23
N LEU A 119 2.04 -10.15 -0.54
CA LEU A 119 1.22 -11.29 0.00
C LEU A 119 1.54 -11.57 1.49
N GLU A 120 2.76 -11.22 1.92
CA GLU A 120 3.20 -11.34 3.34
C GLU A 120 2.43 -10.32 4.18
N VAL A 121 2.45 -9.09 3.71
CA VAL A 121 1.68 -8.01 4.31
C VAL A 121 0.17 -8.32 4.22
N ALA A 122 -0.28 -8.92 3.10
CA ALA A 122 -1.69 -9.33 2.92
C ALA A 122 -2.14 -10.32 4.03
N GLN A 123 -1.37 -11.41 4.20
CA GLN A 123 -1.70 -12.47 5.17
C GLN A 123 -1.67 -11.93 6.61
N ILE A 124 -0.62 -11.14 6.94
CA ILE A 124 -0.43 -10.62 8.30
C ILE A 124 -1.45 -9.50 8.60
N THR A 125 -1.67 -8.57 7.65
CA THR A 125 -2.59 -7.43 7.85
C THR A 125 -4.02 -7.93 7.99
N LEU A 126 -4.41 -8.92 7.16
CA LEU A 126 -5.75 -9.51 7.19
C LEU A 126 -5.93 -10.37 8.45
N ARG A 127 -4.85 -11.02 8.93
CA ARG A 127 -4.83 -11.69 10.25
C ARG A 127 -5.08 -10.68 11.39
N GLU A 128 -4.48 -9.49 11.27
CA GLU A 128 -4.64 -8.41 12.27
C GLU A 128 -6.06 -7.83 12.21
N PHE A 129 -6.54 -7.56 10.98
CA PHE A 129 -7.90 -7.09 10.70
C PHE A 129 -8.93 -8.12 11.20
N PHE A 130 -8.66 -9.40 10.94
CA PHE A 130 -9.53 -10.52 11.37
C PHE A 130 -9.67 -10.48 12.90
N ASN A 131 -8.49 -10.50 13.57
CA ASN A 131 -8.38 -10.46 15.03
C ASN A 131 -8.99 -9.17 15.62
N ALA A 132 -8.97 -8.08 14.82
CA ALA A 132 -9.51 -6.77 15.22
C ALA A 132 -11.05 -6.81 15.24
N ILE A 133 -11.66 -7.11 14.08
CA ILE A 133 -13.14 -7.13 13.92
C ILE A 133 -13.76 -8.15 14.91
N ILE A 134 -13.10 -9.33 15.08
CA ILE A 134 -13.58 -10.36 16.03
C ILE A 134 -13.36 -9.91 17.50
N ALA A 135 -12.25 -9.19 17.81
CA ALA A 135 -12.03 -8.61 19.16
C ALA A 135 -13.04 -7.46 19.44
N GLY A 136 -13.59 -6.87 18.36
CA GLY A 136 -14.59 -5.79 18.47
C GLY A 136 -13.96 -4.43 18.35
N LYS A 137 -12.87 -4.35 17.59
CA LYS A 137 -12.10 -3.12 17.36
C LYS A 137 -12.62 -2.37 16.13
N ASP A 138 -13.47 -3.01 15.32
CA ASP A 138 -14.06 -2.38 14.11
C ASP A 138 -15.10 -1.29 14.45
N VAL A 139 -15.38 -1.15 15.76
CA VAL A 139 -16.08 0.03 16.36
C VAL A 139 -15.34 1.37 15.99
N ASP A 140 -14.09 1.22 15.51
CA ASP A 140 -13.30 2.27 14.84
C ASP A 140 -12.65 3.27 15.83
N PRO A 141 -11.78 2.79 16.78
CA PRO A 141 -10.85 3.65 17.51
C PRO A 141 -9.39 3.53 16.96
N SER A 142 -8.47 2.90 17.73
CA SER A 142 -7.02 2.85 17.41
C SER A 142 -6.66 1.68 16.45
N TRP A 143 -7.63 0.77 16.21
CA TRP A 143 -7.43 -0.51 15.47
C TRP A 143 -6.67 -0.32 14.13
N LYS A 144 -7.03 0.75 13.40
CA LYS A 144 -6.48 1.04 12.08
C LYS A 144 -4.99 1.35 12.20
N LYS A 145 -4.64 2.13 13.25
CA LYS A 145 -3.27 2.53 13.57
C LYS A 145 -2.45 1.33 14.08
N ALA A 146 -3.15 0.35 14.72
CA ALA A 146 -2.54 -0.94 15.10
C ALA A 146 -2.05 -1.68 13.85
N ILE A 147 -2.97 -1.84 12.88
CA ILE A 147 -2.66 -2.45 11.56
C ILE A 147 -1.54 -1.67 10.84
N TYR A 148 -1.69 -0.32 10.80
CA TYR A 148 -0.72 0.59 10.14
C TYR A 148 0.69 0.35 10.69
N LYS A 149 0.77 0.27 12.02
CA LYS A 149 2.00 -0.03 12.75
C LYS A 149 2.59 -1.37 12.27
N VAL A 150 1.79 -2.45 12.36
CA VAL A 150 2.31 -3.83 12.12
C VAL A 150 2.85 -4.00 10.69
N ILE A 151 2.17 -3.45 9.64
CA ILE A 151 2.64 -3.65 8.24
C ILE A 151 3.75 -2.66 7.86
N CYS A 152 3.73 -1.47 8.52
CA CYS A 152 4.83 -0.51 8.44
C CYS A 152 6.09 -1.11 9.13
N LYS A 153 5.86 -2.01 10.11
CA LYS A 153 6.93 -2.70 10.85
C LYS A 153 7.52 -3.86 10.02
N LEU A 154 6.67 -4.52 9.19
CA LEU A 154 7.09 -5.65 8.33
C LEU A 154 8.12 -5.19 7.28
N ASP A 155 7.75 -4.14 6.54
CA ASP A 155 8.61 -3.55 5.50
C ASP A 155 9.62 -2.58 6.15
N SER A 156 10.61 -2.15 5.37
CA SER A 156 11.69 -1.26 5.85
C SER A 156 11.78 -0.06 4.90
N GLU A 157 12.53 -0.21 3.81
CA GLU A 157 12.48 0.69 2.66
C GLU A 157 12.51 -0.17 1.40
N VAL A 158 11.91 0.36 0.32
CA VAL A 158 11.71 -0.40 -0.91
C VAL A 158 13.07 -0.96 -1.46
N PRO A 159 13.28 -2.31 -1.41
CA PRO A 159 14.51 -2.97 -1.86
C PRO A 159 14.38 -3.40 -3.33
N GLU A 160 13.46 -2.74 -4.04
CA GLU A 160 12.92 -3.17 -5.31
C GLU A 160 12.85 -1.97 -6.27
N ILE A 161 13.39 -2.17 -7.47
CA ILE A 161 13.32 -1.20 -8.58
C ILE A 161 12.51 -1.82 -9.73
N PHE A 162 11.99 -0.97 -10.61
CA PHE A 162 11.13 -1.39 -11.71
C PHE A 162 11.94 -1.72 -12.96
N LYS A 163 13.11 -1.06 -13.13
CA LYS A 163 13.94 -1.23 -14.36
C LYS A 163 14.52 -2.66 -14.49
N SER A 164 15.11 -3.18 -13.40
CA SER A 164 15.74 -4.52 -13.38
C SER A 164 16.22 -4.86 -11.95
N PRO A 165 15.93 -6.09 -11.40
CA PRO A 165 16.27 -6.49 -9.99
C PRO A 165 17.68 -6.06 -9.50
N ASN A 166 18.70 -6.39 -10.30
CA ASN A 166 20.13 -6.15 -9.97
C ASN A 166 20.57 -4.67 -10.15
N CYS A 167 19.77 -3.90 -10.90
CA CYS A 167 20.15 -2.57 -11.41
C CYS A 167 20.26 -1.50 -10.30
N LEU A 168 19.45 -1.64 -9.23
CA LEU A 168 19.32 -0.57 -8.20
C LEU A 168 20.55 -0.49 -7.27
N GLN A 169 21.35 -1.57 -7.25
CA GLN A 169 22.61 -1.63 -6.49
C GLN A 169 23.61 -0.53 -6.96
N GLU A 170 23.42 -0.03 -8.20
CA GLU A 170 24.21 1.07 -8.77
C GLU A 170 23.74 2.44 -8.25
N LEU A 171 22.42 2.56 -7.90
CA LEU A 171 21.81 3.85 -7.46
C LEU A 171 22.42 4.26 -6.10
N LEU A 172 22.38 3.30 -5.16
CA LEU A 172 22.94 3.47 -3.81
C LEU A 172 24.45 3.12 -3.81
N HIS A 173 25.21 3.93 -4.56
CA HIS A 173 26.64 3.73 -4.79
C HIS A 173 27.20 4.91 -5.61
N GLU A 174 27.73 5.92 -4.91
CA GLU A 174 28.41 7.06 -5.53
C GLU A 174 29.94 6.99 -5.22
N MET A 1 26.34 -6.24 11.77
CA MET A 1 25.54 -5.04 12.10
C MET A 1 26.34 -3.76 11.77
N GLY A 2 25.61 -2.73 11.33
CA GLY A 2 26.18 -1.44 10.99
C GLY A 2 25.15 -0.60 10.27
N HIS A 3 24.42 0.24 11.03
CA HIS A 3 23.38 1.13 10.50
C HIS A 3 24.02 2.26 9.66
N HIS A 4 24.28 1.94 8.38
CA HIS A 4 24.79 2.91 7.39
C HIS A 4 23.61 3.46 6.58
N HIS A 5 22.43 3.49 7.21
CA HIS A 5 21.20 3.99 6.60
C HIS A 5 21.22 5.53 6.57
N HIS A 6 21.74 6.06 5.46
CA HIS A 6 21.72 7.50 5.15
C HIS A 6 20.36 7.84 4.55
N HIS A 7 19.97 9.14 4.67
CA HIS A 7 18.83 9.68 3.91
C HIS A 7 19.16 9.61 2.43
N HIS A 8 20.35 10.16 2.08
CA HIS A 8 20.98 10.02 0.73
C HIS A 8 20.05 10.58 -0.39
N SER A 9 19.15 11.47 0.05
CA SER A 9 18.05 11.99 -0.75
C SER A 9 18.53 13.19 -1.56
N HIS A 10 18.79 12.99 -2.85
CA HIS A 10 19.11 14.09 -3.77
C HIS A 10 17.82 14.88 -4.05
N MET A 11 17.66 15.98 -3.30
CA MET A 11 16.53 16.91 -3.45
C MET A 11 16.52 17.43 -4.90
N ALA A 12 15.53 16.99 -5.68
CA ALA A 12 15.50 17.16 -7.13
C ALA A 12 15.08 18.58 -7.52
N MET A 13 15.62 19.05 -8.63
CA MET A 13 15.14 20.24 -9.34
C MET A 13 14.12 19.80 -10.41
N GLN A 14 14.35 18.56 -10.90
CA GLN A 14 13.51 17.88 -11.89
C GLN A 14 12.21 17.36 -11.23
N GLU A 15 11.16 17.23 -12.06
CA GLU A 15 9.87 16.63 -11.67
C GLU A 15 9.64 15.41 -12.56
N GLY A 16 9.80 14.19 -11.99
CA GLY A 16 9.56 12.94 -12.74
C GLY A 16 8.07 12.72 -12.99
N LEU A 17 7.47 11.75 -12.26
CA LEU A 17 6.00 11.58 -12.10
C LEU A 17 5.33 10.87 -13.31
N SER A 18 5.75 11.18 -14.55
CA SER A 18 5.19 10.56 -15.78
C SER A 18 5.86 9.21 -16.14
N PRO A 19 7.25 9.04 -16.11
CA PRO A 19 7.91 7.78 -16.54
C PRO A 19 7.70 6.62 -15.53
N ASN A 20 6.54 5.91 -15.69
CA ASN A 20 6.19 4.67 -14.93
C ASN A 20 6.13 4.89 -13.41
N HIS A 21 6.09 6.16 -12.98
CA HIS A 21 6.31 6.57 -11.58
C HIS A 21 5.10 6.28 -10.70
N LEU A 22 3.92 6.13 -11.31
CA LEU A 22 2.70 5.72 -10.60
C LEU A 22 2.83 4.25 -10.14
N LYS A 23 3.34 3.39 -11.04
CA LYS A 23 3.63 1.98 -10.71
C LYS A 23 4.76 1.90 -9.66
N LYS A 24 5.84 2.68 -9.88
CA LYS A 24 6.98 2.76 -8.93
C LYS A 24 6.48 3.15 -7.52
N ALA A 25 5.60 4.17 -7.48
CA ALA A 25 5.06 4.74 -6.23
C ALA A 25 4.18 3.72 -5.47
N LYS A 26 3.24 3.06 -6.19
CA LYS A 26 2.26 2.14 -5.57
C LYS A 26 2.91 0.82 -5.11
N LEU A 27 3.93 0.35 -5.86
CA LEU A 27 4.63 -0.91 -5.52
C LEU A 27 5.69 -0.68 -4.44
N MET A 28 6.27 0.54 -4.41
CA MET A 28 7.16 0.96 -3.32
C MET A 28 6.38 1.08 -2.01
N PHE A 29 5.20 1.74 -2.11
CA PHE A 29 4.30 1.94 -0.98
C PHE A 29 3.61 0.62 -0.61
N PHE A 30 2.51 0.27 -1.33
CA PHE A 30 1.55 -0.80 -0.92
C PHE A 30 0.97 -0.43 0.46
N TYR A 31 1.79 -0.63 1.49
CA TYR A 31 1.68 0.04 2.80
C TYR A 31 3.00 -0.23 3.56
N THR A 32 4.08 0.47 3.13
CA THR A 32 5.45 0.31 3.66
C THR A 32 5.50 0.48 5.19
N ARG A 33 5.04 1.67 5.66
CA ARG A 33 5.07 2.04 7.09
C ARG A 33 3.74 2.71 7.49
N TYR A 34 3.65 4.03 7.27
CA TYR A 34 2.51 4.90 7.65
C TYR A 34 2.87 6.36 7.30
N PRO A 35 4.05 6.94 7.78
CA PRO A 35 4.44 8.33 7.44
C PRO A 35 4.90 8.41 5.97
N SER A 36 4.13 9.10 5.13
CA SER A 36 4.35 9.17 3.69
C SER A 36 5.63 9.99 3.40
N SER A 37 5.75 11.13 4.14
CA SER A 37 6.84 12.12 3.97
C SER A 37 8.25 11.49 3.99
N ASN A 38 8.41 10.46 4.85
CA ASN A 38 9.69 9.76 5.05
C ASN A 38 10.11 9.04 3.75
N MET A 39 9.30 8.05 3.35
CA MET A 39 9.54 7.24 2.13
C MET A 39 9.52 8.12 0.85
N LEU A 40 8.72 9.20 0.91
CA LEU A 40 8.54 10.15 -0.20
C LEU A 40 9.89 10.82 -0.50
N LYS A 41 10.38 11.54 0.52
CA LYS A 41 11.61 12.34 0.43
C LYS A 41 12.85 11.46 0.24
N THR A 42 12.90 10.32 0.95
CA THR A 42 14.09 9.46 1.00
C THR A 42 14.26 8.64 -0.30
N TYR A 43 13.15 8.04 -0.79
CA TYR A 43 13.21 7.14 -1.95
C TYR A 43 13.09 7.92 -3.27
N PHE A 44 12.07 8.79 -3.39
CA PHE A 44 11.80 9.52 -4.66
C PHE A 44 12.79 10.69 -4.82
N SER A 45 13.87 10.43 -5.58
CA SER A 45 14.94 11.41 -5.85
C SER A 45 14.64 12.17 -7.17
N ASP A 46 13.59 11.72 -7.89
CA ASP A 46 13.16 12.31 -9.19
C ASP A 46 12.16 13.46 -8.98
N VAL A 47 11.61 13.56 -7.75
CA VAL A 47 10.51 14.48 -7.43
C VAL A 47 11.06 15.78 -6.79
N LYS A 48 10.69 16.93 -7.38
CA LYS A 48 11.02 18.29 -6.89
C LYS A 48 10.36 18.55 -5.52
N PHE A 49 9.13 18.04 -5.40
CA PHE A 49 8.24 18.19 -4.23
C PHE A 49 7.55 19.56 -4.35
N ASN A 50 6.66 19.63 -5.34
CA ASN A 50 5.95 20.85 -5.77
C ASN A 50 4.44 20.61 -5.64
N ARG A 51 3.65 21.70 -5.52
CA ARG A 51 2.18 21.67 -5.35
C ARG A 51 1.49 20.67 -6.31
N CYS A 52 1.68 20.85 -7.62
CA CYS A 52 1.04 20.01 -8.66
C CYS A 52 1.42 18.52 -8.53
N ILE A 53 2.72 18.24 -8.72
CA ILE A 53 3.25 16.86 -8.84
C ILE A 53 3.05 16.06 -7.54
N THR A 54 3.23 16.73 -6.39
CA THR A 54 3.17 16.09 -5.08
C THR A 54 1.71 15.96 -4.63
N SER A 55 0.83 16.90 -5.06
CA SER A 55 -0.63 16.72 -4.84
C SER A 55 -1.08 15.43 -5.52
N GLN A 56 -0.71 15.26 -6.81
CA GLN A 56 -1.04 14.05 -7.59
C GLN A 56 -0.37 12.78 -7.01
N LEU A 57 0.88 12.91 -6.54
CA LEU A 57 1.63 11.79 -5.91
C LEU A 57 0.90 11.32 -4.61
N ILE A 58 0.39 12.30 -3.85
CA ILE A 58 -0.38 12.07 -2.63
C ILE A 58 -1.78 11.52 -2.98
N LYS A 59 -2.35 11.94 -4.15
CA LYS A 59 -3.64 11.39 -4.64
C LYS A 59 -3.50 9.90 -4.97
N TRP A 60 -2.33 9.52 -5.54
CA TRP A 60 -1.98 8.11 -5.76
C TRP A 60 -1.93 7.37 -4.40
N PHE A 61 -1.07 7.85 -3.49
CA PHE A 61 -0.87 7.23 -2.15
C PHE A 61 -2.17 7.18 -1.32
N SER A 62 -3.03 8.18 -1.51
CA SER A 62 -4.27 8.33 -0.73
C SER A 62 -5.32 7.39 -1.32
N ASN A 63 -5.37 7.30 -2.67
CA ASN A 63 -6.27 6.42 -3.41
C ASN A 63 -6.02 4.96 -3.02
N PHE A 64 -4.74 4.56 -3.10
CA PHE A 64 -4.33 3.17 -2.83
C PHE A 64 -4.47 2.82 -1.36
N ARG A 65 -3.93 3.65 -0.45
CA ARG A 65 -4.03 3.42 1.02
C ARG A 65 -5.51 3.29 1.45
N GLU A 66 -6.34 4.24 0.98
CA GLU A 66 -7.79 4.26 1.28
C GLU A 66 -8.47 3.03 0.67
N PHE A 67 -8.06 2.63 -0.54
CA PHE A 67 -8.72 1.52 -1.26
C PHE A 67 -8.32 0.17 -0.64
N TYR A 68 -7.05 0.01 -0.23
CA TYR A 68 -6.56 -1.15 0.58
C TYR A 68 -7.32 -1.21 1.91
N TYR A 69 -7.59 -0.03 2.49
CA TYR A 69 -8.43 0.08 3.70
C TYR A 69 -9.86 -0.40 3.38
N ILE A 70 -10.42 0.01 2.22
CA ILE A 70 -11.77 -0.38 1.76
C ILE A 70 -11.81 -1.88 1.40
N GLN A 71 -10.68 -2.42 0.92
CA GLN A 71 -10.55 -3.85 0.57
C GLN A 71 -10.65 -4.68 1.84
N MET A 72 -9.75 -4.40 2.79
CA MET A 72 -9.65 -5.15 4.05
C MET A 72 -10.83 -4.83 5.01
N GLU A 73 -11.46 -3.65 4.84
CA GLU A 73 -12.74 -3.31 5.49
C GLU A 73 -13.82 -4.29 5.00
N LYS A 74 -13.91 -4.42 3.66
CA LYS A 74 -14.82 -5.37 3.00
C LYS A 74 -14.58 -6.79 3.52
N TYR A 75 -13.32 -7.21 3.44
CA TYR A 75 -12.91 -8.59 3.69
C TYR A 75 -13.20 -9.00 5.15
N ALA A 76 -12.64 -8.23 6.10
CA ALA A 76 -12.76 -8.54 7.55
C ALA A 76 -14.22 -8.38 8.04
N ARG A 77 -14.87 -7.23 7.72
CA ARG A 77 -16.22 -6.91 8.22
C ARG A 77 -17.21 -7.96 7.70
N GLN A 78 -17.19 -8.20 6.37
CA GLN A 78 -18.10 -9.16 5.73
C GLN A 78 -17.76 -10.61 6.08
N ALA A 79 -16.48 -10.90 6.43
CA ALA A 79 -16.11 -12.25 6.92
C ALA A 79 -16.84 -12.57 8.23
N ILE A 80 -16.70 -11.68 9.23
CA ILE A 80 -17.34 -11.88 10.55
C ILE A 80 -18.88 -11.76 10.43
N ASN A 81 -19.35 -10.81 9.60
CA ASN A 81 -20.79 -10.53 9.39
C ASN A 81 -21.52 -11.74 8.76
N ASP A 82 -20.89 -12.30 7.72
CA ASP A 82 -21.44 -13.46 6.98
C ASP A 82 -21.20 -14.76 7.77
N GLY A 83 -20.14 -14.77 8.60
CA GLY A 83 -19.81 -15.93 9.45
C GLY A 83 -18.64 -16.73 8.93
N VAL A 84 -18.05 -16.28 7.80
CA VAL A 84 -16.82 -16.88 7.23
C VAL A 84 -15.69 -16.84 8.27
N THR A 85 -15.33 -15.59 8.67
CA THR A 85 -14.35 -15.27 9.75
C THR A 85 -12.89 -15.65 9.39
N SER A 86 -12.69 -16.45 8.32
CA SER A 86 -11.38 -16.99 7.94
C SER A 86 -10.87 -16.24 6.70
N THR A 87 -9.81 -15.46 6.87
CA THR A 87 -9.22 -14.61 5.82
C THR A 87 -8.47 -15.44 4.77
N GLU A 88 -8.02 -16.63 5.20
CA GLU A 88 -7.37 -17.62 4.32
C GLU A 88 -8.38 -18.22 3.30
N GLU A 89 -9.69 -17.99 3.55
CA GLU A 89 -10.77 -18.48 2.67
C GLU A 89 -10.86 -17.54 1.45
N LEU A 90 -10.78 -16.22 1.73
CA LEU A 90 -10.94 -15.17 0.70
C LEU A 90 -9.55 -14.64 0.27
N SER A 91 -9.11 -13.52 0.87
CA SER A 91 -7.91 -12.79 0.45
C SER A 91 -6.68 -13.27 1.24
N ILE A 92 -5.87 -14.14 0.60
CA ILE A 92 -4.62 -14.65 1.17
C ILE A 92 -3.62 -15.03 0.03
N THR A 93 -2.40 -15.41 0.41
CA THR A 93 -1.35 -15.93 -0.50
C THR A 93 -1.83 -17.16 -1.32
N ARG A 94 -1.21 -17.36 -2.50
CA ARG A 94 -1.45 -18.48 -3.44
C ARG A 94 -2.80 -18.34 -4.18
N ASP A 95 -2.78 -17.48 -5.23
CA ASP A 95 -3.82 -17.42 -6.29
C ASP A 95 -5.28 -17.25 -5.79
N CYS A 96 -5.44 -16.74 -4.57
CA CYS A 96 -6.77 -16.57 -3.94
C CYS A 96 -7.42 -15.24 -4.39
N GLU A 97 -8.56 -14.89 -3.73
CA GLU A 97 -9.30 -13.65 -3.98
C GLU A 97 -8.41 -12.40 -3.77
N LEU A 98 -7.32 -12.55 -2.99
CA LEU A 98 -6.31 -11.50 -2.83
C LEU A 98 -5.68 -11.16 -4.18
N TYR A 99 -5.14 -12.19 -4.86
CA TYR A 99 -4.50 -12.04 -6.18
C TYR A 99 -5.52 -11.51 -7.19
N ARG A 100 -6.68 -12.21 -7.26
CA ARG A 100 -7.76 -11.88 -8.22
C ARG A 100 -8.24 -10.42 -8.10
N ALA A 101 -8.44 -9.96 -6.84
CA ALA A 101 -9.00 -8.63 -6.56
C ALA A 101 -7.96 -7.53 -6.75
N LEU A 102 -6.72 -7.71 -6.19
CA LEU A 102 -5.64 -6.71 -6.33
C LEU A 102 -5.28 -6.48 -7.82
N ASN A 103 -5.30 -7.58 -8.60
CA ASN A 103 -5.12 -7.52 -10.07
C ASN A 103 -6.27 -6.73 -10.73
N MET A 104 -7.51 -7.21 -10.52
CA MET A 104 -8.74 -6.63 -11.12
C MET A 104 -8.93 -5.12 -10.77
N HIS A 105 -8.57 -4.75 -9.54
CA HIS A 105 -8.79 -3.39 -9.01
C HIS A 105 -7.61 -2.45 -9.30
N TYR A 106 -6.40 -2.83 -8.86
CA TYR A 106 -5.22 -1.94 -8.92
C TYR A 106 -4.47 -2.07 -10.25
N ASN A 107 -4.72 -3.18 -10.98
CA ASN A 107 -3.98 -3.60 -12.20
C ASN A 107 -2.73 -4.41 -11.81
N LYS A 108 -2.79 -5.72 -12.12
CA LYS A 108 -1.72 -6.74 -12.04
C LYS A 108 -0.26 -6.24 -12.22
N ALA A 109 -0.08 -5.20 -13.07
CA ALA A 109 1.23 -4.74 -13.60
C ALA A 109 1.80 -5.71 -14.68
N ASN A 110 1.26 -6.94 -14.74
CA ASN A 110 1.78 -8.08 -15.55
C ASN A 110 3.17 -8.56 -15.07
N ASP A 111 4.16 -7.66 -15.16
CA ASP A 111 5.57 -7.96 -14.84
C ASP A 111 5.74 -8.40 -13.38
N PHE A 112 5.14 -7.62 -12.47
CA PHE A 112 5.22 -7.89 -11.02
C PHE A 112 4.28 -9.05 -10.66
N GLU A 113 4.91 -10.16 -10.28
CA GLU A 113 4.25 -11.45 -9.98
C GLU A 113 3.74 -11.46 -8.52
N VAL A 114 3.49 -10.25 -7.94
CA VAL A 114 3.30 -10.01 -6.48
C VAL A 114 4.23 -10.91 -5.61
N PRO A 115 5.51 -10.47 -5.36
CA PRO A 115 6.46 -11.18 -4.48
C PRO A 115 5.90 -11.35 -3.05
N GLU A 116 6.43 -12.38 -2.34
CA GLU A 116 5.91 -12.89 -1.06
C GLU A 116 5.65 -11.79 -0.02
N ARG A 117 6.53 -10.77 0.01
CA ARG A 117 6.48 -9.64 0.97
C ARG A 117 5.14 -8.85 0.90
N PHE A 118 4.60 -8.69 -0.31
CA PHE A 118 3.28 -8.03 -0.54
C PHE A 118 2.16 -8.88 0.10
N LEU A 119 2.22 -10.20 -0.14
CA LEU A 119 1.26 -11.17 0.43
C LEU A 119 1.52 -11.40 1.92
N GLU A 120 2.73 -11.07 2.40
CA GLU A 120 3.11 -11.23 3.81
C GLU A 120 2.44 -10.12 4.63
N VAL A 121 2.60 -8.87 4.14
CA VAL A 121 1.94 -7.70 4.74
C VAL A 121 0.42 -7.84 4.62
N ALA A 122 -0.08 -8.34 3.47
CA ALA A 122 -1.53 -8.63 3.27
C ALA A 122 -2.05 -9.73 4.23
N GLN A 123 -1.24 -10.80 4.37
CA GLN A 123 -1.57 -11.96 5.23
C GLN A 123 -1.79 -11.51 6.67
N ILE A 124 -0.77 -10.84 7.21
CA ILE A 124 -0.74 -10.41 8.60
C ILE A 124 -1.71 -9.23 8.84
N THR A 125 -1.84 -8.30 7.85
CA THR A 125 -2.75 -7.14 8.01
C THR A 125 -4.19 -7.63 8.14
N LEU A 126 -4.63 -8.51 7.21
CA LEU A 126 -6.00 -9.00 7.18
C LEU A 126 -6.26 -10.03 8.30
N ARG A 127 -5.21 -10.77 8.71
CA ARG A 127 -5.25 -11.63 9.91
C ARG A 127 -5.63 -10.80 11.16
N GLU A 128 -4.91 -9.68 11.37
CA GLU A 128 -5.14 -8.80 12.52
C GLU A 128 -6.46 -8.00 12.35
N PHE A 129 -6.85 -7.75 11.08
CA PHE A 129 -8.13 -7.08 10.75
C PHE A 129 -9.32 -7.95 11.21
N PHE A 130 -9.42 -9.22 10.70
CA PHE A 130 -10.52 -10.12 11.12
C PHE A 130 -10.48 -10.31 12.64
N ASN A 131 -9.25 -10.48 13.19
CA ASN A 131 -9.00 -10.62 14.64
C ASN A 131 -9.62 -9.44 15.42
N ALA A 132 -9.47 -8.24 14.84
CA ALA A 132 -10.02 -7.00 15.38
C ALA A 132 -11.56 -7.06 15.39
N ILE A 133 -12.18 -7.28 14.22
CA ILE A 133 -13.66 -7.20 14.08
C ILE A 133 -14.33 -8.29 14.97
N ILE A 134 -13.79 -9.53 14.97
CA ILE A 134 -14.31 -10.64 15.80
C ILE A 134 -14.15 -10.34 17.31
N ALA A 135 -12.98 -9.76 17.71
CA ALA A 135 -12.75 -9.34 19.11
C ALA A 135 -13.70 -8.19 19.50
N GLY A 136 -14.14 -7.42 18.50
CA GLY A 136 -15.04 -6.28 18.68
C GLY A 136 -14.30 -4.96 18.66
N LYS A 137 -13.06 -5.00 18.17
CA LYS A 137 -12.15 -3.84 18.08
C LYS A 137 -12.52 -2.91 16.90
N ASP A 138 -13.39 -3.39 16.00
CA ASP A 138 -13.91 -2.58 14.85
C ASP A 138 -14.61 -1.28 15.30
N VAL A 139 -15.08 -1.25 16.55
CA VAL A 139 -15.73 -0.07 17.17
C VAL A 139 -14.76 0.62 18.17
N ASP A 140 -13.63 -0.03 18.44
CA ASP A 140 -12.52 0.53 19.25
C ASP A 140 -11.60 1.35 18.31
N PRO A 141 -11.25 2.62 18.64
CA PRO A 141 -10.48 3.52 17.73
C PRO A 141 -9.08 2.97 17.34
N SER A 142 -8.42 2.27 18.29
CA SER A 142 -7.01 1.83 18.17
C SER A 142 -6.79 0.67 17.15
N TRP A 143 -7.89 0.02 16.71
CA TRP A 143 -7.84 -1.24 15.91
C TRP A 143 -6.86 -1.13 14.70
N LYS A 144 -7.09 -0.13 13.82
CA LYS A 144 -6.36 -0.03 12.55
C LYS A 144 -4.91 0.38 12.81
N LYS A 145 -4.66 1.15 13.88
CA LYS A 145 -3.29 1.55 14.30
C LYS A 145 -2.51 0.37 14.92
N ALA A 146 -3.23 -0.61 15.51
CA ALA A 146 -2.61 -1.87 15.98
C ALA A 146 -2.20 -2.71 14.76
N ILE A 147 -3.09 -2.75 13.76
CA ILE A 147 -2.80 -3.35 12.44
C ILE A 147 -1.58 -2.62 11.80
N TYR A 148 -1.61 -1.27 11.81
CA TYR A 148 -0.54 -0.43 11.24
C TYR A 148 0.77 -0.64 11.99
N LYS A 149 0.67 -0.98 13.29
CA LYS A 149 1.84 -1.37 14.10
C LYS A 149 2.45 -2.66 13.53
N VAL A 150 1.61 -3.72 13.38
CA VAL A 150 2.11 -5.06 12.99
C VAL A 150 2.79 -5.01 11.59
N ILE A 151 2.20 -4.25 10.64
CA ILE A 151 2.70 -4.16 9.24
C ILE A 151 3.76 -3.07 9.05
N CYS A 152 3.79 -2.07 9.94
CA CYS A 152 4.92 -1.13 10.04
C CYS A 152 5.98 -1.67 11.03
N LYS A 153 5.79 -2.91 11.52
CA LYS A 153 6.87 -3.73 12.06
C LYS A 153 7.41 -4.68 10.95
N LEU A 154 6.54 -4.98 9.96
CA LEU A 154 6.97 -5.69 8.74
C LEU A 154 7.71 -4.72 7.79
N ASP A 155 7.66 -3.40 8.13
CA ASP A 155 8.41 -2.31 7.47
C ASP A 155 9.81 -2.76 7.02
N SER A 156 10.04 -2.67 5.72
CA SER A 156 11.34 -2.97 5.11
C SER A 156 11.86 -1.72 4.40
N GLU A 157 13.17 -1.71 4.16
CA GLU A 157 13.79 -0.75 3.26
C GLU A 157 13.68 -1.33 1.85
N VAL A 158 12.85 -0.70 1.01
CA VAL A 158 12.56 -1.18 -0.35
C VAL A 158 13.87 -1.20 -1.19
N PRO A 159 14.00 -2.15 -2.18
CA PRO A 159 15.21 -2.25 -3.05
C PRO A 159 15.61 -0.90 -3.70
N GLU A 160 16.90 -0.79 -4.09
CA GLU A 160 17.54 0.43 -4.64
C GLU A 160 16.61 1.14 -5.65
N ILE A 161 16.03 0.33 -6.55
CA ILE A 161 14.91 0.73 -7.39
C ILE A 161 14.19 -0.54 -7.87
N PHE A 162 12.88 -0.43 -8.09
CA PHE A 162 12.03 -1.53 -8.56
C PHE A 162 12.32 -1.91 -10.02
N LYS A 163 13.03 -1.03 -10.76
CA LYS A 163 13.38 -1.28 -12.17
C LYS A 163 14.36 -2.46 -12.28
N SER A 164 15.41 -2.44 -11.44
CA SER A 164 16.49 -3.46 -11.35
C SER A 164 17.40 -3.14 -10.15
N PRO A 165 18.17 -4.13 -9.58
CA PRO A 165 19.18 -3.86 -8.52
C PRO A 165 20.25 -2.84 -8.98
N ASN A 166 20.30 -1.69 -8.27
CA ASN A 166 21.28 -0.59 -8.47
C ASN A 166 21.14 0.12 -9.87
N CYS A 167 19.97 -0.02 -10.52
CA CYS A 167 19.70 0.64 -11.84
C CYS A 167 19.55 2.17 -11.67
N LEU A 168 19.01 2.57 -10.49
CA LEU A 168 18.82 4.00 -10.11
C LEU A 168 20.14 4.79 -10.07
N GLN A 169 21.29 4.09 -10.03
CA GLN A 169 22.63 4.69 -10.01
C GLN A 169 22.88 5.54 -11.29
N GLU A 170 22.10 5.28 -12.37
CA GLU A 170 22.16 6.04 -13.63
C GLU A 170 21.57 7.47 -13.47
N LEU A 171 20.57 7.61 -12.57
CA LEU A 171 19.95 8.92 -12.24
C LEU A 171 20.44 9.45 -10.88
N LEU A 172 21.19 8.61 -10.14
CA LEU A 172 21.73 8.94 -8.80
C LEU A 172 22.98 9.83 -8.94
N HIS A 173 22.73 11.13 -9.04
CA HIS A 173 23.77 12.18 -9.08
C HIS A 173 23.12 13.54 -8.76
N GLU A 174 23.86 14.62 -8.97
CA GLU A 174 23.35 15.98 -8.82
C GLU A 174 23.88 16.84 -9.99
N MET A 1 3.48 12.48 17.77
CA MET A 1 3.72 13.58 18.76
C MET A 1 3.05 14.89 18.33
N GLY A 2 2.68 14.99 17.05
CA GLY A 2 2.07 16.19 16.49
C GLY A 2 1.95 16.08 14.98
N HIS A 3 2.57 17.05 14.27
CA HIS A 3 2.62 17.12 12.79
C HIS A 3 1.18 17.01 12.20
N HIS A 4 0.41 18.09 12.39
CA HIS A 4 -1.02 18.19 11.98
C HIS A 4 -1.18 17.87 10.48
N HIS A 5 -1.62 16.62 10.18
CA HIS A 5 -1.74 16.14 8.79
C HIS A 5 -2.85 16.89 8.02
N HIS A 6 -2.50 17.37 6.82
CA HIS A 6 -3.42 18.07 5.91
C HIS A 6 -4.01 17.05 4.91
N HIS A 7 -5.26 16.60 5.18
CA HIS A 7 -5.87 15.47 4.46
C HIS A 7 -6.89 15.94 3.39
N HIS A 8 -6.36 16.37 2.23
CA HIS A 8 -7.18 16.70 1.04
C HIS A 8 -6.49 16.16 -0.21
N SER A 9 -6.67 14.85 -0.43
CA SER A 9 -6.18 14.16 -1.62
C SER A 9 -7.17 14.38 -2.79
N HIS A 10 -6.95 15.48 -3.53
CA HIS A 10 -7.78 15.88 -4.69
C HIS A 10 -7.02 15.63 -5.99
N MET A 11 -7.81 15.58 -7.08
CA MET A 11 -7.30 15.31 -8.44
C MET A 11 -6.59 16.54 -9.02
N ALA A 12 -5.26 16.57 -8.84
CA ALA A 12 -4.42 17.68 -9.32
C ALA A 12 -3.84 17.29 -10.69
N MET A 13 -4.58 17.68 -11.74
CA MET A 13 -4.28 17.31 -13.15
C MET A 13 -2.99 17.99 -13.67
N GLN A 14 -2.38 18.89 -12.87
CA GLN A 14 -1.07 19.51 -13.19
C GLN A 14 0.08 18.64 -12.64
N GLU A 15 -0.06 17.31 -12.78
CA GLU A 15 0.95 16.34 -12.36
C GLU A 15 2.16 16.39 -13.31
N GLY A 16 3.16 17.21 -12.95
CA GLY A 16 4.42 17.32 -13.67
C GLY A 16 5.38 16.16 -13.41
N LEU A 17 4.87 15.09 -12.80
CA LEU A 17 5.59 13.83 -12.55
C LEU A 17 5.53 12.94 -13.81
N SER A 18 6.55 12.09 -13.98
CA SER A 18 6.73 11.27 -15.20
C SER A 18 5.73 10.08 -15.22
N PRO A 19 5.32 9.58 -16.44
CA PRO A 19 4.31 8.49 -16.59
C PRO A 19 4.66 7.21 -15.82
N ASN A 20 5.87 6.68 -16.05
CA ASN A 20 6.33 5.39 -15.44
C ASN A 20 6.57 5.54 -13.93
N HIS A 21 6.71 6.80 -13.47
CA HIS A 21 6.91 7.14 -12.04
C HIS A 21 5.65 6.83 -11.21
N LEU A 22 4.48 6.81 -11.86
CA LEU A 22 3.20 6.47 -11.21
C LEU A 22 3.05 4.95 -11.03
N LYS A 23 3.51 4.16 -12.03
CA LYS A 23 3.56 2.68 -11.92
C LYS A 23 4.59 2.29 -10.85
N LYS A 24 5.73 3.01 -10.88
CA LYS A 24 6.81 2.88 -9.90
C LYS A 24 6.30 3.20 -8.50
N ALA A 25 5.53 4.31 -8.39
CA ALA A 25 4.93 4.75 -7.12
C ALA A 25 3.94 3.69 -6.60
N LYS A 26 3.13 3.10 -7.52
CA LYS A 26 2.17 2.02 -7.18
C LYS A 26 2.89 0.83 -6.53
N LEU A 27 3.92 0.34 -7.24
CA LEU A 27 4.73 -0.81 -6.81
C LEU A 27 5.60 -0.46 -5.60
N MET A 28 5.86 0.83 -5.38
CA MET A 28 6.67 1.30 -4.23
C MET A 28 5.81 1.32 -2.95
N PHE A 29 4.53 1.74 -3.11
CA PHE A 29 3.53 1.74 -2.01
C PHE A 29 3.15 0.30 -1.66
N PHE A 30 3.20 -0.56 -2.71
CA PHE A 30 2.88 -1.99 -2.62
C PHE A 30 3.70 -2.70 -1.50
N TYR A 31 4.90 -2.18 -1.20
CA TYR A 31 5.73 -2.66 -0.07
C TYR A 31 5.38 -1.87 1.21
N THR A 32 5.56 -0.54 1.16
CA THR A 32 5.42 0.35 2.34
C THR A 32 4.03 1.08 2.36
N ARG A 33 3.26 0.87 3.46
CA ARG A 33 1.85 1.34 3.57
C ARG A 33 1.54 2.00 4.93
N TYR A 34 2.55 2.69 5.54
CA TYR A 34 2.34 3.41 6.82
C TYR A 34 3.10 4.77 6.87
N PRO A 35 4.48 4.81 6.83
CA PRO A 35 5.25 6.03 7.21
C PRO A 35 5.43 7.02 6.03
N SER A 36 4.32 7.21 5.28
CA SER A 36 4.23 7.96 4.01
C SER A 36 5.00 9.30 3.95
N SER A 37 5.15 10.00 5.08
CA SER A 37 5.90 11.28 5.14
C SER A 37 7.42 11.05 4.87
N ASN A 38 8.03 10.19 5.74
CA ASN A 38 9.45 9.77 5.65
C ASN A 38 9.71 9.06 4.33
N MET A 39 8.77 8.14 4.00
CA MET A 39 8.74 7.39 2.75
C MET A 39 8.78 8.33 1.52
N LEU A 40 7.90 9.34 1.53
CA LEU A 40 7.75 10.31 0.43
C LEU A 40 9.10 11.03 0.19
N LYS A 41 9.63 11.59 1.29
CA LYS A 41 10.90 12.34 1.30
C LYS A 41 12.08 11.47 0.77
N THR A 42 12.30 10.31 1.40
CA THR A 42 13.51 9.49 1.17
C THR A 42 13.43 8.72 -0.17
N TYR A 43 12.24 8.20 -0.49
CA TYR A 43 12.04 7.29 -1.63
C TYR A 43 11.82 8.06 -2.92
N PHE A 44 11.25 9.29 -2.85
CA PHE A 44 11.08 10.15 -4.03
C PHE A 44 12.00 11.37 -3.95
N SER A 45 13.31 11.08 -4.03
CA SER A 45 14.37 12.09 -4.18
C SER A 45 14.28 12.84 -5.53
N ASP A 46 13.50 12.29 -6.47
CA ASP A 46 13.28 12.93 -7.80
C ASP A 46 12.29 14.09 -7.69
N VAL A 47 11.42 14.05 -6.67
CA VAL A 47 10.33 15.02 -6.51
C VAL A 47 10.79 16.13 -5.56
N LYS A 48 10.98 17.34 -6.13
CA LYS A 48 11.36 18.55 -5.36
C LYS A 48 10.20 19.02 -4.45
N PHE A 49 8.96 18.66 -4.87
CA PHE A 49 7.70 18.83 -4.12
C PHE A 49 7.11 20.23 -4.38
N ASN A 50 5.86 20.23 -4.86
CA ASN A 50 5.09 21.42 -5.29
C ASN A 50 3.62 21.14 -4.99
N ARG A 51 2.80 22.19 -4.79
CA ARG A 51 1.36 22.09 -4.41
C ARG A 51 0.62 21.01 -5.24
N CYS A 52 0.67 21.17 -6.58
CA CYS A 52 -0.05 20.33 -7.54
C CYS A 52 0.46 18.87 -7.51
N ILE A 53 1.76 18.69 -7.79
CA ILE A 53 2.38 17.36 -7.99
C ILE A 53 2.37 16.54 -6.69
N THR A 54 2.47 17.22 -5.53
CA THR A 54 2.52 16.57 -4.22
C THR A 54 1.10 16.24 -3.72
N SER A 55 0.10 17.11 -4.01
CA SER A 55 -1.32 16.78 -3.71
C SER A 55 -1.78 15.57 -4.55
N GLN A 56 -1.30 15.50 -5.81
CA GLN A 56 -1.57 14.38 -6.71
C GLN A 56 -0.82 13.11 -6.26
N LEU A 57 0.44 13.29 -5.83
CA LEU A 57 1.29 12.17 -5.35
C LEU A 57 0.66 11.54 -4.09
N ILE A 58 0.24 12.40 -3.16
CA ILE A 58 -0.44 12.00 -1.91
C ILE A 58 -1.87 11.48 -2.22
N LYS A 59 -2.47 11.93 -3.35
CA LYS A 59 -3.72 11.31 -3.85
C LYS A 59 -3.47 9.84 -4.23
N TRP A 60 -2.34 9.56 -4.92
CA TRP A 60 -1.91 8.17 -5.23
C TRP A 60 -1.69 7.35 -3.93
N PHE A 61 -1.00 7.99 -2.94
CA PHE A 61 -0.80 7.41 -1.58
C PHE A 61 -2.14 7.03 -0.95
N SER A 62 -3.10 7.96 -1.01
CA SER A 62 -4.39 7.86 -0.31
C SER A 62 -5.33 6.91 -1.06
N ASN A 63 -5.15 6.82 -2.39
CA ASN A 63 -5.97 5.94 -3.25
C ASN A 63 -5.58 4.49 -2.96
N PHE A 64 -4.26 4.21 -3.03
CA PHE A 64 -3.72 2.86 -2.79
C PHE A 64 -3.93 2.44 -1.32
N ARG A 65 -3.73 3.40 -0.39
CA ARG A 65 -3.85 3.17 1.08
C ARG A 65 -5.31 2.86 1.45
N GLU A 66 -6.24 3.71 1.00
CA GLU A 66 -7.67 3.56 1.35
C GLU A 66 -8.33 2.42 0.59
N PHE A 67 -7.79 2.03 -0.59
CA PHE A 67 -8.24 0.81 -1.29
C PHE A 67 -7.74 -0.45 -0.55
N TYR A 68 -6.46 -0.46 -0.14
CA TYR A 68 -5.87 -1.59 0.62
C TYR A 68 -6.63 -1.78 1.94
N TYR A 69 -6.87 -0.63 2.61
CA TYR A 69 -7.65 -0.54 3.85
C TYR A 69 -9.03 -1.13 3.62
N ILE A 70 -9.78 -0.55 2.66
CA ILE A 70 -11.20 -0.90 2.43
C ILE A 70 -11.33 -2.39 2.02
N GLN A 71 -10.32 -2.91 1.28
CA GLN A 71 -10.37 -4.31 0.83
C GLN A 71 -10.22 -5.26 2.01
N MET A 72 -9.09 -5.15 2.74
CA MET A 72 -8.77 -6.07 3.85
C MET A 72 -9.79 -5.91 5.01
N GLU A 73 -10.09 -4.65 5.36
CA GLU A 73 -11.03 -4.30 6.44
C GLU A 73 -12.46 -4.77 6.14
N LYS A 74 -12.98 -4.54 4.91
CA LYS A 74 -14.36 -4.98 4.57
C LYS A 74 -14.44 -6.49 4.31
N TYR A 75 -13.32 -7.12 3.93
CA TYR A 75 -13.23 -8.61 3.85
C TYR A 75 -13.39 -9.21 5.25
N ALA A 76 -12.63 -8.64 6.21
CA ALA A 76 -12.65 -9.06 7.63
C ALA A 76 -14.05 -8.88 8.23
N ARG A 77 -14.63 -7.68 7.99
CA ARG A 77 -15.96 -7.30 8.50
C ARG A 77 -17.05 -8.16 7.83
N GLN A 78 -16.83 -8.53 6.55
CA GLN A 78 -17.71 -9.44 5.81
C GLN A 78 -17.66 -10.85 6.42
N ALA A 79 -16.47 -11.28 6.86
CA ALA A 79 -16.31 -12.58 7.54
C ALA A 79 -17.12 -12.61 8.84
N ILE A 80 -16.96 -11.54 9.65
CA ILE A 80 -17.63 -11.43 10.96
C ILE A 80 -19.18 -11.35 10.79
N ASN A 81 -19.61 -10.41 9.94
CA ASN A 81 -21.04 -10.09 9.71
C ASN A 81 -21.79 -11.24 9.03
N ASP A 82 -21.18 -11.85 8.00
CA ASP A 82 -21.81 -12.94 7.22
C ASP A 82 -21.73 -14.26 7.99
N GLY A 83 -20.70 -14.39 8.85
CA GLY A 83 -20.51 -15.60 9.66
C GLY A 83 -19.51 -16.56 9.04
N VAL A 84 -18.75 -16.08 8.03
CA VAL A 84 -17.61 -16.82 7.46
C VAL A 84 -16.57 -17.09 8.56
N THR A 85 -16.23 -16.01 9.30
CA THR A 85 -15.32 -16.02 10.47
C THR A 85 -13.97 -16.72 10.20
N SER A 86 -13.55 -16.71 8.93
CA SER A 86 -12.33 -17.37 8.47
C SER A 86 -11.66 -16.49 7.39
N THR A 87 -10.40 -16.11 7.65
CA THR A 87 -9.62 -15.21 6.79
C THR A 87 -9.02 -15.94 5.56
N GLU A 88 -8.96 -17.27 5.63
CA GLU A 88 -8.31 -18.12 4.62
C GLU A 88 -8.99 -18.03 3.22
N GLU A 89 -10.19 -17.42 3.16
CA GLU A 89 -11.01 -17.35 1.93
C GLU A 89 -11.07 -15.91 1.39
N LEU A 90 -10.67 -14.92 2.22
CA LEU A 90 -10.86 -13.48 1.92
C LEU A 90 -9.63 -12.92 1.18
N SER A 91 -8.44 -13.21 1.75
CA SER A 91 -7.17 -12.60 1.32
C SER A 91 -5.97 -13.33 2.00
N ILE A 92 -5.88 -14.64 1.76
CA ILE A 92 -4.76 -15.51 2.21
C ILE A 92 -4.11 -16.16 0.98
N THR A 93 -2.90 -16.75 1.15
CA THR A 93 -2.17 -17.48 0.09
C THR A 93 -3.05 -18.64 -0.48
N ARG A 94 -3.92 -18.28 -1.42
CA ARG A 94 -4.89 -19.21 -2.04
C ARG A 94 -4.65 -19.31 -3.56
N ASP A 95 -3.89 -18.34 -4.10
CA ASP A 95 -3.59 -18.23 -5.55
C ASP A 95 -4.88 -17.95 -6.37
N CYS A 96 -4.72 -17.67 -7.67
CA CYS A 96 -5.83 -17.45 -8.62
C CYS A 96 -6.67 -16.22 -8.22
N GLU A 97 -7.68 -16.44 -7.33
CA GLU A 97 -8.68 -15.42 -6.97
C GLU A 97 -8.04 -14.15 -6.39
N LEU A 98 -7.25 -14.32 -5.32
CA LEU A 98 -6.64 -13.19 -4.58
C LEU A 98 -5.68 -12.38 -5.48
N TYR A 99 -4.84 -13.12 -6.20
CA TYR A 99 -3.74 -12.54 -7.00
C TYR A 99 -4.32 -11.72 -8.16
N ARG A 100 -5.34 -12.32 -8.80
CA ARG A 100 -6.07 -11.71 -9.92
C ARG A 100 -6.90 -10.50 -9.46
N ALA A 101 -7.49 -10.60 -8.26
CA ALA A 101 -8.36 -9.56 -7.69
C ALA A 101 -7.56 -8.30 -7.35
N LEU A 102 -6.46 -8.48 -6.58
CA LEU A 102 -5.57 -7.38 -6.20
C LEU A 102 -4.92 -6.73 -7.42
N ASN A 103 -4.43 -7.57 -8.36
CA ASN A 103 -3.83 -7.07 -9.62
C ASN A 103 -4.84 -6.19 -10.39
N MET A 104 -6.07 -6.69 -10.55
CA MET A 104 -7.14 -5.99 -11.30
C MET A 104 -7.58 -4.68 -10.61
N HIS A 105 -7.74 -4.72 -9.27
CA HIS A 105 -8.28 -3.58 -8.49
C HIS A 105 -7.25 -2.43 -8.43
N TYR A 106 -5.99 -2.77 -8.10
CA TYR A 106 -4.88 -1.79 -8.05
C TYR A 106 -4.40 -1.46 -9.47
N ASN A 107 -4.79 -2.33 -10.43
CA ASN A 107 -4.63 -2.16 -11.89
C ASN A 107 -3.32 -2.80 -12.38
N LYS A 108 -3.48 -3.64 -13.43
CA LYS A 108 -2.45 -4.46 -14.14
C LYS A 108 -1.00 -3.90 -14.26
N ALA A 109 -0.79 -2.60 -13.97
CA ALA A 109 0.55 -2.00 -13.83
C ALA A 109 1.35 -2.64 -12.66
N ASN A 110 0.64 -3.40 -11.79
CA ASN A 110 1.23 -4.30 -10.79
C ASN A 110 2.04 -5.41 -11.52
N ASP A 111 3.37 -5.22 -11.59
CA ASP A 111 4.30 -6.17 -12.25
C ASP A 111 4.42 -7.49 -11.46
N PHE A 112 4.67 -7.37 -10.15
CA PHE A 112 5.09 -8.50 -9.30
C PHE A 112 3.96 -9.50 -8.98
N GLU A 113 2.70 -9.05 -9.17
CA GLU A 113 1.47 -9.79 -8.77
C GLU A 113 1.32 -9.67 -7.25
N VAL A 114 2.02 -10.58 -6.53
CA VAL A 114 2.15 -10.62 -5.07
C VAL A 114 3.20 -11.71 -4.73
N PRO A 115 4.51 -11.35 -4.60
CA PRO A 115 5.54 -12.25 -3.99
C PRO A 115 5.21 -12.66 -2.53
N GLU A 116 6.04 -13.54 -1.96
CA GLU A 116 5.77 -14.21 -0.66
C GLU A 116 5.51 -13.21 0.48
N ARG A 117 6.38 -12.17 0.59
CA ARG A 117 6.27 -11.10 1.61
C ARG A 117 4.89 -10.38 1.58
N PHE A 118 4.27 -10.34 0.41
CA PHE A 118 2.99 -9.65 0.20
C PHE A 118 1.82 -10.54 0.63
N LEU A 119 2.04 -11.86 0.60
CA LEU A 119 1.12 -12.84 1.18
C LEU A 119 1.29 -12.90 2.70
N GLU A 120 2.52 -12.67 3.19
CA GLU A 120 2.80 -12.55 4.63
C GLU A 120 2.03 -11.34 5.20
N VAL A 121 2.20 -10.20 4.52
CA VAL A 121 1.53 -8.95 4.86
C VAL A 121 0.01 -9.09 4.70
N ALA A 122 -0.48 -9.65 3.57
CA ALA A 122 -1.93 -9.89 3.33
C ALA A 122 -2.58 -10.70 4.46
N GLN A 123 -1.91 -11.82 4.81
CA GLN A 123 -2.37 -12.76 5.84
C GLN A 123 -2.48 -12.06 7.21
N ILE A 124 -1.39 -11.37 7.57
CA ILE A 124 -1.25 -10.73 8.89
C ILE A 124 -2.15 -9.46 9.00
N THR A 125 -2.28 -8.69 7.91
CA THR A 125 -3.07 -7.44 7.92
C THR A 125 -4.56 -7.77 8.00
N LEU A 126 -4.97 -8.80 7.23
CA LEU A 126 -6.35 -9.27 7.20
C LEU A 126 -6.75 -9.89 8.56
N ARG A 127 -5.85 -10.72 9.14
CA ARG A 127 -6.08 -11.33 10.46
C ARG A 127 -6.01 -10.30 11.59
N GLU A 128 -5.25 -9.21 11.38
CA GLU A 128 -5.16 -8.08 12.34
C GLU A 128 -6.49 -7.29 12.35
N PHE A 129 -7.00 -7.00 11.12
CA PHE A 129 -8.32 -6.40 10.91
C PHE A 129 -9.42 -7.29 11.51
N PHE A 130 -9.33 -8.59 11.24
CA PHE A 130 -10.27 -9.60 11.73
C PHE A 130 -10.35 -9.54 13.27
N ASN A 131 -9.15 -9.65 13.89
CA ASN A 131 -8.95 -9.59 15.36
C ASN A 131 -9.53 -8.28 15.92
N ALA A 132 -9.35 -7.20 15.15
CA ALA A 132 -9.82 -5.85 15.51
C ALA A 132 -11.36 -5.80 15.58
N ILE A 133 -12.05 -6.23 14.48
CA ILE A 133 -13.53 -6.13 14.40
C ILE A 133 -14.18 -7.06 15.45
N ILE A 134 -13.72 -8.32 15.53
CA ILE A 134 -14.25 -9.30 16.52
C ILE A 134 -14.04 -8.79 17.97
N ALA A 135 -12.88 -8.14 18.22
CA ALA A 135 -12.59 -7.51 19.52
C ALA A 135 -13.57 -6.34 19.84
N GLY A 136 -13.87 -5.51 18.82
CA GLY A 136 -14.87 -4.45 18.94
C GLY A 136 -14.67 -3.33 17.94
N LYS A 137 -13.97 -3.63 16.80
CA LYS A 137 -13.47 -2.68 15.74
C LYS A 137 -12.78 -1.39 16.27
N ASP A 138 -13.55 -0.56 16.98
CA ASP A 138 -13.08 0.74 17.52
C ASP A 138 -12.47 0.57 18.93
N VAL A 139 -11.80 -0.59 19.14
CA VAL A 139 -11.08 -0.91 20.39
C VAL A 139 -10.05 0.17 20.73
N ASP A 140 -9.32 0.59 19.70
CA ASP A 140 -8.50 1.80 19.69
C ASP A 140 -9.01 2.73 18.58
N PRO A 141 -8.94 4.10 18.76
CA PRO A 141 -9.06 5.06 17.61
C PRO A 141 -7.85 4.93 16.65
N SER A 142 -6.78 4.34 17.20
CA SER A 142 -5.47 4.19 16.58
C SER A 142 -5.40 2.89 15.74
N TRP A 143 -6.46 2.04 15.84
CA TRP A 143 -6.48 0.64 15.32
C TRP A 143 -6.01 0.54 13.85
N LYS A 144 -6.32 1.56 13.03
CA LYS A 144 -5.94 1.59 11.60
C LYS A 144 -4.41 1.72 11.45
N LYS A 145 -3.85 2.76 12.09
CA LYS A 145 -2.38 2.98 12.15
C LYS A 145 -1.66 1.79 12.83
N ALA A 146 -2.40 1.07 13.69
CA ALA A 146 -1.90 -0.13 14.36
C ALA A 146 -1.75 -1.29 13.35
N ILE A 147 -2.76 -1.49 12.45
CA ILE A 147 -2.66 -2.49 11.36
C ILE A 147 -1.45 -2.12 10.45
N TYR A 148 -1.41 -0.82 10.09
CA TYR A 148 -0.33 -0.24 9.28
C TYR A 148 1.03 -0.43 9.97
N LYS A 149 1.04 -0.41 11.31
CA LYS A 149 2.24 -0.63 12.12
C LYS A 149 2.69 -2.10 12.02
N VAL A 150 1.72 -3.04 12.14
CA VAL A 150 2.01 -4.50 12.13
C VAL A 150 2.52 -4.94 10.77
N ILE A 151 2.16 -4.20 9.70
CA ILE A 151 2.66 -4.47 8.34
C ILE A 151 3.84 -3.56 7.95
N CYS A 152 4.06 -2.47 8.70
CA CYS A 152 5.28 -1.63 8.57
C CYS A 152 6.46 -2.25 9.34
N LYS A 153 6.19 -3.18 10.29
CA LYS A 153 7.26 -3.98 10.91
C LYS A 153 7.65 -5.14 9.98
N LEU A 154 6.72 -5.54 9.08
CA LEU A 154 6.97 -6.57 8.05
C LEU A 154 7.62 -5.93 6.83
N ASP A 155 7.49 -4.59 6.71
CA ASP A 155 8.07 -3.80 5.62
C ASP A 155 9.56 -4.13 5.38
N SER A 156 9.91 -4.31 4.13
CA SER A 156 11.26 -4.66 3.69
C SER A 156 11.80 -3.52 2.81
N GLU A 157 12.99 -3.71 2.25
CA GLU A 157 13.64 -2.72 1.39
C GLU A 157 12.98 -2.75 0.00
N VAL A 158 12.57 -1.57 -0.51
CA VAL A 158 11.99 -1.44 -1.85
C VAL A 158 13.09 -1.56 -2.91
N PRO A 159 12.79 -2.19 -4.08
CA PRO A 159 13.55 -1.94 -5.31
C PRO A 159 13.37 -0.46 -5.67
N GLU A 160 14.47 0.28 -5.59
CA GLU A 160 14.47 1.75 -5.75
C GLU A 160 14.14 2.11 -7.22
N ILE A 161 14.36 1.13 -8.11
CA ILE A 161 13.88 1.12 -9.50
C ILE A 161 13.48 -0.33 -9.85
N PHE A 162 12.29 -0.48 -10.43
CA PHE A 162 11.69 -1.80 -10.73
C PHE A 162 12.09 -2.30 -12.13
N LYS A 163 12.60 -1.39 -12.99
CA LYS A 163 13.07 -1.74 -14.35
C LYS A 163 14.26 -2.72 -14.29
N SER A 164 15.24 -2.40 -13.43
CA SER A 164 16.49 -3.19 -13.32
C SER A 164 17.08 -2.99 -11.91
N PRO A 165 17.52 -4.08 -11.21
CA PRO A 165 18.00 -4.01 -9.80
C PRO A 165 19.13 -2.98 -9.56
N ASN A 166 18.73 -1.83 -8.99
CA ASN A 166 19.63 -0.76 -8.49
C ASN A 166 20.33 -0.03 -9.64
N CYS A 167 19.65 0.03 -10.80
CA CYS A 167 20.16 0.73 -12.00
C CYS A 167 20.16 2.26 -11.80
N LEU A 168 19.16 2.74 -11.04
CA LEU A 168 18.98 4.17 -10.71
C LEU A 168 20.07 4.69 -9.75
N GLN A 169 20.90 3.77 -9.19
CA GLN A 169 22.10 4.13 -8.40
C GLN A 169 23.06 5.02 -9.26
N GLU A 170 22.90 4.91 -10.59
CA GLU A 170 23.57 5.75 -11.59
C GLU A 170 23.24 7.26 -11.38
N LEU A 171 21.96 7.55 -11.07
CA LEU A 171 21.47 8.95 -10.90
C LEU A 171 21.57 9.41 -9.43
N LEU A 172 21.93 8.48 -8.51
CA LEU A 172 22.17 8.80 -7.09
C LEU A 172 23.47 9.60 -6.93
N HIS A 173 23.32 10.94 -6.86
CA HIS A 173 24.44 11.86 -6.62
C HIS A 173 23.86 13.23 -6.23
N GLU A 174 24.42 13.85 -5.18
CA GLU A 174 23.94 15.14 -4.67
C GLU A 174 25.13 15.88 -4.00
N MET A 1 -8.18 13.40 10.84
CA MET A 1 -8.40 12.19 10.00
C MET A 1 -9.53 12.42 8.97
N GLY A 2 -10.10 13.64 8.94
CA GLY A 2 -11.26 13.94 8.09
C GLY A 2 -10.95 14.94 6.99
N HIS A 3 -9.64 15.18 6.73
CA HIS A 3 -9.21 16.07 5.62
C HIS A 3 -9.43 15.38 4.26
N HIS A 4 -10.63 15.57 3.70
CA HIS A 4 -10.95 15.20 2.31
C HIS A 4 -10.70 16.42 1.44
N HIS A 5 -9.64 16.37 0.61
CA HIS A 5 -9.27 17.47 -0.28
C HIS A 5 -10.19 17.42 -1.51
N HIS A 6 -11.44 17.90 -1.34
CA HIS A 6 -12.41 17.99 -2.44
C HIS A 6 -11.95 19.14 -3.36
N HIS A 7 -11.46 18.76 -4.53
CA HIS A 7 -10.85 19.69 -5.48
C HIS A 7 -11.75 19.80 -6.72
N HIS A 8 -11.74 21.00 -7.32
CA HIS A 8 -12.36 21.24 -8.62
C HIS A 8 -11.57 20.44 -9.66
N SER A 9 -12.26 19.52 -10.37
CA SER A 9 -11.64 18.65 -11.38
C SER A 9 -11.26 19.49 -12.62
N HIS A 10 -10.11 20.18 -12.49
CA HIS A 10 -9.47 20.93 -13.56
C HIS A 10 -8.75 19.93 -14.46
N MET A 11 -8.68 20.23 -15.78
CA MET A 11 -8.01 19.37 -16.78
C MET A 11 -6.58 19.01 -16.33
N ALA A 12 -6.23 17.73 -16.53
CA ALA A 12 -5.00 17.15 -15.97
C ALA A 12 -3.78 17.75 -16.65
N MET A 13 -3.20 18.77 -16.01
CA MET A 13 -1.96 19.43 -16.47
C MET A 13 -0.82 18.41 -16.60
N GLN A 14 -0.84 17.38 -15.71
CA GLN A 14 0.02 16.14 -15.76
C GLN A 14 1.48 16.45 -16.18
N GLU A 15 1.96 17.57 -15.60
CA GLU A 15 3.20 18.28 -15.96
C GLU A 15 4.42 17.35 -15.88
N GLY A 16 4.80 17.00 -14.64
CA GLY A 16 5.88 16.07 -14.39
C GLY A 16 5.42 14.62 -14.28
N LEU A 17 4.11 14.42 -14.04
CA LEU A 17 3.55 13.09 -13.75
C LEU A 17 2.54 12.68 -14.83
N SER A 18 2.90 11.65 -15.61
CA SER A 18 2.07 11.15 -16.74
C SER A 18 2.59 9.77 -17.25
N PRO A 19 3.96 9.56 -17.48
CA PRO A 19 4.53 8.22 -17.84
C PRO A 19 4.22 7.09 -16.83
N ASN A 20 4.76 5.88 -17.11
CA ASN A 20 4.55 4.66 -16.28
C ASN A 20 5.22 4.78 -14.87
N HIS A 21 5.85 5.94 -14.63
CA HIS A 21 6.27 6.40 -13.29
C HIS A 21 5.13 6.29 -12.26
N LEU A 22 3.86 6.44 -12.70
CA LEU A 22 2.67 6.20 -11.84
C LEU A 22 2.69 4.76 -11.30
N LYS A 23 2.82 3.76 -12.19
CA LYS A 23 2.86 2.35 -11.79
C LYS A 23 4.07 2.07 -10.88
N LYS A 24 5.24 2.63 -11.27
CA LYS A 24 6.48 2.54 -10.47
C LYS A 24 6.31 3.23 -9.09
N ALA A 25 5.52 4.33 -9.05
CA ALA A 25 5.35 5.14 -7.83
C ALA A 25 4.45 4.43 -6.82
N LYS A 26 3.32 3.87 -7.29
CA LYS A 26 2.35 3.19 -6.43
C LYS A 26 2.84 1.76 -6.06
N LEU A 27 3.78 1.19 -6.85
CA LEU A 27 4.42 -0.09 -6.52
C LEU A 27 5.54 0.14 -5.47
N MET A 28 6.38 1.17 -5.68
CA MET A 28 7.49 1.51 -4.74
C MET A 28 6.90 1.95 -3.40
N PHE A 29 5.74 2.61 -3.48
CA PHE A 29 4.93 2.96 -2.32
C PHE A 29 4.38 1.68 -1.66
N PHE A 30 3.37 1.07 -2.34
CA PHE A 30 2.53 -0.04 -1.85
C PHE A 30 2.28 0.07 -0.32
N TYR A 31 3.21 -0.52 0.46
CA TYR A 31 3.25 -0.39 1.91
C TYR A 31 4.70 -0.55 2.38
N THR A 32 5.46 0.56 2.32
CA THR A 32 6.81 0.67 2.92
C THR A 32 6.70 1.06 4.40
N ARG A 33 5.81 2.02 4.68
CA ARG A 33 5.67 2.66 6.01
C ARG A 33 4.24 3.21 6.19
N TYR A 34 4.06 4.12 7.18
CA TYR A 34 2.73 4.71 7.51
C TYR A 34 2.59 6.11 6.83
N PRO A 35 3.55 7.11 7.07
CA PRO A 35 3.41 8.46 6.50
C PRO A 35 3.88 8.52 5.05
N SER A 36 2.91 8.49 4.13
CA SER A 36 3.12 8.68 2.68
C SER A 36 3.97 9.94 2.39
N SER A 37 3.73 11.02 3.17
CA SER A 37 4.34 12.35 3.00
C SER A 37 5.86 12.33 3.21
N ASN A 38 6.34 11.48 4.15
CA ASN A 38 7.78 11.37 4.46
C ASN A 38 8.50 10.81 3.23
N MET A 39 8.18 9.54 2.86
CA MET A 39 8.74 8.87 1.67
C MET A 39 8.41 9.64 0.35
N LEU A 40 7.33 10.46 0.38
CA LEU A 40 6.94 11.31 -0.76
C LEU A 40 8.03 12.36 -1.02
N LYS A 41 8.25 13.24 -0.04
CA LYS A 41 9.16 14.39 -0.18
C LYS A 41 10.64 13.94 -0.15
N THR A 42 10.92 12.80 0.53
CA THR A 42 12.29 12.26 0.67
C THR A 42 12.72 11.48 -0.60
N TYR A 43 11.88 10.53 -1.05
CA TYR A 43 12.24 9.64 -2.18
C TYR A 43 11.95 10.27 -3.54
N PHE A 44 10.92 11.13 -3.63
CA PHE A 44 10.65 11.92 -4.85
C PHE A 44 11.30 13.32 -4.75
N SER A 45 12.57 13.33 -4.29
CA SER A 45 13.42 14.52 -4.23
C SER A 45 13.69 15.11 -5.64
N ASP A 46 13.69 14.24 -6.67
CA ASP A 46 13.83 14.67 -8.08
C ASP A 46 12.52 15.31 -8.60
N VAL A 47 11.38 14.79 -8.12
CA VAL A 47 10.04 15.27 -8.52
C VAL A 47 9.81 16.67 -7.95
N LYS A 48 9.96 17.69 -8.81
CA LYS A 48 9.69 19.10 -8.46
C LYS A 48 8.17 19.27 -8.38
N PHE A 49 7.64 19.00 -7.16
CA PHE A 49 6.22 19.11 -6.81
C PHE A 49 5.63 20.49 -7.21
N ASN A 50 4.47 20.45 -7.90
CA ASN A 50 3.71 21.64 -8.33
C ASN A 50 2.22 21.24 -8.30
N ARG A 51 1.32 22.20 -8.05
CA ARG A 51 -0.06 21.95 -7.52
C ARG A 51 -0.79 20.75 -8.17
N CYS A 52 -0.91 20.73 -9.51
CA CYS A 52 -1.68 19.70 -10.23
C CYS A 52 -1.08 18.30 -10.03
N ILE A 53 0.25 18.19 -10.21
CA ILE A 53 0.95 16.89 -10.11
C ILE A 53 1.14 16.45 -8.64
N THR A 54 1.26 17.41 -7.71
CA THR A 54 1.35 17.11 -6.27
C THR A 54 0.00 16.56 -5.80
N SER A 55 -1.09 17.17 -6.29
CA SER A 55 -2.46 16.74 -6.02
C SER A 55 -2.68 15.33 -6.61
N GLN A 56 -2.14 15.10 -7.83
CA GLN A 56 -2.19 13.78 -8.50
C GLN A 56 -1.41 12.70 -7.72
N LEU A 57 -0.21 13.04 -7.24
CA LEU A 57 0.69 12.06 -6.56
C LEU A 57 0.05 11.64 -5.22
N ILE A 58 -0.37 12.64 -4.45
CA ILE A 58 -1.09 12.45 -3.18
C ILE A 58 -2.45 11.75 -3.44
N LYS A 59 -3.06 12.01 -4.62
CA LYS A 59 -4.31 11.31 -5.03
C LYS A 59 -4.06 9.81 -5.18
N TRP A 60 -2.97 9.43 -5.88
CA TRP A 60 -2.60 8.01 -6.09
C TRP A 60 -2.33 7.31 -4.74
N PHE A 61 -1.49 7.96 -3.91
CA PHE A 61 -1.05 7.44 -2.61
C PHE A 61 -2.20 7.36 -1.59
N SER A 62 -3.08 8.37 -1.61
CA SER A 62 -4.27 8.42 -0.74
C SER A 62 -5.27 7.37 -1.20
N ASN A 63 -5.43 7.24 -2.53
CA ASN A 63 -6.33 6.25 -3.15
C ASN A 63 -5.91 4.84 -2.72
N PHE A 64 -4.58 4.60 -2.72
CA PHE A 64 -4.01 3.31 -2.35
C PHE A 64 -4.24 3.02 -0.85
N ARG A 65 -3.92 4.01 0.03
CA ARG A 65 -4.07 3.85 1.50
C ARG A 65 -5.53 3.63 1.89
N GLU A 66 -6.42 4.45 1.32
CA GLU A 66 -7.85 4.41 1.61
C GLU A 66 -8.49 3.15 1.06
N PHE A 67 -8.11 2.74 -0.17
CA PHE A 67 -8.68 1.55 -0.79
C PHE A 67 -8.22 0.28 -0.04
N TYR A 68 -6.92 0.23 0.32
CA TYR A 68 -6.31 -0.89 1.09
C TYR A 68 -7.01 -1.05 2.45
N TYR A 69 -7.14 0.09 3.17
CA TYR A 69 -7.77 0.13 4.49
C TYR A 69 -9.23 -0.33 4.40
N ILE A 70 -10.01 0.31 3.50
CA ILE A 70 -11.43 -0.01 3.26
C ILE A 70 -11.60 -1.43 2.66
N GLN A 71 -10.56 -1.95 1.98
CA GLN A 71 -10.60 -3.31 1.37
C GLN A 71 -10.58 -4.38 2.46
N MET A 72 -9.59 -4.28 3.34
CA MET A 72 -9.41 -5.21 4.46
C MET A 72 -10.46 -4.97 5.57
N GLU A 73 -10.93 -3.72 5.71
CA GLU A 73 -12.05 -3.36 6.60
C GLU A 73 -13.36 -3.99 6.06
N LYS A 74 -13.53 -3.94 4.72
CA LYS A 74 -14.67 -4.57 4.01
C LYS A 74 -14.68 -6.07 4.28
N TYR A 75 -13.51 -6.69 4.07
CA TYR A 75 -13.32 -8.13 4.23
C TYR A 75 -13.55 -8.58 5.69
N ALA A 76 -12.91 -7.88 6.65
CA ALA A 76 -12.96 -8.25 8.08
C ALA A 76 -14.37 -8.06 8.67
N ARG A 77 -14.98 -6.89 8.37
CA ARG A 77 -16.36 -6.57 8.80
C ARG A 77 -17.33 -7.61 8.24
N GLN A 78 -17.19 -7.92 6.93
CA GLN A 78 -18.03 -8.90 6.22
C GLN A 78 -17.86 -10.30 6.81
N ALA A 79 -16.62 -10.65 7.20
CA ALA A 79 -16.30 -11.95 7.79
C ALA A 79 -17.03 -12.14 9.14
N ILE A 80 -16.80 -11.19 10.06
CA ILE A 80 -17.39 -11.20 11.42
C ILE A 80 -18.93 -11.17 11.34
N ASN A 81 -19.47 -10.20 10.58
CA ASN A 81 -20.91 -9.99 10.42
C ASN A 81 -21.62 -11.22 9.82
N ASP A 82 -21.10 -11.71 8.68
CA ASP A 82 -21.72 -12.84 7.94
C ASP A 82 -21.55 -14.16 8.72
N GLY A 83 -20.49 -14.24 9.52
CA GLY A 83 -20.20 -15.41 10.36
C GLY A 83 -19.03 -16.23 9.85
N VAL A 84 -18.39 -15.73 8.76
CA VAL A 84 -17.21 -16.36 8.14
C VAL A 84 -16.05 -16.42 9.16
N THR A 85 -15.46 -17.61 9.26
CA THR A 85 -14.37 -17.92 10.20
C THR A 85 -13.06 -18.26 9.45
N SER A 86 -13.16 -18.37 8.12
CA SER A 86 -12.02 -18.69 7.24
C SER A 86 -11.67 -17.44 6.42
N THR A 87 -10.55 -16.79 6.76
CA THR A 87 -10.04 -15.60 6.05
C THR A 87 -9.50 -15.97 4.65
N GLU A 88 -9.28 -17.27 4.41
CA GLU A 88 -8.77 -17.85 3.14
C GLU A 88 -9.77 -17.76 1.97
N GLU A 89 -10.95 -17.17 2.23
CA GLU A 89 -12.05 -17.08 1.27
C GLU A 89 -12.23 -15.64 0.77
N LEU A 90 -11.45 -14.70 1.36
CA LEU A 90 -11.57 -13.25 1.11
C LEU A 90 -10.19 -12.59 0.83
N SER A 91 -9.12 -13.00 1.57
CA SER A 91 -7.76 -12.39 1.40
C SER A 91 -6.67 -13.11 2.23
N ILE A 92 -6.05 -14.15 1.62
CA ILE A 92 -4.85 -14.86 2.19
C ILE A 92 -3.87 -15.22 1.04
N THR A 93 -2.57 -15.34 1.38
CA THR A 93 -1.49 -15.85 0.49
C THR A 93 -1.90 -17.10 -0.33
N ARG A 94 -1.46 -17.12 -1.61
CA ARG A 94 -1.67 -18.23 -2.57
C ARG A 94 -3.15 -18.42 -2.99
N ASP A 95 -4.00 -17.43 -2.64
CA ASP A 95 -5.39 -17.39 -3.13
C ASP A 95 -5.44 -16.57 -4.41
N CYS A 96 -5.63 -17.28 -5.55
CA CYS A 96 -5.62 -16.68 -6.90
C CYS A 96 -6.65 -15.54 -7.04
N GLU A 97 -7.78 -15.69 -6.32
CA GLU A 97 -8.83 -14.67 -6.25
C GLU A 97 -8.28 -13.37 -5.65
N LEU A 98 -7.45 -13.48 -4.59
CA LEU A 98 -6.82 -12.34 -3.93
C LEU A 98 -5.76 -11.67 -4.84
N TYR A 99 -4.94 -12.49 -5.55
CA TYR A 99 -3.96 -11.97 -6.54
C TYR A 99 -4.70 -11.12 -7.58
N ARG A 100 -5.79 -11.70 -8.10
CA ARG A 100 -6.62 -11.08 -9.13
C ARG A 100 -7.33 -9.85 -8.56
N ALA A 101 -7.70 -9.90 -7.26
CA ALA A 101 -8.39 -8.80 -6.57
C ALA A 101 -7.44 -7.59 -6.46
N LEU A 102 -6.33 -7.78 -5.73
CA LEU A 102 -5.30 -6.74 -5.52
C LEU A 102 -4.86 -6.09 -6.85
N ASN A 103 -4.45 -6.91 -7.84
CA ASN A 103 -3.98 -6.39 -9.13
C ASN A 103 -5.10 -5.62 -9.87
N MET A 104 -6.24 -6.29 -10.15
CA MET A 104 -7.35 -5.69 -10.95
C MET A 104 -7.96 -4.43 -10.28
N HIS A 105 -7.97 -4.40 -8.93
CA HIS A 105 -8.61 -3.31 -8.17
C HIS A 105 -7.66 -2.10 -7.94
N TYR A 106 -6.35 -2.36 -7.68
CA TYR A 106 -5.35 -1.27 -7.51
C TYR A 106 -5.02 -0.62 -8.86
N ASN A 107 -4.74 -1.46 -9.88
CA ASN A 107 -4.56 -1.03 -11.28
C ASN A 107 -4.39 -2.27 -12.18
N LYS A 108 -5.28 -2.41 -13.16
CA LYS A 108 -5.17 -3.42 -14.20
C LYS A 108 -4.07 -2.97 -15.15
N ALA A 109 -2.84 -3.39 -14.81
CA ALA A 109 -1.55 -2.78 -15.23
C ALA A 109 -0.44 -3.06 -14.21
N ASN A 110 -0.82 -3.56 -13.01
CA ASN A 110 0.15 -3.89 -11.91
C ASN A 110 1.10 -5.03 -12.34
N ASP A 111 2.21 -4.62 -13.00
CA ASP A 111 3.15 -5.51 -13.71
C ASP A 111 3.73 -6.63 -12.83
N PHE A 112 4.11 -6.27 -11.60
CA PHE A 112 4.81 -7.17 -10.67
C PHE A 112 3.91 -8.33 -10.17
N GLU A 113 2.57 -8.15 -10.30
CA GLU A 113 1.56 -9.20 -10.05
C GLU A 113 1.56 -9.68 -8.59
N VAL A 114 1.97 -8.74 -7.70
CA VAL A 114 2.12 -8.92 -6.24
C VAL A 114 2.84 -10.25 -5.84
N PRO A 115 4.20 -10.22 -5.63
CA PRO A 115 4.97 -11.37 -5.03
C PRO A 115 4.58 -11.68 -3.56
N GLU A 116 5.18 -12.77 -3.04
CA GLU A 116 4.82 -13.42 -1.75
C GLU A 116 4.70 -12.44 -0.57
N ARG A 117 5.67 -11.49 -0.49
CA ARG A 117 5.68 -10.40 0.52
C ARG A 117 4.30 -9.74 0.72
N PHE A 118 3.70 -9.28 -0.39
CA PHE A 118 2.45 -8.50 -0.37
C PHE A 118 1.24 -9.37 0.02
N LEU A 119 1.31 -10.67 -0.31
CA LEU A 119 0.31 -11.64 0.09
C LEU A 119 0.44 -12.01 1.58
N GLU A 120 1.68 -12.04 2.08
CA GLU A 120 1.97 -12.32 3.50
C GLU A 120 1.47 -11.15 4.35
N VAL A 121 1.63 -9.93 3.80
CA VAL A 121 1.09 -8.70 4.37
C VAL A 121 -0.45 -8.78 4.38
N ALA A 122 -1.07 -9.21 3.25
CA ALA A 122 -2.53 -9.43 3.16
C ALA A 122 -3.03 -10.46 4.20
N GLN A 123 -2.24 -11.54 4.35
CA GLN A 123 -2.54 -12.68 5.21
C GLN A 123 -2.64 -12.22 6.66
N ILE A 124 -1.53 -11.62 7.12
CA ILE A 124 -1.32 -11.22 8.52
C ILE A 124 -2.12 -9.94 8.87
N THR A 125 -2.33 -9.05 7.87
CA THR A 125 -3.14 -7.83 8.08
C THR A 125 -4.59 -8.22 8.31
N LEU A 126 -5.15 -9.10 7.44
CA LEU A 126 -6.53 -9.55 7.56
C LEU A 126 -6.72 -10.46 8.78
N ARG A 127 -5.66 -11.23 9.10
CA ARG A 127 -5.59 -12.08 10.31
C ARG A 127 -5.80 -11.23 11.59
N GLU A 128 -5.02 -10.15 11.70
CA GLU A 128 -5.05 -9.26 12.86
C GLU A 128 -6.32 -8.36 12.88
N PHE A 129 -6.79 -7.92 11.68
CA PHE A 129 -8.05 -7.16 11.53
C PHE A 129 -9.22 -8.04 12.02
N PHE A 130 -9.28 -9.27 11.48
CA PHE A 130 -10.27 -10.30 11.84
C PHE A 130 -10.30 -10.47 13.36
N ASN A 131 -9.10 -10.73 13.93
CA ASN A 131 -8.91 -10.97 15.37
C ASN A 131 -9.42 -9.79 16.21
N ALA A 132 -9.14 -8.57 15.73
CA ALA A 132 -9.52 -7.33 16.42
C ALA A 132 -11.05 -7.21 16.53
N ILE A 133 -11.74 -7.27 15.37
CA ILE A 133 -13.19 -7.02 15.32
C ILE A 133 -13.97 -8.21 15.94
N ILE A 134 -13.50 -9.46 15.72
CA ILE A 134 -14.11 -10.67 16.33
C ILE A 134 -13.90 -10.66 17.87
N ALA A 135 -12.81 -10.03 18.35
CA ALA A 135 -12.63 -9.75 19.80
C ALA A 135 -13.70 -8.76 20.26
N GLY A 136 -13.97 -7.74 19.42
CA GLY A 136 -15.01 -6.73 19.68
C GLY A 136 -14.56 -5.31 19.35
N LYS A 137 -13.33 -5.21 18.80
CA LYS A 137 -12.65 -3.93 18.52
C LYS A 137 -12.48 -3.15 19.84
N ASP A 138 -12.12 -3.93 20.88
CA ASP A 138 -11.83 -3.42 22.25
C ASP A 138 -10.62 -2.47 22.23
N VAL A 139 -9.80 -2.63 21.19
CA VAL A 139 -8.57 -1.87 20.97
C VAL A 139 -8.80 -0.73 19.95
N ASP A 140 -10.08 -0.24 19.88
CA ASP A 140 -10.55 0.89 18.99
C ASP A 140 -9.51 2.03 18.74
N PRO A 141 -8.79 2.60 19.77
CA PRO A 141 -7.70 3.56 19.51
C PRO A 141 -6.52 2.92 18.70
N SER A 142 -5.91 1.88 19.28
CA SER A 142 -4.58 1.38 18.88
C SER A 142 -4.59 0.27 17.80
N TRP A 143 -5.77 -0.33 17.49
CA TRP A 143 -5.84 -1.56 16.63
C TRP A 143 -5.22 -1.33 15.25
N LYS A 144 -5.54 -0.18 14.65
CA LYS A 144 -5.07 0.17 13.31
C LYS A 144 -3.52 0.18 13.28
N LYS A 145 -2.89 0.86 14.27
CA LYS A 145 -1.43 0.92 14.46
C LYS A 145 -0.83 -0.46 14.78
N ALA A 146 -1.58 -1.29 15.53
CA ALA A 146 -1.16 -2.65 15.92
C ALA A 146 -0.98 -3.53 14.68
N ILE A 147 -2.02 -3.52 13.81
CA ILE A 147 -2.01 -4.17 12.51
C ILE A 147 -0.84 -3.61 11.67
N TYR A 148 -0.75 -2.26 11.61
CA TYR A 148 0.30 -1.56 10.84
C TYR A 148 1.70 -1.99 11.31
N LYS A 149 1.83 -2.31 12.61
CA LYS A 149 3.09 -2.82 13.18
C LYS A 149 3.38 -4.24 12.68
N VAL A 150 2.37 -5.15 12.80
CA VAL A 150 2.55 -6.59 12.43
C VAL A 150 2.95 -6.74 10.95
N ILE A 151 2.47 -5.82 10.10
CA ILE A 151 2.78 -5.81 8.65
C ILE A 151 3.95 -4.87 8.29
N CYS A 152 4.30 -3.89 9.18
CA CYS A 152 5.51 -3.07 9.00
C CYS A 152 6.77 -3.88 9.33
N LYS A 153 6.58 -4.98 10.08
CA LYS A 153 7.65 -5.95 10.33
C LYS A 153 7.93 -6.82 9.08
N LEU A 154 6.93 -6.90 8.18
CA LEU A 154 6.98 -7.80 7.00
C LEU A 154 7.63 -7.12 5.78
N ASP A 155 7.36 -5.81 5.61
CA ASP A 155 7.82 -5.04 4.43
C ASP A 155 9.34 -4.74 4.46
N SER A 156 9.78 -3.96 3.48
CA SER A 156 11.14 -3.42 3.39
C SER A 156 11.07 -2.00 2.78
N GLU A 157 12.24 -1.33 2.65
CA GLU A 157 12.29 -0.02 2.00
C GLU A 157 12.41 -0.21 0.49
N VAL A 158 12.20 0.88 -0.24
CA VAL A 158 12.22 0.85 -1.71
C VAL A 158 13.62 0.49 -2.24
N PRO A 159 13.72 -0.46 -3.23
CA PRO A 159 14.85 -0.47 -4.17
C PRO A 159 15.09 0.95 -4.73
N GLU A 160 16.33 1.43 -4.67
CA GLU A 160 16.66 2.84 -4.95
C GLU A 160 16.41 3.17 -6.44
N ILE A 161 16.47 2.12 -7.28
CA ILE A 161 16.06 2.16 -8.69
C ILE A 161 15.27 0.87 -9.02
N PHE A 162 13.99 1.04 -9.39
CA PHE A 162 13.08 -0.05 -9.83
C PHE A 162 13.29 -0.39 -11.33
N LYS A 163 13.95 0.53 -12.06
CA LYS A 163 14.25 0.34 -13.49
C LYS A 163 15.14 -0.92 -13.67
N SER A 164 16.11 -1.06 -12.75
CA SER A 164 16.95 -2.27 -12.61
C SER A 164 17.76 -2.16 -11.29
N PRO A 165 17.69 -3.20 -10.38
CA PRO A 165 18.46 -3.24 -9.09
C PRO A 165 20.00 -3.09 -9.23
N ASN A 166 20.55 -3.25 -10.45
CA ASN A 166 22.01 -3.07 -10.70
C ASN A 166 22.38 -1.61 -11.00
N CYS A 167 21.41 -0.84 -11.55
CA CYS A 167 21.66 0.51 -12.11
C CYS A 167 22.15 1.52 -11.04
N LEU A 168 21.56 1.46 -9.82
CA LEU A 168 21.88 2.43 -8.74
C LEU A 168 23.27 2.16 -8.14
N GLN A 169 23.81 0.92 -8.31
CA GLN A 169 25.16 0.54 -7.82
C GLN A 169 26.23 1.55 -8.30
N GLU A 170 26.02 2.04 -9.55
CA GLU A 170 26.89 3.04 -10.19
C GLU A 170 26.94 4.36 -9.37
N LEU A 171 25.77 4.81 -8.87
CA LEU A 171 25.66 6.07 -8.10
C LEU A 171 25.91 5.83 -6.60
N LEU A 172 25.75 4.57 -6.15
CA LEU A 172 25.85 4.20 -4.72
C LEU A 172 27.32 3.97 -4.33
N HIS A 173 28.05 5.08 -4.23
CA HIS A 173 29.44 5.10 -3.76
C HIS A 173 29.58 6.32 -2.83
N GLU A 174 29.53 7.52 -3.43
CA GLU A 174 29.50 8.81 -2.71
C GLU A 174 28.07 9.37 -2.81
N MET A 1 -16.42 9.36 12.30
CA MET A 1 -15.61 10.28 11.47
C MET A 1 -15.53 9.76 10.03
N GLY A 2 -16.08 10.54 9.08
CA GLY A 2 -16.09 10.18 7.66
C GLY A 2 -17.47 10.37 7.05
N HIS A 3 -17.99 11.62 7.12
CA HIS A 3 -19.31 11.96 6.58
C HIS A 3 -19.29 11.88 5.05
N HIS A 4 -18.43 12.72 4.44
CA HIS A 4 -18.16 12.73 3.00
C HIS A 4 -17.00 13.71 2.70
N HIS A 5 -15.97 13.20 2.02
CA HIS A 5 -14.88 14.01 1.47
C HIS A 5 -14.22 13.21 0.36
N HIS A 6 -13.71 13.90 -0.67
CA HIS A 6 -13.11 13.25 -1.84
C HIS A 6 -11.75 13.87 -2.15
N HIS A 7 -10.68 13.11 -1.82
CA HIS A 7 -9.30 13.44 -2.23
C HIS A 7 -9.19 13.38 -3.76
N HIS A 8 -10.00 12.50 -4.36
CA HIS A 8 -10.15 12.34 -5.80
C HIS A 8 -11.00 13.51 -6.32
N SER A 9 -10.32 14.66 -6.46
CA SER A 9 -10.94 15.95 -6.82
C SER A 9 -10.66 16.26 -8.30
N HIS A 10 -11.71 16.72 -9.01
CA HIS A 10 -11.63 17.08 -10.42
C HIS A 10 -10.83 18.39 -10.56
N MET A 11 -9.52 18.25 -10.81
CA MET A 11 -8.60 19.38 -10.98
C MET A 11 -8.49 19.75 -12.47
N ALA A 12 -8.04 21.00 -12.74
CA ALA A 12 -7.92 21.56 -14.10
C ALA A 12 -6.94 20.71 -14.94
N MET A 13 -5.67 20.68 -14.49
CA MET A 13 -4.63 19.79 -15.06
C MET A 13 -4.77 18.42 -14.36
N GLN A 14 -5.83 17.69 -14.77
CA GLN A 14 -6.12 16.33 -14.27
C GLN A 14 -4.91 15.41 -14.53
N GLU A 15 -4.37 14.88 -13.43
CA GLU A 15 -3.17 14.05 -13.40
C GLU A 15 -1.90 14.86 -13.78
N GLY A 16 -1.01 15.06 -12.79
CA GLY A 16 0.16 15.93 -12.93
C GLY A 16 1.36 15.21 -13.53
N LEU A 17 1.55 13.93 -13.14
CA LEU A 17 2.74 13.15 -13.52
C LEU A 17 2.34 12.07 -14.53
N SER A 18 3.29 11.72 -15.42
CA SER A 18 3.07 10.79 -16.53
C SER A 18 2.84 9.33 -16.03
N PRO A 19 2.11 8.47 -16.83
CA PRO A 19 1.80 7.05 -16.47
C PRO A 19 3.00 6.18 -16.00
N ASN A 20 4.24 6.50 -16.44
CA ASN A 20 5.47 5.79 -15.98
C ASN A 20 5.76 6.07 -14.49
N HIS A 21 5.45 7.31 -14.06
CA HIS A 21 5.60 7.71 -12.67
C HIS A 21 4.47 7.09 -11.83
N LEU A 22 3.29 6.91 -12.45
CA LEU A 22 2.18 6.12 -11.87
C LEU A 22 2.60 4.66 -11.65
N LYS A 23 3.35 4.13 -12.62
CA LYS A 23 3.90 2.76 -12.58
C LYS A 23 4.83 2.60 -11.37
N LYS A 24 5.85 3.46 -11.28
CA LYS A 24 6.86 3.38 -10.19
C LYS A 24 6.22 3.62 -8.81
N ALA A 25 5.38 4.65 -8.71
CA ALA A 25 4.69 5.03 -7.45
C ALA A 25 3.74 3.92 -6.98
N LYS A 26 3.02 3.29 -7.94
CA LYS A 26 2.12 2.17 -7.63
C LYS A 26 2.94 0.98 -7.14
N LEU A 27 3.98 0.61 -7.93
CA LEU A 27 4.77 -0.63 -7.71
C LEU A 27 5.87 -0.45 -6.64
N MET A 28 5.92 0.73 -5.98
CA MET A 28 6.57 0.82 -4.65
C MET A 28 5.49 0.86 -3.53
N PHE A 29 4.51 1.79 -3.65
CA PHE A 29 3.56 2.13 -2.54
C PHE A 29 2.52 1.01 -2.27
N PHE A 30 2.30 0.10 -3.24
CA PHE A 30 1.26 -0.95 -3.10
C PHE A 30 1.61 -1.96 -1.99
N TYR A 31 2.92 -2.08 -1.65
CA TYR A 31 3.38 -3.05 -0.64
C TYR A 31 4.39 -2.44 0.37
N THR A 32 4.88 -1.21 0.12
CA THR A 32 5.73 -0.49 1.11
C THR A 32 4.81 0.37 2.00
N ARG A 33 5.10 0.40 3.31
CA ARG A 33 4.16 0.91 4.33
C ARG A 33 4.83 1.86 5.31
N TYR A 34 5.91 2.53 4.87
CA TYR A 34 6.37 3.78 5.52
C TYR A 34 5.21 4.79 5.61
N PRO A 35 5.15 5.66 6.67
CA PRO A 35 4.25 6.83 6.69
C PRO A 35 4.49 7.65 5.40
N SER A 36 3.40 7.95 4.67
CA SER A 36 3.44 8.52 3.30
C SER A 36 4.51 9.63 3.13
N SER A 37 4.57 10.58 4.09
CA SER A 37 5.54 11.70 4.07
C SER A 37 7.02 11.21 4.02
N ASN A 38 7.31 10.13 4.78
CA ASN A 38 8.66 9.51 4.85
C ASN A 38 9.10 9.01 3.47
N MET A 39 8.35 8.03 2.92
CA MET A 39 8.69 7.41 1.60
C MET A 39 8.53 8.41 0.44
N LEU A 40 7.68 9.44 0.65
CA LEU A 40 7.44 10.52 -0.32
C LEU A 40 8.75 11.28 -0.51
N LYS A 41 9.21 11.87 0.60
CA LYS A 41 10.45 12.66 0.67
C LYS A 41 11.68 11.82 0.25
N THR A 42 11.80 10.61 0.82
CA THR A 42 13.00 9.76 0.69
C THR A 42 13.14 9.19 -0.73
N TYR A 43 12.07 8.50 -1.22
CA TYR A 43 12.11 7.78 -2.50
C TYR A 43 11.86 8.74 -3.68
N PHE A 44 10.95 9.73 -3.49
CA PHE A 44 10.67 10.73 -4.55
C PHE A 44 11.49 12.00 -4.33
N SER A 45 12.76 11.80 -3.94
CA SER A 45 13.83 12.81 -4.10
C SER A 45 13.91 13.28 -5.59
N ASP A 46 13.61 12.33 -6.50
CA ASP A 46 13.35 12.58 -7.94
C ASP A 46 12.35 13.73 -8.14
N VAL A 47 11.20 13.64 -7.44
CA VAL A 47 10.12 14.62 -7.55
C VAL A 47 10.47 15.88 -6.77
N LYS A 48 10.80 16.96 -7.49
CA LYS A 48 10.92 18.29 -6.89
C LYS A 48 9.51 18.82 -6.66
N PHE A 49 8.99 18.51 -5.45
CA PHE A 49 7.59 18.71 -5.05
C PHE A 49 7.10 20.16 -5.27
N ASN A 50 6.29 20.34 -6.32
CA ASN A 50 5.52 21.58 -6.59
C ASN A 50 4.03 21.27 -6.32
N ARG A 51 3.29 22.28 -5.82
CA ARG A 51 1.94 22.12 -5.23
C ARG A 51 0.99 21.20 -6.04
N CYS A 52 0.89 21.45 -7.36
CA CYS A 52 -0.06 20.73 -8.26
C CYS A 52 0.26 19.23 -8.35
N ILE A 53 1.49 18.88 -8.78
CA ILE A 53 1.86 17.46 -9.02
C ILE A 53 2.08 16.73 -7.66
N THR A 54 2.38 17.50 -6.60
CA THR A 54 2.49 16.96 -5.23
C THR A 54 1.11 16.54 -4.72
N SER A 55 0.09 17.39 -4.93
CA SER A 55 -1.29 17.08 -4.53
C SER A 55 -1.85 15.92 -5.37
N GLN A 56 -1.41 15.83 -6.64
CA GLN A 56 -1.71 14.67 -7.52
C GLN A 56 -1.03 13.38 -7.00
N LEU A 57 0.21 13.51 -6.53
CA LEU A 57 1.02 12.39 -6.00
C LEU A 57 0.34 11.81 -4.73
N ILE A 58 -0.08 12.74 -3.85
CA ILE A 58 -0.80 12.44 -2.62
C ILE A 58 -2.21 11.93 -2.97
N LYS A 59 -2.79 12.41 -4.10
CA LYS A 59 -4.10 11.94 -4.59
C LYS A 59 -4.03 10.45 -4.92
N TRP A 60 -2.93 10.00 -5.58
CA TRP A 60 -2.66 8.55 -5.77
C TRP A 60 -2.59 7.85 -4.41
N PHE A 61 -1.70 8.39 -3.54
CA PHE A 61 -1.43 7.82 -2.20
C PHE A 61 -2.71 7.64 -1.37
N SER A 62 -3.65 8.58 -1.50
CA SER A 62 -4.90 8.59 -0.73
C SER A 62 -5.96 7.71 -1.42
N ASN A 63 -5.91 7.62 -2.78
CA ASN A 63 -6.76 6.67 -3.55
C ASN A 63 -6.48 5.23 -3.08
N PHE A 64 -5.18 4.89 -3.07
CA PHE A 64 -4.69 3.56 -2.72
C PHE A 64 -4.85 3.30 -1.23
N ARG A 65 -4.62 4.34 -0.40
CA ARG A 65 -4.76 4.27 1.08
C ARG A 65 -6.21 3.94 1.48
N GLU A 66 -7.16 4.74 0.95
CA GLU A 66 -8.58 4.60 1.29
C GLU A 66 -9.18 3.33 0.70
N PHE A 67 -8.74 2.95 -0.51
CA PHE A 67 -9.18 1.70 -1.15
C PHE A 67 -8.66 0.50 -0.33
N TYR A 68 -7.37 0.57 0.09
CA TYR A 68 -6.69 -0.48 0.88
C TYR A 68 -7.45 -0.73 2.20
N TYR A 69 -7.64 0.39 2.93
CA TYR A 69 -8.27 0.39 4.24
C TYR A 69 -9.73 -0.09 4.12
N ILE A 70 -10.54 0.59 3.28
CA ILE A 70 -11.99 0.26 3.12
C ILE A 70 -12.17 -1.22 2.71
N GLN A 71 -11.36 -1.72 1.75
CA GLN A 71 -11.52 -3.10 1.24
C GLN A 71 -11.12 -4.14 2.30
N MET A 72 -9.94 -3.98 2.93
CA MET A 72 -9.42 -4.96 3.91
C MET A 72 -10.32 -5.01 5.16
N GLU A 73 -10.69 -3.81 5.64
CA GLU A 73 -11.63 -3.60 6.76
C GLU A 73 -13.02 -4.20 6.42
N LYS A 74 -13.44 -4.03 5.14
CA LYS A 74 -14.72 -4.57 4.63
C LYS A 74 -14.70 -6.10 4.66
N TYR A 75 -13.53 -6.68 4.29
CA TYR A 75 -13.36 -8.14 4.21
C TYR A 75 -13.39 -8.76 5.62
N ALA A 76 -12.71 -8.10 6.58
CA ALA A 76 -12.71 -8.54 8.00
C ALA A 76 -14.13 -8.50 8.58
N ARG A 77 -14.83 -7.38 8.29
CA ARG A 77 -16.21 -7.16 8.73
C ARG A 77 -17.13 -8.20 8.05
N GLN A 78 -16.85 -8.52 6.78
CA GLN A 78 -17.61 -9.49 5.97
C GLN A 78 -17.47 -10.89 6.59
N ALA A 79 -16.24 -11.21 7.01
CA ALA A 79 -15.92 -12.51 7.62
C ALA A 79 -16.71 -12.71 8.93
N ILE A 80 -16.61 -11.73 9.86
CA ILE A 80 -17.35 -11.80 11.15
C ILE A 80 -18.89 -11.80 10.93
N ASN A 81 -19.36 -10.87 10.09
CA ASN A 81 -20.80 -10.64 9.85
C ASN A 81 -21.48 -11.88 9.22
N ASP A 82 -20.78 -12.50 8.27
CA ASP A 82 -21.24 -13.74 7.62
C ASP A 82 -21.02 -14.95 8.54
N GLY A 83 -20.00 -14.86 9.41
CA GLY A 83 -19.67 -15.95 10.33
C GLY A 83 -18.54 -16.83 9.82
N VAL A 84 -17.87 -16.38 8.73
CA VAL A 84 -16.66 -17.01 8.19
C VAL A 84 -15.58 -17.09 9.29
N THR A 85 -15.11 -18.31 9.57
CA THR A 85 -14.14 -18.59 10.64
C THR A 85 -12.71 -18.59 10.09
N SER A 86 -12.54 -18.88 8.80
CA SER A 86 -11.22 -18.97 8.16
C SER A 86 -11.05 -17.84 7.11
N THR A 87 -10.03 -16.99 7.34
CA THR A 87 -9.73 -15.81 6.50
C THR A 87 -9.31 -16.20 5.05
N GLU A 88 -8.95 -17.48 4.84
CA GLU A 88 -8.48 -18.02 3.55
C GLU A 88 -9.58 -18.09 2.45
N GLU A 89 -10.81 -17.75 2.84
CA GLU A 89 -12.01 -17.87 1.99
C GLU A 89 -12.34 -16.50 1.35
N LEU A 90 -11.59 -15.44 1.74
CA LEU A 90 -11.82 -14.05 1.29
C LEU A 90 -10.51 -13.37 0.82
N SER A 91 -9.43 -13.43 1.63
CA SER A 91 -8.20 -12.62 1.34
C SER A 91 -6.96 -13.05 2.18
N ILE A 92 -6.47 -14.27 1.89
CA ILE A 92 -5.13 -14.76 2.33
C ILE A 92 -4.39 -15.23 1.06
N THR A 93 -3.04 -15.40 1.13
CA THR A 93 -2.20 -15.93 0.03
C THR A 93 -2.84 -17.18 -0.65
N ARG A 94 -3.71 -16.90 -1.63
CA ARG A 94 -4.55 -17.93 -2.31
C ARG A 94 -4.21 -17.98 -3.81
N ASP A 95 -3.02 -17.43 -4.13
CA ASP A 95 -2.42 -17.40 -5.48
C ASP A 95 -3.41 -16.86 -6.52
N CYS A 96 -3.98 -17.74 -7.37
CA CYS A 96 -4.81 -17.35 -8.53
C CYS A 96 -5.84 -16.24 -8.19
N GLU A 97 -6.71 -16.54 -7.22
CA GLU A 97 -7.84 -15.69 -6.83
C GLU A 97 -7.38 -14.31 -6.30
N LEU A 98 -6.56 -14.31 -5.24
CA LEU A 98 -6.22 -13.07 -4.52
C LEU A 98 -5.23 -12.19 -5.32
N TYR A 99 -4.34 -12.84 -6.08
CA TYR A 99 -3.39 -12.12 -6.97
C TYR A 99 -4.19 -11.40 -8.06
N ARG A 100 -5.09 -12.15 -8.74
CA ARG A 100 -5.95 -11.58 -9.80
C ARG A 100 -6.86 -10.47 -9.23
N ALA A 101 -7.33 -10.68 -7.98
CA ALA A 101 -8.26 -9.75 -7.33
C ALA A 101 -7.57 -8.41 -7.03
N LEU A 102 -6.57 -8.45 -6.14
CA LEU A 102 -5.87 -7.24 -5.66
C LEU A 102 -5.03 -6.56 -6.76
N ASN A 103 -4.56 -7.33 -7.77
CA ASN A 103 -3.92 -6.69 -8.96
C ASN A 103 -4.99 -5.93 -9.75
N MET A 104 -6.12 -6.58 -10.08
CA MET A 104 -7.21 -5.94 -10.87
C MET A 104 -7.82 -4.73 -10.11
N HIS A 105 -7.75 -4.78 -8.77
CA HIS A 105 -8.21 -3.70 -7.88
C HIS A 105 -7.22 -2.52 -7.88
N TYR A 106 -5.94 -2.80 -7.60
CA TYR A 106 -4.91 -1.75 -7.38
C TYR A 106 -4.19 -1.38 -8.69
N ASN A 107 -3.56 -2.36 -9.33
CA ASN A 107 -2.69 -2.13 -10.49
C ASN A 107 -3.26 -2.85 -11.74
N LYS A 108 -3.99 -2.08 -12.56
CA LYS A 108 -4.73 -2.60 -13.73
C LYS A 108 -3.75 -3.06 -14.81
N ALA A 109 -2.66 -2.28 -14.94
CA ALA A 109 -1.48 -2.66 -15.72
C ALA A 109 -0.49 -3.37 -14.77
N ASN A 110 -0.97 -4.50 -14.21
CA ASN A 110 -0.22 -5.39 -13.29
C ASN A 110 1.24 -5.62 -13.75
N ASP A 111 2.13 -4.71 -13.34
CA ASP A 111 3.55 -4.73 -13.72
C ASP A 111 4.31 -5.82 -12.96
N PHE A 112 4.31 -5.72 -11.62
CA PHE A 112 4.85 -6.78 -10.73
C PHE A 112 3.71 -7.73 -10.34
N GLU A 113 4.05 -9.02 -10.20
CA GLU A 113 3.09 -10.11 -9.93
C GLU A 113 2.77 -10.23 -8.41
N VAL A 114 2.73 -9.07 -7.71
CA VAL A 114 2.57 -8.94 -6.23
C VAL A 114 3.53 -9.87 -5.43
N PRO A 115 4.75 -9.33 -5.01
CA PRO A 115 5.78 -10.10 -4.24
C PRO A 115 5.28 -10.65 -2.87
N GLU A 116 6.18 -11.41 -2.21
CA GLU A 116 5.89 -12.16 -0.96
C GLU A 116 5.22 -11.28 0.12
N ARG A 117 5.86 -10.14 0.44
CA ARG A 117 5.41 -9.25 1.54
C ARG A 117 4.02 -8.63 1.31
N PHE A 118 3.58 -8.55 0.04
CA PHE A 118 2.23 -8.02 -0.28
C PHE A 118 1.15 -8.95 0.30
N LEU A 119 1.28 -10.26 -0.01
CA LEU A 119 0.35 -11.31 0.45
C LEU A 119 0.57 -11.68 1.92
N GLU A 120 1.83 -11.58 2.37
CA GLU A 120 2.20 -11.80 3.77
C GLU A 120 1.49 -10.78 4.66
N VAL A 121 1.55 -9.50 4.24
CA VAL A 121 0.83 -8.42 4.90
C VAL A 121 -0.66 -8.66 4.79
N ALA A 122 -1.22 -8.87 3.57
CA ALA A 122 -2.68 -9.12 3.35
C ALA A 122 -3.20 -10.15 4.36
N GLN A 123 -2.39 -11.22 4.52
CA GLN A 123 -2.62 -12.30 5.48
C GLN A 123 -2.71 -11.73 6.91
N ILE A 124 -1.63 -11.07 7.34
CA ILE A 124 -1.47 -10.57 8.73
C ILE A 124 -2.50 -9.47 9.06
N THR A 125 -2.59 -8.41 8.23
CA THR A 125 -3.48 -7.26 8.46
C THR A 125 -4.94 -7.69 8.48
N LEU A 126 -5.36 -8.57 7.53
CA LEU A 126 -6.74 -9.10 7.54
C LEU A 126 -6.97 -9.98 8.78
N ARG A 127 -5.97 -10.81 9.11
CA ARG A 127 -6.03 -11.73 10.26
C ARG A 127 -6.11 -10.96 11.60
N GLU A 128 -5.49 -9.77 11.64
CA GLU A 128 -5.46 -8.90 12.83
C GLU A 128 -6.80 -8.16 12.98
N PHE A 129 -7.28 -7.56 11.87
CA PHE A 129 -8.61 -6.92 11.82
C PHE A 129 -9.70 -7.95 12.23
N PHE A 130 -9.64 -9.12 11.57
CA PHE A 130 -10.50 -10.29 11.86
C PHE A 130 -10.48 -10.60 13.36
N ASN A 131 -9.25 -10.85 13.88
CA ASN A 131 -8.99 -11.21 15.31
C ASN A 131 -9.60 -10.17 16.26
N ALA A 132 -9.53 -8.91 15.85
CA ALA A 132 -9.99 -7.76 16.64
C ALA A 132 -11.52 -7.76 16.76
N ILE A 133 -12.24 -7.71 15.60
CA ILE A 133 -13.72 -7.66 15.60
C ILE A 133 -14.31 -8.95 16.22
N ILE A 134 -13.74 -10.12 15.88
CA ILE A 134 -14.20 -11.43 16.43
C ILE A 134 -13.94 -11.50 17.96
N ALA A 135 -12.84 -10.86 18.44
CA ALA A 135 -12.61 -10.68 19.89
C ALA A 135 -13.72 -9.82 20.52
N GLY A 136 -14.18 -8.80 19.76
CA GLY A 136 -15.32 -7.95 20.16
C GLY A 136 -15.14 -6.48 19.79
N LYS A 137 -14.13 -6.18 18.91
CA LYS A 137 -13.74 -4.83 18.39
C LYS A 137 -13.54 -3.79 19.52
N ASP A 138 -13.30 -4.33 20.74
CA ASP A 138 -12.93 -3.55 21.92
C ASP A 138 -11.40 -3.67 22.07
N VAL A 139 -10.72 -2.93 21.21
CA VAL A 139 -9.25 -3.02 21.01
C VAL A 139 -8.63 -1.61 20.95
N ASP A 140 -9.40 -0.60 21.44
CA ASP A 140 -9.08 0.86 21.36
C ASP A 140 -9.21 1.36 19.90
N PRO A 141 -9.48 2.70 19.66
CA PRO A 141 -9.49 3.29 18.29
C PRO A 141 -8.10 3.21 17.59
N SER A 142 -7.06 3.11 18.44
CA SER A 142 -5.65 3.02 18.03
C SER A 142 -5.33 1.74 17.23
N TRP A 143 -6.25 0.76 17.25
CA TRP A 143 -6.05 -0.59 16.68
C TRP A 143 -5.62 -0.57 15.21
N LYS A 144 -6.27 0.27 14.39
CA LYS A 144 -5.98 0.37 12.95
C LYS A 144 -4.51 0.73 12.72
N LYS A 145 -4.05 1.72 13.50
CA LYS A 145 -2.66 2.22 13.47
C LYS A 145 -1.69 1.16 14.01
N ALA A 146 -2.13 0.41 15.05
CA ALA A 146 -1.35 -0.71 15.63
C ALA A 146 -1.06 -1.75 14.54
N ILE A 147 -2.13 -2.14 13.80
CA ILE A 147 -2.06 -3.06 12.66
C ILE A 147 -1.10 -2.51 11.58
N TYR A 148 -1.24 -1.19 11.24
CA TYR A 148 -0.37 -0.53 10.24
C TYR A 148 1.11 -0.65 10.63
N LYS A 149 1.37 -0.57 11.95
CA LYS A 149 2.71 -0.73 12.50
C LYS A 149 3.20 -2.19 12.47
N VAL A 150 2.30 -3.18 12.72
CA VAL A 150 2.68 -4.62 12.71
C VAL A 150 3.04 -5.07 11.28
N ILE A 151 2.36 -4.48 10.28
CA ILE A 151 2.54 -4.84 8.86
C ILE A 151 3.61 -3.96 8.16
N CYS A 152 3.88 -2.76 8.69
CA CYS A 152 4.99 -1.92 8.21
C CYS A 152 6.32 -2.44 8.77
N LYS A 153 6.28 -3.02 10.00
CA LYS A 153 7.46 -3.58 10.66
C LYS A 153 7.62 -5.07 10.27
N LEU A 154 7.75 -5.30 8.95
CA LEU A 154 8.03 -6.62 8.36
C LEU A 154 9.19 -6.44 7.37
N ASP A 155 8.88 -5.75 6.25
CA ASP A 155 9.84 -5.47 5.18
C ASP A 155 9.19 -4.50 4.19
N SER A 156 9.88 -3.39 3.93
CA SER A 156 9.38 -2.30 3.07
C SER A 156 10.47 -1.77 2.11
N GLU A 157 11.45 -2.63 1.78
CA GLU A 157 12.46 -2.32 0.75
C GLU A 157 11.83 -2.47 -0.65
N VAL A 158 12.02 -1.46 -1.51
CA VAL A 158 11.37 -1.39 -2.84
C VAL A 158 12.43 -1.49 -3.96
N PRO A 159 12.00 -1.69 -5.25
CA PRO A 159 12.85 -1.40 -6.40
C PRO A 159 13.22 0.11 -6.42
N GLU A 160 14.49 0.38 -6.05
CA GLU A 160 15.07 1.74 -6.08
C GLU A 160 15.17 2.19 -7.54
N ILE A 161 15.50 1.20 -8.38
CA ILE A 161 15.49 1.30 -9.83
C ILE A 161 14.85 0.02 -10.39
N PHE A 162 13.83 0.21 -11.23
CA PHE A 162 13.00 -0.88 -11.79
C PHE A 162 13.73 -1.65 -12.91
N LYS A 163 14.84 -1.07 -13.43
CA LYS A 163 15.63 -1.68 -14.52
C LYS A 163 16.37 -2.95 -14.04
N SER A 164 17.04 -2.86 -12.87
CA SER A 164 17.89 -3.94 -12.32
C SER A 164 18.17 -3.67 -10.82
N PRO A 165 18.10 -4.70 -9.91
CA PRO A 165 18.24 -4.51 -8.42
C PRO A 165 19.53 -3.74 -8.01
N ASN A 166 19.32 -2.45 -7.64
CA ASN A 166 20.34 -1.54 -7.04
C ASN A 166 21.41 -1.09 -8.05
N CYS A 167 21.17 -1.40 -9.35
CA CYS A 167 22.09 -1.00 -10.45
C CYS A 167 22.20 0.53 -10.61
N LEU A 168 21.25 1.29 -10.01
CA LEU A 168 21.29 2.78 -9.97
C LEU A 168 22.48 3.31 -9.17
N GLN A 169 23.16 2.40 -8.44
CA GLN A 169 24.44 2.68 -7.74
C GLN A 169 25.45 3.40 -8.66
N GLU A 170 25.37 3.09 -9.98
CA GLU A 170 26.20 3.68 -11.03
C GLU A 170 26.02 5.21 -11.12
N LEU A 171 24.75 5.63 -11.10
CA LEU A 171 24.35 7.05 -11.20
C LEU A 171 23.95 7.60 -9.82
N LEU A 172 24.27 6.86 -8.76
CA LEU A 172 24.07 7.29 -7.36
C LEU A 172 25.37 7.93 -6.87
N HIS A 173 25.36 9.25 -6.69
CA HIS A 173 26.53 10.01 -6.17
C HIS A 173 26.24 10.40 -4.71
N GLU A 174 27.27 10.32 -3.84
CA GLU A 174 27.17 10.78 -2.46
C GLU A 174 27.38 12.31 -2.42
N MET A 1 2.70 8.65 12.79
CA MET A 1 3.51 9.88 12.92
C MET A 1 2.61 11.11 12.76
N GLY A 2 2.14 11.65 13.91
CA GLY A 2 1.33 12.87 13.94
C GLY A 2 -0.02 12.73 13.22
N HIS A 3 -0.15 13.41 12.07
CA HIS A 3 -1.33 13.35 11.20
C HIS A 3 -0.86 13.34 9.74
N HIS A 4 -1.56 12.60 8.87
CA HIS A 4 -1.34 12.68 7.41
C HIS A 4 -2.04 13.94 6.89
N HIS A 5 -1.36 14.70 6.01
CA HIS A 5 -1.87 15.97 5.46
C HIS A 5 -3.16 15.75 4.63
N HIS A 6 -4.31 15.98 5.30
CA HIS A 6 -5.65 15.75 4.72
C HIS A 6 -6.06 16.90 3.80
N HIS A 7 -6.61 16.53 2.64
CA HIS A 7 -7.22 17.44 1.67
C HIS A 7 -7.76 16.58 0.53
N HIS A 8 -8.95 16.93 0.01
CA HIS A 8 -9.53 16.23 -1.15
C HIS A 8 -8.62 16.50 -2.37
N SER A 9 -7.71 15.55 -2.58
CA SER A 9 -6.55 15.70 -3.46
C SER A 9 -6.93 15.62 -4.95
N HIS A 10 -6.93 16.79 -5.61
CA HIS A 10 -7.15 16.92 -7.08
C HIS A 10 -6.76 18.35 -7.52
N MET A 11 -5.90 19.01 -6.73
CA MET A 11 -5.59 20.46 -6.85
C MET A 11 -4.58 20.68 -7.99
N ALA A 12 -5.03 20.38 -9.23
CA ALA A 12 -4.17 20.21 -10.40
C ALA A 12 -5.02 19.97 -11.66
N MET A 13 -4.31 19.78 -12.77
CA MET A 13 -4.86 19.55 -14.13
C MET A 13 -3.69 19.38 -15.10
N GLN A 14 -2.59 20.11 -14.82
CA GLN A 14 -1.29 19.94 -15.49
C GLN A 14 -0.34 19.17 -14.54
N GLU A 15 0.46 18.24 -15.10
CA GLU A 15 1.40 17.40 -14.31
C GLU A 15 2.83 17.57 -14.84
N GLY A 16 3.80 17.36 -13.94
CA GLY A 16 5.24 17.46 -14.25
C GLY A 16 5.98 16.23 -13.78
N LEU A 17 5.22 15.18 -13.47
CA LEU A 17 5.73 13.90 -12.96
C LEU A 17 6.34 13.09 -14.12
N SER A 18 7.61 12.65 -13.94
CA SER A 18 8.39 11.94 -14.97
C SER A 18 7.87 10.48 -15.20
N PRO A 19 8.20 9.81 -16.36
CA PRO A 19 7.71 8.43 -16.66
C PRO A 19 8.10 7.39 -15.59
N ASN A 20 7.29 6.30 -15.52
CA ASN A 20 7.46 5.15 -14.58
C ASN A 20 7.12 5.57 -13.13
N HIS A 21 6.60 6.80 -12.93
CA HIS A 21 6.33 7.37 -11.59
C HIS A 21 5.26 6.57 -10.86
N LEU A 22 4.09 6.41 -11.52
CA LEU A 22 2.90 5.78 -10.91
C LEU A 22 3.07 4.25 -10.79
N LYS A 23 3.86 3.67 -11.71
CA LYS A 23 4.25 2.25 -11.65
C LYS A 23 5.09 2.00 -10.39
N LYS A 24 6.18 2.79 -10.30
CA LYS A 24 7.09 2.81 -9.15
C LYS A 24 6.34 3.15 -7.86
N ALA A 25 5.33 4.05 -7.98
CA ALA A 25 4.51 4.54 -6.85
C ALA A 25 3.67 3.41 -6.25
N LYS A 26 3.05 2.60 -7.13
CA LYS A 26 2.27 1.43 -6.70
C LYS A 26 3.17 0.39 -6.03
N LEU A 27 4.29 0.04 -6.70
CA LEU A 27 5.25 -0.97 -6.17
C LEU A 27 5.89 -0.48 -4.84
N MET A 28 6.05 0.86 -4.73
CA MET A 28 6.62 1.54 -3.56
C MET A 28 5.60 1.58 -2.40
N PHE A 29 4.31 1.69 -2.76
CA PHE A 29 3.21 1.69 -1.78
C PHE A 29 2.94 0.26 -1.25
N PHE A 30 3.08 -0.74 -2.14
CA PHE A 30 2.88 -2.17 -1.81
C PHE A 30 3.83 -2.59 -0.69
N TYR A 31 5.01 -1.95 -0.67
CA TYR A 31 6.04 -2.13 0.36
C TYR A 31 6.13 -0.88 1.26
N THR A 32 6.86 -0.98 2.38
CA THR A 32 7.16 0.17 3.28
C THR A 32 5.91 0.72 4.04
N ARG A 33 5.05 1.50 3.31
CA ARG A 33 3.77 2.05 3.83
C ARG A 33 3.99 3.09 4.95
N TYR A 34 5.17 3.76 4.95
CA TYR A 34 5.45 4.95 5.81
C TYR A 34 4.33 6.02 5.66
N PRO A 35 4.02 6.80 6.75
CA PRO A 35 3.12 7.99 6.65
C PRO A 35 3.58 8.92 5.51
N SER A 36 2.60 9.31 4.66
CA SER A 36 2.80 9.89 3.32
C SER A 36 4.00 10.86 3.21
N SER A 37 4.02 11.90 4.07
CA SER A 37 5.05 12.98 4.08
C SER A 37 6.52 12.43 4.03
N ASN A 38 6.79 11.44 4.91
CA ASN A 38 8.13 10.86 5.09
C ASN A 38 8.62 10.23 3.77
N MET A 39 7.88 9.19 3.33
CA MET A 39 8.21 8.42 2.11
C MET A 39 8.12 9.29 0.83
N LEU A 40 7.28 10.34 0.89
CA LEU A 40 7.07 11.31 -0.20
C LEU A 40 8.42 11.97 -0.49
N LYS A 41 8.92 12.71 0.52
CA LYS A 41 10.17 13.46 0.42
C LYS A 41 11.37 12.52 0.20
N THR A 42 11.50 11.49 1.07
CA THR A 42 12.68 10.61 1.13
C THR A 42 12.86 9.77 -0.17
N TYR A 43 11.77 9.23 -0.72
CA TYR A 43 11.85 8.29 -1.85
C TYR A 43 11.69 9.00 -3.22
N PHE A 44 10.78 9.99 -3.32
CA PHE A 44 10.56 10.71 -4.61
C PHE A 44 11.47 11.94 -4.72
N SER A 45 12.78 11.73 -4.43
CA SER A 45 13.83 12.79 -4.51
C SER A 45 13.91 13.44 -5.92
N ASP A 46 13.55 12.68 -6.94
CA ASP A 46 13.59 13.12 -8.35
C ASP A 46 12.42 14.09 -8.70
N VAL A 47 11.41 14.14 -7.81
CA VAL A 47 10.16 14.90 -8.03
C VAL A 47 10.21 16.24 -7.29
N LYS A 48 10.32 17.33 -8.07
CA LYS A 48 10.24 18.70 -7.54
C LYS A 48 8.78 19.01 -7.12
N PHE A 49 8.47 18.63 -5.86
CA PHE A 49 7.10 18.66 -5.29
C PHE A 49 6.42 20.05 -5.38
N ASN A 50 5.68 20.28 -6.48
CA ASN A 50 4.74 21.42 -6.61
C ASN A 50 3.36 20.94 -6.18
N ARG A 51 2.54 21.81 -5.55
CA ARG A 51 1.25 21.41 -4.88
C ARG A 51 0.31 20.63 -5.83
N CYS A 52 0.38 20.96 -7.14
CA CYS A 52 -0.42 20.31 -8.18
C CYS A 52 -0.05 18.83 -8.32
N ILE A 53 1.22 18.57 -8.65
CA ILE A 53 1.72 17.22 -8.94
C ILE A 53 1.81 16.39 -7.65
N THR A 54 1.97 17.09 -6.50
CA THR A 54 2.01 16.48 -5.17
C THR A 54 0.59 16.06 -4.75
N SER A 55 -0.44 16.87 -5.10
CA SER A 55 -1.84 16.51 -4.78
C SER A 55 -2.31 15.34 -5.66
N GLN A 56 -1.83 15.25 -6.93
CA GLN A 56 -2.10 14.09 -7.81
C GLN A 56 -1.36 12.84 -7.32
N LEU A 57 -0.11 13.03 -6.84
CA LEU A 57 0.71 11.97 -6.25
C LEU A 57 0.00 11.39 -5.01
N ILE A 58 -0.38 12.30 -4.09
CA ILE A 58 -1.09 11.95 -2.85
C ILE A 58 -2.50 11.40 -3.17
N LYS A 59 -3.09 11.83 -4.31
CA LYS A 59 -4.38 11.29 -4.80
C LYS A 59 -4.24 9.81 -5.14
N TRP A 60 -3.18 9.46 -5.89
CA TRP A 60 -2.87 8.07 -6.24
C TRP A 60 -2.70 7.24 -4.96
N PHE A 61 -1.79 7.69 -4.08
CA PHE A 61 -1.51 7.03 -2.80
C PHE A 61 -2.74 6.97 -1.88
N SER A 62 -3.63 7.97 -1.98
CA SER A 62 -4.86 8.03 -1.16
C SER A 62 -5.90 7.06 -1.73
N ASN A 63 -5.85 6.84 -3.07
CA ASN A 63 -6.69 5.83 -3.73
C ASN A 63 -6.31 4.47 -3.21
N PHE A 64 -5.04 4.08 -3.39
CA PHE A 64 -4.55 2.74 -3.00
C PHE A 64 -4.72 2.50 -1.50
N ARG A 65 -4.39 3.53 -0.69
CA ARG A 65 -4.47 3.49 0.80
C ARG A 65 -5.93 3.30 1.25
N GLU A 66 -6.85 4.13 0.71
CA GLU A 66 -8.27 4.11 1.10
C GLU A 66 -8.98 2.87 0.54
N PHE A 67 -8.48 2.33 -0.59
CA PHE A 67 -9.05 1.12 -1.21
C PHE A 67 -8.68 -0.11 -0.37
N TYR A 68 -7.38 -0.23 0.03
CA TYR A 68 -6.91 -1.30 0.93
C TYR A 68 -7.60 -1.21 2.30
N TYR A 69 -7.76 0.04 2.79
CA TYR A 69 -8.46 0.35 4.04
C TYR A 69 -9.90 -0.20 3.99
N ILE A 70 -10.69 0.32 3.02
CA ILE A 70 -12.11 -0.03 2.85
C ILE A 70 -12.29 -1.53 2.55
N GLN A 71 -11.39 -2.10 1.70
CA GLN A 71 -11.53 -3.51 1.26
C GLN A 71 -11.26 -4.48 2.41
N MET A 72 -10.08 -4.37 3.05
CA MET A 72 -9.70 -5.29 4.14
C MET A 72 -10.57 -5.11 5.40
N GLU A 73 -11.00 -3.85 5.66
CA GLU A 73 -11.99 -3.54 6.71
C GLU A 73 -13.36 -4.19 6.40
N LYS A 74 -13.80 -4.09 5.12
CA LYS A 74 -15.10 -4.65 4.63
C LYS A 74 -15.04 -6.17 4.75
N TYR A 75 -13.90 -6.75 4.34
CA TYR A 75 -13.66 -8.19 4.33
C TYR A 75 -13.73 -8.73 5.75
N ALA A 76 -13.05 -8.04 6.69
CA ALA A 76 -12.98 -8.44 8.11
C ALA A 76 -14.35 -8.35 8.80
N ARG A 77 -15.04 -7.19 8.63
CA ARG A 77 -16.35 -6.94 9.26
C ARG A 77 -17.39 -7.96 8.77
N GLN A 78 -17.49 -8.10 7.44
CA GLN A 78 -18.42 -9.04 6.78
C GLN A 78 -18.12 -10.48 7.18
N ALA A 79 -16.81 -10.82 7.20
CA ALA A 79 -16.33 -12.18 7.54
C ALA A 79 -16.80 -12.61 8.92
N ILE A 80 -16.43 -11.82 9.93
CA ILE A 80 -16.79 -12.09 11.34
C ILE A 80 -18.33 -12.10 11.50
N ASN A 81 -19.01 -11.13 10.83
CA ASN A 81 -20.48 -10.99 10.87
C ASN A 81 -21.19 -12.20 10.17
N ASP A 82 -20.50 -12.84 9.21
CA ASP A 82 -21.04 -13.98 8.41
C ASP A 82 -20.68 -15.35 9.01
N GLY A 83 -19.54 -15.44 9.73
CA GLY A 83 -19.06 -16.72 10.31
C GLY A 83 -17.67 -17.13 9.82
N VAL A 84 -17.10 -16.36 8.88
CA VAL A 84 -15.75 -16.60 8.34
C VAL A 84 -14.70 -16.15 9.39
N THR A 85 -13.68 -17.01 9.62
CA THR A 85 -12.69 -16.84 10.71
C THR A 85 -11.27 -17.21 10.22
N SER A 86 -11.13 -17.44 8.90
CA SER A 86 -9.84 -17.72 8.26
C SER A 86 -9.72 -16.84 7.01
N THR A 87 -8.63 -16.05 6.95
CA THR A 87 -8.35 -15.12 5.85
C THR A 87 -8.04 -15.85 4.54
N GLU A 88 -7.65 -17.12 4.67
CA GLU A 88 -7.27 -17.99 3.54
C GLU A 88 -8.48 -18.45 2.71
N GLU A 89 -9.71 -18.14 3.18
CA GLU A 89 -10.97 -18.51 2.49
C GLU A 89 -11.37 -17.40 1.48
N LEU A 90 -10.57 -16.32 1.44
CA LEU A 90 -10.80 -15.14 0.60
C LEU A 90 -9.45 -14.55 0.10
N SER A 91 -9.45 -13.23 -0.22
CA SER A 91 -8.30 -12.47 -0.76
C SER A 91 -7.02 -12.62 0.11
N ILE A 92 -6.08 -13.50 -0.32
CA ILE A 92 -4.89 -13.84 0.51
C ILE A 92 -3.70 -14.29 -0.37
N THR A 93 -2.56 -14.69 0.28
CA THR A 93 -1.39 -15.33 -0.36
C THR A 93 -1.78 -16.60 -1.17
N ARG A 94 -2.33 -16.32 -2.34
CA ARG A 94 -2.65 -17.28 -3.41
C ARG A 94 -2.61 -16.45 -4.69
N ASP A 95 -1.85 -16.94 -5.66
CA ASP A 95 -1.67 -16.30 -6.98
C ASP A 95 -2.92 -16.53 -7.89
N CYS A 96 -4.08 -16.11 -7.37
CA CYS A 96 -5.41 -16.25 -7.98
C CYS A 96 -6.35 -15.22 -7.32
N GLU A 97 -6.82 -15.54 -6.10
CA GLU A 97 -7.93 -14.81 -5.43
C GLU A 97 -7.63 -13.33 -5.10
N LEU A 98 -6.52 -13.06 -4.37
CA LEU A 98 -6.12 -11.68 -3.99
C LEU A 98 -5.79 -10.87 -5.27
N TYR A 99 -5.21 -11.58 -6.24
CA TYR A 99 -4.79 -10.99 -7.54
C TYR A 99 -6.03 -10.50 -8.31
N ARG A 100 -7.03 -11.40 -8.47
CA ARG A 100 -8.31 -11.12 -9.17
C ARG A 100 -9.14 -10.05 -8.46
N ALA A 101 -9.10 -10.05 -7.11
CA ALA A 101 -9.83 -9.07 -6.29
C ALA A 101 -9.29 -7.65 -6.52
N LEU A 102 -7.97 -7.49 -6.28
CA LEU A 102 -7.28 -6.19 -6.43
C LEU A 102 -7.19 -5.76 -7.90
N ASN A 103 -7.28 -6.75 -8.82
CA ASN A 103 -7.36 -6.46 -10.26
C ASN A 103 -8.71 -5.78 -10.55
N MET A 104 -9.80 -6.53 -10.30
CA MET A 104 -11.19 -6.12 -10.53
C MET A 104 -11.54 -4.79 -9.83
N HIS A 105 -10.89 -4.52 -8.68
CA HIS A 105 -11.14 -3.28 -7.92
C HIS A 105 -10.26 -2.10 -8.42
N TYR A 106 -8.92 -2.29 -8.44
CA TYR A 106 -7.96 -1.18 -8.67
C TYR A 106 -7.75 -0.91 -10.17
N ASN A 107 -7.30 -1.95 -10.89
CA ASN A 107 -6.66 -1.81 -12.24
C ASN A 107 -6.32 -3.22 -12.76
N LYS A 108 -5.79 -3.31 -13.99
CA LYS A 108 -5.58 -4.62 -14.66
C LYS A 108 -4.28 -5.32 -14.20
N ALA A 109 -3.62 -4.75 -13.15
CA ALA A 109 -2.39 -5.28 -12.51
C ALA A 109 -1.15 -5.18 -13.45
N ASN A 110 -1.33 -4.51 -14.61
CA ASN A 110 -0.31 -4.22 -15.66
C ASN A 110 0.94 -5.16 -15.67
N ASP A 111 1.97 -4.80 -14.89
CA ASP A 111 3.28 -5.49 -14.83
C ASP A 111 3.48 -6.18 -13.46
N PHE A 112 2.62 -5.81 -12.50
CA PHE A 112 2.75 -6.21 -11.09
C PHE A 112 2.25 -7.63 -10.87
N GLU A 113 3.19 -8.56 -10.74
CA GLU A 113 2.91 -9.94 -10.34
C GLU A 113 3.06 -10.08 -8.80
N VAL A 114 3.45 -8.95 -8.14
CA VAL A 114 3.65 -8.81 -6.67
C VAL A 114 4.40 -10.01 -6.01
N PRO A 115 5.75 -9.90 -5.78
CA PRO A 115 6.56 -10.90 -5.03
C PRO A 115 6.01 -11.25 -3.64
N GLU A 116 6.60 -12.32 -3.04
CA GLU A 116 6.13 -12.97 -1.79
C GLU A 116 5.87 -11.96 -0.68
N ARG A 117 6.80 -10.98 -0.53
CA ARG A 117 6.76 -9.93 0.51
C ARG A 117 5.39 -9.23 0.60
N PHE A 118 4.83 -8.83 -0.57
CA PHE A 118 3.51 -8.17 -0.65
C PHE A 118 2.43 -9.10 -0.09
N LEU A 119 2.45 -10.37 -0.52
CA LEU A 119 1.47 -11.38 -0.09
C LEU A 119 1.56 -11.61 1.42
N GLU A 120 2.80 -11.66 1.96
CA GLU A 120 3.06 -11.85 3.39
C GLU A 120 2.47 -10.68 4.21
N VAL A 121 2.67 -9.46 3.70
CA VAL A 121 2.14 -8.24 4.33
C VAL A 121 0.61 -8.27 4.29
N ALA A 122 0.02 -8.30 3.08
CA ALA A 122 -1.46 -8.36 2.87
C ALA A 122 -2.12 -9.51 3.66
N GLN A 123 -1.35 -10.60 3.85
CA GLN A 123 -1.77 -11.77 4.63
C GLN A 123 -1.93 -11.39 6.10
N ILE A 124 -0.84 -10.82 6.66
CA ILE A 124 -0.78 -10.37 8.07
C ILE A 124 -1.68 -9.13 8.29
N THR A 125 -1.95 -8.38 7.19
CA THR A 125 -2.81 -7.19 7.18
C THR A 125 -4.24 -7.63 7.45
N LEU A 126 -4.76 -8.48 6.55
CA LEU A 126 -6.11 -9.02 6.62
C LEU A 126 -6.29 -9.93 7.86
N ARG A 127 -5.22 -10.63 8.24
CA ARG A 127 -5.16 -11.47 9.46
C ARG A 127 -5.33 -10.62 10.73
N GLU A 128 -4.65 -9.47 10.75
CA GLU A 128 -4.71 -8.54 11.88
C GLU A 128 -6.06 -7.78 11.91
N PHE A 129 -6.65 -7.58 10.70
CA PHE A 129 -8.01 -6.99 10.55
C PHE A 129 -9.07 -7.95 11.11
N PHE A 130 -9.03 -9.23 10.68
CA PHE A 130 -9.88 -10.30 11.23
C PHE A 130 -9.75 -10.34 12.76
N ASN A 131 -8.47 -10.38 13.22
CA ASN A 131 -8.09 -10.43 14.66
C ASN A 131 -8.66 -9.21 15.41
N ALA A 132 -8.67 -8.06 14.73
CA ALA A 132 -9.17 -6.79 15.28
C ALA A 132 -10.70 -6.85 15.52
N ILE A 133 -11.46 -7.04 14.43
CA ILE A 133 -12.93 -7.01 14.46
C ILE A 133 -13.46 -8.13 15.39
N ILE A 134 -12.83 -9.32 15.32
CA ILE A 134 -13.20 -10.50 16.14
C ILE A 134 -12.92 -10.21 17.65
N ALA A 135 -11.77 -9.57 17.97
CA ALA A 135 -11.43 -9.22 19.37
C ALA A 135 -12.33 -8.08 19.89
N GLY A 136 -12.85 -7.25 18.97
CA GLY A 136 -13.71 -6.11 19.31
C GLY A 136 -12.96 -4.80 19.33
N LYS A 137 -11.93 -4.73 18.48
CA LYS A 137 -11.06 -3.55 18.34
C LYS A 137 -11.64 -2.57 17.30
N ASP A 138 -12.63 -3.03 16.51
CA ASP A 138 -13.21 -2.24 15.40
C ASP A 138 -14.03 -1.02 15.90
N VAL A 139 -14.35 -1.01 17.21
CA VAL A 139 -14.95 0.15 17.92
C VAL A 139 -14.05 1.42 17.78
N ASP A 140 -12.76 1.17 17.48
CA ASP A 140 -11.74 2.15 17.06
C ASP A 140 -11.03 2.85 18.25
N PRO A 141 -10.03 2.14 18.90
CA PRO A 141 -9.04 2.75 19.77
C PRO A 141 -7.64 2.88 19.07
N SER A 142 -6.73 1.89 19.26
CA SER A 142 -5.42 1.82 18.57
C SER A 142 -5.45 0.93 17.29
N TRP A 143 -6.56 0.19 17.03
CA TRP A 143 -6.60 -0.97 16.09
C TRP A 143 -5.92 -0.71 14.70
N LYS A 144 -6.31 0.39 13.99
CA LYS A 144 -5.81 0.68 12.63
C LYS A 144 -4.39 1.24 12.67
N LYS A 145 -4.10 2.03 13.74
CA LYS A 145 -2.73 2.45 14.07
C LYS A 145 -1.82 1.22 14.15
N ALA A 146 -2.34 0.18 14.82
CA ALA A 146 -1.65 -1.09 15.09
C ALA A 146 -1.52 -1.92 13.80
N ILE A 147 -2.52 -1.86 12.89
CA ILE A 147 -2.40 -2.47 11.53
C ILE A 147 -1.16 -1.87 10.82
N TYR A 148 -1.16 -0.51 10.75
CA TYR A 148 -0.08 0.25 10.08
C TYR A 148 1.30 -0.08 10.68
N LYS A 149 1.32 -0.22 12.03
CA LYS A 149 2.53 -0.62 12.77
C LYS A 149 3.03 -2.00 12.31
N VAL A 150 2.16 -3.05 12.40
CA VAL A 150 2.57 -4.45 12.13
C VAL A 150 3.08 -4.61 10.69
N ILE A 151 2.39 -3.95 9.72
CA ILE A 151 2.70 -4.11 8.28
C ILE A 151 3.92 -3.27 7.85
N CYS A 152 4.14 -2.12 8.51
CA CYS A 152 5.36 -1.30 8.31
C CYS A 152 6.56 -1.91 9.07
N LYS A 153 6.26 -2.76 10.09
CA LYS A 153 7.27 -3.49 10.89
C LYS A 153 7.89 -4.63 10.05
N LEU A 154 7.05 -5.23 9.18
CA LEU A 154 7.45 -6.34 8.30
C LEU A 154 8.56 -5.89 7.33
N ASP A 155 8.40 -4.67 6.78
CA ASP A 155 9.40 -4.04 5.90
C ASP A 155 9.10 -2.54 5.75
N SER A 156 10.16 -1.72 5.82
CA SER A 156 10.11 -0.29 5.51
C SER A 156 11.34 0.08 4.67
N GLU A 157 11.28 -0.30 3.38
CA GLU A 157 12.39 -0.21 2.41
C GLU A 157 11.84 -0.36 0.98
N VAL A 158 12.34 0.47 0.02
CA VAL A 158 11.89 0.45 -1.41
C VAL A 158 13.06 0.44 -2.47
N PRO A 159 14.35 -0.06 -2.20
CA PRO A 159 15.42 -0.03 -3.24
C PRO A 159 15.14 -1.04 -4.39
N GLU A 160 14.23 -0.63 -5.29
CA GLU A 160 13.76 -1.42 -6.42
C GLU A 160 13.89 -0.56 -7.67
N ILE A 161 15.03 -0.72 -8.34
CA ILE A 161 15.37 0.04 -9.54
C ILE A 161 14.80 -0.69 -10.78
N PHE A 162 13.85 -0.03 -11.46
CA PHE A 162 13.14 -0.60 -12.62
C PHE A 162 13.98 -0.47 -13.89
N LYS A 163 14.80 0.60 -13.96
CA LYS A 163 15.66 0.90 -15.11
C LYS A 163 16.61 -0.29 -15.47
N SER A 164 17.30 -0.81 -14.43
CA SER A 164 18.23 -1.97 -14.54
C SER A 164 18.61 -2.44 -13.12
N PRO A 165 18.41 -3.76 -12.75
CA PRO A 165 18.65 -4.29 -11.37
C PRO A 165 20.04 -3.95 -10.76
N ASN A 166 21.12 -4.36 -11.45
CA ASN A 166 22.51 -4.17 -10.99
C ASN A 166 23.08 -2.81 -11.47
N CYS A 167 22.32 -1.73 -11.17
CA CYS A 167 22.73 -0.34 -11.44
C CYS A 167 22.47 0.58 -10.24
N LEU A 168 21.64 0.08 -9.31
CA LEU A 168 21.37 0.74 -8.03
C LEU A 168 22.67 0.81 -7.17
N GLN A 169 23.58 -0.13 -7.45
CA GLN A 169 24.97 -0.11 -6.93
C GLN A 169 25.66 1.26 -7.13
N GLU A 170 25.44 1.87 -8.32
CA GLU A 170 26.04 3.18 -8.68
C GLU A 170 25.49 4.34 -7.83
N LEU A 171 24.26 4.16 -7.28
CA LEU A 171 23.64 5.16 -6.39
C LEU A 171 24.41 5.21 -5.05
N LEU A 172 24.86 4.01 -4.62
CA LEU A 172 25.67 3.83 -3.40
C LEU A 172 27.16 4.16 -3.69
N HIS A 173 27.46 5.45 -3.81
CA HIS A 173 28.83 5.95 -3.98
C HIS A 173 28.95 7.36 -3.38
N GLU A 174 30.06 7.63 -2.67
CA GLU A 174 30.31 8.91 -2.00
C GLU A 174 31.61 9.52 -2.58
N MET A 1 12.44 -17.62 7.78
CA MET A 1 12.91 -16.34 8.38
C MET A 1 14.43 -16.39 8.69
N GLY A 2 15.08 -17.54 8.38
CA GLY A 2 16.49 -17.78 8.66
C GLY A 2 17.43 -16.80 7.93
N HIS A 3 17.40 -16.85 6.58
CA HIS A 3 18.18 -15.92 5.73
C HIS A 3 17.26 -14.78 5.28
N HIS A 4 17.00 -13.82 6.18
CA HIS A 4 16.26 -12.60 5.85
C HIS A 4 17.30 -11.50 5.49
N HIS A 5 17.51 -11.29 4.18
CA HIS A 5 18.51 -10.34 3.66
C HIS A 5 18.03 -8.89 3.83
N HIS A 6 18.91 -7.91 3.55
CA HIS A 6 18.58 -6.49 3.65
C HIS A 6 19.50 -5.67 2.71
N HIS A 7 19.06 -5.55 1.45
CA HIS A 7 19.74 -4.74 0.43
C HIS A 7 19.47 -3.26 0.71
N HIS A 8 20.45 -2.40 0.37
CA HIS A 8 20.34 -0.95 0.59
C HIS A 8 19.29 -0.37 -0.36
N SER A 9 18.09 -0.09 0.20
CA SER A 9 16.97 0.52 -0.53
C SER A 9 17.23 2.04 -0.67
N HIS A 10 18.27 2.37 -1.43
CA HIS A 10 18.71 3.75 -1.67
C HIS A 10 17.65 4.55 -2.43
N MET A 11 17.68 5.86 -2.19
CA MET A 11 16.72 6.83 -2.73
C MET A 11 16.63 6.77 -4.27
N ALA A 12 15.41 6.59 -4.77
CA ALA A 12 15.13 6.57 -6.21
C ALA A 12 14.75 7.98 -6.66
N MET A 13 15.71 8.68 -7.28
CA MET A 13 15.46 9.99 -7.90
C MET A 13 14.62 9.82 -9.18
N GLN A 14 13.31 9.65 -8.99
CA GLN A 14 12.32 9.58 -10.07
C GLN A 14 11.06 10.29 -9.59
N GLU A 15 10.94 11.59 -9.96
CA GLU A 15 9.69 12.34 -9.84
C GLU A 15 8.70 11.79 -10.91
N GLY A 16 8.40 12.54 -11.98
CA GLY A 16 7.62 12.01 -13.10
C GLY A 16 6.18 11.76 -12.66
N LEU A 17 5.66 12.74 -11.91
CA LEU A 17 4.28 12.75 -11.40
C LEU A 17 3.23 12.86 -12.53
N SER A 18 3.05 11.74 -13.26
CA SER A 18 2.00 11.53 -14.27
C SER A 18 2.12 10.07 -14.84
N PRO A 19 3.30 9.61 -15.44
CA PRO A 19 3.45 8.21 -15.90
C PRO A 19 4.20 7.27 -14.87
N ASN A 20 5.54 7.40 -14.80
CA ASN A 20 6.45 6.40 -14.16
C ASN A 20 6.24 6.30 -12.64
N HIS A 21 5.82 7.42 -12.04
CA HIS A 21 5.68 7.50 -10.58
C HIS A 21 4.46 6.71 -10.07
N LEU A 22 3.55 6.25 -10.97
CA LEU A 22 2.46 5.32 -10.56
C LEU A 22 3.05 3.95 -10.19
N LYS A 23 3.89 3.43 -11.12
CA LYS A 23 4.68 2.21 -10.93
C LYS A 23 5.54 2.35 -9.66
N LYS A 24 6.46 3.34 -9.68
CA LYS A 24 7.42 3.55 -8.60
C LYS A 24 6.70 3.74 -7.25
N ALA A 25 5.62 4.56 -7.21
CA ALA A 25 4.84 4.80 -5.99
C ALA A 25 4.28 3.49 -5.45
N LYS A 26 3.27 2.89 -6.14
CA LYS A 26 2.48 1.75 -5.59
C LYS A 26 3.40 0.56 -5.20
N LEU A 27 4.37 0.28 -6.10
CA LEU A 27 5.26 -0.88 -5.99
C LEU A 27 6.30 -0.68 -4.85
N MET A 28 6.78 0.57 -4.65
CA MET A 28 7.67 0.94 -3.50
C MET A 28 6.86 1.42 -2.29
N PHE A 29 5.52 1.47 -2.43
CA PHE A 29 4.59 1.85 -1.34
C PHE A 29 4.14 0.63 -0.54
N PHE A 30 4.01 -0.54 -1.24
CA PHE A 30 3.57 -1.85 -0.65
C PHE A 30 4.05 -2.14 0.80
N TYR A 31 3.40 -1.46 1.79
CA TYR A 31 3.56 -1.66 3.26
C TYR A 31 5.05 -1.75 3.68
N THR A 32 5.84 -0.84 3.11
CA THR A 32 7.30 -0.85 3.22
C THR A 32 7.83 -0.30 4.56
N ARG A 33 9.17 -0.43 4.75
CA ARG A 33 9.89 0.02 5.96
C ARG A 33 9.74 1.54 6.16
N TYR A 34 9.05 1.86 7.28
CA TYR A 34 8.63 3.20 7.69
C TYR A 34 7.37 3.63 6.86
N PRO A 35 6.27 4.10 7.55
CA PRO A 35 4.97 4.41 6.87
C PRO A 35 5.08 5.56 5.83
N SER A 36 3.95 5.82 5.14
CA SER A 36 3.86 6.66 3.92
C SER A 36 4.74 7.94 3.94
N SER A 37 4.55 8.80 4.97
CA SER A 37 5.26 10.10 5.09
C SER A 37 6.81 9.94 5.06
N ASN A 38 7.28 8.92 5.79
CA ASN A 38 8.73 8.67 5.98
C ASN A 38 9.35 8.13 4.68
N MET A 39 8.85 6.95 4.22
CA MET A 39 9.28 6.32 2.94
C MET A 39 9.16 7.29 1.74
N LEU A 40 8.17 8.23 1.82
CA LEU A 40 7.95 9.28 0.81
C LEU A 40 9.18 10.21 0.80
N LYS A 41 9.42 10.84 1.96
CA LYS A 41 10.49 11.82 2.16
C LYS A 41 11.90 11.21 1.93
N THR A 42 12.06 9.91 2.26
CA THR A 42 13.37 9.22 2.25
C THR A 42 13.72 8.71 0.83
N TYR A 43 12.80 7.97 0.20
CA TYR A 43 13.05 7.29 -1.09
C TYR A 43 12.82 8.24 -2.27
N PHE A 44 11.82 9.14 -2.16
CA PHE A 44 11.54 10.15 -3.21
C PHE A 44 12.19 11.49 -2.82
N SER A 45 13.46 11.67 -3.24
CA SER A 45 14.31 12.82 -2.87
C SER A 45 14.17 13.99 -3.85
N ASP A 46 14.19 13.66 -5.15
CA ASP A 46 14.23 14.64 -6.25
C ASP A 46 12.88 15.31 -6.49
N VAL A 47 11.82 14.67 -5.96
CA VAL A 47 10.43 15.08 -6.16
C VAL A 47 10.21 16.53 -5.70
N LYS A 48 10.88 16.94 -4.58
CA LYS A 48 10.93 18.35 -4.07
C LYS A 48 9.67 18.68 -3.26
N PHE A 49 8.53 18.22 -3.80
CA PHE A 49 7.21 18.27 -3.18
C PHE A 49 6.59 19.65 -3.42
N ASN A 50 6.40 19.93 -4.72
CA ASN A 50 5.66 21.11 -5.22
C ASN A 50 4.14 20.84 -5.10
N ARG A 51 3.36 21.91 -4.83
CA ARG A 51 1.91 21.83 -4.53
C ARG A 51 1.11 20.98 -5.54
N CYS A 52 1.40 21.17 -6.84
CA CYS A 52 0.70 20.49 -7.95
C CYS A 52 1.01 18.98 -7.96
N ILE A 53 2.31 18.65 -8.02
CA ILE A 53 2.78 17.27 -8.21
C ILE A 53 2.55 16.43 -6.93
N THR A 54 2.50 17.11 -5.76
CA THR A 54 2.21 16.47 -4.47
C THR A 54 0.70 16.34 -4.26
N SER A 55 -0.11 17.25 -4.85
CA SER A 55 -1.57 17.07 -4.93
C SER A 55 -1.88 15.76 -5.68
N GLN A 56 -1.15 15.57 -6.81
CA GLN A 56 -1.24 14.32 -7.61
C GLN A 56 -0.78 13.10 -6.79
N LEU A 57 0.44 13.20 -6.20
CA LEU A 57 1.10 12.08 -5.47
C LEU A 57 0.21 11.61 -4.30
N ILE A 58 -0.25 12.59 -3.50
CA ILE A 58 -1.10 12.35 -2.34
C ILE A 58 -2.48 11.83 -2.78
N LYS A 59 -2.99 12.27 -3.97
CA LYS A 59 -4.26 11.76 -4.53
C LYS A 59 -4.15 10.27 -4.93
N TRP A 60 -3.00 9.86 -5.50
CA TRP A 60 -2.76 8.45 -5.85
C TRP A 60 -2.69 7.62 -4.58
N PHE A 61 -1.86 8.08 -3.61
CA PHE A 61 -1.78 7.49 -2.26
C PHE A 61 -3.15 7.51 -1.57
N SER A 62 -3.99 8.52 -1.87
CA SER A 62 -5.32 8.68 -1.23
C SER A 62 -6.24 7.55 -1.69
N ASN A 63 -6.34 7.35 -3.03
CA ASN A 63 -7.20 6.30 -3.61
C ASN A 63 -6.66 4.90 -3.27
N PHE A 64 -5.31 4.75 -3.22
CA PHE A 64 -4.65 3.49 -2.84
C PHE A 64 -4.98 3.12 -1.39
N ARG A 65 -4.59 3.98 -0.43
CA ARG A 65 -4.83 3.78 1.02
C ARG A 65 -6.32 3.52 1.31
N GLU A 66 -7.19 4.31 0.64
CA GLU A 66 -8.64 4.21 0.81
C GLU A 66 -9.17 2.88 0.21
N PHE A 67 -8.57 2.41 -0.90
CA PHE A 67 -8.98 1.15 -1.54
C PHE A 67 -8.51 -0.06 -0.72
N TYR A 68 -7.20 -0.09 -0.33
CA TYR A 68 -6.63 -1.11 0.59
C TYR A 68 -7.52 -1.26 1.84
N TYR A 69 -7.82 -0.09 2.44
CA TYR A 69 -8.63 0.02 3.64
C TYR A 69 -10.03 -0.56 3.40
N ILE A 70 -10.74 -0.03 2.38
CA ILE A 70 -12.13 -0.44 2.04
C ILE A 70 -12.22 -1.94 1.73
N GLN A 71 -11.18 -2.51 1.08
CA GLN A 71 -11.16 -3.95 0.74
C GLN A 71 -11.08 -4.77 2.03
N MET A 72 -10.02 -4.53 2.84
CA MET A 72 -9.75 -5.34 4.05
C MET A 72 -10.81 -5.10 5.15
N GLU A 73 -11.27 -3.85 5.26
CA GLU A 73 -12.43 -3.48 6.09
C GLU A 73 -13.67 -4.29 5.69
N LYS A 74 -14.02 -4.29 4.39
CA LYS A 74 -15.24 -4.97 3.89
C LYS A 74 -15.12 -6.50 4.04
N TYR A 75 -13.90 -7.06 3.86
CA TYR A 75 -13.67 -8.50 3.94
C TYR A 75 -13.79 -8.98 5.39
N ALA A 76 -13.15 -8.24 6.33
CA ALA A 76 -13.22 -8.54 7.78
C ALA A 76 -14.66 -8.37 8.30
N ARG A 77 -15.31 -7.28 7.82
CA ARG A 77 -16.73 -6.96 8.11
C ARG A 77 -17.63 -8.11 7.64
N GLN A 78 -17.32 -8.66 6.46
CA GLN A 78 -18.07 -9.78 5.87
C GLN A 78 -17.87 -11.05 6.71
N ALA A 79 -16.63 -11.30 7.15
CA ALA A 79 -16.28 -12.46 7.98
C ALA A 79 -17.12 -12.48 9.28
N ILE A 80 -17.12 -11.33 9.99
CA ILE A 80 -17.88 -11.17 11.26
C ILE A 80 -19.41 -11.20 11.02
N ASN A 81 -19.92 -10.29 10.17
CA ASN A 81 -21.37 -10.07 9.94
C ASN A 81 -22.04 -11.35 9.36
N ASP A 82 -21.40 -11.92 8.33
CA ASP A 82 -21.92 -13.12 7.63
C ASP A 82 -21.65 -14.38 8.46
N GLY A 83 -20.56 -14.36 9.26
CA GLY A 83 -20.23 -15.48 10.13
C GLY A 83 -19.34 -16.51 9.45
N VAL A 84 -18.62 -16.08 8.39
CA VAL A 84 -17.53 -16.85 7.77
C VAL A 84 -16.47 -17.21 8.82
N THR A 85 -16.11 -16.16 9.61
CA THR A 85 -15.11 -16.20 10.70
C THR A 85 -13.72 -16.75 10.26
N SER A 86 -13.46 -16.69 8.95
CA SER A 86 -12.17 -17.10 8.36
C SER A 86 -11.82 -16.14 7.22
N THR A 87 -10.80 -15.30 7.44
CA THR A 87 -10.23 -14.42 6.41
C THR A 87 -9.39 -15.22 5.39
N GLU A 88 -9.03 -16.45 5.80
CA GLU A 88 -8.29 -17.40 4.95
C GLU A 88 -9.19 -18.04 3.89
N GLU A 89 -10.51 -17.76 3.97
CA GLU A 89 -11.49 -18.20 2.98
C GLU A 89 -11.74 -17.07 1.94
N LEU A 90 -11.38 -15.81 2.33
CA LEU A 90 -11.61 -14.61 1.48
C LEU A 90 -10.30 -14.27 0.73
N SER A 91 -9.48 -13.36 1.31
CA SER A 91 -8.26 -12.86 0.69
C SER A 91 -7.06 -13.21 1.57
N ILE A 92 -6.20 -14.10 1.07
CA ILE A 92 -5.09 -14.68 1.85
C ILE A 92 -4.00 -15.19 0.88
N THR A 93 -2.92 -15.81 1.41
CA THR A 93 -1.90 -16.52 0.59
C THR A 93 -2.58 -17.50 -0.39
N ARG A 94 -2.89 -16.97 -1.58
CA ARG A 94 -3.48 -17.68 -2.70
C ARG A 94 -2.69 -17.30 -3.95
N ASP A 95 -1.66 -18.13 -4.21
CA ASP A 95 -0.65 -17.98 -5.29
C ASP A 95 -1.23 -17.62 -6.69
N CYS A 96 -2.52 -17.90 -6.93
CA CYS A 96 -3.21 -17.50 -8.16
C CYS A 96 -4.27 -16.42 -7.87
N GLU A 97 -5.22 -16.77 -6.95
CA GLU A 97 -6.43 -15.98 -6.72
C GLU A 97 -6.12 -14.57 -6.22
N LEU A 98 -5.40 -14.44 -5.08
CA LEU A 98 -5.16 -13.11 -4.44
C LEU A 98 -4.32 -12.20 -5.35
N TYR A 99 -3.43 -12.83 -6.15
CA TYR A 99 -2.61 -12.13 -7.15
C TYR A 99 -3.55 -11.43 -8.15
N ARG A 100 -4.36 -12.26 -8.83
CA ARG A 100 -5.27 -11.80 -9.90
C ARG A 100 -6.47 -11.02 -9.35
N ALA A 101 -6.76 -11.19 -8.04
CA ALA A 101 -7.85 -10.48 -7.35
C ALA A 101 -7.42 -9.03 -7.15
N LEU A 102 -6.26 -8.83 -6.48
CA LEU A 102 -5.71 -7.49 -6.24
C LEU A 102 -5.32 -6.80 -7.56
N ASN A 103 -5.01 -7.59 -8.61
CA ASN A 103 -4.83 -7.05 -9.98
C ASN A 103 -6.15 -6.44 -10.47
N MET A 104 -7.21 -7.26 -10.63
CA MET A 104 -8.50 -6.82 -11.22
C MET A 104 -9.25 -5.82 -10.32
N HIS A 105 -8.93 -5.82 -9.00
CA HIS A 105 -9.55 -4.90 -8.04
C HIS A 105 -8.84 -3.54 -8.08
N TYR A 106 -7.51 -3.54 -7.90
CA TYR A 106 -6.74 -2.27 -7.82
C TYR A 106 -6.36 -1.76 -9.21
N ASN A 107 -5.54 -2.54 -9.91
CA ASN A 107 -4.81 -2.08 -11.12
C ASN A 107 -3.98 -3.24 -11.66
N LYS A 108 -3.41 -3.04 -12.86
CA LYS A 108 -2.58 -4.06 -13.52
C LYS A 108 -1.11 -3.64 -13.44
N ALA A 109 -0.87 -2.55 -12.68
CA ALA A 109 0.47 -2.08 -12.31
C ALA A 109 1.06 -2.93 -11.17
N ASN A 110 0.24 -3.82 -10.55
CA ASN A 110 0.72 -4.79 -9.52
C ASN A 110 1.54 -5.90 -10.24
N ASP A 111 2.71 -5.49 -10.73
CA ASP A 111 3.50 -6.22 -11.75
C ASP A 111 4.56 -7.13 -11.10
N PHE A 112 5.45 -6.49 -10.33
CA PHE A 112 6.72 -7.09 -9.91
C PHE A 112 6.55 -8.12 -8.77
N GLU A 113 6.18 -9.36 -9.15
CA GLU A 113 6.56 -10.60 -8.45
C GLU A 113 5.54 -10.96 -7.36
N VAL A 114 5.15 -9.96 -6.55
CA VAL A 114 4.45 -10.12 -5.26
C VAL A 114 4.88 -11.42 -4.51
N PRO A 115 6.12 -11.43 -3.90
CA PRO A 115 6.71 -12.64 -3.24
C PRO A 115 5.92 -13.04 -1.98
N GLU A 116 6.35 -14.15 -1.33
CA GLU A 116 5.76 -14.68 -0.09
C GLU A 116 5.59 -13.58 0.99
N ARG A 117 6.50 -12.58 0.96
CA ARG A 117 6.51 -11.44 1.91
C ARG A 117 5.28 -10.53 1.75
N PHE A 118 4.82 -10.34 0.50
CA PHE A 118 3.63 -9.54 0.18
C PHE A 118 2.34 -10.24 0.68
N LEU A 119 2.28 -11.57 0.46
CA LEU A 119 1.16 -12.41 0.97
C LEU A 119 1.21 -12.49 2.51
N GLU A 120 2.43 -12.45 3.07
CA GLU A 120 2.68 -12.42 4.53
C GLU A 120 2.03 -11.17 5.12
N VAL A 121 2.29 -10.03 4.46
CA VAL A 121 1.66 -8.77 4.77
C VAL A 121 0.13 -8.92 4.72
N ALA A 122 -0.41 -9.28 3.53
CA ALA A 122 -1.87 -9.41 3.28
C ALA A 122 -2.60 -10.29 4.30
N GLN A 123 -1.93 -11.39 4.74
CA GLN A 123 -2.54 -12.36 5.66
C GLN A 123 -2.57 -11.80 7.10
N ILE A 124 -1.41 -11.22 7.54
CA ILE A 124 -1.33 -10.56 8.87
C ILE A 124 -2.25 -9.32 8.89
N THR A 125 -2.38 -8.66 7.73
CA THR A 125 -3.20 -7.47 7.52
C THR A 125 -4.68 -7.81 7.76
N LEU A 126 -5.23 -8.72 6.94
CA LEU A 126 -6.66 -9.06 6.98
C LEU A 126 -7.05 -9.78 8.28
N ARG A 127 -6.14 -10.60 8.86
CA ARG A 127 -6.40 -11.22 10.19
C ARG A 127 -6.31 -10.18 11.32
N GLU A 128 -5.54 -9.08 11.12
CA GLU A 128 -5.47 -7.97 12.10
C GLU A 128 -6.79 -7.15 12.09
N PHE A 129 -7.29 -6.85 10.87
CA PHE A 129 -8.62 -6.21 10.66
C PHE A 129 -9.72 -7.08 11.32
N PHE A 130 -9.67 -8.40 11.00
CA PHE A 130 -10.58 -9.41 11.57
C PHE A 130 -10.57 -9.33 13.09
N ASN A 131 -9.35 -9.48 13.65
CA ASN A 131 -9.08 -9.53 15.11
C ASN A 131 -9.66 -8.29 15.81
N ALA A 132 -9.50 -7.15 15.14
CA ALA A 132 -9.98 -5.85 15.60
C ALA A 132 -11.51 -5.83 15.74
N ILE A 133 -12.22 -6.10 14.61
CA ILE A 133 -13.70 -6.00 14.55
C ILE A 133 -14.36 -7.05 15.49
N ILE A 134 -13.84 -8.30 15.50
CA ILE A 134 -14.40 -9.39 16.32
C ILE A 134 -14.14 -9.16 17.83
N ALA A 135 -12.92 -8.73 18.21
CA ALA A 135 -12.52 -8.62 19.62
C ALA A 135 -13.15 -7.39 20.29
N GLY A 136 -12.81 -6.19 19.78
CA GLY A 136 -13.13 -4.94 20.48
C GLY A 136 -13.88 -3.94 19.63
N LYS A 137 -13.97 -4.24 18.31
CA LYS A 137 -14.53 -3.33 17.31
C LYS A 137 -13.70 -2.04 17.31
N ASP A 138 -12.40 -2.21 16.99
CA ASP A 138 -11.42 -1.11 16.97
C ASP A 138 -11.69 -0.16 15.79
N VAL A 139 -12.71 0.68 15.98
CA VAL A 139 -13.07 1.79 15.06
C VAL A 139 -12.27 3.09 15.45
N ASP A 140 -11.41 2.98 16.49
CA ASP A 140 -10.57 4.12 16.95
C ASP A 140 -9.33 4.22 16.04
N PRO A 141 -8.96 5.46 15.53
CA PRO A 141 -7.99 5.65 14.39
C PRO A 141 -6.57 5.08 14.62
N SER A 142 -6.25 4.73 15.88
CA SER A 142 -4.97 4.11 16.27
C SER A 142 -4.74 2.74 15.57
N TRP A 143 -5.85 2.03 15.27
CA TRP A 143 -5.80 0.66 14.72
C TRP A 143 -5.19 0.64 13.31
N LYS A 144 -5.40 1.74 12.53
CA LYS A 144 -4.81 1.88 11.20
C LYS A 144 -3.28 1.83 11.28
N LYS A 145 -2.71 2.76 12.07
CA LYS A 145 -1.25 2.84 12.32
C LYS A 145 -0.71 1.52 12.91
N ALA A 146 -1.52 0.88 13.79
CA ALA A 146 -1.17 -0.41 14.42
C ALA A 146 -0.92 -1.51 13.37
N ILE A 147 -1.92 -1.73 12.49
CA ILE A 147 -1.85 -2.74 11.41
C ILE A 147 -0.68 -2.40 10.45
N TYR A 148 -0.64 -1.14 10.00
CA TYR A 148 0.38 -0.63 9.07
C TYR A 148 1.80 -0.87 9.64
N LYS A 149 1.96 -0.75 10.98
CA LYS A 149 3.26 -0.97 11.65
C LYS A 149 3.60 -2.48 11.73
N VAL A 150 2.61 -3.34 12.14
CA VAL A 150 2.84 -4.81 12.28
C VAL A 150 3.26 -5.42 10.92
N ILE A 151 2.80 -4.80 9.80
CA ILE A 151 3.20 -5.21 8.44
C ILE A 151 4.33 -4.34 7.82
N CYS A 152 4.60 -3.17 8.43
CA CYS A 152 5.81 -2.34 8.14
C CYS A 152 7.09 -3.04 8.65
N LYS A 153 6.90 -3.89 9.68
CA LYS A 153 7.97 -4.76 10.22
C LYS A 153 8.43 -5.81 9.17
N LEU A 154 7.48 -6.21 8.30
CA LEU A 154 7.62 -7.39 7.43
C LEU A 154 8.44 -7.10 6.15
N ASP A 155 8.54 -5.81 5.75
CA ASP A 155 9.28 -5.43 4.53
C ASP A 155 10.79 -5.58 4.75
N SER A 156 11.49 -5.99 3.69
CA SER A 156 12.93 -6.21 3.70
C SER A 156 13.65 -4.99 3.12
N GLU A 157 13.19 -4.56 1.94
CA GLU A 157 13.68 -3.38 1.21
C GLU A 157 12.79 -3.15 -0.01
N VAL A 158 12.80 -1.92 -0.53
CA VAL A 158 12.00 -1.55 -1.71
C VAL A 158 12.82 -1.80 -3.00
N PRO A 159 12.16 -2.27 -4.11
CA PRO A 159 12.81 -2.35 -5.43
C PRO A 159 12.93 -0.92 -6.02
N GLU A 160 14.16 -0.45 -6.09
CA GLU A 160 14.51 0.98 -6.30
C GLU A 160 14.43 1.39 -7.79
N ILE A 161 14.57 0.40 -8.69
CA ILE A 161 14.40 0.60 -10.14
C ILE A 161 14.00 -0.76 -10.79
N PHE A 162 12.84 -0.78 -11.44
CA PHE A 162 12.21 -2.01 -11.96
C PHE A 162 12.69 -2.34 -13.37
N LYS A 163 12.91 -1.29 -14.18
CA LYS A 163 13.36 -1.41 -15.58
C LYS A 163 14.69 -2.20 -15.64
N SER A 164 15.60 -1.89 -14.70
CA SER A 164 16.94 -2.51 -14.64
C SER A 164 17.54 -2.28 -13.22
N PRO A 165 17.53 -3.32 -12.32
CA PRO A 165 18.03 -3.22 -10.91
C PRO A 165 19.42 -2.54 -10.76
N ASN A 166 19.53 -1.62 -9.78
CA ASN A 166 20.77 -0.87 -9.45
C ASN A 166 21.25 0.11 -10.55
N CYS A 167 20.57 0.18 -11.72
CA CYS A 167 21.00 1.07 -12.83
C CYS A 167 20.70 2.55 -12.53
N LEU A 168 19.76 2.81 -11.60
CA LEU A 168 19.44 4.17 -11.12
C LEU A 168 20.61 4.73 -10.24
N GLN A 169 21.60 3.87 -9.91
CA GLN A 169 22.85 4.28 -9.23
C GLN A 169 23.61 5.36 -10.06
N GLU A 170 23.33 5.38 -11.38
CA GLU A 170 23.74 6.46 -12.29
C GLU A 170 23.22 7.83 -11.81
N LEU A 171 21.95 7.86 -11.34
CA LEU A 171 21.25 9.09 -10.91
C LEU A 171 21.86 9.65 -9.60
N LEU A 172 22.60 8.79 -8.86
CA LEU A 172 23.43 9.21 -7.71
C LEU A 172 24.70 9.88 -8.26
N HIS A 173 24.65 11.21 -8.53
CA HIS A 173 25.78 11.95 -9.11
C HIS A 173 25.90 13.35 -8.44
N GLU A 174 27.14 13.77 -8.19
CA GLU A 174 27.48 15.08 -7.61
C GLU A 174 28.47 15.84 -8.54
N MET A 1 3.04 12.37 22.46
CA MET A 1 3.51 12.11 21.08
C MET A 1 2.37 12.37 20.09
N GLY A 2 2.63 13.16 19.04
CA GLY A 2 1.61 13.52 18.07
C GLY A 2 2.19 13.99 16.75
N HIS A 3 1.68 13.42 15.64
CA HIS A 3 2.02 13.80 14.26
C HIS A 3 0.75 13.69 13.40
N HIS A 4 -0.18 14.63 13.61
CA HIS A 4 -1.44 14.73 12.82
C HIS A 4 -1.57 16.14 12.24
N HIS A 5 -1.56 16.24 10.91
CA HIS A 5 -1.90 17.44 10.16
C HIS A 5 -3.01 17.07 9.18
N HIS A 6 -4.17 17.74 9.30
CA HIS A 6 -5.38 17.48 8.49
C HIS A 6 -5.12 17.63 6.97
N HIS A 7 -4.76 16.50 6.33
CA HIS A 7 -4.47 16.43 4.90
C HIS A 7 -5.79 16.28 4.13
N HIS A 8 -6.03 17.17 3.18
CA HIS A 8 -7.18 17.13 2.26
C HIS A 8 -6.67 17.27 0.82
N SER A 9 -7.51 16.85 -0.14
CA SER A 9 -7.23 17.03 -1.56
C SER A 9 -7.44 18.51 -1.94
N HIS A 10 -6.43 19.33 -1.57
CA HIS A 10 -6.44 20.79 -1.76
C HIS A 10 -6.31 21.15 -3.25
N MET A 11 -6.65 22.40 -3.60
CA MET A 11 -6.77 22.86 -5.00
C MET A 11 -5.45 22.75 -5.78
N ALA A 12 -5.57 22.67 -7.11
CA ALA A 12 -4.46 22.55 -8.05
C ALA A 12 -4.81 23.30 -9.33
N MET A 13 -3.79 23.79 -10.05
CA MET A 13 -4.00 24.40 -11.36
C MET A 13 -4.27 23.28 -12.39
N GLN A 14 -3.22 22.53 -12.76
CA GLN A 14 -3.33 21.31 -13.58
C GLN A 14 -1.96 20.64 -13.63
N GLU A 15 -1.82 19.56 -12.86
CA GLU A 15 -0.56 18.80 -12.78
C GLU A 15 -0.73 17.44 -13.45
N GLY A 16 0.38 16.90 -13.97
CA GLY A 16 0.38 15.63 -14.68
C GLY A 16 1.73 14.94 -14.55
N LEU A 17 1.86 14.03 -13.57
CA LEU A 17 3.07 13.24 -13.36
C LEU A 17 3.14 12.10 -14.39
N SER A 18 4.24 11.35 -14.35
CA SER A 18 4.45 10.18 -15.20
C SER A 18 3.44 9.04 -14.81
N PRO A 19 2.67 8.49 -15.80
CA PRO A 19 1.52 7.56 -15.54
C PRO A 19 1.94 6.20 -14.96
N ASN A 20 3.05 5.63 -15.46
CA ASN A 20 3.59 4.35 -14.97
C ASN A 20 4.20 4.53 -13.57
N HIS A 21 4.70 5.75 -13.34
CA HIS A 21 5.32 6.16 -12.07
C HIS A 21 4.27 6.26 -10.94
N LEU A 22 2.96 6.33 -11.31
CA LEU A 22 1.85 6.20 -10.34
C LEU A 22 1.80 4.74 -9.84
N LYS A 23 1.81 3.77 -10.78
CA LYS A 23 1.84 2.33 -10.44
C LYS A 23 3.04 2.05 -9.52
N LYS A 24 4.21 2.56 -9.94
CA LYS A 24 5.46 2.43 -9.17
C LYS A 24 5.32 3.09 -7.78
N ALA A 25 4.71 4.31 -7.76
CA ALA A 25 4.49 5.10 -6.52
C ALA A 25 3.73 4.31 -5.46
N LYS A 26 2.60 3.72 -5.86
CA LYS A 26 1.70 3.00 -4.94
C LYS A 26 2.27 1.60 -4.55
N LEU A 27 3.04 0.98 -5.47
CA LEU A 27 3.74 -0.30 -5.17
C LEU A 27 4.94 -0.06 -4.22
N MET A 28 5.50 1.17 -4.27
CA MET A 28 6.59 1.61 -3.36
C MET A 28 6.01 2.21 -2.07
N PHE A 29 4.75 2.66 -2.13
CA PHE A 29 4.00 3.11 -0.95
C PHE A 29 3.62 1.91 -0.08
N PHE A 30 3.27 0.81 -0.75
CA PHE A 30 3.04 -0.48 -0.12
C PHE A 30 4.40 -1.08 0.33
N TYR A 31 4.46 -1.57 1.59
CA TYR A 31 5.60 -2.35 2.13
C TYR A 31 6.90 -1.50 2.20
N THR A 32 7.00 -0.64 3.23
CA THR A 32 8.10 0.36 3.38
C THR A 32 8.09 1.00 4.80
N ARG A 33 9.09 1.86 5.07
CA ARG A 33 9.36 2.46 6.39
C ARG A 33 8.29 3.52 6.76
N TYR A 34 7.20 3.05 7.44
CA TYR A 34 6.05 3.85 7.89
C TYR A 34 5.58 4.78 6.73
N PRO A 35 4.88 4.18 5.71
CA PRO A 35 4.75 4.70 4.31
C PRO A 35 4.83 6.24 4.09
N SER A 36 3.67 6.91 4.13
CA SER A 36 3.43 8.20 3.41
C SER A 36 4.60 9.19 3.33
N SER A 37 5.05 9.74 4.47
CA SER A 37 5.95 10.92 4.46
C SER A 37 7.40 10.54 4.09
N ASN A 38 7.92 9.47 4.75
CA ASN A 38 9.29 8.96 4.53
C ASN A 38 9.42 8.45 3.08
N MET A 39 8.48 7.58 2.70
CA MET A 39 8.38 7.01 1.34
C MET A 39 8.34 8.11 0.27
N LEU A 40 7.54 9.17 0.55
CA LEU A 40 7.36 10.32 -0.35
C LEU A 40 8.72 11.01 -0.60
N LYS A 41 9.29 11.58 0.47
CA LYS A 41 10.48 12.45 0.38
C LYS A 41 11.73 11.69 -0.07
N THR A 42 11.85 10.41 0.34
CA THR A 42 13.04 9.59 0.03
C THR A 42 12.98 9.08 -1.42
N TYR A 43 11.87 8.39 -1.77
CA TYR A 43 11.80 7.64 -3.04
C TYR A 43 11.54 8.56 -4.24
N PHE A 44 10.78 9.66 -4.04
CA PHE A 44 10.58 10.64 -5.12
C PHE A 44 11.73 11.66 -5.12
N SER A 45 12.80 11.31 -5.86
CA SER A 45 13.96 12.18 -6.08
C SER A 45 13.74 13.04 -7.35
N ASP A 46 12.62 12.78 -8.04
CA ASP A 46 12.23 13.41 -9.31
C ASP A 46 11.05 14.39 -9.14
N VAL A 47 10.32 14.30 -8.00
CA VAL A 47 9.18 15.18 -7.70
C VAL A 47 9.64 16.37 -6.85
N LYS A 48 9.31 17.59 -7.31
CA LYS A 48 9.68 18.86 -6.63
C LYS A 48 8.82 19.12 -5.37
N PHE A 49 7.58 18.56 -5.38
CA PHE A 49 6.63 18.59 -4.25
C PHE A 49 5.92 19.97 -4.14
N ASN A 50 5.57 20.59 -5.30
CA ASN A 50 4.71 21.80 -5.34
C ASN A 50 3.26 21.47 -4.91
N ARG A 51 2.39 22.50 -4.78
CA ARG A 51 1.00 22.34 -4.29
C ARG A 51 0.21 21.34 -5.15
N CYS A 52 0.23 21.57 -6.47
CA CYS A 52 -0.56 20.80 -7.45
C CYS A 52 -0.10 19.33 -7.51
N ILE A 53 1.23 19.13 -7.49
CA ILE A 53 1.83 17.79 -7.59
C ILE A 53 1.63 17.02 -6.28
N THR A 54 1.57 17.74 -5.15
CA THR A 54 1.21 17.19 -3.84
C THR A 54 -0.30 16.81 -3.84
N SER A 55 -1.13 17.65 -4.49
CA SER A 55 -2.58 17.38 -4.61
C SER A 55 -2.80 16.02 -5.31
N GLN A 56 -2.17 15.86 -6.49
CA GLN A 56 -2.29 14.63 -7.31
C GLN A 56 -1.70 13.40 -6.59
N LEU A 57 -0.44 13.55 -6.15
CA LEU A 57 0.36 12.43 -5.60
C LEU A 57 -0.25 11.93 -4.27
N ILE A 58 -0.56 12.87 -3.36
CA ILE A 58 -1.18 12.53 -2.06
C ILE A 58 -2.62 12.05 -2.27
N LYS A 59 -3.33 12.53 -3.33
CA LYS A 59 -4.67 11.99 -3.69
C LYS A 59 -4.56 10.51 -4.11
N TRP A 60 -3.47 10.16 -4.84
CA TRP A 60 -3.16 8.77 -5.20
C TRP A 60 -2.95 7.92 -3.95
N PHE A 61 -2.08 8.41 -3.05
CA PHE A 61 -1.78 7.78 -1.76
C PHE A 61 -3.03 7.72 -0.86
N SER A 62 -3.92 8.71 -1.00
CA SER A 62 -5.12 8.87 -0.16
C SER A 62 -6.19 7.86 -0.59
N ASN A 63 -6.36 7.69 -1.93
CA ASN A 63 -7.39 6.79 -2.47
C ASN A 63 -6.90 5.34 -2.41
N PHE A 64 -5.56 5.14 -2.47
CA PHE A 64 -4.96 3.81 -2.27
C PHE A 64 -5.11 3.39 -0.79
N ARG A 65 -4.85 4.34 0.14
CA ARG A 65 -5.05 4.12 1.59
C ARG A 65 -6.52 3.78 1.89
N GLU A 66 -7.43 4.61 1.33
CA GLU A 66 -8.87 4.53 1.62
C GLU A 66 -9.46 3.23 1.06
N PHE A 67 -9.07 2.88 -0.19
CA PHE A 67 -9.52 1.65 -0.85
C PHE A 67 -8.95 0.42 -0.13
N TYR A 68 -7.63 0.42 0.17
CA TYR A 68 -6.95 -0.65 0.93
C TYR A 68 -7.64 -0.91 2.27
N TYR A 69 -7.95 0.18 2.98
CA TYR A 69 -8.52 0.14 4.33
C TYR A 69 -9.93 -0.47 4.27
N ILE A 70 -10.78 0.13 3.43
CA ILE A 70 -12.20 -0.26 3.26
C ILE A 70 -12.33 -1.66 2.64
N GLN A 71 -11.41 -2.05 1.74
CA GLN A 71 -11.49 -3.33 0.99
C GLN A 71 -10.99 -4.51 1.85
N MET A 72 -9.83 -4.32 2.52
CA MET A 72 -9.28 -5.34 3.44
C MET A 72 -10.24 -5.51 4.65
N GLU A 73 -10.78 -4.36 5.14
CA GLU A 73 -11.81 -4.34 6.18
C GLU A 73 -13.11 -4.95 5.65
N LYS A 74 -13.43 -4.74 4.35
CA LYS A 74 -14.64 -5.32 3.71
C LYS A 74 -14.58 -6.82 3.84
N TYR A 75 -13.40 -7.38 3.49
CA TYR A 75 -13.12 -8.82 3.54
C TYR A 75 -13.28 -9.37 4.97
N ALA A 76 -12.49 -8.81 5.92
CA ALA A 76 -12.45 -9.28 7.32
C ALA A 76 -13.83 -9.15 8.02
N ARG A 77 -14.47 -7.98 7.85
CA ARG A 77 -15.72 -7.62 8.52
C ARG A 77 -16.90 -8.40 7.91
N GLN A 78 -16.81 -8.70 6.59
CA GLN A 78 -17.79 -9.56 5.89
C GLN A 78 -17.70 -10.98 6.43
N ALA A 79 -16.45 -11.46 6.67
CA ALA A 79 -16.20 -12.77 7.26
C ALA A 79 -16.89 -12.87 8.63
N ILE A 80 -16.67 -11.84 9.47
CA ILE A 80 -17.25 -11.77 10.82
C ILE A 80 -18.80 -11.75 10.75
N ASN A 81 -19.35 -10.79 9.99
CA ASN A 81 -20.81 -10.51 9.93
C ASN A 81 -21.61 -11.68 9.30
N ASP A 82 -21.03 -12.32 8.27
CA ASP A 82 -21.64 -13.48 7.59
C ASP A 82 -21.46 -14.76 8.42
N GLY A 83 -20.38 -14.82 9.20
CA GLY A 83 -20.12 -15.97 10.10
C GLY A 83 -19.04 -16.91 9.59
N VAL A 84 -18.34 -16.48 8.52
CA VAL A 84 -17.14 -17.18 8.02
C VAL A 84 -16.08 -17.25 9.13
N THR A 85 -15.75 -16.06 9.68
CA THR A 85 -14.87 -15.86 10.85
C THR A 85 -13.48 -16.53 10.72
N SER A 86 -13.08 -16.87 9.48
CA SER A 86 -11.76 -17.41 9.16
C SER A 86 -11.29 -16.78 7.84
N THR A 87 -10.25 -15.93 7.93
CA THR A 87 -9.68 -15.20 6.79
C THR A 87 -9.06 -16.16 5.77
N GLU A 88 -8.65 -17.36 6.27
CA GLU A 88 -8.03 -18.43 5.47
C GLU A 88 -9.00 -19.07 4.46
N GLU A 89 -10.25 -18.60 4.41
CA GLU A 89 -11.22 -18.99 3.36
C GLU A 89 -11.12 -18.01 2.18
N LEU A 90 -10.98 -16.71 2.50
CA LEU A 90 -11.05 -15.60 1.51
C LEU A 90 -9.63 -15.17 1.03
N SER A 91 -9.11 -14.04 1.55
CA SER A 91 -7.92 -13.37 1.00
C SER A 91 -6.62 -13.85 1.68
N ILE A 92 -6.28 -15.12 1.44
CA ILE A 92 -5.00 -15.76 1.87
C ILE A 92 -4.39 -16.52 0.67
N THR A 93 -3.04 -16.58 0.63
CA THR A 93 -2.23 -17.06 -0.51
C THR A 93 -2.77 -18.36 -1.18
N ARG A 94 -3.51 -18.18 -2.28
CA ARG A 94 -4.13 -19.30 -3.03
C ARG A 94 -4.16 -18.97 -4.53
N ASP A 95 -3.05 -18.35 -4.99
CA ASP A 95 -2.83 -17.86 -6.38
C ASP A 95 -4.12 -17.34 -7.10
N CYS A 96 -4.87 -18.25 -7.75
CA CYS A 96 -5.93 -17.94 -8.77
C CYS A 96 -6.73 -16.64 -8.50
N GLU A 97 -7.81 -16.75 -7.68
CA GLU A 97 -8.83 -15.70 -7.54
C GLU A 97 -8.24 -14.45 -6.87
N LEU A 98 -7.48 -14.68 -5.78
CA LEU A 98 -6.96 -13.61 -4.94
C LEU A 98 -6.00 -12.69 -5.71
N TYR A 99 -5.06 -13.31 -6.44
CA TYR A 99 -4.05 -12.58 -7.24
C TYR A 99 -4.76 -11.83 -8.36
N ARG A 100 -5.65 -12.53 -9.08
CA ARG A 100 -6.40 -11.92 -10.20
C ARG A 100 -7.32 -10.77 -9.73
N ALA A 101 -7.83 -10.87 -8.48
CA ALA A 101 -8.79 -9.89 -7.92
C ALA A 101 -8.04 -8.62 -7.45
N LEU A 102 -7.03 -8.80 -6.58
CA LEU A 102 -6.21 -7.68 -6.05
C LEU A 102 -5.44 -6.97 -7.18
N ASN A 103 -5.02 -7.75 -8.20
CA ASN A 103 -4.42 -7.17 -9.42
C ASN A 103 -5.46 -6.31 -10.14
N MET A 104 -6.63 -6.89 -10.44
CA MET A 104 -7.73 -6.22 -11.17
C MET A 104 -8.21 -4.91 -10.47
N HIS A 105 -8.26 -4.93 -9.14
CA HIS A 105 -8.80 -3.81 -8.33
C HIS A 105 -7.71 -2.79 -7.93
N TYR A 106 -6.65 -3.28 -7.25
CA TYR A 106 -5.59 -2.40 -6.70
C TYR A 106 -4.62 -1.92 -7.78
N ASN A 107 -4.38 -2.73 -8.83
CA ASN A 107 -3.35 -2.42 -9.83
C ASN A 107 -3.98 -2.12 -11.19
N LYS A 108 -5.17 -2.73 -11.48
CA LYS A 108 -5.91 -2.65 -12.74
C LYS A 108 -5.34 -3.62 -13.79
N ALA A 109 -4.18 -3.28 -14.37
CA ALA A 109 -3.63 -4.00 -15.56
C ALA A 109 -2.57 -5.07 -15.19
N ASN A 110 -2.67 -5.60 -13.95
CA ASN A 110 -1.80 -6.68 -13.38
C ASN A 110 -0.28 -6.48 -13.63
N ASP A 111 0.14 -5.21 -13.62
CA ASP A 111 1.54 -4.77 -13.73
C ASP A 111 2.45 -5.42 -12.65
N PHE A 112 1.92 -5.56 -11.43
CA PHE A 112 2.65 -6.21 -10.32
C PHE A 112 2.29 -7.70 -10.27
N GLU A 113 3.28 -8.53 -9.89
CA GLU A 113 3.17 -10.00 -9.87
C GLU A 113 2.47 -10.49 -8.59
N VAL A 114 2.34 -9.57 -7.62
CA VAL A 114 2.02 -9.86 -6.21
C VAL A 114 2.77 -11.13 -5.67
N PRO A 115 4.10 -10.96 -5.33
CA PRO A 115 4.95 -12.07 -4.82
C PRO A 115 4.71 -12.40 -3.34
N GLU A 116 5.59 -13.27 -2.81
CA GLU A 116 5.58 -13.77 -1.42
C GLU A 116 5.36 -12.63 -0.39
N ARG A 117 6.20 -11.58 -0.49
CA ARG A 117 6.15 -10.38 0.38
C ARG A 117 4.75 -9.70 0.40
N PHE A 118 4.15 -9.53 -0.80
CA PHE A 118 2.83 -8.87 -0.95
C PHE A 118 1.76 -9.66 -0.18
N LEU A 119 1.75 -10.99 -0.40
CA LEU A 119 0.77 -11.90 0.23
C LEU A 119 1.10 -12.20 1.70
N GLU A 120 2.37 -11.98 2.10
CA GLU A 120 2.78 -12.09 3.51
C GLU A 120 2.11 -10.95 4.30
N VAL A 121 2.23 -9.73 3.73
CA VAL A 121 1.55 -8.54 4.27
C VAL A 121 0.03 -8.73 4.23
N ALA A 122 -0.51 -9.22 3.08
CA ALA A 122 -1.96 -9.46 2.91
C ALA A 122 -2.50 -10.39 4.01
N GLN A 123 -1.76 -11.49 4.28
CA GLN A 123 -2.13 -12.49 5.29
C GLN A 123 -2.16 -11.86 6.68
N ILE A 124 -1.03 -11.23 7.06
CA ILE A 124 -0.83 -10.68 8.42
C ILE A 124 -1.77 -9.49 8.68
N THR A 125 -1.94 -8.61 7.69
CA THR A 125 -2.77 -7.42 7.83
C THR A 125 -4.24 -7.80 7.92
N LEU A 126 -4.72 -8.71 7.04
CA LEU A 126 -6.11 -9.20 7.07
C LEU A 126 -6.39 -9.95 8.38
N ARG A 127 -5.38 -10.69 8.85
CA ARG A 127 -5.41 -11.40 10.15
C ARG A 127 -5.51 -10.39 11.32
N GLU A 128 -4.90 -9.20 11.16
CA GLU A 128 -4.99 -8.10 12.16
C GLU A 128 -6.36 -7.38 12.12
N PHE A 129 -6.83 -7.02 10.90
CA PHE A 129 -8.19 -6.44 10.68
C PHE A 129 -9.24 -7.37 11.34
N PHE A 130 -9.16 -8.66 10.97
CA PHE A 130 -9.92 -9.77 11.57
C PHE A 130 -9.85 -9.76 13.10
N ASN A 131 -8.61 -9.92 13.63
CA ASN A 131 -8.30 -10.02 15.09
C ASN A 131 -9.01 -8.91 15.88
N ALA A 132 -8.93 -7.72 15.32
CA ALA A 132 -9.53 -6.51 15.87
C ALA A 132 -11.07 -6.63 15.90
N ILE A 133 -11.68 -6.89 14.73
CA ILE A 133 -13.16 -6.89 14.57
C ILE A 133 -13.81 -8.02 15.42
N ILE A 134 -13.20 -9.22 15.42
CA ILE A 134 -13.68 -10.37 16.24
C ILE A 134 -13.48 -10.07 17.75
N ALA A 135 -12.42 -9.29 18.10
CA ALA A 135 -12.26 -8.78 19.49
C ALA A 135 -13.33 -7.70 19.82
N GLY A 136 -13.82 -6.99 18.79
CA GLY A 136 -14.85 -5.94 18.94
C GLY A 136 -14.31 -4.55 18.67
N LYS A 137 -13.05 -4.50 18.22
CA LYS A 137 -12.32 -3.25 17.97
C LYS A 137 -12.68 -2.59 16.63
N ASP A 138 -13.69 -3.11 15.89
CA ASP A 138 -14.22 -2.47 14.64
C ASP A 138 -14.79 -1.05 14.90
N VAL A 139 -14.97 -0.73 16.20
CA VAL A 139 -15.20 0.65 16.71
C VAL A 139 -14.12 1.66 16.20
N ASP A 140 -12.95 1.12 15.78
CA ASP A 140 -11.85 1.85 15.12
C ASP A 140 -11.16 2.86 16.07
N PRO A 141 -10.34 2.37 17.07
CA PRO A 141 -9.41 3.24 17.82
C PRO A 141 -7.98 3.34 17.17
N SER A 142 -6.98 2.61 17.71
CA SER A 142 -5.56 2.64 17.25
C SER A 142 -5.33 2.22 15.77
N TRP A 143 -6.39 1.66 15.12
CA TRP A 143 -6.31 0.83 13.88
C TRP A 143 -5.32 1.32 12.84
N LYS A 144 -5.47 2.56 12.38
CA LYS A 144 -4.77 3.06 11.18
C LYS A 144 -3.24 2.92 11.35
N LYS A 145 -2.73 3.63 12.37
CA LYS A 145 -1.31 3.60 12.76
C LYS A 145 -0.86 2.19 13.23
N ALA A 146 -1.78 1.44 13.90
CA ALA A 146 -1.50 0.09 14.40
C ALA A 146 -1.18 -0.87 13.23
N ILE A 147 -2.09 -0.92 12.24
CA ILE A 147 -1.96 -1.77 11.05
C ILE A 147 -0.70 -1.36 10.24
N TYR A 148 -0.50 -0.01 10.04
CA TYR A 148 0.71 0.53 9.37
C TYR A 148 1.98 0.00 10.05
N LYS A 149 1.94 0.02 11.40
CA LYS A 149 3.04 -0.45 12.23
C LYS A 149 3.27 -1.96 12.02
N VAL A 150 2.20 -2.80 12.01
CA VAL A 150 2.35 -4.28 11.90
C VAL A 150 2.97 -4.67 10.54
N ILE A 151 2.54 -3.99 9.46
CA ILE A 151 2.97 -4.31 8.09
C ILE A 151 4.35 -3.68 7.74
N CYS A 152 4.68 -2.56 8.42
CA CYS A 152 6.02 -1.94 8.35
C CYS A 152 7.03 -2.73 9.19
N LYS A 153 6.54 -3.36 10.28
CA LYS A 153 7.37 -4.11 11.25
C LYS A 153 7.92 -5.40 10.62
N LEU A 154 7.24 -5.89 9.57
CA LEU A 154 7.62 -7.13 8.86
C LEU A 154 9.01 -6.98 8.19
N ASP A 155 9.12 -5.97 7.30
CA ASP A 155 10.33 -5.72 6.50
C ASP A 155 10.12 -4.46 5.63
N SER A 156 10.70 -3.34 6.08
CA SER A 156 10.58 -2.04 5.43
C SER A 156 11.61 -1.86 4.29
N GLU A 157 11.18 -2.10 3.04
CA GLU A 157 12.01 -1.86 1.84
C GLU A 157 11.18 -2.11 0.57
N VAL A 158 11.57 -1.42 -0.53
CA VAL A 158 10.93 -1.55 -1.85
C VAL A 158 12.02 -1.76 -2.92
N PRO A 159 11.67 -2.18 -4.18
CA PRO A 159 12.59 -2.11 -5.34
C PRO A 159 13.14 -0.67 -5.53
N GLU A 160 14.48 -0.53 -5.43
CA GLU A 160 15.15 0.77 -5.46
C GLU A 160 15.07 1.40 -6.86
N ILE A 161 15.38 0.60 -7.88
CA ILE A 161 15.38 1.04 -9.29
C ILE A 161 14.68 -0.02 -10.15
N PHE A 162 13.76 0.43 -11.01
CA PHE A 162 12.97 -0.44 -11.89
C PHE A 162 13.67 -0.63 -13.26
N LYS A 163 14.55 0.31 -13.62
CA LYS A 163 15.30 0.27 -14.89
C LYS A 163 16.25 -0.94 -14.94
N SER A 164 17.02 -1.14 -13.86
CA SER A 164 18.01 -2.23 -13.75
C SER A 164 18.56 -2.30 -12.32
N PRO A 165 18.10 -3.30 -11.47
CA PRO A 165 18.66 -3.54 -10.12
C PRO A 165 20.20 -3.71 -10.13
N ASN A 166 20.86 -3.24 -9.07
CA ASN A 166 22.33 -3.34 -8.85
C ASN A 166 23.16 -2.39 -9.74
N CYS A 167 22.58 -1.91 -10.87
CA CYS A 167 23.27 -0.98 -11.79
C CYS A 167 23.35 0.44 -11.20
N LEU A 168 22.30 0.81 -10.43
CA LEU A 168 22.20 2.12 -9.77
C LEU A 168 23.24 2.28 -8.63
N GLN A 169 23.89 1.16 -8.25
CA GLN A 169 24.93 1.14 -7.20
C GLN A 169 25.98 2.25 -7.42
N GLU A 170 26.29 2.52 -8.69
CA GLU A 170 27.30 3.52 -9.10
C GLU A 170 26.88 4.97 -8.71
N LEU A 171 25.56 5.22 -8.57
CA LEU A 171 25.03 6.54 -8.18
C LEU A 171 25.46 6.85 -6.73
N LEU A 172 25.42 5.82 -5.86
CA LEU A 172 25.95 5.90 -4.49
C LEU A 172 27.19 4.98 -4.36
N HIS A 173 28.24 5.35 -5.12
CA HIS A 173 29.52 4.62 -5.21
C HIS A 173 30.54 5.48 -5.96
N GLU A 174 31.47 6.10 -5.20
CA GLU A 174 32.52 6.98 -5.70
C GLU A 174 31.94 8.24 -6.42
N MET A 1 9.37 -14.91 2.96
CA MET A 1 9.73 -13.69 3.73
C MET A 1 11.02 -13.09 3.17
N GLY A 2 12.02 -13.96 2.94
CA GLY A 2 13.32 -13.56 2.41
C GLY A 2 14.44 -14.46 2.89
N HIS A 3 15.68 -14.07 2.60
CA HIS A 3 16.90 -14.79 3.02
C HIS A 3 17.93 -13.74 3.44
N HIS A 4 18.48 -13.04 2.44
CA HIS A 4 19.45 -11.94 2.65
C HIS A 4 18.72 -10.61 2.58
N HIS A 5 18.80 -9.82 3.66
CA HIS A 5 18.11 -8.52 3.78
C HIS A 5 19.01 -7.39 3.25
N HIS A 6 19.56 -7.62 2.05
CA HIS A 6 20.29 -6.59 1.30
C HIS A 6 19.28 -5.53 0.83
N HIS A 7 19.63 -4.26 0.98
CA HIS A 7 18.72 -3.15 0.67
C HIS A 7 19.50 -1.88 0.37
N HIS A 8 18.88 -0.99 -0.40
CA HIS A 8 19.39 0.34 -0.66
C HIS A 8 18.29 1.12 -1.37
N SER A 9 17.62 2.01 -0.63
CA SER A 9 16.62 2.93 -1.18
C SER A 9 17.27 3.78 -2.27
N HIS A 10 17.13 3.32 -3.53
CA HIS A 10 17.81 3.93 -4.68
C HIS A 10 17.03 5.15 -5.19
N MET A 11 17.23 6.29 -4.50
CA MET A 11 16.70 7.58 -4.94
C MET A 11 17.47 8.02 -6.21
N ALA A 12 16.71 8.33 -7.26
CA ALA A 12 17.23 8.56 -8.62
C ALA A 12 16.18 9.26 -9.46
N MET A 13 16.63 9.82 -10.61
CA MET A 13 15.76 10.59 -11.52
C MET A 13 14.63 9.73 -12.08
N GLN A 14 13.45 9.87 -11.46
CA GLN A 14 12.26 9.04 -11.73
C GLN A 14 11.09 9.89 -12.24
N GLU A 15 11.40 11.09 -12.76
CA GLU A 15 10.45 12.01 -13.42
C GLU A 15 9.48 12.66 -12.40
N GLY A 16 8.98 13.86 -12.73
CA GLY A 16 7.99 14.57 -11.93
C GLY A 16 6.58 14.06 -12.18
N LEU A 17 6.36 12.77 -11.83
CA LEU A 17 5.03 12.15 -11.68
C LEU A 17 4.30 12.00 -13.04
N SER A 18 4.30 10.77 -13.56
CA SER A 18 3.74 10.40 -14.89
C SER A 18 3.08 8.98 -14.77
N PRO A 19 2.30 8.49 -15.81
CA PRO A 19 1.66 7.13 -15.80
C PRO A 19 2.60 5.96 -15.40
N ASN A 20 3.86 6.01 -15.87
CA ASN A 20 4.89 4.99 -15.54
C ASN A 20 5.29 5.11 -14.05
N HIS A 21 5.47 6.37 -13.60
CA HIS A 21 5.79 6.67 -12.20
C HIS A 21 4.63 6.21 -11.29
N LEU A 22 3.38 6.23 -11.81
CA LEU A 22 2.18 5.77 -11.09
C LEU A 22 2.22 4.24 -10.88
N LYS A 23 2.64 3.51 -11.90
CA LYS A 23 2.77 2.04 -11.83
C LYS A 23 3.85 1.65 -10.78
N LYS A 24 5.03 2.27 -10.93
CA LYS A 24 6.17 2.11 -10.00
C LYS A 24 5.75 2.46 -8.55
N ALA A 25 5.15 3.66 -8.42
CA ALA A 25 4.76 4.21 -7.11
C ALA A 25 3.66 3.37 -6.48
N LYS A 26 2.77 2.79 -7.30
CA LYS A 26 1.71 1.88 -6.82
C LYS A 26 2.35 0.65 -6.18
N LEU A 27 3.40 0.09 -6.85
CA LEU A 27 4.19 -1.01 -6.27
C LEU A 27 4.87 -0.54 -4.95
N MET A 28 5.27 0.74 -4.92
CA MET A 28 5.87 1.38 -3.72
C MET A 28 4.79 1.72 -2.66
N PHE A 29 3.50 1.75 -3.04
CA PHE A 29 2.38 1.90 -2.08
C PHE A 29 1.98 0.52 -1.52
N PHE A 30 2.33 -0.56 -2.27
CA PHE A 30 2.30 -1.93 -1.72
C PHE A 30 3.38 -2.09 -0.62
N TYR A 31 3.02 -1.63 0.60
CA TYR A 31 3.63 -2.02 1.89
C TYR A 31 5.19 -1.99 1.94
N THR A 32 5.80 -0.94 1.34
CA THR A 32 7.26 -0.67 1.50
C THR A 32 7.63 -0.40 2.97
N ARG A 33 8.95 -0.53 3.29
CA ARG A 33 9.43 -0.38 4.66
C ARG A 33 9.40 1.08 5.11
N TYR A 34 9.17 1.23 6.43
CA TYR A 34 9.16 2.50 7.17
C TYR A 34 7.81 3.23 6.95
N PRO A 35 7.22 3.88 8.03
CA PRO A 35 5.95 4.65 7.92
C PRO A 35 5.94 5.65 6.73
N SER A 36 4.75 5.88 6.15
CA SER A 36 4.53 6.64 4.91
C SER A 36 5.41 7.91 4.76
N SER A 37 5.60 8.67 5.85
CA SER A 37 6.45 9.89 5.87
C SER A 37 7.88 9.57 5.38
N ASN A 38 8.48 8.54 6.03
CA ASN A 38 9.86 8.10 5.76
C ASN A 38 10.00 7.65 4.30
N MET A 39 9.21 6.62 3.91
CA MET A 39 9.29 6.03 2.56
C MET A 39 8.99 7.07 1.47
N LEU A 40 8.13 8.06 1.80
CA LEU A 40 7.78 9.17 0.88
C LEU A 40 9.05 9.98 0.59
N LYS A 41 9.61 10.59 1.65
CA LYS A 41 10.74 11.53 1.53
C LYS A 41 12.05 10.83 1.11
N THR A 42 12.18 9.53 1.44
CA THR A 42 13.42 8.75 1.17
C THR A 42 13.41 8.19 -0.25
N TYR A 43 12.31 7.51 -0.63
CA TYR A 43 12.23 6.82 -1.92
C TYR A 43 11.98 7.86 -3.04
N PHE A 44 11.08 8.84 -2.75
CA PHE A 44 10.83 9.99 -3.65
C PHE A 44 11.72 11.19 -3.25
N SER A 45 12.94 10.90 -2.73
CA SER A 45 14.00 11.93 -2.56
C SER A 45 14.39 12.61 -3.89
N ASP A 46 14.01 12.02 -5.02
CA ASP A 46 14.10 12.68 -6.34
C ASP A 46 13.05 13.79 -6.44
N VAL A 47 11.84 13.47 -5.98
CA VAL A 47 10.70 14.36 -6.06
C VAL A 47 10.85 15.39 -4.94
N LYS A 48 11.34 16.59 -5.28
CA LYS A 48 11.47 17.71 -4.33
C LYS A 48 10.13 18.12 -3.72
N PHE A 49 9.04 17.77 -4.46
CA PHE A 49 7.63 17.92 -4.07
C PHE A 49 7.13 19.32 -4.45
N ASN A 50 6.37 19.36 -5.57
CA ASN A 50 5.86 20.59 -6.20
C ASN A 50 4.33 20.47 -6.35
N ARG A 51 3.62 21.61 -6.48
CA ARG A 51 2.14 21.70 -6.33
C ARG A 51 1.37 20.62 -7.13
N CYS A 52 1.55 20.60 -8.46
CA CYS A 52 0.76 19.73 -9.36
C CYS A 52 1.15 18.25 -9.19
N ILE A 53 2.46 17.98 -9.27
CA ILE A 53 3.01 16.61 -9.31
C ILE A 53 2.73 15.90 -7.95
N THR A 54 2.80 16.67 -6.86
CA THR A 54 2.60 16.17 -5.48
C THR A 54 1.12 16.15 -5.12
N SER A 55 0.30 17.01 -5.77
CA SER A 55 -1.17 16.89 -5.66
C SER A 55 -1.61 15.53 -6.22
N GLN A 56 -1.02 15.16 -7.39
CA GLN A 56 -1.24 13.84 -8.00
C GLN A 56 -0.69 12.72 -7.10
N LEU A 57 0.55 12.90 -6.59
CA LEU A 57 1.24 11.88 -5.75
C LEU A 57 0.39 11.53 -4.50
N ILE A 58 -0.06 12.58 -3.78
CA ILE A 58 -0.91 12.45 -2.58
C ILE A 58 -2.30 11.92 -2.97
N LYS A 59 -2.80 12.32 -4.16
CA LYS A 59 -4.08 11.79 -4.68
C LYS A 59 -4.00 10.27 -4.91
N TRP A 60 -2.85 9.79 -5.42
CA TRP A 60 -2.58 8.36 -5.57
C TRP A 60 -2.58 7.69 -4.20
N PHE A 61 -1.83 8.30 -3.24
CA PHE A 61 -1.81 7.87 -1.83
C PHE A 61 -3.24 7.75 -1.27
N SER A 62 -4.12 8.71 -1.61
CA SER A 62 -5.49 8.77 -1.09
C SER A 62 -6.35 7.65 -1.69
N ASN A 63 -6.27 7.49 -3.03
CA ASN A 63 -7.04 6.49 -3.81
C ASN A 63 -6.70 5.08 -3.33
N PHE A 64 -5.40 4.76 -3.34
CA PHE A 64 -4.90 3.42 -3.00
C PHE A 64 -5.08 3.12 -1.51
N ARG A 65 -4.86 4.13 -0.64
CA ARG A 65 -5.14 4.00 0.82
C ARG A 65 -6.60 3.59 1.04
N GLU A 66 -7.50 4.26 0.32
CA GLU A 66 -8.94 3.98 0.36
C GLU A 66 -9.23 2.56 -0.21
N PHE A 67 -8.49 2.15 -1.27
CA PHE A 67 -8.67 0.80 -1.85
C PHE A 67 -8.25 -0.31 -0.86
N TYR A 68 -6.98 -0.29 -0.38
CA TYR A 68 -6.46 -1.27 0.61
C TYR A 68 -7.40 -1.35 1.85
N TYR A 69 -7.70 -0.17 2.41
CA TYR A 69 -8.49 -0.05 3.65
C TYR A 69 -9.92 -0.60 3.44
N ILE A 70 -10.64 -0.07 2.44
CA ILE A 70 -12.03 -0.46 2.14
C ILE A 70 -12.13 -1.96 1.75
N GLN A 71 -11.16 -2.47 0.97
CA GLN A 71 -11.18 -3.89 0.52
C GLN A 71 -10.98 -4.85 1.69
N MET A 72 -9.90 -4.66 2.46
CA MET A 72 -9.57 -5.55 3.59
C MET A 72 -10.57 -5.39 4.76
N GLU A 73 -11.08 -4.16 4.97
CA GLU A 73 -12.18 -3.90 5.93
C GLU A 73 -13.46 -4.60 5.45
N LYS A 74 -13.70 -4.62 4.12
CA LYS A 74 -14.87 -5.28 3.50
C LYS A 74 -14.81 -6.80 3.75
N TYR A 75 -13.61 -7.39 3.56
CA TYR A 75 -13.37 -8.83 3.73
C TYR A 75 -13.50 -9.22 5.21
N ALA A 76 -12.93 -8.38 6.11
CA ALA A 76 -13.00 -8.59 7.56
C ALA A 76 -14.46 -8.55 8.06
N ARG A 77 -15.16 -7.49 7.64
CA ARG A 77 -16.57 -7.25 8.01
C ARG A 77 -17.47 -8.34 7.43
N GLN A 78 -17.08 -8.87 6.24
CA GLN A 78 -17.75 -10.01 5.60
C GLN A 78 -17.58 -11.27 6.47
N ALA A 79 -16.34 -11.51 6.95
CA ALA A 79 -16.04 -12.67 7.79
C ALA A 79 -16.89 -12.66 9.07
N ILE A 80 -16.96 -11.49 9.75
CA ILE A 80 -17.79 -11.32 10.96
C ILE A 80 -19.30 -11.53 10.64
N ASN A 81 -19.85 -10.70 9.72
CA ASN A 81 -21.30 -10.67 9.42
C ASN A 81 -21.82 -12.02 8.90
N ASP A 82 -21.08 -12.59 7.94
CA ASP A 82 -21.47 -13.87 7.29
C ASP A 82 -21.12 -15.06 8.19
N GLY A 83 -20.11 -14.88 9.06
CA GLY A 83 -19.73 -15.92 10.01
C GLY A 83 -18.69 -16.88 9.44
N VAL A 84 -18.03 -16.46 8.33
CA VAL A 84 -16.84 -17.16 7.78
C VAL A 84 -15.79 -17.26 8.89
N THR A 85 -15.48 -16.08 9.45
CA THR A 85 -14.54 -15.88 10.57
C THR A 85 -13.16 -16.53 10.33
N SER A 86 -12.81 -16.70 9.04
CA SER A 86 -11.54 -17.29 8.62
C SER A 86 -10.97 -16.47 7.44
N THR A 87 -9.94 -15.67 7.74
CA THR A 87 -9.29 -14.78 6.77
C THR A 87 -8.31 -15.55 5.87
N GLU A 88 -7.87 -16.72 6.36
CA GLU A 88 -6.97 -17.62 5.64
C GLU A 88 -7.68 -18.36 4.50
N GLU A 89 -8.98 -18.06 4.31
CA GLU A 89 -9.77 -18.51 3.16
C GLU A 89 -10.00 -17.35 2.15
N LEU A 90 -9.95 -16.09 2.63
CA LEU A 90 -10.42 -14.92 1.85
C LEU A 90 -9.37 -14.47 0.79
N SER A 91 -8.57 -13.44 1.07
CA SER A 91 -7.54 -12.93 0.17
C SER A 91 -6.13 -13.32 0.68
N ILE A 92 -5.57 -14.44 0.12
CA ILE A 92 -4.31 -15.11 0.61
C ILE A 92 -3.37 -15.47 -0.59
N THR A 93 -2.15 -15.98 -0.28
CA THR A 93 -1.18 -16.54 -1.26
C THR A 93 -1.77 -17.72 -2.08
N ARG A 94 -0.91 -18.34 -2.95
CA ARG A 94 -1.21 -19.57 -3.72
C ARG A 94 -2.09 -19.27 -4.93
N ASP A 95 -2.03 -18.00 -5.39
CA ASP A 95 -2.76 -17.49 -6.56
C ASP A 95 -4.27 -17.76 -6.45
N CYS A 96 -4.94 -16.93 -5.63
CA CYS A 96 -6.36 -17.08 -5.32
C CYS A 96 -7.04 -15.70 -5.37
N GLU A 97 -8.12 -15.51 -4.58
CA GLU A 97 -8.98 -14.31 -4.58
C GLU A 97 -8.19 -13.01 -4.31
N LEU A 98 -7.02 -13.12 -3.66
CA LEU A 98 -6.14 -11.96 -3.42
C LEU A 98 -5.57 -11.46 -4.75
N TYR A 99 -4.92 -12.36 -5.50
CA TYR A 99 -4.26 -12.03 -6.78
C TYR A 99 -5.32 -11.55 -7.78
N ARG A 100 -6.41 -12.34 -7.85
CA ARG A 100 -7.60 -12.05 -8.69
C ARG A 100 -8.13 -10.63 -8.44
N ALA A 101 -8.44 -10.32 -7.15
CA ALA A 101 -9.08 -9.05 -6.76
C ALA A 101 -8.14 -7.86 -6.93
N LEU A 102 -6.88 -7.96 -6.43
CA LEU A 102 -5.90 -6.86 -6.53
C LEU A 102 -5.58 -6.51 -7.99
N ASN A 103 -5.47 -7.55 -8.85
CA ASN A 103 -5.24 -7.34 -10.29
C ASN A 103 -6.45 -6.59 -10.90
N MET A 104 -7.65 -7.16 -10.66
CA MET A 104 -8.96 -6.61 -11.14
C MET A 104 -9.17 -5.13 -10.70
N HIS A 105 -8.91 -4.84 -9.42
CA HIS A 105 -9.23 -3.54 -8.80
C HIS A 105 -8.14 -2.50 -9.14
N TYR A 106 -6.88 -2.83 -8.82
CA TYR A 106 -5.72 -1.91 -8.96
C TYR A 106 -5.25 -1.80 -10.42
N ASN A 107 -5.76 -2.72 -11.29
CA ASN A 107 -5.70 -2.67 -12.77
C ASN A 107 -4.60 -3.59 -13.32
N LYS A 108 -4.99 -4.39 -14.35
CA LYS A 108 -4.14 -5.39 -15.08
C LYS A 108 -2.66 -5.00 -15.31
N ALA A 109 -2.35 -3.70 -15.33
CA ALA A 109 -0.95 -3.20 -15.48
C ALA A 109 -0.11 -3.44 -14.19
N ASN A 110 -0.69 -4.15 -13.19
CA ASN A 110 0.08 -4.78 -12.10
C ASN A 110 0.88 -5.94 -12.70
N ASP A 111 2.03 -5.62 -13.29
CA ASP A 111 2.94 -6.62 -13.88
C ASP A 111 3.59 -7.45 -12.77
N PHE A 112 3.96 -6.76 -11.68
CA PHE A 112 4.55 -7.36 -10.49
C PHE A 112 3.59 -8.40 -9.90
N GLU A 113 4.11 -9.62 -9.72
CA GLU A 113 3.33 -10.81 -9.35
C GLU A 113 3.14 -10.90 -7.82
N VAL A 114 3.07 -9.70 -7.16
CA VAL A 114 3.11 -9.52 -5.68
C VAL A 114 4.16 -10.43 -4.98
N PRO A 115 5.41 -9.90 -4.75
CA PRO A 115 6.41 -10.49 -3.83
C PRO A 115 5.83 -11.08 -2.53
N GLU A 116 6.42 -12.21 -2.06
CA GLU A 116 5.93 -13.00 -0.92
C GLU A 116 5.67 -12.15 0.34
N ARG A 117 6.49 -11.09 0.53
CA ARG A 117 6.33 -10.12 1.63
C ARG A 117 4.90 -9.56 1.69
N PHE A 118 4.37 -9.12 0.54
CA PHE A 118 3.03 -8.50 0.44
C PHE A 118 1.92 -9.52 0.77
N LEU A 119 2.20 -10.81 0.49
CA LEU A 119 1.31 -11.93 0.85
C LEU A 119 1.26 -12.18 2.37
N GLU A 120 2.47 -12.16 3.01
CA GLU A 120 2.58 -12.27 4.48
C GLU A 120 1.80 -11.15 5.16
N VAL A 121 2.05 -9.93 4.64
CA VAL A 121 1.38 -8.72 5.10
C VAL A 121 -0.13 -8.84 4.92
N ALA A 122 -0.59 -9.24 3.73
CA ALA A 122 -2.02 -9.37 3.41
C ALA A 122 -2.75 -10.33 4.38
N GLN A 123 -2.13 -11.49 4.64
CA GLN A 123 -2.69 -12.50 5.55
C GLN A 123 -2.83 -11.97 6.99
N ILE A 124 -1.70 -11.46 7.51
CA ILE A 124 -1.60 -11.01 8.90
C ILE A 124 -2.41 -9.73 9.16
N THR A 125 -2.42 -8.82 8.16
CA THR A 125 -3.15 -7.55 8.26
C THR A 125 -4.64 -7.81 8.17
N LEU A 126 -5.08 -8.72 7.27
CA LEU A 126 -6.50 -9.12 7.14
C LEU A 126 -6.97 -9.84 8.40
N ARG A 127 -6.09 -10.68 8.97
CA ARG A 127 -6.32 -11.33 10.28
C ARG A 127 -6.43 -10.28 11.40
N GLU A 128 -5.65 -9.20 11.27
CA GLU A 128 -5.67 -8.07 12.23
C GLU A 128 -6.89 -7.15 12.03
N PHE A 129 -7.34 -6.96 10.77
CA PHE A 129 -8.58 -6.21 10.47
C PHE A 129 -9.78 -6.99 11.01
N PHE A 130 -9.73 -8.32 10.80
CA PHE A 130 -10.69 -9.28 11.36
C PHE A 130 -10.72 -9.12 12.88
N ASN A 131 -9.52 -9.26 13.49
CA ASN A 131 -9.32 -9.19 14.95
C ASN A 131 -9.87 -7.88 15.51
N ALA A 132 -9.63 -6.81 14.76
CA ALA A 132 -9.98 -5.45 15.15
C ALA A 132 -11.49 -5.22 15.12
N ILE A 133 -12.18 -5.74 14.09
CA ILE A 133 -13.64 -5.58 13.94
C ILE A 133 -14.39 -6.53 14.91
N ILE A 134 -14.00 -7.81 14.98
CA ILE A 134 -14.61 -8.77 15.92
C ILE A 134 -14.42 -8.34 17.39
N ALA A 135 -13.21 -7.86 17.74
CA ALA A 135 -12.90 -7.44 19.13
C ALA A 135 -13.39 -6.01 19.41
N GLY A 136 -12.79 -5.04 18.72
CA GLY A 136 -12.92 -3.62 19.08
C GLY A 136 -13.79 -2.83 18.12
N LYS A 137 -14.17 -3.46 17.00
CA LYS A 137 -15.05 -2.90 15.91
C LYS A 137 -14.81 -1.40 15.57
N ASP A 138 -13.51 -1.01 15.47
CA ASP A 138 -13.09 0.43 15.29
C ASP A 138 -13.34 1.32 16.55
N VAL A 139 -14.36 0.97 17.35
CA VAL A 139 -14.61 1.50 18.72
C VAL A 139 -13.28 1.61 19.54
N ASP A 140 -12.37 0.63 19.33
CA ASP A 140 -10.98 0.68 19.85
C ASP A 140 -10.21 1.85 19.17
N PRO A 141 -9.48 2.73 19.91
CA PRO A 141 -8.65 3.81 19.31
C PRO A 141 -7.38 3.29 18.59
N SER A 142 -6.63 2.43 19.29
CA SER A 142 -5.25 2.05 18.91
C SER A 142 -5.15 1.06 17.74
N TRP A 143 -6.29 0.45 17.33
CA TRP A 143 -6.29 -0.68 16.35
C TRP A 143 -5.62 -0.29 15.04
N LYS A 144 -5.79 0.97 14.61
CA LYS A 144 -5.11 1.51 13.42
C LYS A 144 -3.58 1.35 13.55
N LYS A 145 -3.00 1.88 14.64
CA LYS A 145 -1.55 1.79 14.95
C LYS A 145 -1.10 0.33 15.17
N ALA A 146 -2.02 -0.52 15.67
CA ALA A 146 -1.75 -1.97 15.86
C ALA A 146 -1.48 -2.63 14.50
N ILE A 147 -2.43 -2.46 13.56
CA ILE A 147 -2.31 -2.94 12.17
C ILE A 147 -1.04 -2.33 11.50
N TYR A 148 -0.85 -1.01 11.68
CA TYR A 148 0.33 -0.29 11.15
C TYR A 148 1.63 -0.92 11.66
N LYS A 149 1.64 -1.33 12.95
CA LYS A 149 2.81 -1.99 13.55
C LYS A 149 3.04 -3.34 12.87
N VAL A 150 1.99 -4.19 12.83
CA VAL A 150 2.11 -5.59 12.35
C VAL A 150 2.64 -5.63 10.91
N ILE A 151 2.18 -4.68 10.06
CA ILE A 151 2.60 -4.62 8.64
C ILE A 151 3.97 -3.91 8.51
N CYS A 152 4.26 -2.98 9.43
CA CYS A 152 5.58 -2.32 9.51
C CYS A 152 6.59 -3.21 10.29
N LYS A 153 6.14 -4.41 10.72
CA LYS A 153 7.06 -5.48 11.16
C LYS A 153 7.49 -6.35 9.96
N LEU A 154 6.58 -6.53 9.00
CA LEU A 154 6.73 -7.51 7.88
C LEU A 154 7.35 -6.87 6.64
N ASP A 155 7.16 -5.55 6.51
CA ASP A 155 7.66 -4.71 5.41
C ASP A 155 9.16 -4.93 5.06
N SER A 156 9.51 -4.58 3.83
CA SER A 156 10.89 -4.59 3.32
C SER A 156 11.06 -3.40 2.36
N GLU A 157 12.32 -3.04 2.09
CA GLU A 157 12.66 -1.81 1.36
C GLU A 157 12.57 -2.05 -0.15
N VAL A 158 13.02 -1.04 -0.92
CA VAL A 158 13.29 -1.19 -2.36
C VAL A 158 14.83 -1.41 -2.55
N PRO A 159 15.32 -2.69 -2.61
CA PRO A 159 16.76 -2.99 -2.75
C PRO A 159 17.25 -2.79 -4.20
N GLU A 160 16.29 -2.51 -5.08
CA GLU A 160 16.49 -2.35 -6.51
C GLU A 160 16.11 -0.92 -6.92
N ILE A 161 16.05 -0.70 -8.23
CA ILE A 161 15.47 0.49 -8.85
C ILE A 161 14.76 0.02 -10.13
N PHE A 162 13.52 0.48 -10.30
CA PHE A 162 12.60 0.00 -11.34
C PHE A 162 13.09 0.31 -12.75
N LYS A 163 13.74 1.49 -12.92
CA LYS A 163 14.31 1.95 -14.20
C LYS A 163 15.23 0.88 -14.86
N SER A 164 16.13 0.34 -14.03
CA SER A 164 17.16 -0.64 -14.44
C SER A 164 18.02 -0.96 -13.21
N PRO A 165 18.20 -2.27 -12.84
CA PRO A 165 18.86 -2.69 -11.58
C PRO A 165 20.23 -2.04 -11.35
N ASN A 166 20.30 -1.17 -10.32
CA ASN A 166 21.53 -0.49 -9.86
C ASN A 166 22.24 0.36 -10.94
N CYS A 167 21.53 0.66 -12.04
CA CYS A 167 22.07 1.47 -13.16
C CYS A 167 22.33 2.92 -12.73
N LEU A 168 21.49 3.39 -11.78
CA LEU A 168 21.54 4.76 -11.24
C LEU A 168 22.85 5.08 -10.50
N GLN A 169 23.69 4.05 -10.24
CA GLN A 169 25.03 4.20 -9.63
C GLN A 169 25.85 5.31 -10.34
N GLU A 170 25.63 5.43 -11.66
CA GLU A 170 26.25 6.48 -12.50
C GLU A 170 25.85 7.90 -12.01
N LEU A 171 24.55 8.14 -11.78
CA LEU A 171 24.01 9.47 -11.46
C LEU A 171 24.04 9.73 -9.95
N LEU A 172 24.32 8.68 -9.16
CA LEU A 172 24.29 8.75 -7.69
C LEU A 172 25.48 9.57 -7.16
N HIS A 173 25.23 10.87 -7.00
CA HIS A 173 26.19 11.82 -6.46
C HIS A 173 25.48 12.71 -5.44
N GLU A 174 25.51 12.28 -4.18
CA GLU A 174 24.97 13.03 -3.05
C GLU A 174 26.11 13.92 -2.46
N MET A 1 -12.75 14.19 20.07
CA MET A 1 -11.62 14.97 19.57
C MET A 1 -10.73 14.07 18.68
N GLY A 2 -9.49 14.53 18.45
CA GLY A 2 -8.43 13.71 17.89
C GLY A 2 -7.10 14.05 18.59
N HIS A 3 -6.05 14.31 17.79
CA HIS A 3 -4.74 14.76 18.27
C HIS A 3 -4.10 15.67 17.21
N HIS A 4 -4.13 15.18 15.95
CA HIS A 4 -3.61 15.87 14.76
C HIS A 4 -4.21 15.19 13.52
N HIS A 5 -4.61 15.98 12.49
CA HIS A 5 -5.32 15.45 11.31
C HIS A 5 -4.96 16.21 10.03
N HIS A 6 -5.03 15.50 8.89
CA HIS A 6 -4.82 16.07 7.54
C HIS A 6 -5.93 15.53 6.61
N HIS A 7 -6.95 16.37 6.32
CA HIS A 7 -8.07 16.01 5.44
C HIS A 7 -8.26 17.12 4.37
N HIS A 8 -7.85 16.83 3.13
CA HIS A 8 -8.00 17.76 1.97
C HIS A 8 -8.16 16.94 0.66
N SER A 9 -9.18 17.30 -0.14
CA SER A 9 -9.43 16.67 -1.45
C SER A 9 -9.56 17.76 -2.53
N HIS A 10 -8.42 18.38 -2.82
CA HIS A 10 -8.26 19.36 -3.93
C HIS A 10 -7.13 18.85 -4.86
N MET A 11 -7.04 19.43 -6.07
CA MET A 11 -5.94 19.14 -7.02
C MET A 11 -6.01 20.08 -8.25
N ALA A 12 -5.02 19.95 -9.14
CA ALA A 12 -5.05 20.53 -10.49
C ALA A 12 -4.38 19.50 -11.42
N MET A 13 -5.10 19.06 -12.47
CA MET A 13 -4.69 17.96 -13.37
C MET A 13 -3.42 18.33 -14.16
N GLN A 14 -2.25 18.02 -13.57
CA GLN A 14 -0.94 18.26 -14.19
C GLN A 14 -0.14 16.94 -14.23
N GLU A 15 0.57 16.73 -15.34
CA GLU A 15 1.31 15.48 -15.60
C GLU A 15 2.77 15.57 -15.10
N GLY A 16 2.97 16.34 -14.00
CA GLY A 16 4.24 16.36 -13.31
C GLY A 16 4.57 15.02 -12.67
N LEU A 17 3.53 14.21 -12.46
CA LEU A 17 3.64 12.81 -12.05
C LEU A 17 3.14 11.91 -13.19
N SER A 18 4.07 11.21 -13.85
CA SER A 18 3.77 10.36 -15.01
C SER A 18 2.94 9.09 -14.62
N PRO A 19 2.24 8.41 -15.60
CA PRO A 19 1.40 7.22 -15.32
C PRO A 19 2.24 6.02 -14.85
N ASN A 20 3.44 5.90 -15.43
CA ASN A 20 4.40 4.84 -15.08
C ASN A 20 4.97 5.08 -13.68
N HIS A 21 4.97 6.35 -13.24
CA HIS A 21 5.40 6.74 -11.89
C HIS A 21 4.33 6.31 -10.86
N LEU A 22 3.07 6.18 -11.31
CA LEU A 22 1.97 5.65 -10.46
C LEU A 22 2.12 4.12 -10.28
N LYS A 23 2.48 3.41 -11.36
CA LYS A 23 2.81 1.95 -11.29
C LYS A 23 3.98 1.72 -10.30
N LYS A 24 5.00 2.57 -10.49
CA LYS A 24 6.20 2.62 -9.65
C LYS A 24 5.85 2.99 -8.18
N ALA A 25 4.89 3.92 -8.03
CA ALA A 25 4.40 4.39 -6.72
C ALA A 25 3.55 3.31 -6.01
N LYS A 26 2.93 2.42 -6.81
CA LYS A 26 2.18 1.24 -6.28
C LYS A 26 3.17 0.22 -5.70
N LEU A 27 4.10 -0.20 -6.58
CA LEU A 27 5.17 -1.18 -6.27
C LEU A 27 5.95 -0.69 -5.04
N MET A 28 6.19 0.62 -5.00
CA MET A 28 6.82 1.29 -3.86
C MET A 28 5.90 1.19 -2.63
N PHE A 29 4.66 1.71 -2.78
CA PHE A 29 3.70 1.95 -1.66
C PHE A 29 3.50 0.73 -0.76
N PHE A 30 3.25 -0.44 -1.38
CA PHE A 30 2.88 -1.67 -0.60
C PHE A 30 4.04 -2.24 0.27
N TYR A 31 5.26 -1.69 0.11
CA TYR A 31 6.40 -1.94 1.02
C TYR A 31 7.50 -0.88 0.75
N THR A 32 7.52 0.18 1.58
CA THR A 32 8.38 1.34 1.37
C THR A 32 9.54 1.36 2.36
N ARG A 33 9.21 1.71 3.61
CA ARG A 33 10.15 1.98 4.69
C ARG A 33 9.28 2.42 5.89
N TYR A 34 9.65 1.97 7.11
CA TYR A 34 8.84 2.15 8.33
C TYR A 34 8.49 3.65 8.69
N PRO A 35 9.34 4.71 8.40
CA PRO A 35 8.92 6.12 8.56
C PRO A 35 8.49 6.75 7.19
N SER A 36 7.17 6.70 6.87
CA SER A 36 6.56 7.23 5.62
C SER A 36 7.03 8.63 5.13
N SER A 37 7.31 9.58 6.04
CA SER A 37 7.74 10.94 5.63
C SER A 37 9.16 10.89 5.00
N ASN A 38 10.00 9.99 5.56
CA ASN A 38 11.38 9.80 5.11
C ASN A 38 11.38 9.17 3.71
N MET A 39 10.62 8.07 3.54
CA MET A 39 10.49 7.39 2.22
C MET A 39 9.92 8.35 1.17
N LEU A 40 8.93 9.19 1.58
CA LEU A 40 8.26 10.13 0.69
C LEU A 40 9.29 11.11 0.10
N LYS A 41 9.93 11.86 1.00
CA LYS A 41 10.88 12.93 0.64
C LYS A 41 12.13 12.37 -0.11
N THR A 42 12.63 11.19 0.34
CA THR A 42 13.87 10.60 -0.21
C THR A 42 13.63 9.92 -1.58
N TYR A 43 12.63 9.01 -1.65
CA TYR A 43 12.35 8.21 -2.86
C TYR A 43 11.75 9.09 -3.96
N PHE A 44 10.80 9.98 -3.59
CA PHE A 44 10.20 10.93 -4.54
C PHE A 44 10.96 12.27 -4.55
N SER A 45 12.28 12.18 -4.67
CA SER A 45 13.16 13.34 -4.94
C SER A 45 12.96 13.88 -6.39
N ASP A 46 12.23 13.12 -7.23
CA ASP A 46 11.77 13.59 -8.56
C ASP A 46 10.76 14.72 -8.39
N VAL A 47 9.88 14.50 -7.39
CA VAL A 47 8.75 15.38 -7.11
C VAL A 47 9.26 16.61 -6.36
N LYS A 48 9.09 17.80 -6.95
CA LYS A 48 9.52 19.07 -6.34
C LYS A 48 8.55 19.45 -5.19
N PHE A 49 7.29 18.97 -5.33
CA PHE A 49 6.21 19.08 -4.33
C PHE A 49 5.52 20.45 -4.44
N ASN A 50 4.56 20.55 -5.38
CA ASN A 50 3.69 21.73 -5.59
C ASN A 50 2.23 21.29 -5.36
N ARG A 51 1.29 22.25 -5.25
CA ARG A 51 -0.13 21.96 -4.86
C ARG A 51 -0.72 20.80 -5.69
N CYS A 52 -0.64 20.96 -7.02
CA CYS A 52 -1.24 20.04 -8.00
C CYS A 52 -0.72 18.60 -7.82
N ILE A 53 0.60 18.42 -8.04
CA ILE A 53 1.25 17.10 -8.05
C ILE A 53 1.27 16.45 -6.65
N THR A 54 1.44 17.26 -5.60
CA THR A 54 1.46 16.76 -4.21
C THR A 54 0.07 16.28 -3.80
N SER A 55 -0.98 17.01 -4.20
CA SER A 55 -2.38 16.60 -3.93
C SER A 55 -2.74 15.32 -4.69
N GLN A 56 -2.24 15.20 -5.93
CA GLN A 56 -2.40 13.96 -6.74
C GLN A 56 -1.64 12.77 -6.10
N LEU A 57 -0.44 13.06 -5.56
CA LEU A 57 0.44 12.04 -4.95
C LEU A 57 -0.19 11.52 -3.63
N ILE A 58 -0.59 12.48 -2.79
CA ILE A 58 -1.34 12.22 -1.55
C ILE A 58 -2.61 11.43 -1.89
N LYS A 59 -3.32 11.81 -2.98
CA LYS A 59 -4.54 11.10 -3.40
C LYS A 59 -4.21 9.66 -3.81
N TRP A 60 -3.11 9.43 -4.53
CA TRP A 60 -2.64 8.06 -4.88
C TRP A 60 -2.49 7.20 -3.62
N PHE A 61 -1.69 7.73 -2.67
CA PHE A 61 -1.45 7.10 -1.37
C PHE A 61 -2.76 6.93 -0.58
N SER A 62 -3.67 7.90 -0.76
CA SER A 62 -4.96 7.95 -0.06
C SER A 62 -5.96 6.97 -0.69
N ASN A 63 -5.79 6.69 -1.99
CA ASN A 63 -6.66 5.78 -2.76
C ASN A 63 -6.28 4.35 -2.46
N PHE A 64 -4.98 4.03 -2.55
CA PHE A 64 -4.45 2.71 -2.18
C PHE A 64 -4.72 2.42 -0.70
N ARG A 65 -4.56 3.47 0.13
CA ARG A 65 -4.89 3.40 1.58
C ARG A 65 -6.38 3.04 1.78
N GLU A 66 -7.28 3.83 1.15
CA GLU A 66 -8.74 3.69 1.31
C GLU A 66 -9.22 2.32 0.77
N PHE A 67 -8.82 2.00 -0.48
CA PHE A 67 -9.13 0.71 -1.12
C PHE A 67 -8.70 -0.46 -0.22
N TYR A 68 -7.40 -0.55 0.04
CA TYR A 68 -6.78 -1.66 0.81
C TYR A 68 -7.46 -1.85 2.18
N TYR A 69 -7.53 -0.74 2.95
CA TYR A 69 -8.08 -0.71 4.31
C TYR A 69 -9.57 -1.13 4.32
N ILE A 70 -10.40 -0.41 3.53
CA ILE A 70 -11.87 -0.65 3.47
C ILE A 70 -12.19 -2.05 2.95
N GLN A 71 -11.47 -2.50 1.90
CA GLN A 71 -11.75 -3.81 1.25
C GLN A 71 -11.42 -4.96 2.19
N MET A 72 -10.23 -4.91 2.81
CA MET A 72 -9.82 -5.95 3.79
C MET A 72 -10.69 -5.87 5.06
N GLU A 73 -11.16 -4.67 5.42
CA GLU A 73 -12.14 -4.48 6.52
C GLU A 73 -13.52 -5.08 6.16
N LYS A 74 -13.88 -4.99 4.87
CA LYS A 74 -15.15 -5.55 4.34
C LYS A 74 -15.10 -7.08 4.38
N TYR A 75 -13.98 -7.66 3.91
CA TYR A 75 -13.76 -9.13 3.90
C TYR A 75 -13.69 -9.66 5.34
N ALA A 76 -13.04 -8.87 6.21
CA ALA A 76 -12.90 -9.20 7.64
C ALA A 76 -14.26 -9.28 8.33
N ARG A 77 -15.07 -8.19 8.21
CA ARG A 77 -16.38 -8.09 8.90
C ARG A 77 -17.41 -9.04 8.24
N GLN A 78 -17.23 -9.30 6.92
CA GLN A 78 -17.98 -10.34 6.19
C GLN A 78 -17.75 -11.71 6.84
N ALA A 79 -16.47 -12.00 7.14
CA ALA A 79 -16.06 -13.23 7.82
C ALA A 79 -16.64 -13.32 9.24
N ILE A 80 -16.64 -12.18 9.96
CA ILE A 80 -17.22 -12.07 11.32
C ILE A 80 -18.70 -12.47 11.30
N ASN A 81 -19.49 -11.74 10.48
CA ASN A 81 -20.96 -11.94 10.38
C ASN A 81 -21.31 -13.35 9.87
N ASP A 82 -20.61 -13.80 8.82
CA ASP A 82 -20.88 -15.11 8.18
C ASP A 82 -20.46 -16.26 9.12
N GLY A 83 -19.46 -16.00 9.97
CA GLY A 83 -18.95 -17.01 10.89
C GLY A 83 -17.91 -17.91 10.26
N VAL A 84 -17.22 -17.35 9.23
CA VAL A 84 -16.10 -18.03 8.54
C VAL A 84 -14.98 -18.39 9.55
N THR A 85 -14.71 -17.45 10.47
CA THR A 85 -13.66 -17.49 11.53
C THR A 85 -12.23 -17.74 10.96
N SER A 86 -12.09 -17.63 9.63
CA SER A 86 -10.85 -17.96 8.91
C SER A 86 -10.60 -16.94 7.79
N THR A 87 -9.51 -16.16 7.92
CA THR A 87 -9.05 -15.25 6.86
C THR A 87 -8.63 -16.04 5.61
N GLU A 88 -8.31 -17.35 5.81
CA GLU A 88 -7.85 -18.30 4.77
C GLU A 88 -8.88 -18.54 3.64
N GLU A 89 -10.09 -18.00 3.81
CA GLU A 89 -11.17 -18.11 2.79
C GLU A 89 -11.26 -16.82 1.97
N LEU A 90 -10.85 -15.71 2.61
CA LEU A 90 -11.02 -14.34 2.09
C LEU A 90 -9.83 -14.01 1.12
N SER A 91 -9.23 -12.81 1.25
CA SER A 91 -8.14 -12.37 0.36
C SER A 91 -6.75 -12.64 0.96
N ILE A 92 -6.30 -13.90 0.82
CA ILE A 92 -4.92 -14.35 1.19
C ILE A 92 -4.19 -14.77 -0.14
N THR A 93 -2.91 -15.17 -0.06
CA THR A 93 -2.13 -15.72 -1.18
C THR A 93 -2.93 -16.75 -2.02
N ARG A 94 -3.58 -16.23 -3.07
CA ARG A 94 -4.34 -17.00 -4.04
C ARG A 94 -3.81 -16.62 -5.43
N ASP A 95 -2.77 -17.35 -5.87
CA ASP A 95 -2.17 -17.19 -7.21
C ASP A 95 -3.24 -17.26 -8.31
N CYS A 96 -3.12 -16.31 -9.26
CA CYS A 96 -4.13 -15.99 -10.29
C CYS A 96 -5.32 -15.24 -9.68
N GLU A 97 -6.07 -15.90 -8.79
CA GLU A 97 -7.37 -15.41 -8.26
C GLU A 97 -7.26 -14.01 -7.62
N LEU A 98 -6.46 -13.88 -6.55
CA LEU A 98 -6.34 -12.61 -5.80
C LEU A 98 -5.52 -11.58 -6.61
N TYR A 99 -4.62 -12.09 -7.45
CA TYR A 99 -3.75 -11.25 -8.30
C TYR A 99 -4.62 -10.49 -9.31
N ARG A 100 -5.58 -11.23 -9.91
CA ARG A 100 -6.52 -10.69 -10.91
C ARG A 100 -7.72 -9.99 -10.24
N ALA A 101 -8.01 -10.33 -8.97
CA ALA A 101 -9.04 -9.64 -8.17
C ALA A 101 -8.58 -8.19 -7.88
N LEU A 102 -7.44 -8.06 -7.20
CA LEU A 102 -6.83 -6.76 -6.86
C LEU A 102 -6.38 -6.00 -8.12
N ASN A 103 -6.03 -6.76 -9.19
CA ASN A 103 -5.85 -6.21 -10.55
C ASN A 103 -7.08 -5.40 -10.95
N MET A 104 -8.23 -6.10 -11.07
CA MET A 104 -9.47 -5.50 -11.60
C MET A 104 -10.10 -4.47 -10.62
N HIS A 105 -9.83 -4.67 -9.32
CA HIS A 105 -10.50 -3.91 -8.23
C HIS A 105 -9.78 -2.58 -7.95
N TYR A 106 -8.43 -2.64 -7.85
CA TYR A 106 -7.60 -1.45 -7.54
C TYR A 106 -7.10 -0.77 -8.84
N ASN A 107 -6.68 -1.59 -9.82
CA ASN A 107 -5.98 -1.12 -11.04
C ASN A 107 -6.77 -1.61 -12.30
N LYS A 108 -6.09 -1.82 -13.45
CA LYS A 108 -6.69 -2.37 -14.67
C LYS A 108 -5.90 -3.61 -15.18
N ALA A 109 -4.57 -3.46 -15.35
CA ALA A 109 -3.72 -4.50 -15.98
C ALA A 109 -2.71 -5.13 -14.99
N ASN A 110 -2.43 -4.39 -13.87
CA ASN A 110 -1.49 -4.84 -12.80
C ASN A 110 -0.18 -5.39 -13.39
N ASP A 111 0.64 -4.48 -13.93
CA ASP A 111 1.85 -4.84 -14.70
C ASP A 111 2.92 -5.52 -13.83
N PHE A 112 2.78 -5.36 -12.50
CA PHE A 112 3.69 -5.93 -11.52
C PHE A 112 3.01 -7.10 -10.79
N GLU A 113 3.53 -8.33 -11.03
CA GLU A 113 3.01 -9.54 -10.42
C GLU A 113 3.57 -9.63 -9.02
N VAL A 114 2.74 -9.13 -8.13
CA VAL A 114 2.99 -8.96 -6.69
C VAL A 114 3.69 -10.20 -6.01
N PRO A 115 4.99 -10.06 -5.56
CA PRO A 115 5.73 -11.11 -4.80
C PRO A 115 5.27 -11.21 -3.32
N GLU A 116 6.01 -12.03 -2.54
CA GLU A 116 5.65 -12.43 -1.16
C GLU A 116 5.30 -11.23 -0.26
N ARG A 117 6.04 -10.11 -0.45
CA ARG A 117 5.86 -8.85 0.29
C ARG A 117 4.37 -8.41 0.34
N PHE A 118 3.73 -8.35 -0.84
CA PHE A 118 2.34 -7.84 -0.99
C PHE A 118 1.33 -8.78 -0.33
N LEU A 119 1.51 -10.10 -0.57
CA LEU A 119 0.62 -11.15 -0.05
C LEU A 119 0.80 -11.33 1.47
N GLU A 120 2.00 -11.00 1.97
CA GLU A 120 2.32 -11.01 3.42
C GLU A 120 1.62 -9.85 4.12
N VAL A 121 1.78 -8.64 3.55
CA VAL A 121 1.10 -7.43 4.04
C VAL A 121 -0.42 -7.65 3.98
N ALA A 122 -0.90 -8.35 2.93
CA ALA A 122 -2.34 -8.70 2.77
C ALA A 122 -2.85 -9.61 3.89
N GLN A 123 -2.18 -10.76 4.09
CA GLN A 123 -2.62 -11.76 5.08
C GLN A 123 -2.57 -11.19 6.51
N ILE A 124 -1.52 -10.39 6.80
CA ILE A 124 -1.31 -9.79 8.13
C ILE A 124 -2.31 -8.65 8.38
N THR A 125 -2.52 -7.77 7.39
CA THR A 125 -3.44 -6.62 7.56
C THR A 125 -4.88 -7.15 7.77
N LEU A 126 -5.27 -8.14 6.94
CA LEU A 126 -6.60 -8.77 6.97
C LEU A 126 -6.82 -9.53 8.30
N ARG A 127 -5.79 -10.27 8.73
CA ARG A 127 -5.77 -11.00 10.03
C ARG A 127 -5.98 -10.05 11.22
N GLU A 128 -5.30 -8.90 11.17
CA GLU A 128 -5.38 -7.85 12.21
C GLU A 128 -6.75 -7.14 12.19
N PHE A 129 -7.27 -6.87 10.97
CA PHE A 129 -8.62 -6.28 10.78
C PHE A 129 -9.68 -7.21 11.40
N PHE A 130 -9.60 -8.49 11.04
CA PHE A 130 -10.51 -9.54 11.51
C PHE A 130 -10.53 -9.57 13.04
N ASN A 131 -9.32 -9.76 13.60
CA ASN A 131 -9.09 -9.86 15.07
C ASN A 131 -9.60 -8.62 15.81
N ALA A 132 -9.46 -7.46 15.17
CA ALA A 132 -9.92 -6.18 15.70
C ALA A 132 -11.45 -6.13 15.79
N ILE A 133 -12.17 -6.35 14.65
CA ILE A 133 -13.64 -6.26 14.64
C ILE A 133 -14.26 -7.31 15.61
N ILE A 134 -13.74 -8.56 15.61
CA ILE A 134 -14.24 -9.60 16.56
C ILE A 134 -13.99 -9.18 18.03
N ALA A 135 -12.81 -8.55 18.30
CA ALA A 135 -12.52 -7.99 19.64
C ALA A 135 -13.40 -6.75 19.96
N GLY A 136 -13.86 -6.06 18.90
CA GLY A 136 -14.64 -4.81 19.02
C GLY A 136 -13.73 -3.60 19.15
N LYS A 137 -12.52 -3.75 18.59
CA LYS A 137 -11.44 -2.74 18.65
C LYS A 137 -11.53 -1.74 17.48
N ASP A 138 -12.36 -2.05 16.46
CA ASP A 138 -12.48 -1.21 15.25
C ASP A 138 -13.08 0.17 15.55
N VAL A 139 -13.87 0.24 16.63
CA VAL A 139 -14.54 1.48 17.08
C VAL A 139 -13.55 2.40 17.82
N ASP A 140 -12.40 1.83 18.22
CA ASP A 140 -11.28 2.56 18.85
C ASP A 140 -10.39 3.17 17.75
N PRO A 141 -10.38 4.54 17.58
CA PRO A 141 -9.68 5.22 16.45
C PRO A 141 -8.19 4.82 16.23
N SER A 142 -7.49 4.41 17.31
CA SER A 142 -6.05 4.05 17.28
C SER A 142 -5.80 2.71 16.54
N TRP A 143 -6.86 1.91 16.37
CA TRP A 143 -6.79 0.55 15.79
C TRP A 143 -6.20 0.58 14.37
N LYS A 144 -6.58 1.60 13.58
CA LYS A 144 -6.14 1.75 12.19
C LYS A 144 -4.64 1.98 12.15
N LYS A 145 -4.15 2.83 13.06
CA LYS A 145 -2.71 3.09 13.26
C LYS A 145 -1.95 1.84 13.76
N ALA A 146 -2.62 0.99 14.57
CA ALA A 146 -2.07 -0.30 14.99
C ALA A 146 -1.78 -1.17 13.76
N ILE A 147 -2.81 -1.34 12.89
CA ILE A 147 -2.68 -2.08 11.62
C ILE A 147 -1.56 -1.44 10.74
N TYR A 148 -1.60 -0.11 10.61
CA TYR A 148 -0.63 0.65 9.79
C TYR A 148 0.81 0.39 10.25
N LYS A 149 1.06 0.32 11.57
CA LYS A 149 2.42 0.09 12.08
C LYS A 149 2.84 -1.39 11.93
N VAL A 150 1.89 -2.36 12.08
CA VAL A 150 2.22 -3.81 11.91
C VAL A 150 2.64 -4.09 10.46
N ILE A 151 1.98 -3.44 9.48
CA ILE A 151 2.27 -3.64 8.04
C ILE A 151 3.43 -2.73 7.56
N CYS A 152 3.60 -1.54 8.17
CA CYS A 152 4.76 -0.67 7.88
C CYS A 152 6.02 -1.19 8.58
N LYS A 153 5.86 -2.14 9.53
CA LYS A 153 7.00 -2.88 10.12
C LYS A 153 7.58 -3.83 9.05
N LEU A 154 6.68 -4.35 8.18
CA LEU A 154 7.05 -5.27 7.09
C LEU A 154 7.83 -4.54 6.00
N ASP A 155 7.44 -3.26 5.74
CA ASP A 155 8.15 -2.34 4.82
C ASP A 155 9.68 -2.38 5.03
N SER A 156 10.39 -3.00 4.08
CA SER A 156 11.83 -3.26 4.18
C SER A 156 12.58 -2.15 3.46
N GLU A 157 12.42 -2.12 2.13
CA GLU A 157 13.04 -1.15 1.22
C GLU A 157 12.42 -1.33 -0.17
N VAL A 158 12.67 -0.36 -1.07
CA VAL A 158 12.15 -0.41 -2.44
C VAL A 158 13.29 -0.63 -3.45
N PRO A 159 12.97 -1.08 -4.70
CA PRO A 159 13.90 -0.96 -5.84
C PRO A 159 14.18 0.53 -6.11
N GLU A 160 15.46 0.94 -5.96
CA GLU A 160 15.89 2.33 -6.19
C GLU A 160 16.16 2.53 -7.71
N ILE A 161 16.18 1.40 -8.42
CA ILE A 161 16.27 1.33 -9.88
C ILE A 161 15.58 0.02 -10.34
N PHE A 162 14.55 0.16 -11.20
CA PHE A 162 13.75 -0.97 -11.72
C PHE A 162 14.38 -1.54 -13.00
N LYS A 163 15.20 -0.70 -13.66
CA LYS A 163 15.87 -1.04 -14.91
C LYS A 163 16.91 -2.17 -14.68
N SER A 164 17.53 -2.14 -13.50
CA SER A 164 18.51 -3.15 -13.06
C SER A 164 18.78 -2.92 -11.55
N PRO A 165 18.03 -3.61 -10.62
CA PRO A 165 18.14 -3.37 -9.16
C PRO A 165 19.59 -3.42 -8.61
N ASN A 166 19.99 -2.32 -7.95
CA ASN A 166 21.31 -2.15 -7.26
C ASN A 166 22.46 -1.80 -8.24
N CYS A 167 22.14 -1.73 -9.54
CA CYS A 167 23.14 -1.37 -10.58
C CYS A 167 23.46 0.13 -10.56
N LEU A 168 22.50 0.94 -10.09
CA LEU A 168 22.65 2.42 -10.05
C LEU A 168 23.68 2.84 -8.98
N GLN A 169 24.06 1.87 -8.12
CA GLN A 169 25.14 2.04 -7.14
C GLN A 169 26.47 2.35 -7.86
N GLU A 170 26.59 1.87 -9.11
CA GLU A 170 27.76 2.10 -9.97
C GLU A 170 27.74 3.51 -10.62
N LEU A 171 26.59 4.20 -10.59
CA LEU A 171 26.46 5.59 -11.12
C LEU A 171 27.15 6.54 -10.13
N LEU A 172 26.60 6.58 -8.91
CA LEU A 172 27.17 7.32 -7.78
C LEU A 172 28.31 6.49 -7.14
N HIS A 173 29.49 6.57 -7.78
CA HIS A 173 30.59 5.62 -7.55
C HIS A 173 31.89 6.17 -8.15
N GLU A 174 32.97 6.13 -7.37
CA GLU A 174 34.29 6.56 -7.80
C GLU A 174 35.01 5.37 -8.47
N MET A 1 1.70 11.79 13.49
CA MET A 1 1.38 12.32 12.15
C MET A 1 0.41 13.51 12.28
N GLY A 2 0.77 14.66 11.68
CA GLY A 2 -0.10 15.83 11.63
C GLY A 2 -1.29 15.57 10.71
N HIS A 3 -2.44 15.22 11.32
CA HIS A 3 -3.66 14.82 10.60
C HIS A 3 -4.22 15.98 9.76
N HIS A 4 -3.80 16.01 8.49
CA HIS A 4 -4.31 16.94 7.48
C HIS A 4 -5.54 16.32 6.77
N HIS A 5 -6.22 17.14 5.97
CA HIS A 5 -7.49 16.76 5.33
C HIS A 5 -7.63 17.44 3.96
N HIS A 6 -8.42 16.83 3.08
CA HIS A 6 -8.76 17.39 1.76
C HIS A 6 -10.20 17.95 1.83
N HIS A 7 -10.33 19.21 2.29
CA HIS A 7 -11.65 19.88 2.42
C HIS A 7 -12.21 20.19 1.03
N HIS A 8 -11.33 20.70 0.16
CA HIS A 8 -11.62 20.92 -1.27
C HIS A 8 -10.29 21.12 -2.01
N SER A 9 -9.46 20.06 -2.02
CA SER A 9 -8.17 20.07 -2.72
C SER A 9 -8.42 19.95 -4.24
N HIS A 10 -8.09 21.03 -4.96
CA HIS A 10 -8.28 21.13 -6.42
C HIS A 10 -7.28 20.21 -7.16
N MET A 11 -7.61 18.91 -7.24
CA MET A 11 -6.74 17.85 -7.81
C MET A 11 -6.88 17.76 -9.35
N ALA A 12 -6.92 18.94 -9.99
CA ALA A 12 -6.94 19.08 -11.46
C ALA A 12 -5.74 18.36 -12.10
N MET A 13 -6.00 17.68 -13.23
CA MET A 13 -5.05 16.76 -13.87
C MET A 13 -3.83 17.50 -14.43
N GLN A 14 -2.85 17.72 -13.55
CA GLN A 14 -1.57 18.39 -13.85
C GLN A 14 -0.45 17.62 -13.14
N GLU A 15 0.13 16.68 -13.88
CA GLU A 15 1.18 15.76 -13.42
C GLU A 15 2.53 16.12 -14.07
N GLY A 16 3.55 15.30 -13.80
CA GLY A 16 4.88 15.46 -14.39
C GLY A 16 5.84 14.40 -13.87
N LEU A 17 5.31 13.18 -13.72
CA LEU A 17 6.02 12.06 -13.06
C LEU A 17 6.09 10.82 -13.99
N SER A 18 5.03 10.63 -14.81
CA SER A 18 4.82 9.50 -15.78
C SER A 18 4.11 8.28 -15.11
N PRO A 19 3.23 7.51 -15.88
CA PRO A 19 2.44 6.36 -15.34
C PRO A 19 3.28 5.15 -14.83
N ASN A 20 4.55 5.03 -15.24
CA ASN A 20 5.46 3.97 -14.71
C ASN A 20 5.92 4.33 -13.29
N HIS A 21 6.07 5.65 -13.07
CA HIS A 21 6.41 6.24 -11.77
C HIS A 21 5.28 5.93 -10.76
N LEU A 22 4.04 5.75 -11.26
CA LEU A 22 2.88 5.28 -10.45
C LEU A 22 3.12 3.87 -9.88
N LYS A 23 3.56 2.94 -10.75
CA LYS A 23 3.85 1.54 -10.35
C LYS A 23 4.93 1.53 -9.26
N LYS A 24 6.09 2.15 -9.58
CA LYS A 24 7.24 2.11 -8.66
C LYS A 24 6.98 2.94 -7.37
N ALA A 25 6.19 4.04 -7.46
CA ALA A 25 5.89 4.90 -6.29
C ALA A 25 4.95 4.19 -5.32
N LYS A 26 3.92 3.55 -5.86
CA LYS A 26 2.89 2.84 -5.09
C LYS A 26 3.50 1.63 -4.35
N LEU A 27 4.29 0.83 -5.10
CA LEU A 27 4.86 -0.41 -4.55
C LEU A 27 6.08 -0.11 -3.65
N MET A 28 6.81 1.00 -3.92
CA MET A 28 7.86 1.44 -2.97
C MET A 28 7.20 2.01 -1.71
N PHE A 29 6.01 2.66 -1.86
CA PHE A 29 5.22 3.21 -0.73
C PHE A 29 4.75 2.07 0.21
N PHE A 30 4.43 0.92 -0.40
CA PHE A 30 4.23 -0.33 0.34
C PHE A 30 5.45 -0.64 1.24
N TYR A 31 6.66 -0.56 0.65
CA TYR A 31 7.93 -0.89 1.33
C TYR A 31 8.50 0.28 2.17
N THR A 32 7.94 1.50 2.06
CA THR A 32 8.42 2.67 2.86
C THR A 32 7.86 2.65 4.29
N ARG A 33 7.09 1.58 4.62
CA ARG A 33 6.83 1.14 6.00
C ARG A 33 5.64 1.87 6.64
N TYR A 34 5.69 3.22 6.65
CA TYR A 34 4.65 4.07 7.26
C TYR A 34 4.70 5.56 6.76
N PRO A 35 5.81 6.36 7.00
CA PRO A 35 5.79 7.84 6.86
C PRO A 35 5.88 8.32 5.39
N SER A 36 4.69 8.43 4.74
CA SER A 36 4.51 8.96 3.37
C SER A 36 5.31 10.25 3.09
N SER A 37 5.10 11.29 3.91
CA SER A 37 5.67 12.63 3.68
C SER A 37 7.22 12.61 3.74
N ASN A 38 7.78 11.77 4.65
CA ASN A 38 9.24 11.64 4.82
C ASN A 38 9.87 11.07 3.54
N MET A 39 9.47 9.82 3.20
CA MET A 39 9.92 9.13 1.95
C MET A 39 9.59 9.94 0.69
N LEU A 40 8.53 10.79 0.77
CA LEU A 40 8.11 11.65 -0.33
C LEU A 40 9.23 12.65 -0.63
N LYS A 41 9.60 13.45 0.39
CA LYS A 41 10.64 14.49 0.25
C LYS A 41 12.06 13.87 0.13
N THR A 42 12.29 12.67 0.70
CA THR A 42 13.62 12.03 0.68
C THR A 42 13.89 11.35 -0.67
N TYR A 43 12.99 10.42 -1.07
CA TYR A 43 13.18 9.58 -2.26
C TYR A 43 12.76 10.32 -3.54
N PHE A 44 11.75 11.21 -3.45
CA PHE A 44 11.30 12.03 -4.60
C PHE A 44 11.70 13.50 -4.38
N SER A 45 12.95 13.71 -3.92
CA SER A 45 13.51 15.04 -3.59
C SER A 45 13.53 16.00 -4.81
N ASP A 46 13.68 15.44 -6.02
CA ASP A 46 13.79 16.24 -7.26
C ASP A 46 12.40 16.57 -7.84
N VAL A 47 11.35 15.89 -7.34
CA VAL A 47 9.97 16.25 -7.68
C VAL A 47 9.64 17.60 -7.04
N LYS A 48 9.47 18.62 -7.89
CA LYS A 48 9.03 19.96 -7.46
C LYS A 48 7.56 19.86 -7.05
N PHE A 49 7.35 19.59 -5.74
CA PHE A 49 6.03 19.49 -5.15
C PHE A 49 5.24 20.82 -5.22
N ASN A 50 4.62 21.04 -6.38
CA ASN A 50 3.58 22.07 -6.58
C ASN A 50 2.22 21.43 -6.26
N ARG A 51 1.28 22.18 -5.63
CA ARG A 51 0.02 21.64 -5.05
C ARG A 51 -0.71 20.62 -5.97
N CYS A 52 -0.76 20.90 -7.28
CA CYS A 52 -1.42 20.03 -8.27
C CYS A 52 -0.72 18.65 -8.38
N ILE A 53 0.58 18.66 -8.76
CA ILE A 53 1.38 17.43 -8.99
C ILE A 53 1.59 16.64 -7.66
N THR A 54 1.64 17.39 -6.55
CA THR A 54 1.74 16.83 -5.19
C THR A 54 0.45 16.08 -4.86
N SER A 55 -0.70 16.71 -5.16
CA SER A 55 -2.03 16.11 -4.92
C SER A 55 -2.19 14.83 -5.75
N GLN A 56 -1.67 14.85 -7.01
CA GLN A 56 -1.69 13.67 -7.91
C GLN A 56 -0.86 12.50 -7.32
N LEU A 57 0.35 12.82 -6.82
CA LEU A 57 1.25 11.84 -6.18
C LEU A 57 0.59 11.30 -4.88
N ILE A 58 -0.08 12.20 -4.13
CA ILE A 58 -0.87 11.85 -2.95
C ILE A 58 -2.10 11.01 -3.34
N LYS A 59 -2.66 11.21 -4.56
CA LYS A 59 -3.78 10.38 -5.08
C LYS A 59 -3.31 8.95 -5.37
N TRP A 60 -2.05 8.82 -5.80
CA TRP A 60 -1.38 7.52 -5.96
C TRP A 60 -1.22 6.80 -4.61
N PHE A 61 -0.65 7.54 -3.62
CA PHE A 61 -0.43 7.03 -2.26
C PHE A 61 -1.76 6.77 -1.53
N SER A 62 -2.78 7.60 -1.85
CA SER A 62 -4.11 7.50 -1.24
C SER A 62 -4.88 6.36 -1.89
N ASN A 63 -4.61 6.11 -3.19
CA ASN A 63 -5.13 4.93 -3.90
C ASN A 63 -4.63 3.66 -3.19
N PHE A 64 -3.29 3.62 -2.95
CA PHE A 64 -2.68 2.47 -2.26
C PHE A 64 -3.32 2.27 -0.87
N ARG A 65 -3.19 3.28 0.00
CA ARG A 65 -3.52 3.15 1.43
C ARG A 65 -5.03 2.97 1.65
N GLU A 66 -5.88 3.61 0.80
CA GLU A 66 -7.34 3.45 0.90
C GLU A 66 -7.77 2.08 0.39
N PHE A 67 -7.35 1.68 -0.84
CA PHE A 67 -7.73 0.35 -1.38
C PHE A 67 -7.19 -0.77 -0.48
N TYR A 68 -6.01 -0.58 0.06
CA TYR A 68 -5.41 -1.51 1.03
C TYR A 68 -6.30 -1.66 2.29
N TYR A 69 -6.49 -0.52 2.99
CA TYR A 69 -7.20 -0.47 4.28
C TYR A 69 -8.66 -0.93 4.11
N ILE A 70 -9.36 -0.29 3.15
CA ILE A 70 -10.78 -0.57 2.83
C ILE A 70 -11.00 -2.03 2.36
N GLN A 71 -10.18 -2.55 1.41
CA GLN A 71 -10.37 -3.95 0.91
C GLN A 71 -10.22 -4.94 2.07
N MET A 72 -9.08 -4.87 2.79
CA MET A 72 -8.79 -5.80 3.90
C MET A 72 -9.86 -5.69 5.02
N GLU A 73 -10.21 -4.45 5.40
CA GLU A 73 -11.22 -4.16 6.44
C GLU A 73 -12.61 -4.70 6.07
N LYS A 74 -13.01 -4.55 4.80
CA LYS A 74 -14.36 -4.96 4.32
C LYS A 74 -14.46 -6.48 4.12
N TYR A 75 -13.34 -7.12 3.74
CA TYR A 75 -13.26 -8.58 3.62
C TYR A 75 -13.30 -9.23 5.01
N ALA A 76 -12.66 -8.58 5.98
CA ALA A 76 -12.68 -8.96 7.40
C ALA A 76 -14.06 -8.74 8.02
N ARG A 77 -14.64 -7.57 7.72
CA ARG A 77 -15.97 -7.15 8.21
C ARG A 77 -17.05 -8.10 7.68
N GLN A 78 -16.90 -8.49 6.39
CA GLN A 78 -17.80 -9.45 5.72
C GLN A 78 -17.54 -10.89 6.22
N ALA A 79 -16.27 -11.19 6.61
CA ALA A 79 -15.92 -12.48 7.22
C ALA A 79 -16.71 -12.69 8.53
N ILE A 80 -16.68 -11.66 9.39
CA ILE A 80 -17.34 -11.71 10.71
C ILE A 80 -18.89 -11.59 10.55
N ASN A 81 -19.32 -10.73 9.60
CA ASN A 81 -20.76 -10.50 9.26
C ASN A 81 -21.45 -11.78 8.78
N ASP A 82 -20.86 -12.40 7.75
CA ASP A 82 -21.41 -13.60 7.08
C ASP A 82 -21.10 -14.87 7.90
N GLY A 83 -20.01 -14.83 8.69
CA GLY A 83 -19.65 -15.95 9.57
C GLY A 83 -18.60 -16.86 8.96
N VAL A 84 -17.89 -16.37 7.93
CA VAL A 84 -16.74 -17.05 7.33
C VAL A 84 -15.62 -17.15 8.40
N THR A 85 -15.23 -15.96 8.91
CA THR A 85 -14.17 -15.74 9.93
C THR A 85 -12.84 -16.45 9.58
N SER A 86 -12.64 -16.68 8.29
CA SER A 86 -11.46 -17.37 7.75
C SER A 86 -10.99 -16.62 6.51
N THR A 87 -9.80 -16.02 6.61
CA THR A 87 -9.20 -15.17 5.58
C THR A 87 -8.94 -15.95 4.27
N GLU A 88 -8.68 -17.25 4.41
CA GLU A 88 -8.18 -18.13 3.33
C GLU A 88 -9.17 -18.31 2.16
N GLU A 89 -10.45 -18.00 2.38
CA GLU A 89 -11.53 -18.26 1.39
C GLU A 89 -11.86 -16.99 0.60
N LEU A 90 -11.58 -15.82 1.19
CA LEU A 90 -12.00 -14.51 0.66
C LEU A 90 -10.79 -13.70 0.13
N SER A 91 -9.62 -13.86 0.76
CA SER A 91 -8.38 -13.11 0.45
C SER A 91 -7.17 -13.76 1.14
N ILE A 92 -6.35 -14.47 0.37
CA ILE A 92 -5.06 -15.03 0.86
C ILE A 92 -4.15 -15.32 -0.35
N THR A 93 -2.92 -15.81 -0.11
CA THR A 93 -1.95 -16.18 -1.16
C THR A 93 -2.54 -17.29 -2.09
N ARG A 94 -3.30 -16.86 -3.11
CA ARG A 94 -4.00 -17.77 -4.05
C ARG A 94 -3.56 -17.47 -5.49
N ASP A 95 -2.29 -17.81 -5.74
CA ASP A 95 -1.58 -17.81 -7.06
C ASP A 95 -1.95 -16.68 -8.06
N CYS A 96 -3.16 -16.68 -8.61
CA CYS A 96 -3.59 -15.70 -9.62
C CYS A 96 -4.84 -14.92 -9.16
N GLU A 97 -5.68 -15.58 -8.33
CA GLU A 97 -7.00 -15.03 -7.93
C GLU A 97 -6.87 -13.70 -7.16
N LEU A 98 -6.16 -13.72 -6.00
CA LEU A 98 -6.04 -12.50 -5.14
C LEU A 98 -5.11 -11.47 -5.79
N TYR A 99 -4.14 -11.98 -6.56
CA TYR A 99 -3.16 -11.15 -7.28
C TYR A 99 -3.89 -10.24 -8.29
N ARG A 100 -4.75 -10.87 -9.11
CA ARG A 100 -5.53 -10.19 -10.15
C ARG A 100 -6.76 -9.48 -9.57
N ALA A 101 -7.24 -9.92 -8.38
CA ALA A 101 -8.37 -9.26 -7.69
C ALA A 101 -7.91 -7.90 -7.18
N LEU A 102 -6.86 -7.91 -6.32
CA LEU A 102 -6.24 -6.68 -5.80
C LEU A 102 -5.71 -5.79 -6.94
N ASN A 103 -5.08 -6.38 -7.99
CA ASN A 103 -4.67 -5.61 -9.20
C ASN A 103 -5.87 -4.83 -9.78
N MET A 104 -6.91 -5.59 -10.20
CA MET A 104 -8.11 -5.04 -10.88
C MET A 104 -8.90 -4.05 -9.99
N HIS A 105 -8.79 -4.20 -8.64
CA HIS A 105 -9.47 -3.31 -7.67
C HIS A 105 -8.71 -1.99 -7.43
N TYR A 106 -7.38 -2.07 -7.11
CA TYR A 106 -6.53 -0.86 -6.95
C TYR A 106 -6.56 -0.01 -8.24
N ASN A 107 -6.11 -0.61 -9.36
CA ASN A 107 -6.04 0.04 -10.68
C ASN A 107 -6.14 -1.05 -11.74
N LYS A 108 -7.03 -0.86 -12.73
CA LYS A 108 -7.41 -1.91 -13.73
C LYS A 108 -6.18 -2.61 -14.33
N ALA A 109 -5.13 -1.83 -14.63
CA ALA A 109 -3.83 -2.36 -15.07
C ALA A 109 -2.69 -1.57 -14.39
N ASN A 110 -2.59 -1.70 -13.04
CA ASN A 110 -1.37 -1.29 -12.30
C ASN A 110 -0.21 -2.27 -12.59
N ASP A 111 -0.57 -3.46 -13.15
CA ASP A 111 0.37 -4.40 -13.81
C ASP A 111 1.16 -5.28 -12.82
N PHE A 112 1.51 -4.72 -11.64
CA PHE A 112 2.62 -5.23 -10.81
C PHE A 112 2.42 -6.68 -10.34
N GLU A 113 3.51 -7.45 -10.49
CA GLU A 113 3.63 -8.84 -10.06
C GLU A 113 4.04 -8.85 -8.57
N VAL A 114 3.02 -8.68 -7.70
CA VAL A 114 3.22 -8.56 -6.25
C VAL A 114 3.96 -9.80 -5.66
N PRO A 115 5.12 -9.59 -4.96
CA PRO A 115 5.93 -10.70 -4.40
C PRO A 115 5.31 -11.28 -3.13
N GLU A 116 5.91 -12.36 -2.58
CA GLU A 116 5.41 -13.07 -1.39
C GLU A 116 5.12 -12.10 -0.23
N ARG A 117 6.02 -11.09 -0.06
CA ARG A 117 5.97 -10.10 1.02
C ARG A 117 4.64 -9.31 1.05
N PHE A 118 4.06 -9.03 -0.14
CA PHE A 118 2.78 -8.31 -0.26
C PHE A 118 1.62 -9.19 0.25
N LEU A 119 1.70 -10.50 -0.05
CA LEU A 119 0.71 -11.51 0.39
C LEU A 119 0.92 -11.89 1.88
N GLU A 120 2.16 -11.72 2.40
CA GLU A 120 2.48 -11.92 3.84
C GLU A 120 1.82 -10.80 4.66
N VAL A 121 2.05 -9.55 4.20
CA VAL A 121 1.45 -8.36 4.77
C VAL A 121 -0.08 -8.42 4.66
N ALA A 122 -0.59 -8.84 3.48
CA ALA A 122 -2.05 -9.02 3.25
C ALA A 122 -2.65 -10.03 4.26
N GLN A 123 -1.95 -11.18 4.43
CA GLN A 123 -2.37 -12.25 5.33
C GLN A 123 -2.51 -11.74 6.77
N ILE A 124 -1.43 -11.14 7.28
CA ILE A 124 -1.33 -10.72 8.70
C ILE A 124 -2.20 -9.49 8.98
N THR A 125 -2.33 -8.57 8.00
CA THR A 125 -3.14 -7.34 8.19
C THR A 125 -4.63 -7.72 8.25
N LEU A 126 -5.09 -8.55 7.29
CA LEU A 126 -6.48 -9.05 7.23
C LEU A 126 -6.80 -9.94 8.45
N ARG A 127 -5.79 -10.73 8.86
CA ARG A 127 -5.80 -11.50 10.11
C ARG A 127 -6.10 -10.58 11.31
N GLU A 128 -5.38 -9.44 11.38
CA GLU A 128 -5.52 -8.49 12.49
C GLU A 128 -6.87 -7.76 12.47
N PHE A 129 -7.32 -7.39 11.26
CA PHE A 129 -8.63 -6.74 11.05
C PHE A 129 -9.74 -7.65 11.62
N PHE A 130 -9.88 -8.88 11.06
CA PHE A 130 -10.96 -9.82 11.45
C PHE A 130 -10.82 -10.24 12.93
N ASN A 131 -9.55 -10.44 13.39
CA ASN A 131 -9.24 -10.87 14.78
C ASN A 131 -9.77 -9.86 15.80
N ALA A 132 -9.49 -8.59 15.52
CA ALA A 132 -9.87 -7.48 16.40
C ALA A 132 -11.39 -7.24 16.34
N ILE A 133 -12.01 -7.42 15.16
CA ILE A 133 -13.49 -7.28 15.00
C ILE A 133 -14.23 -8.38 15.81
N ILE A 134 -13.86 -9.67 15.59
CA ILE A 134 -14.46 -10.83 16.31
C ILE A 134 -14.20 -10.71 17.83
N ALA A 135 -13.03 -10.15 18.20
CA ALA A 135 -12.72 -9.82 19.61
C ALA A 135 -13.68 -8.74 20.16
N GLY A 136 -14.00 -7.71 19.34
CA GLY A 136 -14.95 -6.65 19.72
C GLY A 136 -14.33 -5.26 19.78
N LYS A 137 -13.11 -5.14 19.22
CA LYS A 137 -12.34 -3.88 19.19
C LYS A 137 -12.77 -2.97 18.03
N ASP A 138 -13.67 -3.47 17.14
CA ASP A 138 -14.20 -2.72 15.97
C ASP A 138 -15.12 -1.54 16.40
N VAL A 139 -14.47 -0.54 16.98
CA VAL A 139 -15.09 0.69 17.49
C VAL A 139 -14.21 1.93 17.19
N ASP A 140 -13.17 1.72 16.31
CA ASP A 140 -12.32 2.79 15.66
C ASP A 140 -10.87 3.02 16.23
N PRO A 141 -10.65 3.24 17.58
CA PRO A 141 -9.50 4.07 18.08
C PRO A 141 -8.09 3.72 17.54
N SER A 142 -7.43 2.71 18.13
CA SER A 142 -6.05 2.32 17.82
C SER A 142 -5.81 1.77 16.39
N TRP A 143 -6.90 1.44 15.65
CA TRP A 143 -6.85 0.66 14.38
C TRP A 143 -5.78 1.12 13.38
N LYS A 144 -5.77 2.42 13.04
CA LYS A 144 -4.78 2.98 12.09
C LYS A 144 -3.35 2.62 12.52
N LYS A 145 -2.89 3.11 13.68
CA LYS A 145 -1.51 2.93 14.16
C LYS A 145 -1.18 1.45 14.44
N ALA A 146 -2.15 0.68 14.96
CA ALA A 146 -1.98 -0.73 15.38
C ALA A 146 -1.71 -1.62 14.15
N ILE A 147 -2.60 -1.52 13.15
CA ILE A 147 -2.46 -2.25 11.88
C ILE A 147 -1.16 -1.81 11.16
N TYR A 148 -0.89 -0.47 11.19
CA TYR A 148 0.37 0.08 10.65
C TYR A 148 1.60 -0.55 11.32
N LYS A 149 1.52 -0.82 12.66
CA LYS A 149 2.61 -1.51 13.40
C LYS A 149 2.79 -2.94 12.88
N VAL A 150 1.66 -3.70 12.82
CA VAL A 150 1.71 -5.15 12.49
C VAL A 150 2.34 -5.37 11.11
N ILE A 151 2.11 -4.40 10.18
CA ILE A 151 2.67 -4.44 8.80
C ILE A 151 4.03 -3.69 8.69
N CYS A 152 4.31 -2.79 9.64
CA CYS A 152 5.63 -2.10 9.77
C CYS A 152 6.69 -3.04 10.34
N LYS A 153 6.24 -4.14 10.95
CA LYS A 153 7.15 -5.23 11.37
C LYS A 153 7.48 -6.16 10.18
N LEU A 154 6.73 -6.04 9.07
CA LEU A 154 6.76 -7.03 7.97
C LEU A 154 7.53 -6.56 6.74
N ASP A 155 7.61 -5.23 6.50
CA ASP A 155 8.25 -4.65 5.28
C ASP A 155 9.75 -5.04 5.17
N SER A 156 10.37 -4.67 4.04
CA SER A 156 11.81 -4.90 3.82
C SER A 156 12.55 -3.53 3.70
N GLU A 157 12.34 -2.91 2.53
CA GLU A 157 13.03 -1.69 2.05
C GLU A 157 12.63 -1.51 0.59
N VAL A 158 12.95 -0.37 -0.02
CA VAL A 158 12.51 -0.05 -1.38
C VAL A 158 13.54 -0.51 -2.45
N PRO A 159 13.17 -1.51 -3.32
CA PRO A 159 13.83 -1.70 -4.61
C PRO A 159 13.41 -0.55 -5.54
N GLU A 160 14.27 0.47 -5.65
CA GLU A 160 13.92 1.78 -6.23
C GLU A 160 13.45 1.66 -7.70
N ILE A 161 14.05 0.69 -8.42
CA ILE A 161 13.60 0.28 -9.76
C ILE A 161 13.17 -1.20 -9.69
N PHE A 162 11.85 -1.40 -9.77
CA PHE A 162 11.22 -2.73 -9.80
C PHE A 162 11.29 -3.31 -11.22
N LYS A 163 11.37 -2.39 -12.22
CA LYS A 163 11.42 -2.74 -13.66
C LYS A 163 12.62 -3.65 -13.97
N SER A 164 13.73 -3.38 -13.28
CA SER A 164 14.96 -4.14 -13.38
C SER A 164 15.67 -4.03 -12.00
N PRO A 165 15.66 -5.14 -11.17
CA PRO A 165 16.07 -5.11 -9.74
C PRO A 165 17.45 -4.48 -9.43
N ASN A 166 18.41 -4.60 -10.38
CA ASN A 166 19.80 -4.11 -10.19
C ASN A 166 20.10 -2.84 -11.00
N CYS A 167 19.10 -2.31 -11.73
CA CYS A 167 19.26 -1.08 -12.54
C CYS A 167 19.28 0.18 -11.65
N LEU A 168 18.68 0.06 -10.44
CA LEU A 168 18.64 1.15 -9.43
C LEU A 168 20.05 1.48 -8.86
N GLN A 169 21.02 0.57 -9.12
CA GLN A 169 22.47 0.77 -8.86
C GLN A 169 22.95 2.13 -9.41
N GLU A 170 22.37 2.51 -10.56
CA GLU A 170 22.72 3.72 -11.27
C GLU A 170 22.03 4.98 -10.71
N LEU A 171 21.05 4.80 -9.80
CA LEU A 171 20.45 5.93 -9.04
C LEU A 171 21.44 6.34 -7.94
N LEU A 172 21.73 5.39 -7.03
CA LEU A 172 22.71 5.59 -5.94
C LEU A 172 24.15 5.29 -6.46
N HIS A 173 24.59 6.15 -7.41
CA HIS A 173 25.81 5.94 -8.22
C HIS A 173 26.70 7.19 -8.17
N GLU A 174 28.02 6.95 -8.13
CA GLU A 174 29.06 7.99 -8.22
C GLU A 174 30.34 7.33 -8.77
N MET A 1 1.24 16.60 11.24
CA MET A 1 1.46 15.79 10.03
C MET A 1 0.23 14.94 9.73
N GLY A 2 -0.26 15.02 8.50
CA GLY A 2 -1.43 14.28 8.07
C GLY A 2 -2.73 14.89 8.56
N HIS A 3 -3.05 16.08 8.04
CA HIS A 3 -4.34 16.76 8.29
C HIS A 3 -5.40 16.20 7.31
N HIS A 4 -6.67 16.56 7.53
CA HIS A 4 -7.73 16.34 6.52
C HIS A 4 -7.40 17.20 5.29
N HIS A 5 -7.04 16.53 4.17
CA HIS A 5 -6.44 17.16 2.99
C HIS A 5 -7.36 18.22 2.36
N HIS A 6 -6.94 19.50 2.52
CA HIS A 6 -7.59 20.64 1.88
C HIS A 6 -7.27 20.60 0.38
N HIS A 7 -8.30 20.37 -0.45
CA HIS A 7 -8.13 20.20 -1.91
C HIS A 7 -7.73 21.54 -2.56
N HIS A 8 -6.44 21.65 -2.93
CA HIS A 8 -5.89 22.78 -3.70
C HIS A 8 -5.07 22.18 -4.86
N SER A 9 -5.77 21.84 -5.95
CA SER A 9 -5.17 21.13 -7.08
C SER A 9 -5.98 21.33 -8.36
N HIS A 10 -5.26 21.39 -9.48
CA HIS A 10 -5.84 21.50 -10.83
C HIS A 10 -5.34 20.33 -11.66
N MET A 11 -5.99 20.09 -12.82
CA MET A 11 -5.38 19.29 -13.89
C MET A 11 -4.38 20.20 -14.61
N ALA A 12 -3.13 20.16 -14.12
CA ALA A 12 -2.06 21.07 -14.55
C ALA A 12 -1.09 20.31 -15.46
N MET A 13 0.14 20.82 -15.60
CA MET A 13 1.21 20.13 -16.32
C MET A 13 1.74 19.04 -15.41
N GLN A 14 1.72 17.77 -15.88
CA GLN A 14 2.14 16.60 -15.08
C GLN A 14 3.69 16.46 -15.09
N GLU A 15 4.42 17.56 -14.81
CA GLU A 15 5.90 17.54 -14.77
C GLU A 15 6.36 16.86 -13.46
N GLY A 16 6.40 15.52 -13.52
CA GLY A 16 6.70 14.67 -12.37
C GLY A 16 5.82 13.43 -12.38
N LEU A 17 4.62 13.56 -13.00
CA LEU A 17 3.60 12.48 -13.07
C LEU A 17 3.35 11.99 -14.52
N SER A 18 4.07 12.58 -15.50
CA SER A 18 3.80 12.39 -16.95
C SER A 18 3.93 10.91 -17.45
N PRO A 19 5.00 10.12 -17.09
CA PRO A 19 5.10 8.69 -17.50
C PRO A 19 4.20 7.77 -16.63
N ASN A 20 4.58 6.49 -16.52
CA ASN A 20 3.92 5.53 -15.60
C ASN A 20 4.41 5.76 -14.14
N HIS A 21 4.16 6.98 -13.65
CA HIS A 21 4.63 7.41 -12.33
C HIS A 21 3.64 7.00 -11.24
N LEU A 22 2.36 6.77 -11.60
CA LEU A 22 1.37 6.17 -10.68
C LEU A 22 1.72 4.70 -10.44
N LYS A 23 2.17 4.05 -11.54
CA LYS A 23 2.73 2.70 -11.49
C LYS A 23 3.90 2.67 -10.49
N LYS A 24 4.92 3.51 -10.75
CA LYS A 24 6.12 3.61 -9.89
C LYS A 24 5.79 4.16 -8.48
N ALA A 25 4.71 4.96 -8.36
CA ALA A 25 4.28 5.53 -7.06
C ALA A 25 3.77 4.41 -6.16
N LYS A 26 2.99 3.50 -6.76
CA LYS A 26 2.43 2.32 -6.10
C LYS A 26 3.55 1.26 -5.83
N LEU A 27 4.54 1.16 -6.74
CA LEU A 27 5.71 0.25 -6.56
C LEU A 27 6.61 0.69 -5.38
N MET A 28 6.92 2.00 -5.33
CA MET A 28 7.82 2.57 -4.31
C MET A 28 7.11 2.69 -2.96
N PHE A 29 5.87 3.23 -2.97
CA PHE A 29 5.05 3.33 -1.75
C PHE A 29 4.73 1.93 -1.25
N PHE A 30 4.02 1.15 -2.09
CA PHE A 30 3.51 -0.19 -1.73
C PHE A 30 2.65 -0.12 -0.45
N TYR A 31 3.33 -0.13 0.71
CA TYR A 31 2.79 0.22 2.02
C TYR A 31 4.00 0.26 2.97
N THR A 32 4.99 1.08 2.59
CA THR A 32 6.32 1.15 3.26
C THR A 32 6.24 1.81 4.64
N ARG A 33 7.25 1.51 5.46
CA ARG A 33 7.42 2.06 6.81
C ARG A 33 7.95 3.50 6.75
N TYR A 34 7.61 4.28 7.80
CA TYR A 34 7.86 5.74 7.93
C TYR A 34 6.76 6.49 7.14
N PRO A 35 5.98 7.40 7.82
CA PRO A 35 4.81 8.11 7.21
C PRO A 35 5.08 8.72 5.82
N SER A 36 4.01 8.83 5.02
CA SER A 36 4.04 9.24 3.60
C SER A 36 4.86 10.52 3.34
N SER A 37 4.96 11.43 4.33
CA SER A 37 5.79 12.67 4.24
C SER A 37 7.27 12.34 3.90
N ASN A 38 7.88 11.51 4.78
CA ASN A 38 9.29 11.04 4.65
C ASN A 38 9.49 10.30 3.33
N MET A 39 8.63 9.28 3.13
CA MET A 39 8.59 8.45 1.91
C MET A 39 8.59 9.32 0.62
N LEU A 40 7.66 10.29 0.60
CA LEU A 40 7.36 11.14 -0.55
C LEU A 40 8.59 11.99 -0.93
N LYS A 41 9.01 12.82 0.04
CA LYS A 41 10.04 13.85 -0.18
C LYS A 41 11.45 13.25 -0.31
N THR A 42 11.75 12.18 0.45
CA THR A 42 13.08 11.53 0.38
C THR A 42 13.26 10.77 -0.95
N TYR A 43 12.24 9.96 -1.32
CA TYR A 43 12.39 8.99 -2.42
C TYR A 43 12.08 9.60 -3.82
N PHE A 44 10.98 10.38 -3.95
CA PHE A 44 10.60 10.95 -5.27
C PHE A 44 11.47 12.17 -5.61
N SER A 45 12.61 11.89 -6.29
CA SER A 45 13.58 12.90 -6.72
C SER A 45 13.24 13.43 -8.12
N ASP A 46 12.46 12.64 -8.88
CA ASP A 46 12.03 12.99 -10.25
C ASP A 46 10.91 14.04 -10.22
N VAL A 47 10.12 14.02 -9.13
CA VAL A 47 8.97 14.92 -8.92
C VAL A 47 9.45 16.25 -8.31
N LYS A 48 9.20 17.35 -9.02
CA LYS A 48 9.61 18.71 -8.59
C LYS A 48 8.76 19.18 -7.40
N PHE A 49 7.53 18.64 -7.34
CA PHE A 49 6.54 18.86 -6.27
C PHE A 49 5.90 20.25 -6.41
N ASN A 50 5.11 20.40 -7.48
CA ASN A 50 4.22 21.55 -7.70
C ASN A 50 2.88 21.25 -7.01
N ARG A 51 2.16 22.31 -6.55
CA ARG A 51 0.95 22.15 -5.68
C ARG A 51 -0.07 21.13 -6.24
N CYS A 52 -0.39 21.29 -7.53
CA CYS A 52 -1.33 20.42 -8.26
C CYS A 52 -0.82 18.96 -8.30
N ILE A 53 0.40 18.74 -8.83
CA ILE A 53 0.93 17.38 -9.08
C ILE A 53 1.18 16.62 -7.75
N THR A 54 1.59 17.36 -6.70
CA THR A 54 1.83 16.82 -5.36
C THR A 54 0.51 16.35 -4.76
N SER A 55 -0.52 17.22 -4.86
CA SER A 55 -1.86 16.92 -4.35
C SER A 55 -2.49 15.72 -5.12
N GLN A 56 -2.24 15.63 -6.45
CA GLN A 56 -2.73 14.51 -7.29
C GLN A 56 -2.06 13.18 -6.88
N LEU A 57 -0.73 13.26 -6.60
CA LEU A 57 0.09 12.11 -6.16
C LEU A 57 -0.43 11.61 -4.78
N ILE A 58 -0.70 12.57 -3.88
CA ILE A 58 -1.28 12.31 -2.55
C ILE A 58 -2.71 11.75 -2.69
N LYS A 59 -3.46 12.21 -3.73
CA LYS A 59 -4.82 11.69 -4.04
C LYS A 59 -4.73 10.21 -4.43
N TRP A 60 -3.69 9.84 -5.20
CA TRP A 60 -3.43 8.44 -5.57
C TRP A 60 -3.13 7.60 -4.30
N PHE A 61 -2.25 8.13 -3.42
CA PHE A 61 -1.87 7.47 -2.15
C PHE A 61 -3.06 7.35 -1.16
N SER A 62 -3.94 8.37 -1.16
CA SER A 62 -5.05 8.46 -0.17
C SER A 62 -6.22 7.59 -0.63
N ASN A 63 -6.56 7.66 -1.94
CA ASN A 63 -7.57 6.77 -2.56
C ASN A 63 -7.16 5.30 -2.42
N PHE A 64 -5.84 5.02 -2.63
CA PHE A 64 -5.28 3.67 -2.43
C PHE A 64 -5.50 3.21 -0.98
N ARG A 65 -4.90 3.93 -0.01
CA ARG A 65 -4.85 3.47 1.40
C ARG A 65 -6.26 3.42 2.03
N GLU A 66 -7.17 4.31 1.56
CA GLU A 66 -8.56 4.34 2.00
C GLU A 66 -9.29 3.10 1.48
N PHE A 67 -9.30 2.92 0.14
CA PHE A 67 -9.97 1.77 -0.52
C PHE A 67 -9.44 0.43 0.04
N TYR A 68 -8.12 0.39 0.25
CA TYR A 68 -7.38 -0.72 0.88
C TYR A 68 -7.93 -1.04 2.27
N TYR A 69 -7.99 0.00 3.12
CA TYR A 69 -8.47 -0.11 4.50
C TYR A 69 -9.91 -0.63 4.52
N ILE A 70 -10.76 -0.07 3.64
CA ILE A 70 -12.17 -0.43 3.52
C ILE A 70 -12.30 -1.89 3.03
N GLN A 71 -11.41 -2.32 2.10
CA GLN A 71 -11.40 -3.70 1.54
C GLN A 71 -11.17 -4.73 2.64
N MET A 72 -10.06 -4.55 3.36
CA MET A 72 -9.60 -5.55 4.33
C MET A 72 -10.52 -5.56 5.57
N GLU A 73 -10.99 -4.36 6.01
CA GLU A 73 -11.96 -4.28 7.13
C GLU A 73 -13.33 -4.82 6.68
N LYS A 74 -13.68 -4.68 5.36
CA LYS A 74 -14.93 -5.21 4.79
C LYS A 74 -14.96 -6.72 4.95
N TYR A 75 -13.92 -7.39 4.40
CA TYR A 75 -13.82 -8.85 4.42
C TYR A 75 -13.79 -9.39 5.86
N ALA A 76 -13.00 -8.72 6.73
CA ALA A 76 -12.88 -9.06 8.17
C ALA A 76 -14.24 -9.01 8.90
N ARG A 77 -14.88 -7.82 8.86
CA ARG A 77 -16.08 -7.53 9.66
C ARG A 77 -17.28 -8.32 9.10
N GLN A 78 -17.28 -8.55 7.77
CA GLN A 78 -18.29 -9.37 7.09
C GLN A 78 -18.14 -10.83 7.51
N ALA A 79 -16.88 -11.31 7.66
CA ALA A 79 -16.59 -12.68 8.12
C ALA A 79 -17.17 -12.93 9.52
N ILE A 80 -16.98 -11.94 10.44
CA ILE A 80 -17.58 -11.99 11.79
C ILE A 80 -19.14 -11.92 11.72
N ASN A 81 -19.66 -11.02 10.86
CA ASN A 81 -21.12 -10.76 10.73
C ASN A 81 -21.86 -11.94 10.05
N ASP A 82 -21.14 -12.65 9.17
CA ASP A 82 -21.68 -13.77 8.37
C ASP A 82 -21.45 -15.09 9.12
N GLY A 83 -20.39 -15.11 9.94
CA GLY A 83 -20.05 -16.28 10.74
C GLY A 83 -19.12 -17.22 10.01
N VAL A 84 -18.47 -16.73 8.93
CA VAL A 84 -17.40 -17.46 8.21
C VAL A 84 -16.33 -17.93 9.21
N THR A 85 -15.81 -16.93 9.96
CA THR A 85 -14.81 -17.11 11.03
C THR A 85 -13.56 -17.91 10.59
N SER A 86 -13.33 -17.97 9.26
CA SER A 86 -12.14 -18.57 8.64
C SER A 86 -11.64 -17.56 7.61
N THR A 87 -10.54 -16.91 7.96
CA THR A 87 -10.00 -15.75 7.26
C THR A 87 -9.39 -16.11 5.88
N GLU A 88 -8.97 -17.37 5.75
CA GLU A 88 -8.32 -17.91 4.53
C GLU A 88 -9.17 -17.69 3.26
N GLU A 89 -10.49 -17.86 3.41
CA GLU A 89 -11.47 -17.77 2.31
C GLU A 89 -11.71 -16.30 1.86
N LEU A 90 -11.51 -15.31 2.77
CA LEU A 90 -11.91 -13.90 2.53
C LEU A 90 -10.97 -13.25 1.48
N SER A 91 -9.66 -13.32 1.76
CA SER A 91 -8.62 -12.55 1.04
C SER A 91 -7.21 -12.89 1.61
N ILE A 92 -6.85 -14.19 1.57
CA ILE A 92 -5.50 -14.68 1.93
C ILE A 92 -4.85 -15.33 0.69
N THR A 93 -3.50 -15.21 0.57
CA THR A 93 -2.64 -15.72 -0.54
C THR A 93 -3.23 -16.96 -1.27
N ARG A 94 -3.77 -16.73 -2.47
CA ARG A 94 -4.51 -17.75 -3.21
C ARG A 94 -4.13 -17.71 -4.70
N ASP A 95 -2.93 -18.27 -4.96
CA ASP A 95 -2.34 -18.60 -6.30
C ASP A 95 -2.69 -17.66 -7.48
N CYS A 96 -3.93 -17.71 -7.96
CA CYS A 96 -4.40 -16.90 -9.08
C CYS A 96 -5.64 -16.08 -8.67
N GLU A 97 -6.46 -16.67 -7.78
CA GLU A 97 -7.78 -16.12 -7.40
C GLU A 97 -7.65 -14.73 -6.76
N LEU A 98 -6.89 -14.66 -5.64
CA LEU A 98 -6.73 -13.41 -4.88
C LEU A 98 -5.89 -12.39 -5.67
N TYR A 99 -4.93 -12.90 -6.45
CA TYR A 99 -4.00 -12.08 -7.24
C TYR A 99 -4.80 -11.27 -8.26
N ARG A 100 -5.54 -12.00 -9.12
CA ARG A 100 -6.45 -11.43 -10.14
C ARG A 100 -7.55 -10.54 -9.51
N ALA A 101 -8.04 -10.92 -8.31
CA ALA A 101 -9.13 -10.19 -7.63
C ALA A 101 -8.66 -8.79 -7.19
N LEU A 102 -7.65 -8.77 -6.28
CA LEU A 102 -7.06 -7.52 -5.75
C LEU A 102 -6.48 -6.65 -6.88
N ASN A 103 -5.90 -7.28 -7.91
CA ASN A 103 -5.41 -6.55 -9.10
C ASN A 103 -6.57 -5.83 -9.82
N MET A 104 -7.65 -6.57 -10.13
CA MET A 104 -8.81 -6.01 -10.86
C MET A 104 -9.52 -4.91 -10.04
N HIS A 105 -9.41 -4.97 -8.70
CA HIS A 105 -10.03 -3.97 -7.79
C HIS A 105 -9.12 -2.75 -7.51
N TYR A 106 -7.80 -2.96 -7.39
CA TYR A 106 -6.83 -1.87 -7.09
C TYR A 106 -6.26 -1.26 -8.40
N ASN A 107 -5.59 -2.10 -9.20
CA ASN A 107 -4.94 -1.70 -10.48
C ASN A 107 -4.35 -2.96 -11.16
N LYS A 108 -4.26 -2.91 -12.50
CA LYS A 108 -4.15 -4.09 -13.36
C LYS A 108 -2.73 -4.68 -13.29
N ALA A 109 -2.52 -5.54 -12.27
CA ALA A 109 -1.22 -6.18 -11.96
C ALA A 109 -0.12 -5.13 -11.75
N ASN A 110 -0.43 -4.09 -10.95
CA ASN A 110 0.37 -2.85 -10.87
C ASN A 110 1.77 -3.15 -10.34
N ASP A 111 1.84 -3.87 -9.20
CA ASP A 111 3.09 -4.13 -8.46
C ASP A 111 3.87 -5.31 -9.07
N PHE A 112 4.10 -5.22 -10.39
CA PHE A 112 4.83 -6.23 -11.20
C PHE A 112 4.16 -7.62 -11.08
N GLU A 113 2.79 -7.60 -11.12
CA GLU A 113 1.93 -8.78 -10.95
C GLU A 113 2.02 -9.28 -9.48
N VAL A 114 2.02 -8.29 -8.55
CA VAL A 114 1.94 -8.47 -7.07
C VAL A 114 2.79 -9.67 -6.50
N PRO A 115 4.06 -9.39 -6.00
CA PRO A 115 5.00 -10.45 -5.53
C PRO A 115 4.61 -11.03 -4.17
N GLU A 116 5.53 -11.82 -3.57
CA GLU A 116 5.37 -12.42 -2.24
C GLU A 116 4.90 -11.36 -1.22
N ARG A 117 5.56 -10.17 -1.25
CA ARG A 117 5.31 -9.07 -0.33
C ARG A 117 3.83 -8.65 -0.26
N PHE A 118 3.16 -8.55 -1.44
CA PHE A 118 1.78 -8.02 -1.51
C PHE A 118 0.79 -8.99 -0.84
N LEU A 119 0.99 -10.29 -1.08
CA LEU A 119 0.11 -11.35 -0.54
C LEU A 119 0.43 -11.69 0.94
N GLU A 120 1.68 -11.50 1.37
CA GLU A 120 2.08 -11.67 2.78
C GLU A 120 1.53 -10.49 3.62
N VAL A 121 1.63 -9.28 3.05
CA VAL A 121 1.03 -8.06 3.62
C VAL A 121 -0.50 -8.16 3.61
N ALA A 122 -1.08 -8.77 2.54
CA ALA A 122 -2.54 -9.02 2.45
C ALA A 122 -2.98 -9.99 3.55
N GLN A 123 -2.20 -11.08 3.71
CA GLN A 123 -2.46 -12.13 4.69
C GLN A 123 -2.52 -11.53 6.11
N ILE A 124 -1.43 -10.83 6.46
CA ILE A 124 -1.25 -10.28 7.80
C ILE A 124 -2.24 -9.13 8.07
N THR A 125 -2.41 -8.20 7.11
CA THR A 125 -3.31 -7.04 7.28
C THR A 125 -4.75 -7.52 7.56
N LEU A 126 -5.20 -8.52 6.76
CA LEU A 126 -6.54 -9.07 6.89
C LEU A 126 -6.71 -9.82 8.21
N ARG A 127 -5.81 -10.80 8.50
CA ARG A 127 -5.91 -11.63 9.74
C ARG A 127 -5.86 -10.78 11.02
N GLU A 128 -5.15 -9.62 10.98
CA GLU A 128 -5.03 -8.73 12.15
C GLU A 128 -6.28 -7.83 12.31
N PHE A 129 -6.80 -7.27 11.18
CA PHE A 129 -8.11 -6.56 11.17
C PHE A 129 -9.22 -7.51 11.68
N PHE A 130 -9.23 -8.73 11.13
CA PHE A 130 -10.12 -9.83 11.52
C PHE A 130 -10.00 -10.09 13.04
N ASN A 131 -8.73 -10.23 13.50
CA ASN A 131 -8.38 -10.50 14.91
C ASN A 131 -8.97 -9.43 15.85
N ALA A 132 -8.92 -8.18 15.36
CA ALA A 132 -9.42 -7.00 16.08
C ALA A 132 -10.95 -7.08 16.24
N ILE A 133 -11.67 -7.14 15.09
CA ILE A 133 -13.16 -7.17 15.07
C ILE A 133 -13.71 -8.37 15.90
N ILE A 134 -13.14 -9.59 15.71
CA ILE A 134 -13.55 -10.80 16.48
C ILE A 134 -13.23 -10.65 17.99
N ALA A 135 -12.09 -10.00 18.32
CA ALA A 135 -11.76 -9.66 19.73
C ALA A 135 -12.80 -8.68 20.31
N GLY A 136 -13.33 -7.79 19.44
CA GLY A 136 -14.39 -6.85 19.81
C GLY A 136 -14.41 -5.60 18.95
N LYS A 137 -13.20 -5.22 18.41
CA LYS A 137 -12.92 -3.97 17.65
C LYS A 137 -12.72 -2.77 18.61
N ASP A 138 -13.27 -2.91 19.84
CA ASP A 138 -13.06 -2.00 20.98
C ASP A 138 -11.65 -2.16 21.62
N VAL A 139 -10.77 -2.94 20.96
CA VAL A 139 -9.32 -3.05 21.27
C VAL A 139 -8.53 -1.74 20.90
N ASP A 140 -9.05 -0.57 21.37
CA ASP A 140 -8.49 0.80 21.15
C ASP A 140 -8.56 1.23 19.67
N PRO A 141 -8.66 2.56 19.35
CA PRO A 141 -8.51 3.09 17.97
C PRO A 141 -7.08 2.87 17.39
N SER A 142 -6.15 2.42 18.24
CA SER A 142 -4.76 2.13 17.85
C SER A 142 -4.66 0.88 16.95
N TRP A 143 -5.74 0.05 16.88
CA TRP A 143 -5.76 -1.23 16.12
C TRP A 143 -5.29 -1.01 14.65
N LYS A 144 -5.96 -0.10 13.93
CA LYS A 144 -5.69 0.22 12.52
C LYS A 144 -4.20 0.58 12.24
N LYS A 145 -3.66 1.61 12.94
CA LYS A 145 -2.24 2.00 12.83
C LYS A 145 -1.26 0.90 13.31
N ALA A 146 -1.72 0.02 14.22
CA ALA A 146 -0.94 -1.17 14.65
C ALA A 146 -0.74 -2.10 13.45
N ILE A 147 -1.85 -2.42 12.74
CA ILE A 147 -1.82 -3.22 11.50
C ILE A 147 -0.85 -2.57 10.48
N TYR A 148 -1.02 -1.25 10.29
CA TYR A 148 -0.17 -0.44 9.39
C TYR A 148 1.32 -0.64 9.70
N LYS A 149 1.66 -0.67 11.02
CA LYS A 149 3.04 -0.92 11.48
C LYS A 149 3.47 -2.36 11.07
N VAL A 150 2.64 -3.37 11.42
CA VAL A 150 3.01 -4.81 11.27
C VAL A 150 3.29 -5.19 9.79
N ILE A 151 2.55 -4.56 8.87
CA ILE A 151 2.68 -4.81 7.41
C ILE A 151 3.73 -3.89 6.75
N CYS A 152 3.89 -2.64 7.27
CA CYS A 152 4.91 -1.70 6.75
C CYS A 152 6.32 -2.13 7.20
N LYS A 153 6.37 -2.87 8.31
CA LYS A 153 7.61 -3.42 8.91
C LYS A 153 8.30 -4.43 7.97
N LEU A 154 7.50 -5.06 7.09
CA LEU A 154 7.97 -6.10 6.15
C LEU A 154 8.78 -5.50 4.98
N ASP A 155 8.76 -4.15 4.87
CA ASP A 155 9.56 -3.39 3.88
C ASP A 155 11.07 -3.74 3.96
N SER A 156 11.68 -3.82 2.78
CA SER A 156 13.15 -3.90 2.64
C SER A 156 13.59 -2.58 1.99
N GLU A 157 13.05 -1.48 2.56
CA GLU A 157 13.12 -0.09 2.02
C GLU A 157 12.49 -0.06 0.61
N VAL A 158 12.68 1.02 -0.16
CA VAL A 158 12.18 1.06 -1.56
C VAL A 158 13.25 0.50 -2.52
N PRO A 159 12.83 -0.10 -3.68
CA PRO A 159 13.78 -0.40 -4.76
C PRO A 159 14.40 0.91 -5.28
N GLU A 160 15.68 1.13 -4.88
CA GLU A 160 16.42 2.37 -5.19
C GLU A 160 16.92 2.34 -6.64
N ILE A 161 16.74 1.18 -7.31
CA ILE A 161 16.96 1.00 -8.74
C ILE A 161 16.09 -0.19 -9.24
N PHE A 162 15.07 0.14 -10.05
CA PHE A 162 14.22 -0.86 -10.73
C PHE A 162 14.93 -1.46 -11.96
N LYS A 163 15.91 -0.70 -12.50
CA LYS A 163 16.66 -1.07 -13.73
C LYS A 163 17.47 -2.38 -13.54
N SER A 164 18.19 -2.47 -12.40
CA SER A 164 19.03 -3.64 -12.05
C SER A 164 19.63 -3.45 -10.64
N PRO A 165 19.33 -4.36 -9.64
CA PRO A 165 19.94 -4.30 -8.29
C PRO A 165 21.49 -4.44 -8.35
N ASN A 166 22.19 -3.82 -7.36
CA ASN A 166 23.68 -3.80 -7.24
C ASN A 166 24.38 -2.86 -8.25
N CYS A 167 23.71 -2.53 -9.37
CA CYS A 167 24.29 -1.68 -10.44
C CYS A 167 24.47 -0.23 -9.97
N LEU A 168 23.54 0.25 -9.12
CA LEU A 168 23.52 1.66 -8.67
C LEU A 168 24.61 1.92 -7.59
N GLN A 169 25.20 0.84 -7.03
CA GLN A 169 26.34 0.93 -6.08
C GLN A 169 27.55 1.64 -6.73
N GLU A 170 27.63 1.53 -8.08
CA GLU A 170 28.62 2.23 -8.93
C GLU A 170 28.50 3.76 -8.77
N LEU A 171 27.26 4.26 -8.53
CA LEU A 171 26.98 5.71 -8.38
C LEU A 171 27.58 6.23 -7.06
N LEU A 172 27.45 5.42 -5.98
CA LEU A 172 28.01 5.77 -4.65
C LEU A 172 29.53 5.49 -4.67
N HIS A 173 30.28 6.40 -5.32
CA HIS A 173 31.73 6.25 -5.55
C HIS A 173 32.44 7.57 -5.30
N GLU A 174 33.55 7.50 -4.55
CA GLU A 174 34.45 8.63 -4.30
C GLU A 174 35.45 8.73 -5.47
N MET A 1 -23.06 3.32 -16.06
CA MET A 1 -22.30 4.19 -15.13
C MET A 1 -21.13 4.85 -15.88
N GLY A 2 -20.39 4.05 -16.66
CA GLY A 2 -19.25 4.52 -17.43
C GLY A 2 -18.03 4.74 -16.56
N HIS A 3 -17.04 3.81 -16.67
CA HIS A 3 -15.75 3.94 -15.97
C HIS A 3 -15.07 5.24 -16.40
N HIS A 4 -14.78 6.11 -15.40
CA HIS A 4 -14.23 7.46 -15.63
C HIS A 4 -12.75 7.38 -16.00
N HIS A 5 -12.51 7.05 -17.29
CA HIS A 5 -11.16 6.86 -17.86
C HIS A 5 -10.72 8.11 -18.66
N HIS A 6 -11.29 9.27 -18.31
CA HIS A 6 -10.92 10.57 -18.91
C HIS A 6 -9.55 10.99 -18.34
N HIS A 7 -8.48 10.58 -19.04
CA HIS A 7 -7.11 10.99 -18.71
C HIS A 7 -6.73 12.16 -19.61
N HIS A 8 -6.37 13.29 -19.00
CA HIS A 8 -5.96 14.50 -19.73
C HIS A 8 -4.78 15.14 -18.99
N SER A 9 -3.62 14.49 -19.17
CA SER A 9 -2.34 14.99 -18.65
C SER A 9 -1.92 16.25 -19.43
N HIS A 10 -1.22 17.15 -18.74
CA HIS A 10 -0.68 18.39 -19.34
C HIS A 10 0.42 18.03 -20.34
N MET A 11 1.30 17.10 -19.91
CA MET A 11 2.46 16.60 -20.69
C MET A 11 3.45 17.76 -21.05
N ALA A 12 3.41 18.83 -20.23
CA ALA A 12 4.34 19.97 -20.33
C ALA A 12 5.75 19.55 -19.86
N MET A 13 6.76 20.40 -20.11
CA MET A 13 8.17 20.15 -19.71
C MET A 13 8.29 20.10 -18.17
N GLN A 14 7.99 18.91 -17.61
CA GLN A 14 8.02 18.64 -16.17
C GLN A 14 8.48 17.19 -15.94
N GLU A 15 9.42 17.00 -15.01
CA GLU A 15 9.74 15.67 -14.46
C GLU A 15 8.68 15.25 -13.42
N GLY A 16 7.87 16.26 -13.00
CA GLY A 16 6.91 16.16 -11.92
C GLY A 16 5.75 15.22 -12.18
N LEU A 17 6.03 13.91 -12.00
CA LEU A 17 5.04 12.83 -11.77
C LEU A 17 4.08 12.55 -12.97
N SER A 18 4.25 13.29 -14.06
CA SER A 18 3.39 13.22 -15.25
C SER A 18 3.83 12.14 -16.31
N PRO A 19 5.16 11.74 -16.46
CA PRO A 19 5.54 10.55 -17.29
C PRO A 19 5.14 9.22 -16.58
N ASN A 20 5.88 8.11 -16.83
CA ASN A 20 5.57 6.76 -16.24
C ASN A 20 5.92 6.64 -14.74
N HIS A 21 6.00 7.79 -14.04
CA HIS A 21 6.27 7.82 -12.59
C HIS A 21 5.05 7.33 -11.78
N LEU A 22 3.85 7.39 -12.40
CA LEU A 22 2.60 6.86 -11.79
C LEU A 22 2.52 5.33 -11.95
N LYS A 23 3.03 4.81 -13.09
CA LYS A 23 3.24 3.36 -13.28
C LYS A 23 4.14 2.83 -12.16
N LYS A 24 5.35 3.44 -12.11
CA LYS A 24 6.37 3.19 -11.08
C LYS A 24 5.76 3.25 -9.66
N ALA A 25 5.03 4.37 -9.39
CA ALA A 25 4.50 4.67 -8.05
C ALA A 25 3.47 3.64 -7.59
N LYS A 26 2.50 3.28 -8.44
CA LYS A 26 1.44 2.30 -8.04
C LYS A 26 2.02 0.88 -7.88
N LEU A 27 2.91 0.49 -8.82
CA LEU A 27 3.64 -0.80 -8.76
C LEU A 27 4.58 -0.84 -7.53
N MET A 28 4.98 0.36 -7.06
CA MET A 28 5.75 0.53 -5.82
C MET A 28 4.83 0.33 -4.61
N PHE A 29 3.87 1.28 -4.41
CA PHE A 29 2.94 1.34 -3.24
C PHE A 29 2.32 -0.03 -2.94
N PHE A 30 2.03 -0.78 -4.04
CA PHE A 30 1.40 -2.11 -4.00
C PHE A 30 2.04 -3.01 -2.92
N TYR A 31 3.37 -3.18 -2.97
CA TYR A 31 4.10 -4.04 -2.01
C TYR A 31 4.92 -3.19 -1.00
N THR A 32 5.08 -1.88 -1.28
CA THR A 32 5.96 -0.98 -0.50
C THR A 32 5.23 -0.48 0.76
N ARG A 33 5.99 -0.37 1.86
CA ARG A 33 5.44 -0.15 3.20
C ARG A 33 5.36 1.34 3.58
N TYR A 34 5.00 1.56 4.88
CA TYR A 34 4.86 2.88 5.53
C TYR A 34 3.46 3.46 5.31
N PRO A 35 2.97 4.35 6.23
CA PRO A 35 1.83 5.25 5.95
C PRO A 35 2.27 6.28 4.88
N SER A 36 1.28 6.77 4.10
CA SER A 36 1.46 7.60 2.89
C SER A 36 2.57 8.68 2.99
N SER A 37 2.45 9.57 3.98
CA SER A 37 3.37 10.72 4.19
C SER A 37 4.86 10.27 4.30
N ASN A 38 5.07 9.22 5.11
CA ASN A 38 6.41 8.68 5.39
C ASN A 38 7.02 8.03 4.14
N MET A 39 6.29 7.04 3.57
CA MET A 39 6.67 6.37 2.28
C MET A 39 7.08 7.39 1.21
N LEU A 40 6.22 8.40 1.08
CA LEU A 40 6.33 9.49 0.08
C LEU A 40 7.67 10.22 0.26
N LYS A 41 7.87 10.79 1.46
CA LYS A 41 9.05 11.62 1.75
C LYS A 41 10.36 10.78 1.88
N THR A 42 10.27 9.47 2.23
CA THR A 42 11.45 8.61 2.45
C THR A 42 12.01 8.17 1.08
N TYR A 43 11.13 7.62 0.24
CA TYR A 43 11.52 6.95 -1.01
C TYR A 43 11.52 7.92 -2.21
N PHE A 44 10.58 8.89 -2.22
CA PHE A 44 10.51 9.91 -3.28
C PHE A 44 11.18 11.22 -2.81
N SER A 45 12.15 11.13 -1.88
CA SER A 45 12.87 12.30 -1.33
C SER A 45 13.55 13.14 -2.44
N ASP A 46 13.92 12.48 -3.56
CA ASP A 46 14.52 13.14 -4.73
C ASP A 46 13.51 14.01 -5.50
N VAL A 47 12.23 13.58 -5.52
CA VAL A 47 11.12 14.33 -6.18
C VAL A 47 11.07 15.76 -5.64
N LYS A 48 11.14 16.73 -6.57
CA LYS A 48 11.20 18.17 -6.25
C LYS A 48 9.77 18.62 -5.91
N PHE A 49 9.34 18.30 -4.68
CA PHE A 49 7.97 18.50 -4.20
C PHE A 49 7.49 19.97 -4.36
N ASN A 50 6.79 20.23 -5.48
CA ASN A 50 6.09 21.50 -5.76
C ASN A 50 4.60 21.26 -5.51
N ARG A 51 3.86 22.29 -4.99
CA ARG A 51 2.42 22.17 -4.54
C ARG A 51 1.54 21.35 -5.50
N CYS A 52 1.67 21.65 -6.81
CA CYS A 52 0.92 20.98 -7.89
C CYS A 52 1.12 19.45 -7.89
N ILE A 53 2.39 19.03 -8.09
CA ILE A 53 2.74 17.62 -8.24
C ILE A 53 2.66 16.88 -6.88
N THR A 54 2.92 17.59 -5.77
CA THR A 54 2.84 16.99 -4.41
C THR A 54 1.38 16.66 -4.07
N SER A 55 0.47 17.56 -4.47
CA SER A 55 -0.98 17.34 -4.35
C SER A 55 -1.42 16.15 -5.25
N GLN A 56 -0.83 16.09 -6.47
CA GLN A 56 -1.03 14.94 -7.41
C GLN A 56 -0.54 13.61 -6.77
N LEU A 57 0.58 13.67 -6.04
CA LEU A 57 1.23 12.48 -5.42
C LEU A 57 0.37 11.98 -4.24
N ILE A 58 -0.13 12.93 -3.44
CA ILE A 58 -1.03 12.64 -2.30
C ILE A 58 -2.42 12.23 -2.81
N LYS A 59 -2.77 12.65 -4.05
CA LYS A 59 -4.01 12.22 -4.74
C LYS A 59 -3.88 10.71 -5.09
N TRP A 60 -2.68 10.33 -5.60
CA TRP A 60 -2.30 8.91 -5.86
C TRP A 60 -2.43 8.07 -4.58
N PHE A 61 -1.79 8.58 -3.51
CA PHE A 61 -1.83 7.96 -2.16
C PHE A 61 -3.23 7.96 -1.57
N SER A 62 -4.02 8.98 -1.89
CA SER A 62 -5.39 9.09 -1.38
C SER A 62 -6.19 7.91 -1.94
N ASN A 63 -6.29 7.84 -3.29
CA ASN A 63 -7.08 6.79 -3.96
C ASN A 63 -6.55 5.39 -3.59
N PHE A 64 -5.24 5.15 -3.76
CA PHE A 64 -4.65 3.81 -3.59
C PHE A 64 -4.69 3.35 -2.12
N ARG A 65 -4.09 4.17 -1.20
CA ARG A 65 -3.88 3.75 0.21
C ARG A 65 -5.23 3.61 0.92
N GLU A 66 -6.17 4.57 0.66
CA GLU A 66 -7.49 4.53 1.29
C GLU A 66 -8.34 3.39 0.70
N PHE A 67 -8.24 3.13 -0.63
CA PHE A 67 -8.99 2.01 -1.28
C PHE A 67 -8.45 0.64 -0.82
N TYR A 68 -7.12 0.57 -0.59
CA TYR A 68 -6.43 -0.63 -0.04
C TYR A 68 -6.93 -0.92 1.37
N TYR A 69 -7.02 0.16 2.17
CA TYR A 69 -7.54 0.11 3.54
C TYR A 69 -9.02 -0.35 3.55
N ILE A 70 -9.84 0.27 2.65
CA ILE A 70 -11.26 -0.10 2.44
C ILE A 70 -11.38 -1.59 2.11
N GLN A 71 -10.49 -2.08 1.21
CA GLN A 71 -10.51 -3.47 0.71
C GLN A 71 -10.24 -4.48 1.83
N MET A 72 -9.09 -4.33 2.52
CA MET A 72 -8.66 -5.28 3.58
C MET A 72 -9.60 -5.25 4.80
N GLU A 73 -10.03 -4.03 5.19
CA GLU A 73 -11.04 -3.82 6.24
C GLU A 73 -12.38 -4.51 5.85
N LYS A 74 -12.75 -4.39 4.55
CA LYS A 74 -14.01 -4.97 4.01
C LYS A 74 -13.99 -6.50 4.06
N TYR A 75 -12.87 -7.08 3.64
CA TYR A 75 -12.68 -8.54 3.60
C TYR A 75 -12.77 -9.10 5.04
N ALA A 76 -12.07 -8.40 5.96
CA ALA A 76 -12.05 -8.76 7.39
C ALA A 76 -13.44 -8.70 8.01
N ARG A 77 -14.13 -7.55 7.85
CA ARG A 77 -15.45 -7.31 8.47
C ARG A 77 -16.54 -8.22 7.86
N GLN A 78 -16.38 -8.57 6.56
CA GLN A 78 -17.30 -9.49 5.87
C GLN A 78 -17.03 -10.94 6.29
N ALA A 79 -15.77 -11.25 6.65
CA ALA A 79 -15.39 -12.56 7.22
C ALA A 79 -16.02 -12.73 8.62
N ILE A 80 -15.98 -11.64 9.42
CA ILE A 80 -16.57 -11.58 10.77
C ILE A 80 -18.10 -11.73 10.71
N ASN A 81 -18.72 -10.92 9.83
CA ASN A 81 -20.19 -10.86 9.66
C ASN A 81 -20.77 -12.18 9.10
N ASP A 82 -20.12 -12.70 8.04
CA ASP A 82 -20.55 -13.96 7.38
C ASP A 82 -20.20 -15.16 8.28
N GLY A 83 -19.15 -15.00 9.12
CA GLY A 83 -18.72 -16.07 10.02
C GLY A 83 -17.85 -17.09 9.32
N VAL A 84 -17.15 -16.64 8.24
CA VAL A 84 -16.12 -17.44 7.53
C VAL A 84 -15.13 -18.04 8.54
N THR A 85 -14.74 -17.18 9.51
CA THR A 85 -13.86 -17.51 10.67
C THR A 85 -12.41 -17.94 10.28
N SER A 86 -12.15 -18.12 8.98
CA SER A 86 -10.86 -18.58 8.47
C SER A 86 -10.40 -17.61 7.36
N THR A 87 -9.35 -16.79 7.64
CA THR A 87 -8.75 -15.86 6.66
C THR A 87 -8.25 -16.63 5.42
N GLU A 88 -7.82 -17.88 5.67
CA GLU A 88 -7.26 -18.82 4.67
C GLU A 88 -8.23 -19.14 3.50
N GLU A 89 -9.50 -18.76 3.62
CA GLU A 89 -10.53 -19.00 2.58
C GLU A 89 -10.62 -17.77 1.65
N LEU A 90 -10.60 -16.56 2.25
CA LEU A 90 -10.71 -15.30 1.52
C LEU A 90 -9.30 -14.80 1.07
N SER A 91 -9.17 -13.47 0.84
CA SER A 91 -7.99 -12.79 0.25
C SER A 91 -6.61 -13.16 0.89
N ILE A 92 -6.08 -14.32 0.47
CA ILE A 92 -4.73 -14.83 0.88
C ILE A 92 -3.99 -15.24 -0.41
N THR A 93 -2.65 -15.44 -0.33
CA THR A 93 -1.76 -15.80 -1.47
C THR A 93 -2.23 -17.03 -2.29
N ARG A 94 -1.43 -17.41 -3.32
CA ARG A 94 -1.69 -18.52 -4.25
C ARG A 94 -2.69 -18.08 -5.34
N ASP A 95 -2.14 -17.32 -6.30
CA ASP A 95 -2.75 -16.87 -7.59
C ASP A 95 -4.26 -16.47 -7.60
N CYS A 96 -5.18 -17.40 -7.27
CA CYS A 96 -6.64 -17.22 -7.45
C CYS A 96 -7.25 -15.95 -6.74
N GLU A 97 -7.97 -16.12 -5.59
CA GLU A 97 -8.92 -15.12 -5.06
C GLU A 97 -8.29 -13.74 -4.82
N LEU A 98 -7.21 -13.68 -4.01
CA LEU A 98 -6.57 -12.40 -3.62
C LEU A 98 -6.15 -11.59 -4.85
N TYR A 99 -5.31 -12.20 -5.71
CA TYR A 99 -4.66 -11.48 -6.82
C TYR A 99 -5.74 -11.02 -7.82
N ARG A 100 -6.64 -11.98 -8.19
CA ARG A 100 -7.80 -11.74 -9.11
C ARG A 100 -8.69 -10.59 -8.61
N ALA A 101 -8.94 -10.57 -7.28
CA ALA A 101 -9.74 -9.53 -6.62
C ALA A 101 -9.04 -8.16 -6.74
N LEU A 102 -7.72 -8.12 -6.49
CA LEU A 102 -6.91 -6.88 -6.59
C LEU A 102 -6.96 -6.30 -8.02
N ASN A 103 -6.86 -7.17 -9.05
CA ASN A 103 -7.05 -6.76 -10.47
C ASN A 103 -8.44 -6.12 -10.65
N MET A 104 -9.49 -6.88 -10.31
CA MET A 104 -10.91 -6.45 -10.43
C MET A 104 -11.25 -5.17 -9.62
N HIS A 105 -10.58 -4.95 -8.46
CA HIS A 105 -10.88 -3.80 -7.58
C HIS A 105 -10.14 -2.54 -8.07
N TYR A 106 -8.81 -2.62 -8.19
CA TYR A 106 -7.97 -1.43 -8.51
C TYR A 106 -7.98 -1.14 -10.02
N ASN A 107 -8.39 -2.15 -10.82
CA ASN A 107 -8.33 -2.14 -12.29
C ASN A 107 -6.88 -1.93 -12.76
N LYS A 108 -6.12 -3.02 -12.75
CA LYS A 108 -4.70 -3.01 -13.00
C LYS A 108 -4.33 -4.41 -13.47
N ALA A 109 -3.51 -4.45 -14.51
CA ALA A 109 -2.95 -5.69 -15.04
C ALA A 109 -1.69 -6.00 -14.22
N ASN A 110 -1.93 -6.67 -13.06
CA ASN A 110 -0.85 -7.16 -12.15
C ASN A 110 0.36 -7.74 -12.92
N ASP A 111 1.34 -6.85 -13.16
CA ASP A 111 2.54 -7.10 -13.98
C ASP A 111 3.60 -7.84 -13.14
N PHE A 112 3.71 -7.42 -11.88
CA PHE A 112 4.65 -7.97 -10.90
C PHE A 112 4.18 -9.35 -10.42
N GLU A 113 5.14 -10.24 -10.14
CA GLU A 113 4.88 -11.57 -9.57
C GLU A 113 4.56 -11.45 -8.05
N VAL A 114 4.49 -10.19 -7.54
CA VAL A 114 4.11 -9.83 -6.15
C VAL A 114 5.05 -10.51 -5.12
N PRO A 115 6.08 -9.75 -4.58
CA PRO A 115 7.13 -10.30 -3.68
C PRO A 115 6.56 -11.00 -2.43
N GLU A 116 7.41 -11.84 -1.81
CA GLU A 116 7.12 -12.52 -0.53
C GLU A 116 6.64 -11.52 0.54
N ARG A 117 7.24 -10.30 0.50
CA ARG A 117 6.87 -9.18 1.38
C ARG A 117 5.42 -8.72 1.18
N PHE A 118 4.95 -8.68 -0.08
CA PHE A 118 3.57 -8.27 -0.41
C PHE A 118 2.56 -9.24 0.24
N LEU A 119 2.74 -10.55 -0.03
CA LEU A 119 1.83 -11.59 0.49
C LEU A 119 1.92 -11.74 2.01
N GLU A 120 3.13 -11.51 2.59
CA GLU A 120 3.31 -11.57 4.05
C GLU A 120 2.56 -10.40 4.71
N VAL A 121 2.63 -9.22 4.07
CA VAL A 121 1.87 -8.03 4.50
C VAL A 121 0.37 -8.32 4.42
N ALA A 122 -0.08 -8.82 3.26
CA ALA A 122 -1.50 -9.14 2.99
C ALA A 122 -2.09 -10.09 4.04
N GLN A 123 -1.39 -11.20 4.31
CA GLN A 123 -1.87 -12.23 5.25
C GLN A 123 -1.81 -11.73 6.71
N ILE A 124 -0.73 -11.01 7.11
CA ILE A 124 -0.59 -10.44 8.48
C ILE A 124 -1.62 -9.32 8.72
N THR A 125 -1.84 -8.45 7.72
CA THR A 125 -2.71 -7.28 7.85
C THR A 125 -4.18 -7.73 7.91
N LEU A 126 -4.55 -8.71 7.05
CA LEU A 126 -5.91 -9.27 7.02
C LEU A 126 -6.19 -10.11 8.29
N ARG A 127 -5.16 -10.86 8.74
CA ARG A 127 -5.19 -11.64 10.00
C ARG A 127 -5.44 -10.72 11.21
N GLU A 128 -4.73 -9.56 11.20
CA GLU A 128 -4.79 -8.59 12.31
C GLU A 128 -6.05 -7.72 12.24
N PHE A 129 -6.56 -7.48 11.02
CA PHE A 129 -7.86 -6.79 10.81
C PHE A 129 -9.00 -7.68 11.33
N PHE A 130 -8.93 -8.97 10.97
CA PHE A 130 -9.87 -10.00 11.44
C PHE A 130 -9.87 -10.02 12.98
N ASN A 131 -8.65 -10.20 13.54
CA ASN A 131 -8.37 -10.22 15.00
C ASN A 131 -8.85 -8.92 15.67
N ALA A 132 -8.70 -7.81 14.94
CA ALA A 132 -9.08 -6.47 15.40
C ALA A 132 -10.58 -6.40 15.63
N ILE A 133 -11.39 -6.65 14.59
CA ILE A 133 -12.85 -6.47 14.68
C ILE A 133 -13.47 -7.55 15.62
N ILE A 134 -12.95 -8.81 15.59
CA ILE A 134 -13.49 -9.90 16.45
C ILE A 134 -13.20 -9.63 17.96
N ALA A 135 -11.96 -9.18 18.31
CA ALA A 135 -11.57 -8.97 19.72
C ALA A 135 -12.04 -7.59 20.26
N GLY A 136 -12.22 -6.62 19.35
CA GLY A 136 -12.71 -5.28 19.72
C GLY A 136 -11.60 -4.25 19.81
N LYS A 137 -10.73 -4.25 18.78
CA LYS A 137 -9.68 -3.21 18.59
C LYS A 137 -10.26 -2.06 17.75
N ASP A 138 -11.15 -2.43 16.81
CA ASP A 138 -11.82 -1.51 15.85
C ASP A 138 -12.52 -0.33 16.56
N VAL A 139 -13.04 -0.59 17.77
CA VAL A 139 -13.79 0.40 18.57
C VAL A 139 -12.85 1.42 19.26
N ASP A 140 -11.56 1.06 19.37
CA ASP A 140 -10.51 1.95 19.93
C ASP A 140 -9.64 2.50 18.77
N PRO A 141 -9.54 3.86 18.58
CA PRO A 141 -8.86 4.52 17.40
C PRO A 141 -7.41 4.03 17.07
N SER A 142 -6.70 3.47 18.07
CA SER A 142 -5.28 3.07 17.93
C SER A 142 -5.07 1.86 16.99
N TRP A 143 -6.18 1.13 16.67
CA TRP A 143 -6.12 -0.15 15.91
C TRP A 143 -5.48 0.04 14.53
N LYS A 144 -5.97 1.03 13.77
CA LYS A 144 -5.59 1.26 12.35
C LYS A 144 -4.14 1.75 12.25
N LYS A 145 -3.78 2.65 13.18
CA LYS A 145 -2.40 3.14 13.38
C LYS A 145 -1.43 1.99 13.71
N ALA A 146 -1.93 1.04 14.54
CA ALA A 146 -1.21 -0.19 14.90
C ALA A 146 -1.01 -1.07 13.67
N ILE A 147 -2.05 -1.17 12.79
CA ILE A 147 -1.97 -1.97 11.55
C ILE A 147 -0.87 -1.37 10.63
N TYR A 148 -0.97 -0.03 10.43
CA TYR A 148 0.00 0.75 9.64
C TYR A 148 1.43 0.46 10.11
N LYS A 149 1.61 0.44 11.44
CA LYS A 149 2.92 0.14 12.07
C LYS A 149 3.38 -1.30 11.78
N VAL A 150 2.50 -2.32 12.02
CA VAL A 150 2.87 -3.76 11.91
C VAL A 150 3.32 -4.09 10.47
N ILE A 151 2.71 -3.41 9.48
CA ILE A 151 3.07 -3.60 8.06
C ILE A 151 4.20 -2.63 7.60
N CYS A 152 4.34 -1.47 8.28
CA CYS A 152 5.44 -0.48 8.01
C CYS A 152 6.81 -1.03 8.39
N LYS A 153 6.85 -1.71 9.55
CA LYS A 153 8.11 -2.12 10.20
C LYS A 153 8.74 -3.33 9.48
N LEU A 154 7.94 -3.98 8.62
CA LEU A 154 8.35 -5.17 7.86
C LEU A 154 9.45 -4.84 6.83
N ASP A 155 9.32 -3.67 6.18
CA ASP A 155 10.31 -3.14 5.23
C ASP A 155 10.53 -1.65 5.50
N SER A 156 11.55 -1.33 6.32
CA SER A 156 12.01 0.05 6.53
C SER A 156 12.57 0.66 5.22
N GLU A 157 13.07 -0.21 4.33
CA GLU A 157 13.67 0.19 3.04
C GLU A 157 13.19 -0.76 1.92
N VAL A 158 12.98 -0.18 0.71
CA VAL A 158 12.53 -0.94 -0.48
C VAL A 158 13.48 -0.64 -1.68
N PRO A 159 13.47 -1.50 -2.76
CA PRO A 159 14.17 -1.21 -4.04
C PRO A 159 13.76 0.15 -4.67
N GLU A 160 14.77 0.92 -5.13
CA GLU A 160 14.59 2.26 -5.72
C GLU A 160 14.26 2.15 -7.23
N ILE A 161 14.89 1.17 -7.90
CA ILE A 161 14.65 0.85 -9.33
C ILE A 161 14.26 -0.63 -9.46
N PHE A 162 13.08 -0.87 -10.07
CA PHE A 162 12.54 -2.23 -10.33
C PHE A 162 13.26 -2.89 -11.51
N LYS A 163 13.71 -2.05 -12.47
CA LYS A 163 14.45 -2.52 -13.67
C LYS A 163 15.64 -3.42 -13.27
N SER A 164 16.31 -3.02 -12.17
CA SER A 164 17.35 -3.84 -11.54
C SER A 164 17.80 -3.22 -10.19
N PRO A 165 18.10 -4.07 -9.15
CA PRO A 165 18.80 -3.62 -7.92
C PRO A 165 20.32 -3.39 -8.17
N ASN A 166 20.76 -3.59 -9.42
CA ASN A 166 22.15 -3.38 -9.86
C ASN A 166 22.27 -2.03 -10.60
N CYS A 167 21.17 -1.59 -11.24
CA CYS A 167 21.17 -0.37 -12.07
C CYS A 167 21.32 0.88 -11.19
N LEU A 168 20.47 0.99 -10.15
CA LEU A 168 20.42 2.17 -9.26
C LEU A 168 21.71 2.28 -8.42
N GLN A 169 22.42 1.15 -8.26
CA GLN A 169 23.63 1.04 -7.41
C GLN A 169 24.74 2.02 -7.88
N GLU A 170 24.74 2.30 -9.20
CA GLU A 170 25.70 3.23 -9.83
C GLU A 170 25.44 4.70 -9.41
N LEU A 171 24.16 5.05 -9.21
CA LEU A 171 23.72 6.41 -8.84
C LEU A 171 23.35 6.48 -7.33
N LEU A 172 23.45 5.34 -6.64
CA LEU A 172 23.19 5.26 -5.18
C LEU A 172 24.38 5.85 -4.41
N HIS A 173 24.17 7.02 -3.80
CA HIS A 173 25.20 7.74 -3.04
C HIS A 173 24.56 8.20 -1.71
N GLU A 174 25.03 7.62 -0.60
CA GLU A 174 24.47 7.86 0.75
C GLU A 174 25.32 8.94 1.50
N MET A 1 -1.81 16.32 17.35
CA MET A 1 -1.41 16.68 15.97
C MET A 1 -2.61 17.30 15.23
N GLY A 2 -2.41 18.50 14.66
CA GLY A 2 -3.45 19.22 13.94
C GLY A 2 -3.60 18.75 12.50
N HIS A 3 -4.68 18.01 12.22
CA HIS A 3 -5.02 17.52 10.86
C HIS A 3 -6.52 17.69 10.59
N HIS A 4 -6.87 18.00 9.34
CA HIS A 4 -8.25 18.17 8.86
C HIS A 4 -8.38 17.55 7.46
N HIS A 5 -9.60 17.58 6.92
CA HIS A 5 -9.89 17.20 5.51
C HIS A 5 -10.49 18.42 4.78
N HIS A 6 -9.98 19.61 5.16
CA HIS A 6 -10.42 20.91 4.61
C HIS A 6 -9.43 21.41 3.54
N HIS A 7 -8.43 20.57 3.21
CA HIS A 7 -7.36 20.90 2.24
C HIS A 7 -7.96 21.31 0.87
N HIS A 8 -7.48 22.45 0.34
CA HIS A 8 -8.06 23.09 -0.85
C HIS A 8 -6.96 23.55 -1.82
N SER A 9 -6.51 22.63 -2.67
CA SER A 9 -5.58 22.90 -3.77
C SER A 9 -6.33 22.66 -5.10
N HIS A 10 -7.45 23.40 -5.25
CA HIS A 10 -8.31 23.36 -6.45
C HIS A 10 -7.81 24.31 -7.55
N MET A 11 -6.55 24.78 -7.44
CA MET A 11 -5.88 25.61 -8.48
C MET A 11 -5.67 24.76 -9.74
N ALA A 12 -6.64 24.82 -10.68
CA ALA A 12 -6.66 24.00 -11.91
C ALA A 12 -5.47 24.27 -12.85
N MET A 13 -5.43 23.52 -13.97
CA MET A 13 -4.28 23.42 -14.88
C MET A 13 -3.01 23.06 -14.07
N GLN A 14 -2.98 21.83 -13.54
CA GLN A 14 -1.95 21.38 -12.60
C GLN A 14 -1.52 19.93 -12.90
N GLU A 15 -0.22 19.64 -12.73
CA GLU A 15 0.32 18.28 -12.81
C GLU A 15 1.67 18.19 -12.07
N GLY A 16 2.76 18.58 -12.75
CA GLY A 16 4.12 18.47 -12.21
C GLY A 16 4.74 17.10 -12.50
N LEU A 17 4.07 16.05 -12.01
CA LEU A 17 4.57 14.67 -12.05
C LEU A 17 4.17 13.98 -13.36
N SER A 18 5.10 13.20 -13.92
CA SER A 18 4.94 12.50 -15.20
C SER A 18 4.11 11.19 -15.04
N PRO A 19 3.48 10.64 -16.15
CA PRO A 19 2.66 9.39 -16.09
C PRO A 19 3.44 8.18 -15.55
N ASN A 20 4.75 8.09 -15.88
CA ASN A 20 5.62 7.00 -15.39
C ASN A 20 5.86 7.13 -13.87
N HIS A 21 5.87 8.39 -13.38
CA HIS A 21 6.02 8.68 -11.95
C HIS A 21 4.78 8.20 -11.17
N LEU A 22 3.60 8.24 -11.82
CA LEU A 22 2.35 7.68 -11.25
C LEU A 22 2.42 6.15 -11.22
N LYS A 23 2.94 5.52 -12.29
CA LYS A 23 3.14 4.04 -12.34
C LYS A 23 3.99 3.57 -11.14
N LYS A 24 5.14 4.27 -10.95
CA LYS A 24 6.05 4.03 -9.82
C LYS A 24 5.32 4.22 -8.49
N ALA A 25 4.85 5.47 -8.24
CA ALA A 25 4.21 5.91 -6.97
C ALA A 25 3.13 4.92 -6.51
N LYS A 26 2.29 4.54 -7.47
CA LYS A 26 1.19 3.60 -7.30
C LYS A 26 1.74 2.22 -6.85
N LEU A 27 2.60 1.63 -7.69
CA LEU A 27 3.03 0.22 -7.53
C LEU A 27 4.25 0.06 -6.60
N MET A 28 4.77 1.17 -6.04
CA MET A 28 5.86 1.13 -5.03
C MET A 28 5.25 1.41 -3.64
N PHE A 29 4.28 2.35 -3.58
CA PHE A 29 3.54 2.67 -2.34
C PHE A 29 2.24 1.82 -2.27
N PHE A 30 2.10 0.88 -3.25
CA PHE A 30 1.13 -0.26 -3.23
C PHE A 30 0.71 -0.68 -1.81
N TYR A 31 1.70 -0.86 -0.94
CA TYR A 31 1.48 -1.09 0.49
C TYR A 31 2.13 0.04 1.34
N THR A 32 3.44 0.32 1.05
CA THR A 32 4.38 1.10 1.92
C THR A 32 3.72 2.04 2.96
N ARG A 33 3.93 1.74 4.26
CA ARG A 33 3.30 2.51 5.35
C ARG A 33 4.31 3.44 6.08
N TYR A 34 5.59 3.44 5.64
CA TYR A 34 6.59 4.46 6.10
C TYR A 34 5.99 5.88 6.00
N PRO A 35 6.19 6.74 7.07
CA PRO A 35 5.64 8.12 7.13
C PRO A 35 5.84 8.89 5.81
N SER A 36 4.71 9.28 5.18
CA SER A 36 4.65 9.89 3.84
C SER A 36 5.76 10.92 3.60
N SER A 37 6.05 11.80 4.57
CA SER A 37 7.13 12.81 4.45
C SER A 37 8.50 12.15 4.13
N ASN A 38 8.85 11.11 4.95
CA ASN A 38 10.10 10.33 4.81
C ASN A 38 10.14 9.61 3.44
N MET A 39 9.07 8.84 3.20
CA MET A 39 8.87 8.05 1.96
C MET A 39 9.08 8.90 0.69
N LEU A 40 8.40 10.06 0.68
CA LEU A 40 8.42 11.01 -0.44
C LEU A 40 9.85 11.54 -0.65
N LYS A 41 10.45 12.07 0.43
CA LYS A 41 11.78 12.72 0.36
C LYS A 41 12.89 11.72 -0.04
N THR A 42 12.81 10.47 0.47
CA THR A 42 13.87 9.46 0.27
C THR A 42 13.79 8.85 -1.14
N TYR A 43 12.58 8.44 -1.54
CA TYR A 43 12.38 7.70 -2.79
C TYR A 43 12.23 8.65 -3.98
N PHE A 44 11.44 9.73 -3.82
CA PHE A 44 11.19 10.72 -4.90
C PHE A 44 12.12 11.95 -4.79
N SER A 45 13.11 12.03 -5.69
CA SER A 45 13.95 13.23 -5.88
C SER A 45 13.34 14.13 -6.97
N ASP A 46 12.47 13.52 -7.81
CA ASP A 46 11.83 14.18 -8.98
C ASP A 46 10.89 15.30 -8.53
N VAL A 47 10.24 15.10 -7.38
CA VAL A 47 9.14 15.95 -6.91
C VAL A 47 9.66 17.26 -6.31
N LYS A 48 9.22 18.38 -6.88
CA LYS A 48 9.43 19.72 -6.33
C LYS A 48 8.20 20.02 -5.47
N PHE A 49 8.24 19.64 -4.18
CA PHE A 49 7.06 19.61 -3.30
C PHE A 49 6.42 21.01 -3.14
N ASN A 50 5.14 21.09 -3.50
CA ASN A 50 4.33 22.32 -3.45
C ASN A 50 2.85 21.94 -3.42
N ARG A 51 1.94 22.94 -3.34
CA ARG A 51 0.51 22.71 -3.00
C ARG A 51 -0.13 21.68 -3.96
N CYS A 52 -0.16 22.03 -5.25
CA CYS A 52 -0.82 21.22 -6.31
C CYS A 52 -0.17 19.84 -6.45
N ILE A 53 1.14 19.84 -6.78
CA ILE A 53 1.92 18.62 -7.10
C ILE A 53 1.90 17.58 -5.94
N THR A 54 2.05 18.07 -4.69
CA THR A 54 2.03 17.21 -3.49
C THR A 54 0.61 16.70 -3.21
N SER A 55 -0.42 17.57 -3.38
CA SER A 55 -1.83 17.16 -3.20
C SER A 55 -2.24 16.07 -4.21
N GLN A 56 -1.68 16.12 -5.44
CA GLN A 56 -1.95 15.12 -6.51
C GLN A 56 -1.26 13.81 -6.17
N LEU A 57 -0.01 13.91 -5.71
CA LEU A 57 0.81 12.75 -5.30
C LEU A 57 0.13 12.00 -4.13
N ILE A 58 -0.35 12.79 -3.16
CA ILE A 58 -1.03 12.29 -1.96
C ILE A 58 -2.46 11.84 -2.32
N LYS A 59 -3.04 12.41 -3.39
CA LYS A 59 -4.33 11.95 -3.95
C LYS A 59 -4.19 10.53 -4.52
N TRP A 60 -3.09 10.27 -5.26
CA TRP A 60 -2.76 8.93 -5.77
C TRP A 60 -2.57 7.95 -4.60
N PHE A 61 -1.81 8.43 -3.59
CA PHE A 61 -1.54 7.68 -2.34
C PHE A 61 -2.83 7.44 -1.53
N SER A 62 -3.76 8.41 -1.57
CA SER A 62 -5.01 8.38 -0.78
C SER A 62 -5.92 7.35 -1.43
N ASN A 63 -6.20 7.58 -2.73
CA ASN A 63 -7.03 6.71 -3.57
C ASN A 63 -6.57 5.26 -3.47
N PHE A 64 -5.26 5.01 -3.71
CA PHE A 64 -4.73 3.64 -3.74
C PHE A 64 -4.72 3.03 -2.34
N ARG A 65 -3.95 3.62 -1.39
CA ARG A 65 -3.69 2.97 -0.07
C ARG A 65 -4.98 2.86 0.76
N GLU A 66 -5.94 3.79 0.56
CA GLU A 66 -7.22 3.78 1.28
C GLU A 66 -8.24 2.87 0.57
N PHE A 67 -8.15 2.70 -0.77
CA PHE A 67 -8.94 1.67 -1.49
C PHE A 67 -8.45 0.28 -1.05
N TYR A 68 -7.12 0.15 -0.88
CA TYR A 68 -6.44 -1.08 -0.42
C TYR A 68 -6.79 -1.36 1.06
N TYR A 69 -6.79 -0.29 1.87
CA TYR A 69 -7.18 -0.36 3.29
C TYR A 69 -8.63 -0.84 3.39
N ILE A 70 -9.52 -0.17 2.61
CA ILE A 70 -10.95 -0.46 2.53
C ILE A 70 -11.19 -1.90 2.05
N GLN A 71 -10.38 -2.37 1.06
CA GLN A 71 -10.49 -3.75 0.52
C GLN A 71 -10.19 -4.77 1.62
N MET A 72 -9.04 -4.60 2.30
CA MET A 72 -8.59 -5.48 3.40
C MET A 72 -9.65 -5.55 4.54
N GLU A 73 -10.10 -4.37 5.03
CA GLU A 73 -11.08 -4.30 6.14
C GLU A 73 -12.49 -4.72 5.68
N LYS A 74 -12.78 -4.62 4.35
CA LYS A 74 -14.06 -5.08 3.78
C LYS A 74 -14.09 -6.61 3.68
N TYR A 75 -12.90 -7.19 3.44
CA TYR A 75 -12.71 -8.65 3.46
C TYR A 75 -12.89 -9.15 4.90
N ALA A 76 -12.33 -8.40 5.88
CA ALA A 76 -12.55 -8.66 7.31
C ALA A 76 -14.06 -8.61 7.65
N ARG A 77 -14.74 -7.56 7.15
CA ARG A 77 -16.21 -7.37 7.35
C ARG A 77 -17.00 -8.48 6.65
N GLN A 78 -16.47 -8.97 5.52
CA GLN A 78 -17.09 -10.04 4.71
C GLN A 78 -17.03 -11.36 5.46
N ALA A 79 -15.88 -11.61 6.11
CA ALA A 79 -15.65 -12.85 6.88
C ALA A 79 -16.54 -12.87 8.13
N ILE A 80 -16.58 -11.71 8.83
CA ILE A 80 -17.38 -11.54 10.04
C ILE A 80 -18.90 -11.65 9.74
N ASN A 81 -19.33 -11.08 8.59
CA ASN A 81 -20.74 -11.14 8.14
C ASN A 81 -21.13 -12.57 7.76
N ASP A 82 -20.29 -13.20 6.92
CA ASP A 82 -20.57 -14.51 6.31
C ASP A 82 -20.43 -15.64 7.34
N GLY A 83 -19.64 -15.39 8.40
CA GLY A 83 -19.44 -16.37 9.48
C GLY A 83 -18.14 -17.15 9.33
N VAL A 84 -17.27 -16.69 8.42
CA VAL A 84 -15.96 -17.28 8.18
C VAL A 84 -15.04 -17.02 9.38
N THR A 85 -14.26 -18.04 9.75
CA THR A 85 -13.36 -18.01 10.91
C THR A 85 -11.89 -17.96 10.47
N SER A 86 -11.64 -18.30 9.19
CA SER A 86 -10.29 -18.39 8.63
C SER A 86 -10.10 -17.32 7.55
N THR A 87 -9.09 -16.46 7.73
CA THR A 87 -8.73 -15.39 6.76
C THR A 87 -8.28 -15.98 5.41
N GLU A 88 -7.82 -17.24 5.45
CA GLU A 88 -7.29 -17.97 4.29
C GLU A 88 -8.39 -18.48 3.33
N GLU A 89 -9.66 -18.17 3.63
CA GLU A 89 -10.81 -18.63 2.83
C GLU A 89 -11.22 -17.54 1.80
N LEU A 90 -10.77 -16.31 2.04
CA LEU A 90 -11.18 -15.12 1.28
C LEU A 90 -9.97 -14.34 0.72
N SER A 91 -8.87 -14.30 1.47
CA SER A 91 -7.76 -13.36 1.21
C SER A 91 -6.49 -13.81 1.95
N ILE A 92 -5.52 -14.39 1.21
CA ILE A 92 -4.28 -14.92 1.79
C ILE A 92 -3.22 -15.14 0.67
N THR A 93 -2.09 -15.79 1.04
CA THR A 93 -1.06 -16.30 0.11
C THR A 93 -1.67 -17.44 -0.79
N ARG A 94 -0.87 -18.48 -1.16
CA ARG A 94 -1.39 -19.75 -1.72
C ARG A 94 -1.90 -19.54 -3.18
N ASP A 95 -1.30 -18.51 -3.86
CA ASP A 95 -1.62 -18.07 -5.26
C ASP A 95 -3.15 -18.06 -5.55
N CYS A 96 -3.90 -17.61 -4.54
CA CYS A 96 -5.38 -17.71 -4.49
C CYS A 96 -6.13 -16.57 -5.21
N GLU A 97 -7.44 -16.51 -4.92
CA GLU A 97 -8.36 -15.50 -5.45
C GLU A 97 -8.00 -14.10 -4.93
N LEU A 98 -7.20 -14.02 -3.84
CA LEU A 98 -6.62 -12.73 -3.40
C LEU A 98 -5.64 -12.20 -4.45
N TYR A 99 -4.75 -13.08 -4.98
CA TYR A 99 -3.80 -12.70 -6.06
C TYR A 99 -4.60 -12.23 -7.28
N ARG A 100 -5.61 -13.06 -7.64
CA ARG A 100 -6.52 -12.76 -8.75
C ARG A 100 -7.22 -11.39 -8.56
N ALA A 101 -7.71 -11.14 -7.33
CA ALA A 101 -8.51 -9.94 -7.00
C ALA A 101 -7.64 -8.68 -7.04
N LEU A 102 -6.55 -8.67 -6.24
CA LEU A 102 -5.60 -7.53 -6.16
C LEU A 102 -5.06 -7.17 -7.55
N ASN A 103 -4.72 -8.21 -8.34
CA ASN A 103 -4.22 -8.01 -9.71
C ASN A 103 -5.29 -7.31 -10.58
N MET A 104 -6.53 -7.85 -10.57
CA MET A 104 -7.64 -7.29 -11.39
C MET A 104 -8.14 -5.92 -10.86
N HIS A 105 -7.91 -5.61 -9.58
CA HIS A 105 -8.35 -4.33 -8.97
C HIS A 105 -7.34 -3.20 -9.27
N TYR A 106 -6.05 -3.48 -9.03
CA TYR A 106 -4.97 -2.46 -9.11
C TYR A 106 -4.26 -2.43 -10.48
N ASN A 107 -4.34 -3.54 -11.22
CA ASN A 107 -3.73 -3.67 -12.57
C ASN A 107 -4.80 -4.09 -13.59
N LYS A 108 -4.53 -3.85 -14.88
CA LYS A 108 -5.30 -4.42 -15.99
C LYS A 108 -4.44 -5.46 -16.72
N ALA A 109 -3.18 -5.08 -17.02
CA ALA A 109 -2.27 -5.83 -17.92
C ALA A 109 -1.59 -7.05 -17.24
N ASN A 110 -2.14 -7.53 -16.09
CA ASN A 110 -1.60 -8.69 -15.32
C ASN A 110 -0.15 -8.44 -14.87
N ASP A 111 0.11 -7.19 -14.46
CA ASP A 111 1.47 -6.70 -14.15
C ASP A 111 2.00 -7.34 -12.84
N PHE A 112 1.48 -6.90 -11.69
CA PHE A 112 1.90 -7.43 -10.37
C PHE A 112 1.11 -8.71 -10.04
N GLU A 113 1.85 -9.79 -9.78
CA GLU A 113 1.29 -11.07 -9.27
C GLU A 113 1.36 -11.10 -7.73
N VAL A 114 1.73 -9.92 -7.12
CA VAL A 114 2.06 -9.72 -5.69
C VAL A 114 3.08 -10.78 -5.15
N PRO A 115 4.39 -10.37 -4.95
CA PRO A 115 5.43 -11.24 -4.33
C PRO A 115 5.20 -11.43 -2.80
N GLU A 116 6.04 -12.32 -2.21
CA GLU A 116 5.86 -12.90 -0.84
C GLU A 116 5.49 -11.86 0.22
N ARG A 117 6.25 -10.74 0.20
CA ARG A 117 6.15 -9.63 1.17
C ARG A 117 4.71 -9.13 1.33
N PHE A 118 4.03 -8.90 0.20
CA PHE A 118 2.67 -8.32 0.16
C PHE A 118 1.62 -9.29 0.71
N LEU A 119 1.89 -10.61 0.61
CA LEU A 119 0.99 -11.66 1.15
C LEU A 119 1.28 -11.95 2.63
N GLU A 120 2.52 -11.71 3.08
CA GLU A 120 2.89 -11.76 4.50
C GLU A 120 2.15 -10.62 5.22
N VAL A 121 2.24 -9.43 4.61
CA VAL A 121 1.53 -8.24 5.04
C VAL A 121 0.02 -8.47 4.98
N ALA A 122 -0.49 -9.03 3.86
CA ALA A 122 -1.94 -9.33 3.69
C ALA A 122 -2.44 -10.30 4.76
N GLN A 123 -1.64 -11.35 5.04
CA GLN A 123 -1.95 -12.38 6.04
C GLN A 123 -2.14 -11.74 7.42
N ILE A 124 -1.10 -11.01 7.85
CA ILE A 124 -1.05 -10.43 9.20
C ILE A 124 -2.05 -9.25 9.33
N THR A 125 -2.12 -8.36 8.33
CA THR A 125 -2.98 -7.16 8.39
C THR A 125 -4.45 -7.57 8.41
N LEU A 126 -4.84 -8.52 7.52
CA LEU A 126 -6.22 -9.03 7.46
C LEU A 126 -6.58 -9.81 8.73
N ARG A 127 -5.65 -10.63 9.24
CA ARG A 127 -5.89 -11.42 10.47
C ARG A 127 -6.04 -10.50 11.70
N GLU A 128 -5.32 -9.37 11.69
CA GLU A 128 -5.42 -8.35 12.74
C GLU A 128 -6.72 -7.50 12.58
N PHE A 129 -7.12 -7.23 11.32
CA PHE A 129 -8.41 -6.54 11.02
C PHE A 129 -9.55 -7.42 11.53
N PHE A 130 -9.58 -8.66 11.05
CA PHE A 130 -10.54 -9.71 11.43
C PHE A 130 -10.66 -9.79 12.97
N ASN A 131 -9.47 -9.93 13.63
CA ASN A 131 -9.33 -9.99 15.10
C ASN A 131 -9.92 -8.73 15.76
N ALA A 132 -9.69 -7.58 15.13
CA ALA A 132 -10.15 -6.28 15.63
C ALA A 132 -11.68 -6.19 15.60
N ILE A 133 -12.30 -6.55 14.46
CA ILE A 133 -13.76 -6.44 14.31
C ILE A 133 -14.46 -7.44 15.28
N ILE A 134 -14.00 -8.72 15.30
CA ILE A 134 -14.59 -9.75 16.18
C ILE A 134 -14.40 -9.39 17.68
N ALA A 135 -13.27 -8.72 18.02
CA ALA A 135 -13.03 -8.21 19.39
C ALA A 135 -13.77 -6.87 19.65
N GLY A 136 -14.21 -6.19 18.57
CA GLY A 136 -15.02 -4.96 18.67
C GLY A 136 -14.19 -3.69 18.83
N LYS A 137 -12.98 -3.73 18.29
CA LYS A 137 -12.01 -2.59 18.29
C LYS A 137 -12.13 -1.76 17.02
N ASP A 138 -13.01 -2.16 16.08
CA ASP A 138 -13.23 -1.43 14.81
C ASP A 138 -14.11 -0.16 14.99
N VAL A 139 -14.31 0.23 16.25
CA VAL A 139 -15.02 1.47 16.66
C VAL A 139 -14.17 2.75 16.38
N ASP A 140 -13.02 2.58 15.69
CA ASP A 140 -12.10 3.68 15.24
C ASP A 140 -11.23 4.30 16.40
N PRO A 141 -10.67 3.51 17.38
CA PRO A 141 -9.58 4.01 18.24
C PRO A 141 -8.20 3.62 17.65
N SER A 142 -7.29 3.11 18.48
CA SER A 142 -5.91 2.78 18.13
C SER A 142 -5.77 1.61 17.12
N TRP A 143 -6.86 0.87 16.81
CA TRP A 143 -6.81 -0.39 16.01
C TRP A 143 -6.09 -0.18 14.66
N LYS A 144 -6.37 0.95 14.00
CA LYS A 144 -5.82 1.28 12.67
C LYS A 144 -4.29 1.38 12.74
N LYS A 145 -3.78 2.32 13.56
CA LYS A 145 -2.34 2.54 13.76
C LYS A 145 -1.63 1.31 14.36
N ALA A 146 -2.36 0.50 15.14
CA ALA A 146 -1.86 -0.75 15.71
C ALA A 146 -1.52 -1.74 14.58
N ILE A 147 -2.49 -1.91 13.65
CA ILE A 147 -2.31 -2.72 12.43
C ILE A 147 -1.12 -2.17 11.60
N TYR A 148 -1.09 -0.82 11.41
CA TYR A 148 -0.03 -0.14 10.63
C TYR A 148 1.34 -0.43 11.24
N LYS A 149 1.40 -0.56 12.57
CA LYS A 149 2.64 -0.94 13.30
C LYS A 149 2.99 -2.43 13.10
N VAL A 150 1.97 -3.35 13.15
CA VAL A 150 2.24 -4.83 13.03
C VAL A 150 2.84 -5.15 11.67
N ILE A 151 2.40 -4.41 10.63
CA ILE A 151 2.89 -4.62 9.25
C ILE A 151 4.12 -3.75 8.91
N CYS A 152 4.22 -2.52 9.48
CA CYS A 152 5.41 -1.66 9.28
C CYS A 152 6.63 -2.28 9.99
N LYS A 153 6.35 -3.13 11.00
CA LYS A 153 7.35 -3.96 11.67
C LYS A 153 8.06 -4.88 10.64
N LEU A 154 7.26 -5.45 9.72
CA LEU A 154 7.71 -6.42 8.72
C LEU A 154 8.74 -5.78 7.77
N ASP A 155 8.24 -4.93 6.83
CA ASP A 155 9.06 -4.29 5.79
C ASP A 155 8.17 -3.48 4.83
N SER A 156 8.40 -2.17 4.75
CA SER A 156 7.71 -1.28 3.78
C SER A 156 8.69 -0.66 2.75
N GLU A 157 9.89 -1.27 2.56
CA GLU A 157 10.91 -0.69 1.66
C GLU A 157 10.53 -0.99 0.20
N VAL A 158 10.26 0.07 -0.57
CA VAL A 158 9.66 0.01 -1.92
C VAL A 158 10.54 -0.72 -2.96
N PRO A 159 9.91 -1.28 -4.03
CA PRO A 159 10.60 -1.51 -5.31
C PRO A 159 10.86 -0.14 -5.97
N GLU A 160 12.09 0.33 -5.83
CA GLU A 160 12.48 1.71 -6.20
C GLU A 160 12.82 1.77 -7.69
N ILE A 161 13.23 0.62 -8.22
CA ILE A 161 13.46 0.42 -9.66
C ILE A 161 12.71 -0.86 -10.11
N PHE A 162 11.80 -0.70 -11.07
CA PHE A 162 11.02 -1.80 -11.66
C PHE A 162 11.74 -2.39 -12.90
N LYS A 163 12.70 -1.63 -13.45
CA LYS A 163 13.44 -2.01 -14.67
C LYS A 163 14.41 -3.17 -14.42
N SER A 164 15.18 -3.06 -13.31
CA SER A 164 16.20 -4.05 -12.95
C SER A 164 16.72 -3.76 -11.51
N PRO A 165 16.38 -4.64 -10.49
CA PRO A 165 16.84 -4.50 -9.08
C PRO A 165 18.38 -4.39 -8.95
N ASN A 166 19.10 -5.10 -9.84
CA ASN A 166 20.58 -5.22 -9.78
C ASN A 166 21.29 -4.18 -10.68
N CYS A 167 20.55 -3.16 -11.17
CA CYS A 167 21.11 -2.09 -12.02
C CYS A 167 21.21 -0.76 -11.26
N LEU A 168 20.38 -0.64 -10.22
CA LEU A 168 20.15 0.63 -9.52
C LEU A 168 21.37 1.07 -8.67
N GLN A 169 22.30 0.13 -8.44
CA GLN A 169 23.54 0.36 -7.65
C GLN A 169 24.35 1.56 -8.19
N GLU A 170 24.42 1.67 -9.53
CA GLU A 170 25.19 2.72 -10.23
C GLU A 170 24.52 4.11 -10.12
N LEU A 171 23.22 4.13 -9.76
CA LEU A 171 22.47 5.39 -9.57
C LEU A 171 23.01 6.14 -8.33
N LEU A 172 23.47 5.37 -7.33
CA LEU A 172 24.05 5.92 -6.09
C LEU A 172 25.52 6.30 -6.33
N HIS A 173 25.74 7.55 -6.74
CA HIS A 173 27.07 8.12 -6.97
C HIS A 173 27.22 9.40 -6.15
N GLU A 174 28.02 9.34 -5.09
CA GLU A 174 28.38 10.51 -4.28
C GLU A 174 29.49 11.30 -5.02
N MET A 1 4.80 19.27 5.48
CA MET A 1 4.97 17.82 5.75
C MET A 1 3.60 17.21 6.09
N GLY A 2 3.08 17.51 7.31
CA GLY A 2 1.87 16.87 7.84
C GLY A 2 0.68 17.82 8.00
N HIS A 3 0.91 19.14 7.83
CA HIS A 3 -0.19 20.14 7.86
C HIS A 3 -1.12 19.91 6.64
N HIS A 4 -2.43 19.76 6.93
CA HIS A 4 -3.41 19.19 5.99
C HIS A 4 -3.64 20.07 4.75
N HIS A 5 -3.08 19.62 3.62
CA HIS A 5 -3.35 20.20 2.30
C HIS A 5 -4.71 19.68 1.80
N HIS A 6 -5.79 20.30 2.32
CA HIS A 6 -7.18 19.94 1.97
C HIS A 6 -7.54 20.46 0.57
N HIS A 7 -7.14 19.69 -0.44
CA HIS A 7 -7.34 20.00 -1.86
C HIS A 7 -7.79 18.72 -2.55
N HIS A 8 -9.07 18.38 -2.33
CA HIS A 8 -9.71 17.15 -2.84
C HIS A 8 -9.79 17.17 -4.38
N SER A 9 -10.16 18.33 -4.94
CA SER A 9 -10.14 18.55 -6.40
C SER A 9 -8.74 19.07 -6.80
N HIS A 10 -7.98 18.25 -7.55
CA HIS A 10 -6.59 18.57 -7.99
C HIS A 10 -6.54 19.75 -8.96
N MET A 11 -7.68 19.98 -9.65
CA MET A 11 -7.84 21.00 -10.71
C MET A 11 -6.89 20.71 -11.89
N ALA A 12 -5.65 21.21 -11.82
CA ALA A 12 -4.64 20.98 -12.86
C ALA A 12 -3.85 19.69 -12.60
N MET A 13 -4.26 18.61 -13.25
CA MET A 13 -3.46 17.38 -13.37
C MET A 13 -2.37 17.61 -14.42
N GLN A 14 -1.10 17.66 -13.99
CA GLN A 14 0.05 17.94 -14.89
C GLN A 14 1.14 16.87 -14.74
N GLU A 15 1.92 16.69 -15.80
CA GLU A 15 2.99 15.69 -15.88
C GLU A 15 4.30 16.21 -15.29
N GLY A 16 5.28 15.30 -15.18
CA GLY A 16 6.58 15.54 -14.55
C GLY A 16 7.11 14.24 -13.98
N LEU A 17 6.19 13.46 -13.39
CA LEU A 17 6.48 12.11 -12.87
C LEU A 17 6.63 11.14 -14.06
N SER A 18 7.85 10.64 -14.28
CA SER A 18 8.19 9.75 -15.41
C SER A 18 7.27 8.50 -15.48
N PRO A 19 6.96 7.98 -16.71
CA PRO A 19 6.27 6.67 -16.87
C PRO A 19 7.07 5.52 -16.17
N ASN A 20 6.31 4.64 -15.50
CA ASN A 20 6.82 3.52 -14.67
C ASN A 20 7.34 3.97 -13.28
N HIS A 21 7.21 5.27 -12.98
CA HIS A 21 7.56 5.80 -11.65
C HIS A 21 6.37 5.66 -10.68
N LEU A 22 5.15 5.51 -11.25
CA LEU A 22 3.94 5.08 -10.49
C LEU A 22 4.06 3.58 -10.16
N LYS A 23 4.66 2.81 -11.07
CA LYS A 23 4.94 1.38 -10.87
C LYS A 23 5.91 1.22 -9.68
N LYS A 24 7.02 1.98 -9.80
CA LYS A 24 8.06 2.07 -8.77
C LYS A 24 7.46 2.52 -7.43
N ALA A 25 6.67 3.63 -7.47
CA ALA A 25 6.02 4.22 -6.28
C ALA A 25 5.08 3.24 -5.57
N LYS A 26 4.28 2.52 -6.39
CA LYS A 26 3.26 1.56 -5.93
C LYS A 26 3.87 0.42 -5.14
N LEU A 27 4.88 -0.25 -5.77
CA LEU A 27 5.50 -1.44 -5.17
C LEU A 27 6.47 -1.05 -4.03
N MET A 28 7.02 0.20 -4.09
CA MET A 28 7.81 0.78 -2.99
C MET A 28 6.90 1.03 -1.78
N PHE A 29 5.67 1.48 -2.04
CA PHE A 29 4.68 1.83 -0.99
C PHE A 29 4.01 0.55 -0.42
N PHE A 30 2.91 0.10 -1.09
CA PHE A 30 1.89 -0.80 -0.49
C PHE A 30 1.48 -0.33 0.93
N TYR A 31 2.28 -0.73 1.93
CA TYR A 31 2.19 -0.31 3.32
C TYR A 31 3.62 -0.33 3.88
N THR A 32 4.31 0.79 3.71
CA THR A 32 5.62 1.00 4.31
C THR A 32 5.47 1.17 5.84
N ARG A 33 5.24 2.40 6.29
CA ARG A 33 5.31 2.75 7.72
C ARG A 33 3.92 3.22 8.20
N TYR A 34 3.61 4.49 7.89
CA TYR A 34 2.35 5.17 8.25
C TYR A 34 2.35 6.59 7.62
N PRO A 35 3.39 7.49 7.88
CA PRO A 35 3.39 8.83 7.28
C PRO A 35 3.86 8.78 5.79
N SER A 36 2.87 8.64 4.88
CA SER A 36 3.08 8.67 3.43
C SER A 36 3.86 9.93 3.00
N SER A 37 3.50 11.08 3.60
CA SER A 37 4.11 12.39 3.30
C SER A 37 5.65 12.40 3.51
N ASN A 38 6.10 11.77 4.61
CA ASN A 38 7.52 11.71 4.99
C ASN A 38 8.31 10.82 4.01
N MET A 39 7.91 9.53 3.90
CA MET A 39 8.49 8.59 2.92
C MET A 39 8.42 9.14 1.47
N LEU A 40 7.41 9.99 1.19
CA LEU A 40 7.22 10.62 -0.13
C LEU A 40 8.39 11.60 -0.38
N LYS A 41 8.49 12.62 0.49
CA LYS A 41 9.51 13.68 0.36
C LYS A 41 10.97 13.14 0.52
N THR A 42 11.14 12.04 1.28
CA THR A 42 12.47 11.46 1.56
C THR A 42 12.94 10.58 0.38
N TYR A 43 12.12 9.58 0.01
CA TYR A 43 12.54 8.54 -0.95
C TYR A 43 12.45 9.04 -2.40
N PHE A 44 11.52 9.99 -2.66
CA PHE A 44 11.37 10.61 -3.99
C PHE A 44 12.24 11.88 -4.12
N SER A 45 13.54 11.73 -3.86
CA SER A 45 14.53 12.81 -4.06
C SER A 45 14.61 13.19 -5.56
N ASP A 46 14.35 12.20 -6.42
CA ASP A 46 14.51 12.28 -7.88
C ASP A 46 13.33 12.98 -8.59
N VAL A 47 12.25 13.27 -7.83
CA VAL A 47 11.02 13.91 -8.38
C VAL A 47 11.21 15.42 -8.60
N LYS A 48 11.65 16.12 -7.53
CA LYS A 48 11.65 17.61 -7.48
C LYS A 48 10.19 18.11 -7.60
N PHE A 49 9.53 18.12 -6.45
CA PHE A 49 8.08 18.25 -6.27
C PHE A 49 7.50 19.60 -6.74
N ASN A 50 6.19 19.57 -7.03
CA ASN A 50 5.37 20.73 -7.42
C ASN A 50 3.89 20.38 -7.14
N ARG A 51 3.05 21.41 -6.87
CA ARG A 51 1.62 21.24 -6.43
C ARG A 51 0.86 20.15 -7.23
N CYS A 52 0.97 20.21 -8.56
CA CYS A 52 0.27 19.30 -9.49
C CYS A 52 0.75 17.84 -9.32
N ILE A 53 2.03 17.57 -9.63
CA ILE A 53 2.58 16.20 -9.61
C ILE A 53 2.53 15.59 -8.19
N THR A 54 2.62 16.46 -7.16
CA THR A 54 2.55 16.04 -5.75
C THR A 54 1.10 15.70 -5.37
N SER A 55 0.10 16.44 -5.89
CA SER A 55 -1.33 16.10 -5.62
C SER A 55 -1.72 14.79 -6.32
N GLN A 56 -1.21 14.55 -7.56
CA GLN A 56 -1.41 13.27 -8.26
C GLN A 56 -0.72 12.11 -7.51
N LEU A 57 0.52 12.34 -7.03
CA LEU A 57 1.32 11.30 -6.32
C LEU A 57 0.64 10.91 -4.99
N ILE A 58 0.22 11.94 -4.22
CA ILE A 58 -0.54 11.77 -2.97
C ILE A 58 -1.87 11.06 -3.25
N LYS A 59 -2.53 11.38 -4.38
CA LYS A 59 -3.80 10.73 -4.78
C LYS A 59 -3.60 9.25 -5.12
N TRP A 60 -2.44 8.90 -5.71
CA TRP A 60 -2.07 7.50 -5.95
C TRP A 60 -1.94 6.76 -4.60
N PHE A 61 -1.06 7.28 -3.72
CA PHE A 61 -0.81 6.71 -2.37
C PHE A 61 -2.07 6.71 -1.49
N SER A 62 -2.94 7.71 -1.71
CA SER A 62 -4.21 7.86 -1.02
C SER A 62 -5.12 6.71 -1.41
N ASN A 63 -5.32 6.54 -2.73
CA ASN A 63 -6.17 5.50 -3.32
C ASN A 63 -5.71 4.09 -2.88
N PHE A 64 -4.38 3.89 -2.85
CA PHE A 64 -3.75 2.62 -2.42
C PHE A 64 -4.11 2.32 -0.97
N ARG A 65 -3.61 3.17 -0.04
CA ARG A 65 -3.76 2.92 1.41
C ARG A 65 -5.26 2.89 1.82
N GLU A 66 -6.07 3.71 1.13
CA GLU A 66 -7.51 3.89 1.39
C GLU A 66 -8.23 2.59 1.08
N PHE A 67 -8.16 2.15 -0.18
CA PHE A 67 -8.89 0.96 -0.64
C PHE A 67 -8.30 -0.35 -0.05
N TYR A 68 -6.95 -0.42 0.17
CA TYR A 68 -6.32 -1.58 0.86
C TYR A 68 -6.98 -1.75 2.25
N TYR A 69 -6.95 -0.64 3.03
CA TYR A 69 -7.51 -0.58 4.38
C TYR A 69 -9.00 -0.95 4.39
N ILE A 70 -9.77 -0.25 3.55
CA ILE A 70 -11.24 -0.36 3.49
C ILE A 70 -11.68 -1.76 3.05
N GLN A 71 -11.01 -2.35 2.04
CA GLN A 71 -11.40 -3.67 1.51
C GLN A 71 -11.10 -4.77 2.53
N MET A 72 -9.88 -4.75 3.12
CA MET A 72 -9.50 -5.74 4.16
C MET A 72 -10.36 -5.58 5.44
N GLU A 73 -10.69 -4.32 5.77
CA GLU A 73 -11.66 -4.00 6.84
C GLU A 73 -13.04 -4.60 6.53
N LYS A 74 -13.49 -4.44 5.26
CA LYS A 74 -14.80 -4.92 4.78
C LYS A 74 -14.89 -6.45 4.90
N TYR A 75 -13.84 -7.14 4.43
CA TYR A 75 -13.78 -8.62 4.42
C TYR A 75 -13.79 -9.15 5.86
N ALA A 76 -13.00 -8.49 6.74
CA ALA A 76 -12.91 -8.83 8.17
C ALA A 76 -14.28 -8.73 8.86
N ARG A 77 -14.91 -7.54 8.81
CA ARG A 77 -16.18 -7.29 9.55
C ARG A 77 -17.37 -8.01 8.88
N GLN A 78 -17.27 -8.30 7.57
CA GLN A 78 -18.24 -9.14 6.86
C GLN A 78 -18.16 -10.58 7.39
N ALA A 79 -16.93 -11.07 7.58
CA ALA A 79 -16.68 -12.42 8.12
C ALA A 79 -17.24 -12.56 9.54
N ILE A 80 -16.95 -11.56 10.41
CA ILE A 80 -17.43 -11.53 11.81
C ILE A 80 -18.98 -11.51 11.86
N ASN A 81 -19.59 -10.60 11.06
CA ASN A 81 -21.07 -10.41 11.04
C ASN A 81 -21.80 -11.64 10.47
N ASP A 82 -21.32 -12.12 9.31
CA ASP A 82 -21.98 -13.21 8.54
C ASP A 82 -21.71 -14.58 9.17
N GLY A 83 -20.57 -14.70 9.88
CA GLY A 83 -20.24 -15.91 10.64
C GLY A 83 -19.08 -16.71 10.06
N VAL A 84 -18.45 -16.19 8.98
CA VAL A 84 -17.24 -16.80 8.39
C VAL A 84 -16.06 -16.64 9.36
N THR A 85 -15.36 -17.74 9.65
CA THR A 85 -14.29 -17.79 10.65
C THR A 85 -12.98 -18.29 9.99
N SER A 86 -12.86 -18.08 8.66
CA SER A 86 -11.67 -18.43 7.88
C SER A 86 -11.31 -17.27 6.94
N THR A 87 -10.22 -16.56 7.26
CA THR A 87 -9.65 -15.51 6.40
C THR A 87 -9.10 -16.09 5.09
N GLU A 88 -8.83 -17.41 5.10
CA GLU A 88 -8.31 -18.19 3.96
C GLU A 88 -9.33 -18.31 2.79
N GLU A 89 -10.50 -17.67 2.97
CA GLU A 89 -11.57 -17.61 1.98
C GLU A 89 -11.67 -16.17 1.42
N LEU A 90 -11.37 -15.18 2.29
CA LEU A 90 -11.65 -13.74 2.01
C LEU A 90 -10.64 -13.17 0.99
N SER A 91 -9.34 -13.25 1.33
CA SER A 91 -8.23 -12.51 0.62
C SER A 91 -6.84 -12.90 1.18
N ILE A 92 -6.28 -14.02 0.69
CA ILE A 92 -4.94 -14.55 1.17
C ILE A 92 -4.05 -14.89 -0.06
N THR A 93 -2.72 -14.95 0.18
CA THR A 93 -1.68 -15.36 -0.79
C THR A 93 -2.08 -16.59 -1.66
N ARG A 94 -1.51 -16.63 -2.90
CA ARG A 94 -1.60 -17.77 -3.84
C ARG A 94 -2.88 -17.72 -4.72
N ASP A 95 -4.00 -17.26 -4.15
CA ASP A 95 -5.32 -17.23 -4.85
C ASP A 95 -5.27 -16.36 -6.12
N CYS A 96 -5.16 -17.03 -7.29
CA CYS A 96 -5.02 -16.38 -8.61
C CYS A 96 -6.18 -15.43 -8.92
N GLU A 97 -7.39 -15.83 -8.48
CA GLU A 97 -8.61 -15.04 -8.68
C GLU A 97 -8.53 -13.74 -7.86
N LEU A 98 -7.97 -13.85 -6.62
CA LEU A 98 -7.71 -12.66 -5.77
C LEU A 98 -6.70 -11.72 -6.46
N TYR A 99 -5.61 -12.29 -7.02
CA TYR A 99 -4.56 -11.54 -7.77
C TYR A 99 -5.24 -10.66 -8.85
N ARG A 100 -5.91 -11.36 -9.79
CA ARG A 100 -6.57 -10.74 -10.94
C ARG A 100 -7.67 -9.74 -10.54
N ALA A 101 -8.40 -10.07 -9.43
CA ALA A 101 -9.52 -9.24 -8.93
C ALA A 101 -9.00 -7.90 -8.40
N LEU A 102 -7.93 -7.97 -7.56
CA LEU A 102 -7.27 -6.78 -7.00
C LEU A 102 -6.70 -5.88 -8.10
N ASN A 103 -5.94 -6.50 -9.02
CA ASN A 103 -5.35 -5.77 -10.17
C ASN A 103 -6.44 -4.95 -10.90
N MET A 104 -7.52 -5.65 -11.32
CA MET A 104 -8.70 -5.04 -11.99
C MET A 104 -9.33 -3.92 -11.13
N HIS A 105 -9.54 -4.24 -9.83
CA HIS A 105 -10.32 -3.40 -8.89
C HIS A 105 -9.66 -2.04 -8.69
N TYR A 106 -8.36 -2.07 -8.42
CA TYR A 106 -7.58 -0.86 -8.11
C TYR A 106 -7.28 -0.06 -9.39
N ASN A 107 -6.66 -0.71 -10.40
CA ASN A 107 -6.24 -0.02 -11.65
C ASN A 107 -6.40 -1.00 -12.83
N LYS A 108 -7.18 -0.64 -13.86
CA LYS A 108 -7.38 -1.54 -15.02
C LYS A 108 -6.11 -1.61 -15.92
N ALA A 109 -5.22 -0.61 -15.78
CA ALA A 109 -3.89 -0.63 -16.42
C ALA A 109 -2.81 -1.33 -15.54
N ASN A 110 -3.18 -1.70 -14.28
CA ASN A 110 -2.27 -2.44 -13.36
C ASN A 110 -1.92 -3.81 -13.96
N ASP A 111 -0.82 -3.84 -14.72
CA ASP A 111 -0.38 -5.04 -15.48
C ASP A 111 0.49 -5.97 -14.60
N PHE A 112 0.41 -5.74 -13.27
CA PHE A 112 1.10 -6.53 -12.25
C PHE A 112 0.36 -7.83 -11.91
N GLU A 113 1.01 -8.62 -11.06
CA GLU A 113 0.44 -9.78 -10.39
C GLU A 113 -0.09 -9.33 -9.01
N VAL A 114 0.74 -8.45 -8.38
CA VAL A 114 0.88 -8.11 -6.94
C VAL A 114 2.04 -8.96 -6.36
N PRO A 115 3.24 -8.31 -6.05
CA PRO A 115 4.41 -8.98 -5.41
C PRO A 115 4.10 -9.66 -4.07
N GLU A 116 4.98 -10.62 -3.67
CA GLU A 116 4.82 -11.43 -2.44
C GLU A 116 4.73 -10.54 -1.18
N ARG A 117 5.38 -9.35 -1.22
CA ARG A 117 5.26 -8.31 -0.18
C ARG A 117 3.80 -7.95 0.08
N PHE A 118 3.04 -7.67 -1.01
CA PHE A 118 1.64 -7.27 -0.91
C PHE A 118 0.77 -8.42 -0.35
N LEU A 119 1.01 -9.66 -0.81
CA LEU A 119 0.27 -10.86 -0.30
C LEU A 119 0.54 -11.09 1.19
N GLU A 120 1.79 -10.88 1.62
CA GLU A 120 2.20 -11.00 3.03
C GLU A 120 1.46 -9.97 3.90
N VAL A 121 1.56 -8.71 3.46
CA VAL A 121 0.87 -7.58 4.10
C VAL A 121 -0.64 -7.82 4.12
N ALA A 122 -1.19 -8.37 3.02
CA ALA A 122 -2.63 -8.64 2.86
C ALA A 122 -3.13 -9.66 3.89
N GLN A 123 -2.44 -10.82 3.97
CA GLN A 123 -2.84 -11.93 4.84
C GLN A 123 -2.71 -11.56 6.33
N ILE A 124 -1.61 -10.85 6.68
CA ILE A 124 -1.32 -10.44 8.05
C ILE A 124 -2.27 -9.31 8.50
N THR A 125 -2.50 -8.29 7.63
CA THR A 125 -3.40 -7.16 7.96
C THR A 125 -4.84 -7.65 8.09
N LEU A 126 -5.27 -8.54 7.18
CA LEU A 126 -6.63 -9.08 7.13
C LEU A 126 -6.91 -9.95 8.37
N ARG A 127 -6.01 -10.90 8.66
CA ARG A 127 -6.14 -11.82 9.80
C ARG A 127 -5.96 -11.08 11.15
N GLU A 128 -5.21 -9.95 11.15
CA GLU A 128 -5.07 -9.09 12.34
C GLU A 128 -6.42 -8.35 12.61
N PHE A 129 -6.93 -7.66 11.55
CA PHE A 129 -8.29 -7.04 11.54
C PHE A 129 -9.33 -8.03 12.09
N PHE A 130 -9.37 -9.21 11.43
CA PHE A 130 -10.32 -10.29 11.73
C PHE A 130 -10.24 -10.68 13.21
N ASN A 131 -9.04 -11.16 13.63
CA ASN A 131 -8.80 -11.73 14.98
C ASN A 131 -9.16 -10.73 16.08
N ALA A 132 -8.79 -9.47 15.85
CA ALA A 132 -8.98 -8.38 16.83
C ALA A 132 -10.44 -7.89 16.88
N ILE A 133 -11.15 -7.90 15.72
CA ILE A 133 -12.58 -7.47 15.64
C ILE A 133 -13.49 -8.52 16.30
N ILE A 134 -13.23 -9.82 16.03
CA ILE A 134 -13.95 -10.94 16.70
C ILE A 134 -13.57 -10.99 18.20
N ALA A 135 -12.30 -10.67 18.53
CA ALA A 135 -11.86 -10.55 19.94
C ALA A 135 -12.60 -9.43 20.68
N GLY A 136 -12.87 -8.31 19.98
CA GLY A 136 -13.60 -7.18 20.55
C GLY A 136 -13.84 -6.03 19.58
N LYS A 137 -12.75 -5.62 18.89
CA LYS A 137 -12.64 -4.38 18.05
C LYS A 137 -12.30 -3.14 18.93
N ASP A 138 -12.51 -3.28 20.24
CA ASP A 138 -12.01 -2.34 21.25
C ASP A 138 -10.67 -2.86 21.80
N VAL A 139 -9.60 -2.35 21.21
CA VAL A 139 -8.20 -2.64 21.64
C VAL A 139 -7.50 -1.31 22.01
N ASP A 140 -8.02 -0.18 21.43
CA ASP A 140 -7.43 1.20 21.48
C ASP A 140 -7.92 2.02 20.27
N PRO A 141 -8.00 3.39 20.37
CA PRO A 141 -8.08 4.31 19.19
C PRO A 141 -6.73 4.36 18.39
N SER A 142 -5.70 3.69 18.94
CA SER A 142 -4.41 3.42 18.27
C SER A 142 -4.55 2.30 17.20
N TRP A 143 -5.74 1.68 17.14
CA TRP A 143 -6.08 0.47 16.37
C TRP A 143 -5.44 0.43 14.97
N LYS A 144 -5.74 1.47 14.17
CA LYS A 144 -5.42 1.50 12.73
C LYS A 144 -3.91 1.62 12.50
N LYS A 145 -3.27 2.57 13.21
CA LYS A 145 -1.79 2.74 13.16
C LYS A 145 -1.05 1.54 13.78
N ALA A 146 -1.75 0.79 14.67
CA ALA A 146 -1.23 -0.46 15.26
C ALA A 146 -1.26 -1.60 14.22
N ILE A 147 -2.28 -1.61 13.36
CA ILE A 147 -2.34 -2.53 12.20
C ILE A 147 -1.20 -2.16 11.22
N TYR A 148 -1.07 -0.84 10.95
CA TYR A 148 0.00 -0.29 10.11
C TYR A 148 1.38 -0.64 10.70
N LYS A 149 1.45 -0.77 12.04
CA LYS A 149 2.65 -1.29 12.77
C LYS A 149 2.91 -2.79 12.42
N VAL A 150 1.84 -3.63 12.54
CA VAL A 150 1.96 -5.11 12.30
C VAL A 150 2.35 -5.43 10.85
N ILE A 151 2.11 -4.47 9.93
CA ILE A 151 2.57 -4.57 8.52
C ILE A 151 3.77 -3.64 8.19
N CYS A 152 4.10 -2.70 9.10
CA CYS A 152 5.35 -1.89 9.01
C CYS A 152 6.59 -2.73 9.39
N LYS A 153 6.41 -3.70 10.30
CA LYS A 153 7.52 -4.62 10.71
C LYS A 153 8.01 -5.46 9.51
N LEU A 154 7.18 -5.56 8.47
CA LEU A 154 7.41 -6.40 7.29
C LEU A 154 8.32 -5.72 6.26
N ASP A 155 8.19 -4.38 6.10
CA ASP A 155 8.83 -3.61 5.00
C ASP A 155 10.38 -3.76 4.94
N SER A 156 10.93 -3.46 3.75
CA SER A 156 12.39 -3.28 3.53
C SER A 156 12.70 -1.78 3.47
N GLU A 157 11.82 -0.99 4.10
CA GLU A 157 11.67 0.47 3.94
C GLU A 157 11.12 0.74 2.52
N VAL A 158 12.01 0.73 1.52
CA VAL A 158 11.62 0.71 0.09
C VAL A 158 12.71 -0.04 -0.73
N PRO A 159 12.31 -0.80 -1.81
CA PRO A 159 13.27 -1.28 -2.84
C PRO A 159 13.93 -0.11 -3.58
N GLU A 160 15.21 -0.28 -3.98
CA GLU A 160 16.05 0.77 -4.58
C GLU A 160 15.51 1.18 -5.97
N ILE A 161 15.50 0.18 -6.86
CA ILE A 161 15.24 0.36 -8.30
C ILE A 161 14.82 -0.99 -8.91
N PHE A 162 13.84 -0.94 -9.80
CA PHE A 162 13.19 -2.12 -10.40
C PHE A 162 13.88 -2.53 -11.71
N LYS A 163 14.51 -1.55 -12.40
CA LYS A 163 15.14 -1.80 -13.71
C LYS A 163 16.39 -2.69 -13.55
N SER A 164 17.22 -2.36 -12.56
CA SER A 164 18.45 -3.10 -12.27
C SER A 164 18.94 -2.73 -10.85
N PRO A 165 18.63 -3.57 -9.80
CA PRO A 165 19.11 -3.37 -8.39
C PRO A 165 20.60 -3.01 -8.28
N ASN A 166 20.94 -2.11 -7.33
CA ASN A 166 22.30 -1.56 -7.09
C ASN A 166 22.82 -0.63 -8.23
N CYS A 167 22.25 -0.72 -9.46
CA CYS A 167 22.71 0.08 -10.62
C CYS A 167 22.21 1.53 -10.53
N LEU A 168 21.21 1.80 -9.68
CA LEU A 168 20.73 3.18 -9.40
C LEU A 168 21.86 4.06 -8.79
N GLN A 169 22.95 3.41 -8.34
CA GLN A 169 24.18 4.06 -7.86
C GLN A 169 24.72 5.10 -8.87
N GLU A 170 24.50 4.83 -10.18
CA GLU A 170 24.97 5.72 -11.28
C GLU A 170 24.17 7.04 -11.29
N LEU A 171 22.87 6.94 -11.00
CA LEU A 171 21.93 8.09 -11.01
C LEU A 171 21.71 8.63 -9.58
N LEU A 172 22.37 7.99 -8.60
CA LEU A 172 22.37 8.43 -7.19
C LEU A 172 23.39 9.56 -7.01
N HIS A 173 22.92 10.80 -7.13
CA HIS A 173 23.77 11.99 -6.94
C HIS A 173 23.93 12.28 -5.44
N GLU A 174 24.98 11.70 -4.83
CA GLU A 174 25.34 11.93 -3.43
C GLU A 174 26.37 13.09 -3.41
N MET A 1 -19.06 6.24 15.57
CA MET A 1 -19.22 6.90 14.25
C MET A 1 -18.35 6.19 13.20
N GLY A 2 -18.87 6.13 11.96
CA GLY A 2 -18.14 5.55 10.82
C GLY A 2 -18.63 6.20 9.53
N HIS A 3 -18.06 7.39 9.20
CA HIS A 3 -18.56 8.26 8.12
C HIS A 3 -17.42 8.82 7.26
N HIS A 4 -16.30 8.06 7.13
CA HIS A 4 -15.27 8.36 6.12
C HIS A 4 -15.87 8.15 4.71
N HIS A 5 -16.47 9.23 4.18
CA HIS A 5 -17.24 9.20 2.94
C HIS A 5 -16.96 10.49 2.16
N HIS A 6 -15.76 10.55 1.58
CA HIS A 6 -15.29 11.64 0.72
C HIS A 6 -14.73 11.01 -0.55
N HIS A 7 -15.55 11.03 -1.62
CA HIS A 7 -15.23 10.42 -2.91
C HIS A 7 -14.05 11.14 -3.57
N HIS A 8 -12.84 10.61 -3.32
CA HIS A 8 -11.59 11.13 -3.90
C HIS A 8 -11.58 10.89 -5.41
N SER A 9 -12.16 11.84 -6.14
CA SER A 9 -12.38 11.75 -7.58
C SER A 9 -12.08 13.13 -8.20
N HIS A 10 -10.78 13.43 -8.32
CA HIS A 10 -10.27 14.67 -8.93
C HIS A 10 -8.80 14.47 -9.35
N MET A 11 -8.50 14.73 -10.62
CA MET A 11 -7.15 14.59 -11.18
C MET A 11 -6.55 15.97 -11.45
N ALA A 12 -5.23 16.09 -11.26
CA ALA A 12 -4.42 17.25 -11.66
C ALA A 12 -3.68 16.91 -12.97
N MET A 13 -2.97 17.90 -13.53
CA MET A 13 -2.19 17.71 -14.78
C MET A 13 -0.81 17.16 -14.45
N GLN A 14 -0.33 16.26 -15.33
CA GLN A 14 1.05 15.74 -15.33
C GLN A 14 2.06 16.90 -15.45
N GLU A 15 3.06 16.90 -14.57
CA GLU A 15 4.06 18.00 -14.44
C GLU A 15 5.49 17.45 -14.61
N GLY A 16 5.66 16.12 -14.42
CA GLY A 16 6.93 15.43 -14.69
C GLY A 16 7.46 14.67 -13.48
N LEU A 17 6.98 13.43 -13.31
CA LEU A 17 7.52 12.49 -12.32
C LEU A 17 8.43 11.47 -13.01
N SER A 18 7.81 10.51 -13.71
CA SER A 18 8.53 9.50 -14.52
C SER A 18 7.49 8.61 -15.26
N PRO A 19 7.88 7.91 -16.37
CA PRO A 19 7.03 6.87 -17.00
C PRO A 19 6.81 5.67 -16.05
N ASN A 20 5.55 5.18 -15.99
CA ASN A 20 5.12 4.03 -15.13
C ASN A 20 5.16 4.39 -13.62
N HIS A 21 5.15 5.71 -13.32
CA HIS A 21 5.29 6.22 -11.95
C HIS A 21 4.08 5.83 -11.08
N LEU A 22 2.87 5.82 -11.69
CA LEU A 22 1.63 5.33 -11.03
C LEU A 22 1.86 3.96 -10.38
N LYS A 23 2.31 3.04 -11.24
CA LYS A 23 2.53 1.63 -10.92
C LYS A 23 3.59 1.47 -9.81
N LYS A 24 4.81 1.99 -10.09
CA LYS A 24 5.94 1.85 -9.14
C LYS A 24 5.65 2.58 -7.82
N ALA A 25 4.78 3.62 -7.87
CA ALA A 25 4.34 4.35 -6.65
C ALA A 25 3.39 3.47 -5.81
N LYS A 26 2.48 2.71 -6.47
CA LYS A 26 1.56 1.77 -5.77
C LYS A 26 2.35 0.70 -5.02
N LEU A 27 3.28 0.06 -5.76
CA LEU A 27 4.09 -1.06 -5.24
C LEU A 27 5.12 -0.59 -4.18
N MET A 28 5.69 0.63 -4.36
CA MET A 28 6.64 1.22 -3.37
C MET A 28 5.90 1.77 -2.14
N PHE A 29 4.64 2.18 -2.33
CA PHE A 29 3.80 2.65 -1.23
C PHE A 29 3.27 1.43 -0.46
N PHE A 30 2.13 0.83 -0.91
CA PHE A 30 1.38 -0.23 -0.15
C PHE A 30 1.27 0.11 1.38
N TYR A 31 1.22 1.42 1.68
CA TYR A 31 1.45 2.02 3.02
C TYR A 31 2.94 1.97 3.47
N THR A 32 3.57 0.78 3.37
CA THR A 32 4.85 0.39 4.01
C THR A 32 5.16 1.13 5.35
N ARG A 33 5.72 2.34 5.24
CA ARG A 33 6.34 3.06 6.35
C ARG A 33 5.32 3.85 7.16
N TYR A 34 5.77 4.33 8.34
CA TYR A 34 4.96 5.14 9.26
C TYR A 34 5.06 6.64 8.85
N PRO A 35 6.29 7.28 8.83
CA PRO A 35 6.42 8.72 8.54
C PRO A 35 6.55 8.96 7.01
N SER A 36 5.42 9.37 6.39
CA SER A 36 5.32 9.63 4.94
C SER A 36 6.47 10.48 4.36
N SER A 37 6.69 11.71 4.88
CA SER A 37 7.70 12.66 4.31
C SER A 37 9.12 12.05 4.23
N ASN A 38 9.44 11.23 5.25
CA ASN A 38 10.70 10.48 5.34
C ASN A 38 10.81 9.48 4.17
N MET A 39 9.84 8.52 4.10
CA MET A 39 9.81 7.50 3.02
C MET A 39 9.65 8.13 1.63
N LEU A 40 9.12 9.37 1.58
CA LEU A 40 8.97 10.12 0.33
C LEU A 40 10.36 10.52 -0.18
N LYS A 41 11.10 11.30 0.61
CA LYS A 41 12.43 11.81 0.18
C LYS A 41 13.48 10.68 0.07
N THR A 42 13.37 9.64 0.92
CA THR A 42 14.31 8.51 0.97
C THR A 42 14.09 7.54 -0.22
N TYR A 43 12.82 7.14 -0.43
CA TYR A 43 12.47 6.14 -1.46
C TYR A 43 12.36 6.81 -2.83
N PHE A 44 11.61 7.93 -2.91
CA PHE A 44 11.47 8.70 -4.15
C PHE A 44 12.54 9.81 -4.23
N SER A 45 13.82 9.39 -4.15
CA SER A 45 14.97 10.28 -4.37
C SER A 45 14.97 10.88 -5.80
N ASP A 46 14.26 10.19 -6.72
CA ASP A 46 14.03 10.63 -8.11
C ASP A 46 13.16 11.93 -8.14
N VAL A 47 12.17 11.98 -7.25
CA VAL A 47 11.11 13.02 -7.24
C VAL A 47 11.59 14.32 -6.57
N LYS A 48 11.29 15.47 -7.22
CA LYS A 48 11.67 16.80 -6.71
C LYS A 48 10.68 17.31 -5.65
N PHE A 49 9.39 16.93 -5.82
CA PHE A 49 8.27 17.27 -4.92
C PHE A 49 7.88 18.75 -5.14
N ASN A 50 6.92 18.95 -6.06
CA ASN A 50 6.48 20.27 -6.55
C ASN A 50 4.94 20.22 -6.72
N ARG A 51 4.30 21.37 -7.01
CA ARG A 51 2.82 21.57 -6.86
C ARG A 51 1.96 20.39 -7.43
N CYS A 52 2.03 20.16 -8.75
CA CYS A 52 1.09 19.25 -9.42
C CYS A 52 1.49 17.78 -9.21
N ILE A 53 2.81 17.50 -9.20
CA ILE A 53 3.32 16.14 -9.02
C ILE A 53 3.10 15.62 -7.59
N THR A 54 3.15 16.54 -6.59
CA THR A 54 2.94 16.20 -5.18
C THR A 54 1.43 16.08 -4.89
N SER A 55 0.62 16.94 -5.56
CA SER A 55 -0.86 16.82 -5.50
C SER A 55 -1.30 15.44 -6.06
N GLN A 56 -0.68 15.05 -7.20
CA GLN A 56 -0.91 13.75 -7.85
C GLN A 56 -0.40 12.61 -6.96
N LEU A 57 0.80 12.77 -6.39
CA LEU A 57 1.47 11.74 -5.58
C LEU A 57 0.59 11.41 -4.34
N ILE A 58 0.21 12.48 -3.60
CA ILE A 58 -0.66 12.38 -2.40
C ILE A 58 -2.07 11.92 -2.79
N LYS A 59 -2.54 12.30 -4.00
CA LYS A 59 -3.82 11.81 -4.56
C LYS A 59 -3.84 10.27 -4.60
N TRP A 60 -2.86 9.68 -5.31
CA TRP A 60 -2.74 8.22 -5.46
C TRP A 60 -2.59 7.55 -4.10
N PHE A 61 -1.72 8.14 -3.25
CA PHE A 61 -1.43 7.62 -1.90
C PHE A 61 -2.66 7.61 -1.01
N SER A 62 -3.48 8.67 -1.08
CA SER A 62 -4.68 8.82 -0.22
C SER A 62 -5.76 7.83 -0.67
N ASN A 63 -5.98 7.77 -2.01
CA ASN A 63 -7.04 6.94 -2.62
C ASN A 63 -6.72 5.44 -2.50
N PHE A 64 -5.45 5.08 -2.75
CA PHE A 64 -4.97 3.68 -2.69
C PHE A 64 -4.89 3.18 -1.24
N ARG A 65 -4.39 4.03 -0.32
CA ARG A 65 -4.34 3.68 1.14
C ARG A 65 -5.76 3.46 1.66
N GLU A 66 -6.66 4.38 1.28
CA GLU A 66 -8.08 4.33 1.64
C GLU A 66 -8.72 3.04 1.12
N PHE A 67 -8.53 2.79 -0.18
CA PHE A 67 -9.18 1.67 -0.89
C PHE A 67 -8.68 0.33 -0.32
N TYR A 68 -7.35 0.23 -0.12
CA TYR A 68 -6.66 -0.93 0.52
C TYR A 68 -7.22 -1.23 1.92
N TYR A 69 -7.27 -0.16 2.75
CA TYR A 69 -7.78 -0.22 4.14
C TYR A 69 -9.23 -0.74 4.12
N ILE A 70 -10.00 -0.21 3.15
CA ILE A 70 -11.41 -0.56 2.95
C ILE A 70 -11.55 -1.98 2.36
N GLN A 71 -10.60 -2.44 1.51
CA GLN A 71 -10.67 -3.80 0.91
C GLN A 71 -10.54 -4.86 2.00
N MET A 72 -9.52 -4.67 2.84
CA MET A 72 -9.27 -5.55 3.99
C MET A 72 -10.38 -5.42 5.04
N GLU A 73 -10.97 -4.20 5.17
CA GLU A 73 -12.17 -3.97 5.99
C GLU A 73 -13.34 -4.81 5.42
N LYS A 74 -13.51 -4.79 4.09
CA LYS A 74 -14.63 -5.47 3.38
C LYS A 74 -14.56 -6.98 3.59
N TYR A 75 -13.35 -7.53 3.38
CA TYR A 75 -13.10 -8.98 3.45
C TYR A 75 -13.25 -9.50 4.89
N ALA A 76 -12.60 -8.77 5.84
CA ALA A 76 -12.67 -9.13 7.27
C ALA A 76 -14.13 -9.08 7.78
N ARG A 77 -14.82 -7.98 7.42
CA ARG A 77 -16.23 -7.73 7.82
C ARG A 77 -17.14 -8.81 7.21
N GLN A 78 -16.85 -9.18 5.94
CA GLN A 78 -17.57 -10.24 5.21
C GLN A 78 -17.43 -11.59 5.94
N ALA A 79 -16.22 -11.88 6.42
CA ALA A 79 -15.96 -13.13 7.17
C ALA A 79 -16.75 -13.16 8.49
N ILE A 80 -16.71 -12.03 9.22
CA ILE A 80 -17.39 -11.92 10.55
C ILE A 80 -18.93 -11.97 10.39
N ASN A 81 -19.42 -11.38 9.28
CA ASN A 81 -20.86 -11.29 8.97
C ASN A 81 -21.41 -12.64 8.46
N ASP A 82 -20.73 -13.18 7.44
CA ASP A 82 -21.22 -14.35 6.67
C ASP A 82 -20.93 -15.66 7.43
N GLY A 83 -19.86 -15.66 8.25
CA GLY A 83 -19.49 -16.85 9.03
C GLY A 83 -18.39 -17.65 8.36
N VAL A 84 -17.22 -17.01 8.22
CA VAL A 84 -16.00 -17.60 7.64
C VAL A 84 -14.88 -17.46 8.67
N THR A 85 -14.28 -18.58 9.06
CA THR A 85 -13.25 -18.64 10.12
C THR A 85 -11.83 -18.58 9.53
N SER A 86 -11.73 -18.45 8.19
CA SER A 86 -10.45 -18.50 7.46
C SER A 86 -10.27 -17.21 6.65
N THR A 87 -9.31 -16.37 7.07
CA THR A 87 -8.90 -15.17 6.32
C THR A 87 -8.19 -15.53 5.00
N GLU A 88 -7.66 -16.75 4.95
CA GLU A 88 -6.94 -17.26 3.77
C GLU A 88 -7.87 -17.53 2.58
N GLU A 89 -9.19 -17.34 2.76
CA GLU A 89 -10.19 -17.50 1.69
C GLU A 89 -10.58 -16.12 1.14
N LEU A 90 -10.33 -15.07 1.93
CA LEU A 90 -10.72 -13.67 1.61
C LEU A 90 -9.54 -12.95 0.89
N SER A 91 -8.32 -13.36 1.26
CA SER A 91 -7.05 -12.79 0.76
C SER A 91 -5.92 -13.84 0.98
N ILE A 92 -4.70 -13.39 1.39
CA ILE A 92 -3.53 -14.28 1.70
C ILE A 92 -2.89 -14.80 0.39
N THR A 93 -1.56 -15.06 0.44
CA THR A 93 -0.72 -15.43 -0.72
C THR A 93 -1.38 -16.52 -1.61
N ARG A 94 -2.07 -16.03 -2.65
CA ARG A 94 -2.68 -16.86 -3.70
C ARG A 94 -2.04 -16.46 -5.02
N ASP A 95 -0.86 -17.10 -5.23
CA ASP A 95 0.10 -16.94 -6.37
C ASP A 95 -0.44 -16.20 -7.62
N CYS A 96 -1.55 -16.70 -8.17
CA CYS A 96 -2.17 -16.09 -9.36
C CYS A 96 -3.44 -15.32 -8.96
N GLU A 97 -4.34 -16.02 -8.24
CA GLU A 97 -5.74 -15.59 -8.02
C GLU A 97 -5.84 -14.23 -7.31
N LEU A 98 -5.25 -14.13 -6.11
CA LEU A 98 -5.36 -12.90 -5.28
C LEU A 98 -4.57 -11.75 -5.92
N TYR A 99 -3.48 -12.08 -6.61
CA TYR A 99 -2.63 -11.10 -7.30
C TYR A 99 -3.47 -10.36 -8.37
N ARG A 100 -4.14 -11.17 -9.21
CA ARG A 100 -5.04 -10.68 -10.26
C ARG A 100 -6.25 -9.93 -9.67
N ALA A 101 -6.77 -10.44 -8.53
CA ALA A 101 -7.95 -9.87 -7.85
C ALA A 101 -7.66 -8.45 -7.36
N LEU A 102 -6.62 -8.34 -6.50
CA LEU A 102 -6.15 -7.08 -5.91
C LEU A 102 -5.80 -6.05 -7.00
N ASN A 103 -4.96 -6.45 -7.98
CA ASN A 103 -4.53 -5.54 -9.07
C ASN A 103 -5.73 -5.00 -9.86
N MET A 104 -6.73 -5.88 -10.13
CA MET A 104 -7.98 -5.48 -10.81
C MET A 104 -8.76 -4.45 -9.96
N HIS A 105 -8.80 -4.68 -8.63
CA HIS A 105 -9.54 -3.80 -7.69
C HIS A 105 -8.90 -2.42 -7.56
N TYR A 106 -7.59 -2.39 -7.25
CA TYR A 106 -6.84 -1.14 -7.00
C TYR A 106 -6.72 -0.31 -8.28
N ASN A 107 -6.26 -0.97 -9.35
CA ASN A 107 -6.05 -0.34 -10.67
C ASN A 107 -6.96 -1.04 -11.71
N LYS A 108 -6.41 -1.99 -12.46
CA LYS A 108 -7.13 -2.89 -13.39
C LYS A 108 -6.11 -3.83 -14.02
N ALA A 109 -5.16 -3.22 -14.75
CA ALA A 109 -4.11 -3.92 -15.51
C ALA A 109 -2.75 -3.43 -15.05
N ASN A 110 -2.39 -3.78 -13.80
CA ASN A 110 -1.05 -3.56 -13.25
C ASN A 110 -0.07 -4.56 -13.89
N ASP A 111 1.00 -4.03 -14.50
CA ASP A 111 2.09 -4.81 -15.13
C ASP A 111 2.80 -5.72 -14.13
N PHE A 112 3.09 -5.18 -12.94
CA PHE A 112 3.63 -5.96 -11.80
C PHE A 112 2.49 -6.76 -11.19
N GLU A 113 2.85 -7.85 -10.53
CA GLU A 113 1.89 -8.67 -9.79
C GLU A 113 1.72 -8.02 -8.39
N VAL A 114 2.63 -8.40 -7.47
CA VAL A 114 2.72 -7.94 -6.06
C VAL A 114 3.80 -8.82 -5.39
N PRO A 115 5.00 -8.26 -5.03
CA PRO A 115 6.03 -8.97 -4.22
C PRO A 115 5.44 -9.65 -2.96
N GLU A 116 6.02 -10.83 -2.61
CA GLU A 116 5.57 -11.72 -1.51
C GLU A 116 5.41 -10.96 -0.17
N ARG A 117 6.34 -10.01 0.05
CA ARG A 117 6.36 -9.09 1.22
C ARG A 117 4.97 -8.45 1.47
N PHE A 118 4.33 -8.03 0.39
CA PHE A 118 3.04 -7.32 0.43
C PHE A 118 1.86 -8.28 0.64
N LEU A 119 2.06 -9.57 0.31
CA LEU A 119 1.12 -10.65 0.66
C LEU A 119 1.21 -11.00 2.15
N GLU A 120 2.43 -10.88 2.71
CA GLU A 120 2.66 -10.99 4.17
C GLU A 120 1.90 -9.86 4.89
N VAL A 121 2.07 -8.63 4.36
CA VAL A 121 1.39 -7.42 4.87
C VAL A 121 -0.15 -7.57 4.76
N ALA A 122 -0.62 -8.07 3.59
CA ALA A 122 -2.07 -8.30 3.33
C ALA A 122 -2.66 -9.32 4.32
N GLN A 123 -1.92 -10.43 4.53
CA GLN A 123 -2.31 -11.50 5.45
C GLN A 123 -2.47 -10.96 6.88
N ILE A 124 -1.44 -10.28 7.35
CA ILE A 124 -1.34 -9.80 8.74
C ILE A 124 -2.35 -8.67 9.03
N THR A 125 -2.59 -7.77 8.05
CA THR A 125 -3.57 -6.67 8.21
C THR A 125 -4.99 -7.24 8.25
N LEU A 126 -5.31 -8.17 7.33
CA LEU A 126 -6.63 -8.81 7.25
C LEU A 126 -6.93 -9.60 8.53
N ARG A 127 -6.01 -10.51 8.86
CA ARG A 127 -6.05 -11.34 10.08
C ARG A 127 -6.16 -10.49 11.36
N GLU A 128 -5.50 -9.30 11.37
CA GLU A 128 -5.55 -8.37 12.52
C GLU A 128 -6.98 -7.79 12.67
N PHE A 129 -7.49 -7.19 11.54
CA PHE A 129 -8.88 -6.66 11.45
C PHE A 129 -9.88 -7.72 11.95
N PHE A 130 -9.90 -8.85 11.22
CA PHE A 130 -10.77 -10.01 11.48
C PHE A 130 -10.80 -10.42 12.96
N ASN A 131 -9.59 -10.79 13.49
CA ASN A 131 -9.44 -11.31 14.87
C ASN A 131 -9.93 -10.29 15.90
N ALA A 132 -9.67 -9.00 15.65
CA ALA A 132 -10.05 -7.93 16.58
C ALA A 132 -11.57 -7.65 16.53
N ILE A 133 -12.18 -7.79 15.34
CA ILE A 133 -13.63 -7.58 15.13
C ILE A 133 -14.44 -8.69 15.83
N ILE A 134 -14.08 -9.98 15.57
CA ILE A 134 -14.70 -11.13 16.28
C ILE A 134 -14.41 -11.04 17.80
N ALA A 135 -13.22 -10.51 18.17
CA ALA A 135 -12.87 -10.26 19.59
C ALA A 135 -13.86 -9.30 20.26
N GLY A 136 -14.21 -8.21 19.54
CA GLY A 136 -15.16 -7.23 20.09
C GLY A 136 -15.39 -6.02 19.21
N LYS A 137 -14.48 -5.76 18.23
CA LYS A 137 -14.43 -4.57 17.29
C LYS A 137 -14.26 -3.20 17.99
N ASP A 138 -14.33 -3.20 19.31
CA ASP A 138 -13.93 -2.09 20.16
C ASP A 138 -12.73 -2.58 20.98
N VAL A 139 -11.53 -2.22 20.51
CA VAL A 139 -10.25 -2.54 21.18
C VAL A 139 -9.41 -1.26 21.15
N ASP A 140 -9.89 -0.29 21.94
CA ASP A 140 -9.29 1.07 22.08
C ASP A 140 -9.51 1.95 20.82
N PRO A 141 -9.42 3.32 20.94
CA PRO A 141 -9.37 4.23 19.76
C PRO A 141 -8.03 4.11 19.00
N SER A 142 -7.13 3.25 19.52
CA SER A 142 -5.83 2.89 18.92
C SER A 142 -5.97 2.04 17.63
N TRP A 143 -7.20 1.54 17.31
CA TRP A 143 -7.47 0.49 16.29
C TRP A 143 -6.65 0.66 14.98
N LYS A 144 -6.85 1.81 14.31
CA LYS A 144 -6.24 2.10 12.99
C LYS A 144 -4.72 2.23 13.13
N LYS A 145 -4.29 3.04 14.12
CA LYS A 145 -2.88 3.18 14.54
C LYS A 145 -2.20 1.82 14.76
N ALA A 146 -2.95 0.89 15.37
CA ALA A 146 -2.46 -0.46 15.71
C ALA A 146 -2.21 -1.25 14.44
N ILE A 147 -3.19 -1.21 13.51
CA ILE A 147 -3.07 -1.87 12.19
C ILE A 147 -1.80 -1.36 11.45
N TYR A 148 -1.66 -0.02 11.39
CA TYR A 148 -0.51 0.65 10.75
C TYR A 148 0.83 0.21 11.36
N LYS A 149 0.85 0.09 12.70
CA LYS A 149 2.04 -0.35 13.46
C LYS A 149 2.43 -1.78 13.05
N VAL A 150 1.44 -2.72 13.08
CA VAL A 150 1.70 -4.16 12.82
C VAL A 150 2.21 -4.37 11.40
N ILE A 151 1.63 -3.65 10.41
CA ILE A 151 1.96 -3.83 8.98
C ILE A 151 3.24 -3.09 8.56
N CYS A 152 3.58 -2.01 9.28
CA CYS A 152 4.85 -1.27 9.05
C CYS A 152 6.03 -2.03 9.67
N LYS A 153 5.81 -2.62 10.85
CA LYS A 153 6.84 -3.36 11.59
C LYS A 153 6.80 -4.85 11.20
N LEU A 154 7.05 -5.12 9.90
CA LEU A 154 7.12 -6.49 9.36
C LEU A 154 8.47 -6.77 8.70
N ASP A 155 8.83 -5.97 7.68
CA ASP A 155 9.99 -6.30 6.81
C ASP A 155 10.86 -5.04 6.54
N SER A 156 11.48 -4.96 5.35
CA SER A 156 12.60 -4.05 5.07
C SER A 156 12.14 -2.90 4.12
N GLU A 157 13.07 -2.42 3.27
CA GLU A 157 12.90 -1.27 2.34
C GLU A 157 11.86 -1.55 1.21
N VAL A 158 11.95 -0.80 0.11
CA VAL A 158 11.19 -1.07 -1.15
C VAL A 158 12.18 -1.08 -2.35
N PRO A 159 11.86 -1.81 -3.45
CA PRO A 159 12.59 -1.68 -4.72
C PRO A 159 12.26 -0.32 -5.39
N GLU A 160 13.25 0.58 -5.45
CA GLU A 160 13.05 1.97 -5.96
C GLU A 160 12.80 1.98 -7.47
N ILE A 161 13.60 1.16 -8.17
CA ILE A 161 13.41 0.83 -9.59
C ILE A 161 13.37 -0.71 -9.72
N PHE A 162 12.18 -1.22 -10.02
CA PHE A 162 11.92 -2.66 -10.18
C PHE A 162 12.52 -3.17 -11.49
N LYS A 163 12.75 -2.25 -12.46
CA LYS A 163 13.35 -2.57 -13.77
C LYS A 163 14.74 -3.20 -13.59
N SER A 164 15.51 -2.60 -12.67
CA SER A 164 16.84 -3.07 -12.29
C SER A 164 17.34 -2.26 -11.08
N PRO A 165 17.93 -2.93 -10.04
CA PRO A 165 18.68 -2.25 -8.97
C PRO A 165 20.04 -1.67 -9.45
N ASN A 166 20.34 -1.86 -10.76
CA ASN A 166 21.49 -1.23 -11.44
C ASN A 166 21.05 0.05 -12.15
N CYS A 167 19.73 0.16 -12.42
CA CYS A 167 19.13 1.29 -13.15
C CYS A 167 19.07 2.55 -12.27
N LEU A 168 18.78 2.35 -10.96
CA LEU A 168 18.77 3.48 -10.00
C LEU A 168 20.23 3.86 -9.60
N GLN A 169 21.17 2.91 -9.77
CA GLN A 169 22.63 3.16 -9.61
C GLN A 169 23.08 4.26 -10.60
N GLU A 170 22.45 4.28 -11.78
CA GLU A 170 22.71 5.27 -12.83
C GLU A 170 22.36 6.70 -12.37
N LEU A 171 21.41 6.83 -11.43
CA LEU A 171 20.99 8.13 -10.86
C LEU A 171 22.03 8.56 -9.82
N LEU A 172 22.40 7.61 -8.95
CA LEU A 172 23.32 7.82 -7.83
C LEU A 172 24.79 7.65 -8.28
N HIS A 173 25.43 8.78 -8.61
CA HIS A 173 26.88 8.84 -8.83
C HIS A 173 27.55 8.97 -7.45
N GLU A 174 27.44 7.88 -6.67
CA GLU A 174 27.86 7.81 -5.27
C GLU A 174 29.28 7.18 -5.20
#